data_2JHB
#
_entry.id   2JHB
#
_cell.length_a   1.000
_cell.length_b   1.000
_cell.length_c   1.000
_cell.angle_alpha   90.00
_cell.angle_beta   90.00
_cell.angle_gamma   90.00
#
_symmetry.space_group_name_H-M   'P 1'
#
_entity_poly.entity_id   1
_entity_poly.type   'polypeptide(L)'
_entity_poly.pdbx_seq_one_letter_code
;GSMPRVVPDQRSKFENEEFFRKLSRECEIKYTGFRDRPHEERQTRFQNACRDGRSEIAFVATGTNLSLQFFPASWQGEQR
QTPSREYVDLEREAGKVYLKAPMILNGVCVIWKGWIDLHRLDGMGCLEFDEERAQQEDALAQQ
;
_entity_poly.pdbx_strand_id   A
#
# COMPACT_ATOMS: atom_id res chain seq x y z
N GLY A 1 12.09 -12.17 -21.29
CA GLY A 1 12.86 -11.60 -22.42
C GLY A 1 13.19 -10.14 -22.18
N SER A 2 14.12 -9.86 -21.26
CA SER A 2 14.61 -8.53 -20.95
C SER A 2 13.50 -7.58 -20.44
N MET A 3 12.51 -8.09 -19.71
CA MET A 3 11.46 -7.26 -19.11
C MET A 3 11.03 -7.76 -17.72
N PRO A 4 11.91 -7.66 -16.71
CA PRO A 4 11.52 -7.82 -15.32
C PRO A 4 10.82 -6.55 -14.81
N ARG A 5 10.43 -6.57 -13.53
CA ARG A 5 9.62 -5.56 -12.86
C ARG A 5 8.20 -5.56 -13.42
N VAL A 6 7.93 -6.36 -14.45
CA VAL A 6 6.64 -6.55 -15.07
C VAL A 6 6.48 -8.02 -15.45
N VAL A 7 5.25 -8.43 -15.74
CA VAL A 7 4.87 -9.63 -16.47
C VAL A 7 4.07 -9.20 -17.72
N PRO A 8 3.79 -10.07 -18.71
CA PRO A 8 3.04 -9.68 -19.89
C PRO A 8 1.58 -9.44 -19.50
N ASP A 9 0.93 -10.52 -19.09
CA ASP A 9 -0.44 -10.50 -18.61
C ASP A 9 -0.42 -9.98 -17.16
N GLN A 10 -0.15 -8.68 -16.98
CA GLN A 10 -0.21 -8.04 -15.66
C GLN A 10 -1.64 -8.13 -15.15
N ARG A 11 -2.63 -7.74 -15.96
CA ARG A 11 -4.01 -7.68 -15.51
C ARG A 11 -4.57 -9.07 -15.22
N SER A 12 -4.14 -10.11 -15.93
CA SER A 12 -4.50 -11.46 -15.52
C SER A 12 -3.75 -11.84 -14.24
N LYS A 13 -2.44 -11.57 -14.14
CA LYS A 13 -1.67 -11.97 -12.96
C LYS A 13 -2.25 -11.33 -11.69
N PHE A 14 -2.73 -10.09 -11.76
CA PHE A 14 -3.46 -9.41 -10.69
C PHE A 14 -4.53 -10.31 -10.06
N GLU A 15 -5.28 -11.03 -10.88
CA GLU A 15 -6.36 -11.91 -10.46
C GLU A 15 -5.94 -13.39 -10.34
N ASN A 16 -4.79 -13.79 -10.89
CA ASN A 16 -4.29 -15.15 -10.86
C ASN A 16 -3.51 -15.40 -9.58
N GLU A 17 -2.48 -14.58 -9.30
CA GLU A 17 -1.56 -14.74 -8.17
C GLU A 17 -2.29 -14.98 -6.86
N GLU A 18 -1.90 -16.05 -6.16
CA GLU A 18 -2.41 -16.35 -4.85
C GLU A 18 -2.12 -15.22 -3.87
N PHE A 19 -1.00 -14.50 -4.03
CA PHE A 19 -0.66 -13.42 -3.13
C PHE A 19 -1.76 -12.36 -3.19
N PHE A 20 -2.08 -11.84 -4.38
CA PHE A 20 -3.14 -10.85 -4.53
C PHE A 20 -4.50 -11.40 -4.14
N ARG A 21 -4.78 -12.65 -4.44
CA ARG A 21 -6.08 -13.24 -4.15
C ARG A 21 -6.33 -13.35 -2.66
N LYS A 22 -5.30 -13.61 -1.86
CA LYS A 22 -5.38 -13.62 -0.42
C LYS A 22 -5.69 -12.23 0.14
N LEU A 23 -5.14 -11.18 -0.46
CA LEU A 23 -5.41 -9.80 -0.05
C LEU A 23 -6.78 -9.37 -0.55
N SER A 24 -7.22 -9.95 -1.66
CA SER A 24 -8.55 -9.84 -2.21
C SER A 24 -9.01 -8.39 -2.47
N ARG A 25 -10.31 -8.21 -2.73
CA ARG A 25 -11.03 -6.94 -2.74
C ARG A 25 -11.39 -6.57 -1.29
N GLU A 26 -12.04 -5.42 -1.06
CA GLU A 26 -12.24 -4.75 0.24
C GLU A 26 -12.48 -5.70 1.42
N CYS A 27 -11.44 -5.91 2.23
CA CYS A 27 -11.38 -6.78 3.39
C CYS A 27 -10.84 -6.00 4.60
N GLU A 28 -10.72 -6.67 5.73
CA GLU A 28 -10.16 -6.14 6.97
C GLU A 28 -8.63 -6.32 6.98
N ILE A 29 -7.89 -5.35 7.55
CA ILE A 29 -6.43 -5.25 7.58
C ILE A 29 -5.94 -4.78 8.95
N LYS A 30 -4.63 -4.93 9.23
CA LYS A 30 -4.02 -4.38 10.45
C LYS A 30 -2.65 -3.80 10.16
N TYR A 31 -2.19 -2.77 10.87
CA TYR A 31 -0.80 -2.35 10.77
C TYR A 31 0.10 -3.38 11.46
N THR A 32 1.36 -3.50 11.05
CA THR A 32 2.30 -4.47 11.54
C THR A 32 3.68 -3.81 11.53
N GLY A 33 4.01 -3.13 12.62
CA GLY A 33 5.25 -2.38 12.70
C GLY A 33 5.53 -1.84 14.09
N PHE A 34 6.07 -0.63 14.16
CA PHE A 34 6.30 0.17 15.37
C PHE A 34 4.98 0.37 16.13
N ARG A 35 3.83 0.16 15.47
CA ARG A 35 2.54 0.09 16.16
C ARG A 35 2.56 -0.93 17.30
N ASP A 36 3.45 -1.92 17.33
CA ASP A 36 3.45 -2.89 18.43
C ASP A 36 3.85 -2.28 19.78
N ARG A 37 4.19 -0.98 19.84
CA ARG A 37 4.30 -0.17 21.05
C ARG A 37 2.97 -0.09 21.83
N PRO A 38 2.98 0.39 23.08
CA PRO A 38 1.76 0.78 23.80
C PRO A 38 1.05 1.94 23.10
N HIS A 39 -0.24 2.12 23.39
CA HIS A 39 -1.01 3.27 22.91
C HIS A 39 -0.60 4.54 23.65
N GLU A 40 -0.81 5.67 22.95
CA GLU A 40 -0.52 7.08 23.23
C GLU A 40 0.15 7.60 21.96
N GLU A 41 1.35 7.11 21.68
CA GLU A 41 2.23 7.67 20.68
C GLU A 41 1.93 7.06 19.32
N ARG A 42 1.61 5.76 19.30
CA ARG A 42 1.68 4.98 18.08
C ARG A 42 0.72 5.52 17.03
N GLN A 43 -0.33 6.23 17.44
CA GLN A 43 -1.32 6.88 16.58
C GLN A 43 -0.69 7.98 15.72
N THR A 44 -0.02 8.95 16.34
CA THR A 44 0.69 9.98 15.58
C THR A 44 1.89 9.35 14.86
N ARG A 45 2.70 8.52 15.53
CA ARG A 45 3.83 7.88 14.87
C ARG A 45 3.36 7.13 13.65
N PHE A 46 2.19 6.51 13.70
CA PHE A 46 1.64 5.77 12.57
C PHE A 46 1.56 6.67 11.36
N GLN A 47 0.93 7.84 11.46
CA GLN A 47 0.87 8.78 10.34
C GLN A 47 2.24 9.41 10.05
N ASN A 48 3.24 9.34 10.94
CA ASN A 48 4.60 9.79 10.63
C ASN A 48 5.36 8.71 9.88
N ALA A 49 5.16 7.44 10.23
CA ALA A 49 5.76 6.29 9.57
C ALA A 49 5.14 6.10 8.19
N CYS A 50 3.85 6.36 8.06
CA CYS A 50 3.19 6.45 6.76
C CYS A 50 3.77 7.60 5.92
N ARG A 51 4.32 8.64 6.55
CA ARG A 51 4.82 9.82 5.88
C ARG A 51 6.29 9.65 5.56
N ASP A 52 7.00 8.77 6.26
CA ASP A 52 8.38 8.38 6.00
C ASP A 52 8.52 7.90 4.56
N GLY A 53 7.52 7.15 4.09
CA GLY A 53 7.64 6.38 2.88
C GLY A 53 7.18 4.99 3.20
N ARG A 54 7.94 3.95 2.79
CA ARG A 54 7.51 2.56 2.93
C ARG A 54 7.15 2.24 4.37
N SER A 55 6.37 1.19 4.54
CA SER A 55 6.05 0.68 5.87
C SER A 55 5.75 -0.82 5.81
N GLU A 56 5.07 -1.36 6.80
CA GLU A 56 4.65 -2.76 6.85
C GLU A 56 3.22 -2.80 7.41
N ILE A 57 2.31 -3.41 6.64
CA ILE A 57 0.89 -3.53 6.99
C ILE A 57 0.43 -4.94 6.60
N ALA A 58 -0.49 -5.53 7.35
CA ALA A 58 -0.97 -6.90 7.15
C ALA A 58 -2.44 -6.92 6.79
N PHE A 59 -2.94 -8.09 6.36
CA PHE A 59 -4.36 -8.34 6.24
C PHE A 59 -4.87 -9.04 7.49
N VAL A 60 -6.19 -9.19 7.58
CA VAL A 60 -6.84 -10.10 8.52
C VAL A 60 -7.31 -11.35 7.76
N ALA A 61 -7.91 -11.17 6.58
CA ALA A 61 -8.69 -12.20 5.90
C ALA A 61 -7.88 -13.48 5.67
N THR A 62 -6.66 -13.35 5.14
CA THR A 62 -5.66 -14.40 5.10
C THR A 62 -4.54 -14.14 6.13
N GLY A 63 -4.42 -12.92 6.67
CA GLY A 63 -3.36 -12.60 7.61
C GLY A 63 -2.02 -12.48 6.92
N THR A 64 -1.96 -11.74 5.82
CA THR A 64 -0.78 -11.61 4.98
C THR A 64 -0.11 -10.31 5.39
N ASN A 65 0.90 -10.41 6.25
CA ASN A 65 1.82 -9.32 6.54
C ASN A 65 2.64 -9.00 5.31
N LEU A 66 2.58 -7.77 4.78
CA LEU A 66 3.40 -7.33 3.66
C LEU A 66 4.05 -5.98 3.96
N SER A 67 5.15 -5.71 3.29
CA SER A 67 5.81 -4.42 3.35
C SER A 67 5.11 -3.52 2.37
N LEU A 68 4.41 -2.50 2.85
CA LEU A 68 3.82 -1.51 1.99
C LEU A 68 4.89 -0.57 1.47
N GLN A 69 4.70 -0.04 0.28
CA GLN A 69 5.74 0.67 -0.44
C GLN A 69 5.14 1.97 -0.96
N PHE A 70 5.13 3.02 -0.15
CA PHE A 70 4.67 4.35 -0.54
C PHE A 70 5.77 5.02 -1.35
N PHE A 71 6.01 4.46 -2.53
CA PHE A 71 6.97 4.85 -3.52
C PHE A 71 6.18 4.94 -4.82
N PRO A 72 5.75 6.15 -5.23
CA PRO A 72 5.11 6.36 -6.51
C PRO A 72 6.20 6.28 -7.60
N ALA A 73 5.84 6.53 -8.86
CA ALA A 73 6.80 6.36 -9.95
C ALA A 73 8.03 7.26 -9.78
N SER A 74 7.88 8.44 -9.19
CA SER A 74 9.01 9.16 -8.63
C SER A 74 9.20 8.59 -7.22
N TRP A 75 10.21 7.73 -7.05
CA TRP A 75 10.57 7.20 -5.75
C TRP A 75 11.20 8.34 -4.93
N GLN A 76 11.06 8.34 -3.61
CA GLN A 76 11.54 9.42 -2.75
C GLN A 76 12.31 8.88 -1.54
N GLY A 77 11.63 8.18 -0.63
CA GLY A 77 12.12 7.70 0.64
C GLY A 77 12.35 8.78 1.70
N GLU A 78 12.54 10.02 1.26
CA GLU A 78 12.81 11.18 2.10
C GLU A 78 11.51 11.80 2.64
N GLN A 79 10.77 11.02 3.43
CA GLN A 79 9.66 11.45 4.27
C GLN A 79 8.65 12.33 3.53
N ARG A 80 7.99 11.74 2.53
CA ARG A 80 6.95 12.29 1.63
C ARG A 80 7.33 13.62 0.94
N GLN A 81 7.09 13.70 -0.36
CA GLN A 81 7.09 14.94 -1.12
C GLN A 81 5.62 15.33 -1.30
N THR A 82 5.03 15.21 -2.50
CA THR A 82 3.64 15.62 -2.77
C THR A 82 2.89 14.52 -3.51
N PRO A 83 2.42 13.49 -2.80
CA PRO A 83 1.54 12.45 -3.32
C PRO A 83 0.07 12.90 -3.16
N SER A 84 -0.87 11.97 -3.28
CA SER A 84 -2.30 12.24 -3.24
C SER A 84 -2.74 12.42 -1.77
N ARG A 85 -4.02 12.66 -1.50
CA ARG A 85 -4.57 12.49 -0.15
C ARG A 85 -4.47 11.01 0.18
N GLU A 86 -5.23 10.18 -0.55
CA GLU A 86 -5.41 8.76 -0.25
C GLU A 86 -4.09 7.99 -0.24
N TYR A 87 -3.10 8.47 -0.98
CA TYR A 87 -1.76 7.89 -1.06
C TYR A 87 -1.09 7.99 0.30
N VAL A 88 -0.70 9.21 0.72
CA VAL A 88 -0.10 9.43 2.03
C VAL A 88 -0.51 10.81 2.54
N ASP A 89 -0.94 10.84 3.81
CA ASP A 89 -0.98 12.01 4.69
C ASP A 89 -1.95 13.10 4.24
N LEU A 90 -3.17 13.03 4.77
CA LEU A 90 -4.37 13.69 4.28
C LEU A 90 -5.00 14.58 5.35
N GLU A 91 -4.19 15.24 6.16
CA GLU A 91 -4.55 16.11 7.29
C GLU A 91 -5.24 15.37 8.45
N ARG A 92 -5.72 14.13 8.25
CA ARG A 92 -6.23 13.12 9.19
C ARG A 92 -7.74 12.99 8.97
N GLU A 93 -8.19 11.79 8.66
CA GLU A 93 -9.59 11.52 8.36
C GLU A 93 -10.35 11.26 9.65
N ALA A 94 -11.66 10.94 9.54
CA ALA A 94 -12.64 10.78 10.62
C ALA A 94 -12.26 9.68 11.60
N GLY A 95 -11.33 9.99 12.49
CA GLY A 95 -10.67 9.06 13.39
C GLY A 95 -9.92 7.94 12.69
N LYS A 96 -9.64 8.06 11.39
CA LYS A 96 -8.93 7.08 10.59
C LYS A 96 -7.96 7.84 9.68
N VAL A 97 -7.27 7.12 8.81
CA VAL A 97 -6.52 7.68 7.69
C VAL A 97 -6.73 6.74 6.51
N TYR A 98 -6.45 7.21 5.30
CA TYR A 98 -6.55 6.48 4.06
C TYR A 98 -5.14 6.35 3.52
N LEU A 99 -4.85 5.20 2.92
CA LEU A 99 -3.53 4.81 2.50
C LEU A 99 -3.69 4.08 1.17
N LYS A 100 -2.64 4.12 0.35
CA LYS A 100 -2.74 3.77 -1.08
C LYS A 100 -1.33 3.72 -1.64
N ALA A 101 -0.83 2.52 -1.85
CA ALA A 101 0.57 2.27 -2.10
C ALA A 101 0.68 1.25 -3.22
N PRO A 102 1.03 1.67 -4.44
CA PRO A 102 1.26 0.75 -5.54
C PRO A 102 2.42 -0.19 -5.23
N MET A 103 2.19 -1.49 -5.39
CA MET A 103 3.17 -2.53 -5.17
C MET A 103 3.59 -3.08 -6.52
N ILE A 104 4.79 -3.66 -6.59
CA ILE A 104 5.27 -4.36 -7.77
C ILE A 104 5.81 -5.70 -7.29
N LEU A 105 4.89 -6.63 -7.03
CA LEU A 105 5.17 -7.94 -6.44
C LEU A 105 5.84 -8.83 -7.48
N ASN A 106 5.04 -9.47 -8.33
CA ASN A 106 5.48 -10.43 -9.34
C ASN A 106 6.06 -9.72 -10.57
N GLY A 107 5.77 -8.42 -10.71
CA GLY A 107 5.71 -7.73 -11.99
C GLY A 107 4.27 -7.38 -12.36
N VAL A 108 3.45 -7.10 -11.36
CA VAL A 108 2.14 -6.51 -11.51
C VAL A 108 2.19 -5.25 -10.69
N CYS A 109 2.02 -4.10 -11.34
CA CYS A 109 1.75 -2.85 -10.67
C CYS A 109 0.31 -2.91 -10.17
N VAL A 110 0.11 -3.47 -8.99
CA VAL A 110 -1.14 -3.36 -8.28
C VAL A 110 -1.15 -2.04 -7.51
N ILE A 111 -2.30 -1.69 -6.97
CA ILE A 111 -2.47 -0.71 -5.91
C ILE A 111 -2.85 -1.51 -4.68
N TRP A 112 -2.12 -1.39 -3.58
CA TRP A 112 -2.72 -1.74 -2.30
C TRP A 112 -3.45 -0.48 -1.86
N LYS A 113 -4.68 -0.58 -1.39
CA LYS A 113 -5.41 0.55 -0.81
C LYS A 113 -6.03 0.17 0.53
N GLY A 114 -6.47 1.16 1.30
CA GLY A 114 -7.31 0.94 2.47
C GLY A 114 -7.50 2.20 3.30
N TRP A 115 -8.27 2.08 4.38
CA TRP A 115 -8.26 3.01 5.49
C TRP A 115 -7.80 2.22 6.73
N ILE A 116 -6.87 2.77 7.48
CA ILE A 116 -6.50 2.26 8.79
C ILE A 116 -7.10 3.26 9.77
N ASP A 117 -8.11 2.83 10.51
CA ASP A 117 -8.65 3.55 11.62
C ASP A 117 -7.64 3.68 12.75
N LEU A 118 -7.63 4.85 13.38
CA LEU A 118 -6.65 5.22 14.38
C LEU A 118 -6.86 4.47 15.69
N HIS A 119 -7.89 3.62 15.83
CA HIS A 119 -8.28 3.11 17.14
C HIS A 119 -7.14 2.30 17.72
N ARG A 120 -6.62 1.34 16.96
CA ARG A 120 -5.40 0.58 17.21
C ARG A 120 -4.52 0.54 15.98
N LEU A 121 -4.91 1.18 14.87
CA LEU A 121 -4.25 1.03 13.58
C LEU A 121 -4.65 -0.32 12.98
N ASP A 122 -5.91 -0.71 13.13
CA ASP A 122 -6.51 -1.76 12.34
C ASP A 122 -7.63 -1.12 11.50
N GLY A 123 -8.20 -1.80 10.50
CA GLY A 123 -9.14 -1.16 9.59
C GLY A 123 -9.46 -2.02 8.38
N MET A 124 -9.66 -1.41 7.21
CA MET A 124 -10.09 -2.07 5.98
C MET A 124 -9.16 -1.72 4.82
N GLY A 125 -8.93 -2.65 3.90
CA GLY A 125 -8.11 -2.45 2.72
C GLY A 125 -8.15 -3.68 1.83
N CYS A 126 -7.45 -3.61 0.71
CA CYS A 126 -7.51 -4.57 -0.38
C CYS A 126 -6.51 -4.19 -1.46
N LEU A 127 -6.55 -4.91 -2.58
CA LEU A 127 -5.84 -4.51 -3.77
C LEU A 127 -6.79 -3.96 -4.82
N GLU A 128 -6.18 -3.23 -5.74
CA GLU A 128 -6.70 -2.80 -7.03
C GLU A 128 -5.55 -2.96 -8.04
N PHE A 129 -5.79 -2.69 -9.33
CA PHE A 129 -4.73 -2.61 -10.33
C PHE A 129 -4.27 -1.16 -10.45
N ASP A 130 -3.00 -0.89 -10.79
CA ASP A 130 -2.51 0.46 -11.10
C ASP A 130 -2.28 0.54 -12.60
N GLU A 131 -3.36 0.86 -13.33
CA GLU A 131 -3.41 0.79 -14.77
C GLU A 131 -2.45 1.75 -15.47
N GLU A 132 -1.97 2.77 -14.77
CA GLU A 132 -0.97 3.72 -15.23
C GLU A 132 0.42 3.22 -14.88
N ARG A 133 0.64 2.82 -13.63
CA ARG A 133 1.98 2.33 -13.28
C ARG A 133 2.30 1.11 -14.11
N ALA A 134 1.34 0.22 -14.39
CA ALA A 134 1.62 -0.96 -15.17
C ALA A 134 2.13 -0.55 -16.55
N GLN A 135 1.52 0.46 -17.19
CA GLN A 135 2.02 0.99 -18.45
C GLN A 135 3.40 1.63 -18.27
N GLN A 136 3.60 2.39 -17.19
CA GLN A 136 4.83 3.11 -16.97
C GLN A 136 5.96 2.15 -16.72
N GLU A 137 5.73 1.07 -15.97
CA GLU A 137 6.71 0.08 -15.62
C GLU A 137 7.06 -0.79 -16.84
N ASP A 138 6.07 -1.04 -17.70
CA ASP A 138 6.25 -1.69 -18.99
C ASP A 138 7.15 -0.83 -19.89
N ALA A 139 7.03 0.50 -19.82
CA ALA A 139 7.93 1.42 -20.50
C ALA A 139 9.33 1.35 -19.88
N LEU A 140 9.41 1.46 -18.55
CA LEU A 140 10.64 1.47 -17.76
C LEU A 140 11.41 0.17 -17.80
N ALA A 141 10.84 -0.88 -18.38
CA ALA A 141 11.51 -2.13 -18.71
C ALA A 141 12.51 -1.96 -19.86
N GLN A 142 13.12 -0.77 -20.03
CA GLN A 142 13.87 -0.32 -21.18
C GLN A 142 13.11 -0.70 -22.47
N GLN A 143 11.88 -0.22 -22.61
CA GLN A 143 11.09 -0.40 -23.82
C GLN A 143 11.20 0.88 -24.63
N GLY A 1 6.85 -1.75 24.75
CA GLY A 1 6.01 -1.52 25.93
C GLY A 1 4.60 -2.03 25.71
N SER A 2 3.60 -1.29 26.17
CA SER A 2 2.19 -1.70 26.32
C SER A 2 1.51 -2.01 24.98
N MET A 3 1.72 -3.22 24.47
CA MET A 3 1.16 -3.79 23.24
C MET A 3 0.97 -2.76 22.11
N PRO A 4 2.04 -2.13 21.60
CA PRO A 4 1.91 -1.08 20.61
C PRO A 4 1.43 -1.61 19.27
N ARG A 5 0.38 -0.96 18.79
CA ARG A 5 -0.21 -1.06 17.46
C ARG A 5 -0.64 0.31 16.99
N VAL A 6 -0.92 1.20 17.94
CA VAL A 6 -1.30 2.57 17.67
C VAL A 6 -0.41 3.51 18.48
N VAL A 7 -0.05 4.67 17.90
CA VAL A 7 0.40 5.83 18.65
C VAL A 7 -0.86 6.60 19.06
N PRO A 8 -0.79 7.48 20.07
CA PRO A 8 -1.99 8.14 20.58
C PRO A 8 -2.48 9.18 19.57
N ASP A 9 -1.64 10.17 19.34
CA ASP A 9 -1.94 11.36 18.55
C ASP A 9 -1.79 10.99 17.06
N GLN A 10 -2.62 10.07 16.54
CA GLN A 10 -2.43 9.42 15.25
C GLN A 10 -2.30 10.45 14.11
N ARG A 11 -3.19 11.44 14.07
CA ARG A 11 -3.18 12.45 13.00
C ARG A 11 -1.98 13.40 13.12
N SER A 12 -1.45 13.63 14.32
CA SER A 12 -0.21 14.39 14.45
C SER A 12 0.95 13.57 13.94
N LYS A 13 1.08 12.28 14.30
CA LYS A 13 2.19 11.49 13.77
C LYS A 13 2.06 11.30 12.26
N PHE A 14 0.84 11.17 11.72
CA PHE A 14 0.60 11.15 10.28
C PHE A 14 1.33 12.31 9.61
N GLU A 15 1.25 13.51 10.20
CA GLU A 15 1.94 14.67 9.66
C GLU A 15 3.43 14.67 10.04
N ASN A 16 3.77 14.29 11.28
CA ASN A 16 5.04 14.57 11.95
C ASN A 16 6.16 13.66 11.50
N GLU A 17 5.88 12.36 11.32
CA GLU A 17 6.91 11.39 10.97
C GLU A 17 7.72 11.82 9.76
N GLU A 18 9.04 11.68 9.88
CA GLU A 18 9.97 11.81 8.78
C GLU A 18 9.60 10.84 7.67
N PHE A 19 9.18 9.62 8.06
CA PHE A 19 8.82 8.59 7.11
C PHE A 19 7.68 9.08 6.23
N PHE A 20 6.59 9.61 6.81
CA PHE A 20 5.47 10.03 5.99
C PHE A 20 5.78 11.28 5.17
N ARG A 21 6.52 12.24 5.72
CA ARG A 21 6.89 13.45 4.98
C ARG A 21 7.82 13.15 3.83
N LYS A 22 8.69 12.14 3.95
CA LYS A 22 9.56 11.69 2.88
C LYS A 22 8.73 11.21 1.69
N LEU A 23 7.69 10.42 1.93
CA LEU A 23 6.84 9.86 0.88
C LEU A 23 5.91 10.95 0.35
N SER A 24 5.47 11.83 1.25
CA SER A 24 4.63 12.99 0.95
C SER A 24 3.32 12.63 0.21
N ARG A 25 2.74 13.64 -0.46
CA ARG A 25 1.55 13.58 -1.31
C ARG A 25 1.92 13.02 -2.69
N GLU A 26 1.05 13.16 -3.70
CA GLU A 26 1.15 12.52 -5.00
C GLU A 26 2.51 12.75 -5.66
N CYS A 27 3.34 11.71 -5.66
CA CYS A 27 4.65 11.65 -6.28
C CYS A 27 4.64 10.49 -7.27
N GLU A 28 5.69 10.37 -8.09
CA GLU A 28 5.90 9.18 -8.88
C GLU A 28 6.46 8.07 -7.97
N ILE A 29 6.06 6.83 -8.23
CA ILE A 29 6.39 5.63 -7.49
C ILE A 29 6.79 4.54 -8.47
N LYS A 30 7.50 3.54 -7.96
CA LYS A 30 7.84 2.33 -8.74
C LYS A 30 7.71 1.09 -7.88
N TYR A 31 7.21 -0.01 -8.45
CA TYR A 31 7.13 -1.27 -7.74
C TYR A 31 8.55 -1.84 -7.54
N THR A 32 8.82 -2.52 -6.43
CA THR A 32 10.18 -2.93 -6.03
C THR A 32 10.26 -4.38 -5.51
N GLY A 33 9.12 -5.07 -5.46
CA GLY A 33 9.05 -6.50 -5.19
C GLY A 33 9.55 -7.33 -6.37
N PHE A 34 8.77 -8.34 -6.75
CA PHE A 34 9.07 -9.39 -7.70
C PHE A 34 9.39 -8.81 -9.11
N ARG A 35 8.93 -7.59 -9.41
CA ARG A 35 9.20 -6.90 -10.68
C ARG A 35 10.68 -6.61 -10.95
N ASP A 36 11.57 -6.93 -10.01
CA ASP A 36 13.01 -7.00 -10.30
C ASP A 36 13.35 -8.02 -11.39
N ARG A 37 12.49 -9.03 -11.62
CA ARG A 37 12.53 -9.83 -12.85
C ARG A 37 12.26 -8.92 -14.06
N PRO A 38 12.94 -9.13 -15.19
CA PRO A 38 12.74 -8.34 -16.38
C PRO A 38 11.30 -8.49 -16.90
N HIS A 39 10.82 -7.44 -17.56
CA HIS A 39 9.50 -7.41 -18.15
C HIS A 39 9.36 -8.47 -19.22
N GLU A 40 8.21 -9.14 -19.16
CA GLU A 40 7.86 -10.31 -19.94
C GLU A 40 6.38 -10.57 -19.67
N GLU A 41 6.06 -11.16 -18.51
CA GLU A 41 4.69 -11.42 -18.04
C GLU A 41 4.45 -10.75 -16.67
N ARG A 42 5.37 -9.87 -16.28
CA ARG A 42 5.43 -9.32 -14.93
C ARG A 42 4.24 -8.42 -14.63
N GLN A 43 3.50 -7.94 -15.62
CA GLN A 43 2.25 -7.21 -15.42
C GLN A 43 1.15 -8.10 -14.84
N THR A 44 0.90 -9.26 -15.43
CA THR A 44 -0.07 -10.21 -14.87
C THR A 44 0.40 -10.71 -13.51
N ARG A 45 1.69 -11.06 -13.35
CA ARG A 45 2.18 -11.44 -12.04
C ARG A 45 2.01 -10.31 -11.06
N PHE A 46 2.14 -9.07 -11.50
CA PHE A 46 1.98 -7.94 -10.61
C PHE A 46 0.62 -8.01 -9.94
N GLN A 47 -0.45 -8.13 -10.71
CA GLN A 47 -1.78 -8.25 -10.11
C GLN A 47 -1.91 -9.52 -9.28
N ASN A 48 -1.20 -10.60 -9.59
CA ASN A 48 -1.27 -11.83 -8.80
C ASN A 48 -0.51 -11.68 -7.47
N ALA A 49 0.67 -11.06 -7.49
CA ALA A 49 1.51 -10.83 -6.33
C ALA A 49 0.89 -9.77 -5.42
N CYS A 50 0.24 -8.77 -6.01
CA CYS A 50 -0.64 -7.85 -5.30
C CYS A 50 -1.78 -8.62 -4.62
N ARG A 51 -2.39 -9.59 -5.30
CA ARG A 51 -3.50 -10.37 -4.77
C ARG A 51 -2.99 -11.38 -3.75
N ASP A 52 -1.73 -11.78 -3.82
CA ASP A 52 -1.04 -12.54 -2.79
C ASP A 52 -1.11 -11.80 -1.46
N GLY A 53 -1.16 -10.46 -1.50
CA GLY A 53 -1.26 -9.60 -0.34
C GLY A 53 -0.06 -8.68 -0.37
N ARG A 54 0.74 -8.66 0.70
CA ARG A 54 1.82 -7.70 0.91
C ARG A 54 2.77 -7.69 -0.28
N SER A 55 3.52 -6.61 -0.42
CA SER A 55 4.49 -6.48 -1.49
C SER A 55 5.55 -5.45 -1.10
N GLU A 56 6.24 -4.88 -2.08
CA GLU A 56 7.27 -3.88 -1.91
C GLU A 56 7.02 -2.87 -3.01
N ILE A 57 6.75 -1.63 -2.62
CA ILE A 57 6.63 -0.53 -3.56
C ILE A 57 7.55 0.58 -3.07
N ALA A 58 8.09 1.39 -3.97
CA ALA A 58 9.02 2.46 -3.63
C ALA A 58 8.55 3.77 -4.24
N PHE A 59 9.15 4.87 -3.78
CA PHE A 59 8.90 6.19 -4.34
C PHE A 59 10.08 6.61 -5.19
N VAL A 60 9.81 7.27 -6.31
CA VAL A 60 10.84 7.95 -7.09
C VAL A 60 11.31 9.16 -6.29
N ALA A 61 10.36 10.00 -5.85
CA ALA A 61 10.63 11.36 -5.43
C ALA A 61 11.55 11.49 -4.22
N THR A 62 11.73 10.42 -3.44
CA THR A 62 12.60 10.39 -2.30
C THR A 62 13.42 9.10 -2.27
N GLY A 63 12.98 8.00 -2.91
CA GLY A 63 13.61 6.71 -2.70
C GLY A 63 13.31 6.20 -1.30
N THR A 64 12.13 5.63 -1.10
CA THR A 64 11.89 4.77 0.04
C THR A 64 11.10 3.58 -0.50
N ASN A 65 11.77 2.43 -0.64
CA ASN A 65 11.16 1.12 -0.77
C ASN A 65 10.55 0.77 0.57
N LEU A 66 9.23 0.71 0.61
CA LEU A 66 8.47 0.34 1.78
C LEU A 66 7.66 -0.88 1.42
N SER A 67 7.57 -1.80 2.38
CA SER A 67 6.88 -3.04 2.14
C SER A 67 5.41 -2.67 2.22
N LEU A 68 4.71 -2.77 1.10
CA LEU A 68 3.29 -2.52 1.07
C LEU A 68 2.59 -3.69 1.71
N GLN A 69 1.50 -3.44 2.43
CA GLN A 69 0.89 -4.45 3.27
C GLN A 69 -0.62 -4.30 3.12
N PHE A 70 -1.25 -5.06 2.24
CA PHE A 70 -2.68 -4.91 1.89
C PHE A 70 -3.54 -5.63 2.93
N PHE A 71 -3.34 -5.28 4.20
CA PHE A 71 -3.89 -5.91 5.40
C PHE A 71 -4.92 -4.99 6.09
N PRO A 72 -6.17 -5.02 5.58
CA PRO A 72 -7.31 -4.66 6.40
C PRO A 72 -7.47 -5.68 7.52
N ALA A 73 -8.51 -5.51 8.32
CA ALA A 73 -9.00 -6.56 9.22
C ALA A 73 -9.76 -7.62 8.41
N SER A 74 -9.16 -8.08 7.32
CA SER A 74 -9.62 -9.10 6.40
C SER A 74 -8.34 -9.82 5.99
N TRP A 75 -7.81 -10.66 6.90
CA TRP A 75 -6.74 -11.57 6.58
C TRP A 75 -7.28 -12.76 5.80
N GLN A 76 -6.38 -13.48 5.14
CA GLN A 76 -6.68 -14.68 4.37
C GLN A 76 -5.65 -15.79 4.57
N GLY A 77 -4.46 -15.45 5.06
CA GLY A 77 -3.25 -16.25 5.06
C GLY A 77 -2.32 -15.52 4.11
N GLU A 78 -2.67 -15.65 2.84
CA GLU A 78 -2.08 -15.10 1.65
C GLU A 78 -3.12 -15.34 0.54
N GLN A 79 -2.87 -14.90 -0.70
CA GLN A 79 -3.77 -15.07 -1.84
C GLN A 79 -5.20 -14.65 -1.51
N ARG A 80 -5.38 -13.34 -1.36
CA ARG A 80 -6.69 -12.75 -1.13
C ARG A 80 -7.77 -13.15 -2.13
N GLN A 81 -8.93 -13.44 -1.55
CA GLN A 81 -10.20 -13.75 -2.17
C GLN A 81 -10.70 -12.53 -2.94
N THR A 82 -11.30 -11.57 -2.26
CA THR A 82 -11.85 -10.35 -2.85
C THR A 82 -11.40 -9.15 -1.99
N PRO A 83 -10.19 -8.61 -2.23
CA PRO A 83 -9.81 -7.28 -1.77
C PRO A 83 -10.68 -6.19 -2.39
N SER A 84 -10.63 -4.98 -1.82
CA SER A 84 -11.47 -3.87 -2.25
C SER A 84 -10.92 -3.24 -3.54
N ARG A 85 -11.71 -2.44 -4.23
CA ARG A 85 -11.41 -2.07 -5.61
C ARG A 85 -10.37 -0.95 -5.70
N GLU A 86 -10.20 -0.11 -4.67
CA GLU A 86 -8.97 0.66 -4.53
C GLU A 86 -7.83 -0.21 -4.00
N TYR A 87 -8.09 -1.20 -3.13
CA TYR A 87 -7.03 -1.98 -2.48
C TYR A 87 -6.25 -2.78 -3.53
N VAL A 88 -6.88 -3.81 -4.10
CA VAL A 88 -6.31 -4.69 -5.12
C VAL A 88 -7.48 -5.27 -5.92
N ASP A 89 -7.22 -5.62 -7.18
CA ASP A 89 -8.02 -6.52 -8.01
C ASP A 89 -9.35 -5.91 -8.45
N LEU A 90 -9.26 -5.11 -9.50
CA LEU A 90 -10.26 -4.16 -9.97
C LEU A 90 -10.59 -4.33 -11.45
N GLU A 91 -10.39 -5.53 -11.99
CA GLU A 91 -10.75 -5.93 -13.36
C GLU A 91 -10.08 -5.06 -14.44
N ARG A 92 -8.95 -4.45 -14.12
CA ARG A 92 -8.16 -3.49 -14.88
C ARG A 92 -8.86 -2.14 -14.97
N GLU A 93 -8.12 -1.12 -14.56
CA GLU A 93 -8.44 0.26 -14.90
C GLU A 93 -7.92 0.53 -16.31
N ALA A 94 -8.01 1.78 -16.76
CA ALA A 94 -7.64 2.23 -18.10
C ALA A 94 -6.13 2.09 -18.33
N GLY A 95 -5.69 0.89 -18.69
CA GLY A 95 -4.29 0.50 -18.77
C GLY A 95 -3.49 0.85 -17.53
N LYS A 96 -4.16 0.86 -16.38
CA LYS A 96 -3.58 1.01 -15.06
C LYS A 96 -4.19 -0.04 -14.14
N VAL A 97 -3.65 -0.13 -12.94
CA VAL A 97 -4.33 -0.70 -11.80
C VAL A 97 -4.23 0.38 -10.72
N TYR A 98 -5.11 0.32 -9.74
CA TYR A 98 -5.23 1.27 -8.66
C TYR A 98 -5.07 0.45 -7.39
N LEU A 99 -4.18 0.89 -6.51
CA LEU A 99 -3.72 0.16 -5.37
C LEU A 99 -3.92 1.00 -4.13
N LYS A 100 -4.01 0.32 -3.00
CA LYS A 100 -4.20 0.91 -1.69
C LYS A 100 -3.89 -0.14 -0.66
N ALA A 101 -3.18 0.24 0.38
CA ALA A 101 -2.86 -0.67 1.47
C ALA A 101 -2.94 0.16 2.75
N PRO A 102 -3.86 -0.18 3.68
CA PRO A 102 -3.82 0.39 5.01
C PRO A 102 -2.65 -0.23 5.74
N MET A 103 -1.79 0.65 6.21
CA MET A 103 -0.52 0.29 6.79
C MET A 103 -0.63 0.27 8.30
N ILE A 104 0.48 -0.04 8.97
CA ILE A 104 0.69 0.31 10.37
C ILE A 104 2.16 0.75 10.36
N LEU A 105 2.42 2.04 10.23
CA LEU A 105 3.78 2.59 10.25
C LEU A 105 3.91 3.36 11.56
N ASN A 106 4.83 2.92 12.41
CA ASN A 106 5.13 3.44 13.75
C ASN A 106 3.98 3.27 14.75
N GLY A 107 2.77 2.99 14.26
CA GLY A 107 1.51 2.97 15.00
C GLY A 107 0.48 3.93 14.42
N VAL A 108 0.62 4.36 13.17
CA VAL A 108 -0.39 5.06 12.42
C VAL A 108 -0.84 4.15 11.30
N CYS A 109 -2.15 3.88 11.23
CA CYS A 109 -2.78 3.41 10.02
C CYS A 109 -2.87 4.58 9.06
N VAL A 110 -1.80 4.79 8.29
CA VAL A 110 -1.88 5.60 7.10
C VAL A 110 -2.40 4.69 5.99
N ILE A 111 -3.01 5.32 5.01
CA ILE A 111 -3.27 4.72 3.73
C ILE A 111 -2.01 4.98 2.93
N TRP A 112 -1.42 3.92 2.37
CA TRP A 112 -0.54 4.12 1.24
C TRP A 112 -1.50 3.94 0.07
N LYS A 113 -1.49 4.84 -0.91
CA LYS A 113 -2.26 4.67 -2.13
C LYS A 113 -1.41 4.96 -3.36
N GLY A 114 -1.91 4.56 -4.52
CA GLY A 114 -1.41 5.05 -5.79
C GLY A 114 -2.03 4.29 -6.94
N TRP A 115 -1.97 4.85 -8.13
CA TRP A 115 -2.12 4.06 -9.34
C TRP A 115 -0.75 3.52 -9.68
N ILE A 116 -0.70 2.32 -10.24
CA ILE A 116 0.48 1.79 -10.88
C ILE A 116 0.01 1.46 -12.27
N ASP A 117 0.44 2.26 -13.23
CA ASP A 117 0.29 1.97 -14.62
C ASP A 117 0.99 0.67 -15.00
N LEU A 118 0.45 0.03 -16.03
CA LEU A 118 0.83 -1.31 -16.43
C LEU A 118 2.02 -1.28 -17.39
N HIS A 119 2.74 -0.15 -17.46
CA HIS A 119 3.90 0.02 -18.31
C HIS A 119 4.98 -0.93 -17.79
N ARG A 120 5.68 -0.53 -16.73
CA ARG A 120 6.71 -1.31 -16.07
C ARG A 120 6.34 -1.61 -14.62
N LEU A 121 5.11 -1.24 -14.21
CA LEU A 121 4.70 -1.12 -12.81
C LEU A 121 5.42 0.06 -12.18
N ASP A 122 5.37 1.17 -12.89
CA ASP A 122 5.81 2.48 -12.44
C ASP A 122 4.57 3.35 -12.64
N GLY A 123 4.36 4.36 -11.81
CA GLY A 123 3.12 5.13 -11.80
C GLY A 123 3.15 6.14 -10.65
N MET A 124 2.02 6.54 -10.07
CA MET A 124 1.99 7.63 -9.10
C MET A 124 1.22 7.25 -7.84
N GLY A 125 1.69 7.68 -6.68
CA GLY A 125 1.05 7.39 -5.41
C GLY A 125 1.61 8.26 -4.30
N CYS A 126 1.16 8.02 -3.08
CA CYS A 126 1.42 8.84 -1.92
C CYS A 126 0.94 8.16 -0.66
N LEU A 127 1.01 8.90 0.44
CA LEU A 127 0.25 8.57 1.63
C LEU A 127 -1.00 9.42 1.72
N GLU A 128 -1.93 8.87 2.49
CA GLU A 128 -3.20 9.43 2.91
C GLU A 128 -3.43 8.86 4.34
N PHE A 129 -4.52 9.21 5.02
CA PHE A 129 -4.84 8.69 6.36
C PHE A 129 -5.95 7.63 6.21
N ASP A 130 -5.92 6.53 6.99
CA ASP A 130 -7.06 5.61 7.08
C ASP A 130 -7.70 5.86 8.43
N GLU A 131 -8.60 6.84 8.49
CA GLU A 131 -9.27 7.22 9.71
C GLU A 131 -10.05 6.05 10.30
N GLU A 132 -10.55 5.17 9.43
CA GLU A 132 -11.39 4.08 9.84
C GLU A 132 -10.51 2.89 10.21
N ARG A 133 -9.47 2.56 9.42
CA ARG A 133 -8.61 1.43 9.83
C ARG A 133 -7.82 1.80 11.08
N ALA A 134 -7.51 3.09 11.32
CA ALA A 134 -6.91 3.56 12.58
C ALA A 134 -7.84 3.22 13.74
N GLN A 135 -9.11 3.62 13.67
CA GLN A 135 -10.10 3.29 14.68
C GLN A 135 -10.28 1.77 14.84
N GLN A 136 -10.12 0.99 13.76
CA GLN A 136 -10.21 -0.47 13.86
C GLN A 136 -9.03 -0.99 14.69
N GLU A 137 -7.81 -0.53 14.40
CA GLU A 137 -6.59 -0.94 15.04
C GLU A 137 -6.58 -0.55 16.52
N ASP A 138 -7.22 0.56 16.86
CA ASP A 138 -7.47 1.01 18.23
C ASP A 138 -8.26 -0.02 19.01
N ALA A 139 -9.38 -0.48 18.46
CA ALA A 139 -10.18 -1.53 19.11
C ALA A 139 -9.35 -2.81 19.26
N LEU A 140 -8.58 -3.13 18.22
CA LEU A 140 -7.71 -4.29 18.20
C LEU A 140 -6.54 -4.20 19.17
N ALA A 141 -6.19 -3.00 19.65
CA ALA A 141 -5.17 -2.76 20.67
C ALA A 141 -5.67 -3.19 22.07
N GLN A 142 -6.52 -4.22 22.12
CA GLN A 142 -7.24 -4.74 23.26
C GLN A 142 -7.93 -3.60 24.01
N GLN A 143 -8.81 -2.85 23.33
CA GLN A 143 -9.42 -1.65 23.90
C GLN A 143 -10.89 -1.90 24.19
N GLY A 1 15.80 -5.66 -22.39
CA GLY A 1 16.96 -6.00 -21.57
C GLY A 1 16.96 -7.50 -21.29
N SER A 2 17.16 -7.89 -20.03
CA SER A 2 16.81 -9.19 -19.51
C SER A 2 16.63 -8.99 -18.01
N MET A 3 15.49 -8.42 -17.58
CA MET A 3 15.08 -8.38 -16.18
C MET A 3 13.55 -8.44 -16.10
N PRO A 4 12.97 -9.05 -15.05
CA PRO A 4 11.55 -8.96 -14.82
C PRO A 4 11.19 -7.59 -14.25
N ARG A 5 10.04 -7.08 -14.69
CA ARG A 5 9.38 -5.93 -14.07
C ARG A 5 7.88 -6.07 -14.08
N VAL A 6 7.36 -6.82 -15.03
CA VAL A 6 5.96 -6.96 -15.32
C VAL A 6 5.79 -8.37 -15.87
N VAL A 7 4.63 -8.99 -15.64
CA VAL A 7 4.14 -10.10 -16.43
C VAL A 7 3.31 -9.50 -17.58
N PRO A 8 2.93 -10.26 -18.63
CA PRO A 8 2.22 -9.68 -19.75
C PRO A 8 0.80 -9.28 -19.35
N ASP A 9 0.02 -10.30 -18.99
CA ASP A 9 -1.40 -10.16 -18.67
C ASP A 9 -1.59 -9.64 -17.23
N GLN A 10 -1.00 -8.48 -16.92
CA GLN A 10 -0.95 -7.91 -15.57
C GLN A 10 -2.35 -7.91 -14.93
N ARG A 11 -3.40 -7.53 -15.65
CA ARG A 11 -4.76 -7.47 -15.11
C ARG A 11 -5.29 -8.84 -14.74
N SER A 12 -4.97 -9.89 -15.51
CA SER A 12 -5.43 -11.22 -15.16
C SER A 12 -4.66 -11.68 -13.94
N LYS A 13 -3.35 -11.44 -13.89
CA LYS A 13 -2.51 -11.86 -12.76
C LYS A 13 -2.88 -11.13 -11.48
N PHE A 14 -3.29 -9.85 -11.55
CA PHE A 14 -3.86 -9.09 -10.45
C PHE A 14 -4.96 -9.88 -9.76
N GLU A 15 -5.81 -10.58 -10.51
CA GLU A 15 -6.87 -11.39 -9.94
C GLU A 15 -6.47 -12.85 -9.75
N ASN A 16 -5.51 -13.39 -10.51
CA ASN A 16 -5.16 -14.80 -10.53
C ASN A 16 -4.30 -15.18 -9.34
N GLU A 17 -3.21 -14.44 -9.09
CA GLU A 17 -2.28 -14.78 -8.02
C GLU A 17 -2.97 -15.04 -6.69
N GLU A 18 -2.65 -16.18 -6.08
CA GLU A 18 -3.14 -16.56 -4.77
C GLU A 18 -2.70 -15.56 -3.70
N PHE A 19 -1.55 -14.91 -3.88
CA PHE A 19 -1.10 -13.84 -3.01
C PHE A 19 -2.17 -12.75 -3.00
N PHE A 20 -2.58 -12.24 -4.17
CA PHE A 20 -3.62 -11.24 -4.24
C PHE A 20 -4.95 -11.79 -3.76
N ARG A 21 -5.30 -13.03 -4.08
CA ARG A 21 -6.57 -13.62 -3.64
C ARG A 21 -6.66 -13.74 -2.14
N LYS A 22 -5.53 -13.89 -1.43
CA LYS A 22 -5.53 -13.82 0.03
C LYS A 22 -5.93 -12.42 0.49
N LEU A 23 -5.38 -11.38 -0.11
CA LEU A 23 -5.60 -9.99 0.32
C LEU A 23 -6.97 -9.53 -0.15
N SER A 24 -7.47 -10.16 -1.21
CA SER A 24 -8.83 -10.09 -1.69
C SER A 24 -9.28 -8.65 -1.97
N ARG A 25 -10.60 -8.47 -2.02
CA ARG A 25 -11.27 -7.18 -2.08
C ARG A 25 -11.77 -6.84 -0.66
N GLU A 26 -12.36 -5.67 -0.47
CA GLU A 26 -12.52 -4.95 0.79
C GLU A 26 -12.73 -5.83 2.03
N CYS A 27 -11.66 -6.01 2.83
CA CYS A 27 -11.69 -6.72 4.10
C CYS A 27 -10.77 -6.07 5.14
N GLU A 28 -10.75 -6.62 6.35
CA GLU A 28 -10.08 -5.99 7.49
C GLU A 28 -8.55 -6.12 7.38
N ILE A 29 -7.82 -5.07 7.80
CA ILE A 29 -6.37 -4.91 7.75
C ILE A 29 -5.85 -4.38 9.09
N LYS A 30 -4.55 -4.56 9.32
CA LYS A 30 -3.86 -4.02 10.50
C LYS A 30 -2.48 -3.53 10.15
N TYR A 31 -2.06 -2.38 10.68
CA TYR A 31 -0.70 -1.88 10.51
C TYR A 31 0.23 -2.68 11.42
N THR A 32 1.43 -3.02 10.94
CA THR A 32 2.31 -3.96 11.63
C THR A 32 3.76 -3.49 11.73
N GLY A 33 4.09 -2.31 11.17
CA GLY A 33 5.41 -1.69 11.25
C GLY A 33 5.71 -1.12 12.64
N PHE A 34 6.21 0.12 12.70
CA PHE A 34 6.73 0.76 13.89
C PHE A 34 5.70 0.75 15.03
N ARG A 35 4.41 0.82 14.70
CA ARG A 35 3.33 0.85 15.68
C ARG A 35 3.25 -0.40 16.55
N ASP A 36 3.86 -1.52 16.17
CA ASP A 36 4.02 -2.74 16.99
C ASP A 36 4.74 -2.52 18.32
N ARG A 37 5.32 -1.34 18.56
CA ARG A 37 5.75 -0.90 19.90
C ARG A 37 4.55 -0.93 20.88
N PRO A 38 4.77 -0.91 22.21
CA PRO A 38 3.68 -0.97 23.19
C PRO A 38 2.73 0.21 23.03
N HIS A 39 1.43 -0.07 22.88
CA HIS A 39 0.46 0.92 22.42
C HIS A 39 0.21 2.00 23.47
N GLU A 40 0.00 3.22 22.98
CA GLU A 40 0.05 4.45 23.78
C GLU A 40 -0.29 5.65 22.89
N GLU A 41 0.60 6.01 21.97
CA GLU A 41 0.66 7.29 21.30
C GLU A 41 1.67 7.08 20.19
N ARG A 42 1.16 6.60 19.08
CA ARG A 42 1.77 6.67 17.75
C ARG A 42 0.89 7.29 16.69
N GLN A 43 -0.39 7.46 16.94
CA GLN A 43 -1.47 7.80 16.03
C GLN A 43 -1.11 8.92 15.04
N THR A 44 -0.47 9.99 15.50
CA THR A 44 0.08 11.05 14.62
C THR A 44 1.39 10.60 13.98
N ARG A 45 2.31 10.00 14.73
CA ARG A 45 3.56 9.49 14.16
C ARG A 45 3.31 8.55 13.00
N PHE A 46 2.26 7.75 13.08
CA PHE A 46 1.82 6.79 12.09
C PHE A 46 1.68 7.48 10.75
N GLN A 47 0.98 8.63 10.68
CA GLN A 47 0.91 9.44 9.47
C GLN A 47 2.28 9.93 9.05
N ASN A 48 3.20 10.24 9.97
CA ASN A 48 4.49 10.78 9.57
C ASN A 48 5.37 9.68 9.03
N ALA A 49 5.27 8.47 9.59
CA ALA A 49 5.96 7.28 9.15
C ALA A 49 5.44 6.81 7.80
N CYS A 50 4.14 6.95 7.55
CA CYS A 50 3.53 6.75 6.24
C CYS A 50 4.16 7.70 5.22
N ARG A 51 4.36 8.96 5.57
CA ARG A 51 4.92 9.98 4.68
C ARG A 51 6.45 9.84 4.59
N ASP A 52 7.07 9.21 5.59
CA ASP A 52 8.46 8.77 5.58
C ASP A 52 8.69 7.76 4.45
N GLY A 53 7.64 7.18 3.87
CA GLY A 53 7.75 6.36 2.68
C GLY A 53 7.26 4.95 2.98
N ARG A 54 7.81 3.94 2.30
CA ARG A 54 7.33 2.56 2.34
C ARG A 54 7.23 2.04 3.77
N SER A 55 6.37 1.05 3.96
CA SER A 55 6.00 0.59 5.30
C SER A 55 5.52 -0.85 5.35
N GLU A 56 5.00 -1.29 6.48
CA GLU A 56 4.69 -2.67 6.81
C GLU A 56 3.25 -2.74 7.33
N ILE A 57 2.36 -3.38 6.56
CA ILE A 57 0.94 -3.48 6.90
C ILE A 57 0.50 -4.92 6.63
N ALA A 58 -0.52 -5.43 7.32
CA ALA A 58 -0.99 -6.81 7.23
C ALA A 58 -2.49 -6.85 6.97
N PHE A 59 -3.02 -8.03 6.64
CA PHE A 59 -4.46 -8.25 6.55
C PHE A 59 -4.91 -8.98 7.79
N VAL A 60 -6.04 -8.58 8.37
CA VAL A 60 -6.65 -9.28 9.49
C VAL A 60 -7.36 -10.52 8.98
N ALA A 61 -8.06 -10.41 7.85
CA ALA A 61 -8.81 -11.50 7.25
C ALA A 61 -7.92 -12.74 7.05
N THR A 62 -6.69 -12.51 6.58
CA THR A 62 -5.87 -13.56 5.99
C THR A 62 -4.47 -13.63 6.60
N GLY A 63 -4.11 -12.63 7.41
CA GLY A 63 -2.84 -12.61 8.13
C GLY A 63 -1.65 -12.49 7.20
N THR A 64 -1.78 -11.84 6.05
CA THR A 64 -0.65 -11.69 5.15
C THR A 64 -0.03 -10.36 5.54
N ASN A 65 1.00 -10.40 6.36
CA ASN A 65 1.89 -9.28 6.59
C ASN A 65 2.66 -9.01 5.31
N LEU A 66 2.59 -7.80 4.78
CA LEU A 66 3.29 -7.39 3.58
C LEU A 66 3.98 -6.04 3.81
N SER A 67 4.88 -5.70 2.91
CA SER A 67 5.54 -4.42 2.88
C SER A 67 4.83 -3.58 1.84
N LEU A 68 4.13 -2.54 2.30
CA LEU A 68 3.58 -1.54 1.44
C LEU A 68 4.66 -0.59 1.00
N GLN A 69 4.38 0.00 -0.15
CA GLN A 69 5.38 0.62 -0.98
C GLN A 69 4.75 1.92 -1.46
N PHE A 70 4.85 3.00 -0.68
CA PHE A 70 4.33 4.30 -1.12
C PHE A 70 5.37 4.84 -2.10
N PHE A 71 5.29 4.42 -3.37
CA PHE A 71 6.30 4.71 -4.38
C PHE A 71 5.63 4.69 -5.76
N PRO A 72 5.15 5.83 -6.27
CA PRO A 72 4.56 5.93 -7.60
C PRO A 72 5.69 5.81 -8.60
N ALA A 73 5.82 6.82 -9.44
CA ALA A 73 6.97 7.24 -10.20
C ALA A 73 8.09 7.62 -9.22
N SER A 74 8.51 6.62 -8.45
CA SER A 74 9.20 6.69 -7.19
C SER A 74 10.36 7.70 -7.24
N TRP A 75 10.33 8.53 -6.21
CA TRP A 75 11.14 9.68 -5.88
C TRP A 75 12.57 9.27 -5.51
N GLN A 76 13.31 10.18 -4.87
CA GLN A 76 14.58 9.87 -4.20
C GLN A 76 14.47 8.73 -3.18
N GLY A 77 13.27 8.32 -2.77
CA GLY A 77 13.01 7.06 -2.11
C GLY A 77 11.91 7.22 -1.07
N GLU A 78 12.20 8.02 -0.05
CA GLU A 78 11.53 8.07 1.24
C GLU A 78 11.34 9.54 1.65
N GLN A 79 10.77 9.83 2.82
CA GLN A 79 10.53 11.16 3.38
C GLN A 79 9.98 12.17 2.35
N ARG A 80 8.89 11.80 1.69
CA ARG A 80 8.29 12.66 0.68
C ARG A 80 7.68 13.86 1.40
N GLN A 81 7.91 15.08 0.90
CA GLN A 81 7.34 16.29 1.50
C GLN A 81 5.82 16.32 1.27
N THR A 82 5.38 16.03 0.05
CA THR A 82 3.99 16.09 -0.37
C THR A 82 3.68 14.85 -1.24
N PRO A 83 3.26 13.72 -0.64
CA PRO A 83 2.70 12.53 -1.32
C PRO A 83 1.53 12.86 -2.25
N SER A 84 0.86 11.88 -2.88
CA SER A 84 -0.47 12.21 -3.36
C SER A 84 -1.38 12.10 -2.15
N ARG A 85 -2.58 12.66 -2.21
CA ARG A 85 -3.43 12.84 -1.03
C ARG A 85 -3.96 11.50 -0.57
N GLU A 86 -4.38 10.66 -1.52
CA GLU A 86 -4.88 9.35 -1.15
C GLU A 86 -3.74 8.40 -0.80
N TYR A 87 -2.53 8.63 -1.33
CA TYR A 87 -1.37 7.79 -1.00
C TYR A 87 -1.10 7.95 0.49
N VAL A 88 -0.79 9.18 0.91
CA VAL A 88 -0.67 9.58 2.31
C VAL A 88 -1.07 11.07 2.38
N ASP A 89 -1.38 11.60 3.57
CA ASP A 89 -1.47 13.04 3.83
C ASP A 89 -2.77 13.65 3.27
N LEU A 90 -3.87 13.34 3.94
CA LEU A 90 -5.26 13.64 3.59
C LEU A 90 -6.00 14.42 4.69
N GLU A 91 -5.26 15.19 5.47
CA GLU A 91 -5.67 16.09 6.55
C GLU A 91 -6.30 15.40 7.77
N ARG A 92 -6.60 14.11 7.66
CA ARG A 92 -7.17 13.14 8.60
C ARG A 92 -8.62 12.94 8.21
N GLU A 93 -9.03 11.70 8.00
CA GLU A 93 -10.42 11.34 7.84
C GLU A 93 -11.00 11.00 9.22
N ALA A 94 -12.28 10.60 9.26
CA ALA A 94 -13.14 10.50 10.44
C ALA A 94 -12.61 9.55 11.54
N GLY A 95 -11.65 10.01 12.34
CA GLY A 95 -10.94 9.20 13.32
C GLY A 95 -10.06 8.13 12.68
N LYS A 96 -9.73 8.28 11.40
CA LYS A 96 -8.98 7.32 10.60
C LYS A 96 -8.03 8.08 9.68
N VAL A 97 -7.15 7.36 9.01
CA VAL A 97 -6.42 7.92 7.87
C VAL A 97 -6.59 6.95 6.69
N TYR A 98 -6.39 7.42 5.46
CA TYR A 98 -6.40 6.59 4.27
C TYR A 98 -4.96 6.32 3.90
N LEU A 99 -4.73 5.23 3.18
CA LEU A 99 -3.45 4.79 2.73
C LEU A 99 -3.65 4.13 1.37
N LYS A 100 -2.69 4.29 0.46
CA LYS A 100 -2.80 3.85 -0.93
C LYS A 100 -1.38 3.72 -1.45
N ALA A 101 -0.93 2.51 -1.73
CA ALA A 101 0.49 2.24 -1.99
C ALA A 101 0.61 1.36 -3.23
N PRO A 102 1.01 1.91 -4.40
CA PRO A 102 1.24 1.11 -5.59
C PRO A 102 2.44 0.21 -5.34
N MET A 103 2.26 -1.09 -5.57
CA MET A 103 3.24 -2.12 -5.31
C MET A 103 3.62 -2.78 -6.62
N ILE A 104 4.67 -3.57 -6.61
CA ILE A 104 4.98 -4.49 -7.69
C ILE A 104 5.18 -5.82 -7.00
N LEU A 105 4.15 -6.66 -7.04
CA LEU A 105 4.17 -8.02 -6.52
C LEU A 105 3.93 -8.90 -7.75
N ASN A 106 4.64 -10.01 -7.87
CA ASN A 106 4.62 -10.99 -8.96
C ASN A 106 5.12 -10.46 -10.31
N GLY A 107 5.18 -9.13 -10.47
CA GLY A 107 5.30 -8.45 -11.75
C GLY A 107 3.95 -7.83 -12.15
N VAL A 108 3.18 -7.36 -11.18
CA VAL A 108 1.89 -6.77 -11.36
C VAL A 108 1.89 -5.47 -10.57
N CYS A 109 1.65 -4.36 -11.26
CA CYS A 109 1.36 -3.08 -10.64
C CYS A 109 -0.07 -3.11 -10.11
N VAL A 110 -0.22 -3.67 -8.93
CA VAL A 110 -1.41 -3.49 -8.11
C VAL A 110 -1.21 -2.24 -7.28
N ILE A 111 -2.27 -1.79 -6.65
CA ILE A 111 -2.19 -0.91 -5.52
C ILE A 111 -2.80 -1.70 -4.38
N TRP A 112 -2.29 -1.48 -3.19
CA TRP A 112 -3.03 -1.79 -2.00
C TRP A 112 -3.72 -0.47 -1.64
N LYS A 113 -4.97 -0.52 -1.21
CA LYS A 113 -5.64 0.63 -0.61
C LYS A 113 -6.23 0.24 0.74
N GLY A 114 -6.53 1.22 1.58
CA GLY A 114 -7.37 1.02 2.74
C GLY A 114 -7.52 2.29 3.55
N TRP A 115 -8.43 2.28 4.53
CA TRP A 115 -8.41 3.20 5.64
C TRP A 115 -7.90 2.40 6.85
N ILE A 116 -7.06 3.04 7.65
CA ILE A 116 -6.60 2.51 8.92
C ILE A 116 -7.11 3.52 9.93
N ASP A 117 -8.12 3.12 10.68
CA ASP A 117 -8.58 3.81 11.84
C ASP A 117 -7.53 3.96 12.93
N LEU A 118 -7.59 5.08 13.65
CA LEU A 118 -6.58 5.51 14.59
C LEU A 118 -6.66 4.77 15.92
N HIS A 119 -7.46 3.70 16.00
CA HIS A 119 -7.76 2.98 17.24
C HIS A 119 -6.46 2.38 17.77
N ARG A 120 -5.95 1.39 17.05
CA ARG A 120 -4.66 0.71 17.26
C ARG A 120 -3.90 0.65 15.95
N LEU A 121 -4.43 1.30 14.91
CA LEU A 121 -4.05 1.21 13.52
C LEU A 121 -4.49 -0.14 12.99
N ASP A 122 -5.79 -0.39 13.14
CA ASP A 122 -6.57 -1.45 12.51
C ASP A 122 -7.56 -0.75 11.58
N GLY A 123 -8.21 -1.46 10.65
CA GLY A 123 -9.23 -0.87 9.81
C GLY A 123 -9.50 -1.75 8.58
N MET A 124 -9.79 -1.19 7.41
CA MET A 124 -10.32 -1.91 6.24
C MET A 124 -9.60 -1.51 4.96
N GLY A 125 -9.19 -2.48 4.14
CA GLY A 125 -8.46 -2.28 2.90
C GLY A 125 -8.50 -3.52 2.03
N CYS A 126 -7.73 -3.53 0.95
CA CYS A 126 -7.75 -4.53 -0.11
C CYS A 126 -6.79 -4.12 -1.22
N LEU A 127 -6.86 -4.82 -2.36
CA LEU A 127 -6.09 -4.47 -3.55
C LEU A 127 -6.98 -3.82 -4.59
N GLU A 128 -6.30 -3.10 -5.49
CA GLU A 128 -6.78 -2.50 -6.72
C GLU A 128 -5.75 -2.80 -7.80
N PHE A 129 -6.09 -2.57 -9.07
CA PHE A 129 -5.10 -2.50 -10.14
C PHE A 129 -4.63 -1.05 -10.25
N ASP A 130 -3.43 -0.80 -10.82
CA ASP A 130 -3.12 0.54 -11.33
C ASP A 130 -2.84 0.54 -12.82
N GLU A 131 -3.84 0.93 -13.59
CA GLU A 131 -3.80 0.99 -15.03
C GLU A 131 -2.80 2.02 -15.58
N GLU A 132 -2.33 2.97 -14.76
CA GLU A 132 -1.26 3.88 -15.13
C GLU A 132 0.06 3.34 -14.60
N ARG A 133 0.17 3.01 -13.32
CA ARG A 133 1.47 2.67 -12.77
C ARG A 133 1.97 1.36 -13.39
N ALA A 134 1.07 0.49 -13.88
CA ALA A 134 1.40 -0.65 -14.73
C ALA A 134 2.07 -0.21 -16.02
N GLN A 135 1.47 0.74 -16.76
CA GLN A 135 2.14 1.32 -17.91
C GLN A 135 3.46 1.95 -17.52
N GLN A 136 3.52 2.62 -16.36
CA GLN A 136 4.70 3.32 -15.94
C GLN A 136 5.83 2.33 -15.74
N GLU A 137 5.54 1.15 -15.17
CA GLU A 137 6.50 0.09 -14.94
C GLU A 137 6.89 -0.62 -16.25
N ASP A 138 5.92 -0.90 -17.13
CA ASP A 138 6.17 -1.41 -18.47
C ASP A 138 7.14 -0.50 -19.23
N ALA A 139 6.96 0.81 -19.09
CA ALA A 139 7.83 1.82 -19.67
C ALA A 139 9.18 1.90 -18.95
N LEU A 140 9.20 1.89 -17.61
CA LEU A 140 10.41 1.93 -16.78
C LEU A 140 11.28 0.71 -16.95
N ALA A 141 10.77 -0.37 -17.52
CA ALA A 141 11.48 -1.60 -17.87
C ALA A 141 12.51 -1.41 -18.97
N GLN A 142 13.22 -0.28 -19.00
CA GLN A 142 14.07 0.23 -20.07
C GLN A 142 13.35 -0.01 -21.41
N GLN A 143 12.11 0.48 -21.52
CA GLN A 143 11.37 0.37 -22.77
C GLN A 143 11.79 1.52 -23.66
N GLY A 1 17.80 -6.83 -20.65
CA GLY A 1 17.95 -8.28 -20.53
C GLY A 1 18.15 -8.69 -19.08
N SER A 2 17.47 -9.74 -18.61
CA SER A 2 17.48 -10.18 -17.22
C SER A 2 17.15 -9.02 -16.26
N MET A 3 16.25 -8.13 -16.66
CA MET A 3 15.94 -6.89 -15.96
C MET A 3 14.43 -6.90 -15.68
N PRO A 4 13.99 -7.59 -14.62
CA PRO A 4 12.57 -7.72 -14.34
C PRO A 4 12.02 -6.47 -13.67
N ARG A 5 10.77 -6.15 -14.01
CA ARG A 5 9.94 -5.17 -13.32
C ARG A 5 8.47 -5.53 -13.44
N VAL A 6 8.09 -6.24 -14.49
CA VAL A 6 6.71 -6.39 -14.94
C VAL A 6 6.53 -7.76 -15.60
N VAL A 7 5.29 -8.14 -15.86
CA VAL A 7 4.92 -9.34 -16.60
C VAL A 7 4.06 -8.89 -17.81
N PRO A 8 3.73 -9.76 -18.78
CA PRO A 8 2.87 -9.36 -19.89
C PRO A 8 1.44 -9.21 -19.38
N ASP A 9 0.88 -10.34 -18.96
CA ASP A 9 -0.47 -10.48 -18.44
C ASP A 9 -0.54 -10.01 -16.97
N GLN A 10 -0.12 -8.76 -16.70
CA GLN A 10 -0.22 -8.09 -15.40
C GLN A 10 -1.68 -8.14 -14.96
N ARG A 11 -2.58 -7.67 -15.83
CA ARG A 11 -3.98 -7.57 -15.48
C ARG A 11 -4.60 -8.95 -15.33
N SER A 12 -4.20 -9.95 -16.11
CA SER A 12 -4.71 -11.29 -15.85
C SER A 12 -4.15 -11.80 -14.52
N LYS A 13 -2.94 -11.47 -14.08
CA LYS A 13 -2.49 -11.79 -12.71
C LYS A 13 -3.19 -10.92 -11.65
N PHE A 14 -3.98 -9.92 -12.00
CA PHE A 14 -4.94 -9.37 -11.06
C PHE A 14 -6.08 -10.35 -10.75
N GLU A 15 -6.10 -11.50 -11.42
CA GLU A 15 -6.98 -12.64 -11.17
C GLU A 15 -6.24 -13.98 -11.02
N ASN A 16 -5.28 -14.30 -11.90
CA ASN A 16 -4.32 -15.41 -11.89
C ASN A 16 -3.35 -15.33 -10.71
N GLU A 17 -3.42 -14.28 -9.92
CA GLU A 17 -2.91 -14.23 -8.58
C GLU A 17 -3.18 -15.51 -7.80
N GLU A 18 -2.15 -16.05 -7.19
CA GLU A 18 -2.24 -16.98 -6.10
C GLU A 18 -1.75 -16.29 -4.82
N PHE A 19 -0.87 -15.30 -4.91
CA PHE A 19 -0.43 -14.51 -3.77
C PHE A 19 -1.58 -13.62 -3.31
N PHE A 20 -2.04 -12.70 -4.17
CA PHE A 20 -2.97 -11.64 -3.78
C PHE A 20 -4.31 -12.17 -3.34
N ARG A 21 -4.68 -13.41 -3.67
CA ARG A 21 -5.96 -13.98 -3.22
C ARG A 21 -6.06 -14.02 -1.70
N LYS A 22 -4.92 -14.06 -1.01
CA LYS A 22 -4.82 -13.97 0.44
C LYS A 22 -5.39 -12.66 0.95
N LEU A 23 -4.97 -11.58 0.29
CA LEU A 23 -5.31 -10.19 0.56
C LEU A 23 -6.72 -9.88 0.08
N SER A 24 -7.03 -10.34 -1.13
CA SER A 24 -8.26 -10.15 -1.89
C SER A 24 -8.71 -8.68 -2.01
N ARG A 25 -9.98 -8.50 -2.41
CA ARG A 25 -10.69 -7.21 -2.44
C ARG A 25 -11.11 -6.85 -1.01
N GLU A 26 -11.87 -5.76 -0.83
CA GLU A 26 -12.16 -5.08 0.43
C GLU A 26 -12.27 -5.98 1.66
N CYS A 27 -11.20 -6.00 2.45
CA CYS A 27 -11.02 -6.82 3.63
C CYS A 27 -10.67 -5.95 4.82
N GLU A 28 -10.57 -6.59 5.98
CA GLU A 28 -10.08 -6.01 7.21
C GLU A 28 -8.56 -6.18 7.26
N ILE A 29 -7.85 -5.25 7.90
CA ILE A 29 -6.39 -5.16 7.97
C ILE A 29 -5.92 -4.77 9.38
N LYS A 30 -4.62 -4.94 9.64
CA LYS A 30 -3.98 -4.64 10.94
C LYS A 30 -2.59 -4.01 10.70
N TYR A 31 -2.29 -2.77 11.07
CA TYR A 31 -0.89 -2.31 11.01
C TYR A 31 -0.08 -3.17 11.99
N THR A 32 1.12 -3.64 11.61
CA THR A 32 1.87 -4.58 12.44
C THR A 32 3.37 -4.23 12.60
N GLY A 33 3.87 -3.14 12.02
CA GLY A 33 5.24 -2.67 12.24
C GLY A 33 5.41 -2.03 13.63
N PHE A 34 5.86 -0.77 13.70
CA PHE A 34 6.19 -0.12 14.97
C PHE A 34 5.02 -0.13 15.97
N ARG A 35 3.77 -0.08 15.47
CA ARG A 35 2.62 0.12 16.35
C ARG A 35 2.34 -1.03 17.29
N ASP A 36 3.04 -2.16 17.18
CA ASP A 36 2.94 -3.31 18.09
C ASP A 36 3.45 -3.03 19.52
N ARG A 37 3.92 -1.83 19.82
CA ARG A 37 4.12 -1.31 21.19
C ARG A 37 2.78 -1.30 21.97
N PRO A 38 2.76 -1.07 23.30
CA PRO A 38 1.53 -0.72 24.00
C PRO A 38 0.95 0.57 23.42
N HIS A 39 -0.36 0.79 23.60
CA HIS A 39 -1.02 1.99 23.10
C HIS A 39 -1.00 3.10 24.14
N GLU A 40 -0.86 4.31 23.64
CA GLU A 40 -0.90 5.59 24.32
C GLU A 40 -0.99 6.72 23.28
N GLU A 41 -0.17 6.63 22.23
CA GLU A 41 0.05 7.51 21.09
C GLU A 41 0.90 6.68 20.14
N ARG A 42 0.21 5.81 19.42
CA ARG A 42 0.70 5.26 18.17
C ARG A 42 0.15 6.09 16.99
N GLN A 43 -0.87 6.92 17.20
CA GLN A 43 -1.69 7.56 16.18
C GLN A 43 -0.84 8.46 15.29
N THR A 44 -0.25 9.47 15.88
CA THR A 44 0.57 10.47 15.20
C THR A 44 1.79 9.78 14.62
N ARG A 45 2.46 8.91 15.40
CA ARG A 45 3.58 8.17 14.89
C ARG A 45 3.18 7.36 13.68
N PHE A 46 2.01 6.74 13.68
CA PHE A 46 1.58 5.95 12.55
C PHE A 46 1.55 6.81 11.31
N GLN A 47 0.92 7.98 11.38
CA GLN A 47 0.92 8.84 10.20
C GLN A 47 2.34 9.33 9.91
N ASN A 48 3.26 9.43 10.88
CA ASN A 48 4.63 9.83 10.63
C ASN A 48 5.46 8.69 10.01
N ALA A 49 5.17 7.43 10.33
CA ALA A 49 5.84 6.24 9.82
C ALA A 49 5.31 5.89 8.43
N CYS A 50 4.02 6.11 8.21
CA CYS A 50 3.43 6.13 6.88
C CYS A 50 3.94 7.31 6.03
N ARG A 51 4.11 8.49 6.61
CA ARG A 51 4.72 9.63 5.94
C ARG A 51 6.19 9.32 5.63
N ASP A 52 6.88 8.60 6.51
CA ASP A 52 8.22 8.11 6.30
C ASP A 52 8.29 7.23 5.06
N GLY A 53 7.14 6.81 4.52
CA GLY A 53 7.02 6.13 3.26
C GLY A 53 6.73 4.69 3.60
N ARG A 54 7.49 3.76 3.00
CA ARG A 54 7.22 2.34 3.09
C ARG A 54 7.11 1.91 4.56
N SER A 55 6.32 0.88 4.81
CA SER A 55 5.82 0.63 6.17
C SER A 55 5.55 -0.89 6.33
N GLU A 56 4.75 -1.29 7.32
CA GLU A 56 4.38 -2.68 7.55
C GLU A 56 2.93 -2.82 8.02
N ILE A 57 2.06 -3.29 7.12
CA ILE A 57 0.64 -3.46 7.41
C ILE A 57 0.26 -4.89 7.04
N ALA A 58 -0.54 -5.53 7.87
CA ALA A 58 -1.00 -6.90 7.71
C ALA A 58 -2.46 -6.91 7.30
N PHE A 59 -2.94 -8.09 6.90
CA PHE A 59 -4.36 -8.33 6.65
C PHE A 59 -4.96 -9.10 7.79
N VAL A 60 -6.28 -9.16 7.82
CA VAL A 60 -7.04 -10.10 8.64
C VAL A 60 -7.47 -11.29 7.78
N ALA A 61 -7.80 -11.05 6.51
CA ALA A 61 -8.32 -12.03 5.53
C ALA A 61 -7.56 -13.35 5.54
N THR A 62 -6.24 -13.26 5.60
CA THR A 62 -5.33 -14.39 5.70
C THR A 62 -4.30 -14.17 6.81
N GLY A 63 -4.16 -12.97 7.36
CA GLY A 63 -3.01 -12.65 8.19
C GLY A 63 -1.75 -12.66 7.34
N THR A 64 -1.62 -11.67 6.47
CA THR A 64 -0.44 -11.50 5.65
C THR A 64 0.11 -10.13 6.00
N ASN A 65 1.09 -10.07 6.90
CA ASN A 65 1.98 -8.94 7.01
C ASN A 65 2.61 -8.73 5.64
N LEU A 66 2.49 -7.52 5.11
CA LEU A 66 2.79 -7.09 3.80
C LEU A 66 3.51 -5.78 4.06
N SER A 67 4.81 -5.78 3.84
CA SER A 67 5.61 -4.57 3.95
C SER A 67 5.11 -3.59 2.89
N LEU A 68 4.39 -2.56 3.33
CA LEU A 68 3.66 -1.64 2.48
C LEU A 68 4.66 -0.71 1.81
N GLN A 69 4.45 -0.31 0.55
CA GLN A 69 5.47 0.39 -0.21
C GLN A 69 4.83 1.54 -1.00
N PHE A 70 4.89 2.79 -0.52
CA PHE A 70 4.27 3.94 -1.21
C PHE A 70 5.27 4.47 -2.22
N PHE A 71 5.27 3.96 -3.45
CA PHE A 71 6.15 4.44 -4.49
C PHE A 71 5.35 4.83 -5.73
N PRO A 72 4.73 6.03 -5.75
CA PRO A 72 4.42 6.68 -7.02
C PRO A 72 5.70 6.81 -7.83
N ALA A 73 5.58 7.03 -9.14
CA ALA A 73 6.76 7.01 -10.00
C ALA A 73 7.75 8.14 -9.68
N SER A 74 7.34 9.17 -8.95
CA SER A 74 8.19 10.13 -8.28
C SER A 74 8.78 9.49 -7.00
N TRP A 75 9.78 8.62 -7.12
CA TRP A 75 10.42 8.04 -5.94
C TRP A 75 11.22 9.11 -5.20
N GLN A 76 11.39 8.94 -3.90
CA GLN A 76 12.27 9.70 -3.03
C GLN A 76 13.20 8.70 -2.33
N GLY A 77 12.75 8.11 -1.24
CA GLY A 77 13.36 7.01 -0.51
C GLY A 77 12.41 6.76 0.64
N GLU A 78 12.62 7.49 1.73
CA GLU A 78 11.71 7.62 2.85
C GLU A 78 11.38 9.11 3.07
N GLN A 79 10.70 9.46 4.16
CA GLN A 79 10.38 10.82 4.64
C GLN A 79 9.45 11.66 3.72
N ARG A 80 8.61 10.99 2.91
CA ARG A 80 7.65 11.54 1.95
C ARG A 80 8.27 12.46 0.89
N GLN A 81 7.51 12.75 -0.16
CA GLN A 81 7.72 13.86 -1.07
C GLN A 81 6.34 14.46 -1.31
N THR A 82 5.64 14.14 -2.40
CA THR A 82 4.30 14.67 -2.68
C THR A 82 3.37 13.56 -3.19
N PRO A 83 2.91 12.65 -2.31
CA PRO A 83 1.81 11.73 -2.58
C PRO A 83 0.50 12.52 -2.70
N SER A 84 -0.59 11.89 -3.11
CA SER A 84 -1.91 12.50 -3.08
C SER A 84 -2.53 12.23 -1.72
N ARG A 85 -3.62 12.96 -1.43
CA ARG A 85 -4.44 12.82 -0.22
C ARG A 85 -4.78 11.36 0.06
N GLU A 86 -5.17 10.60 -0.97
CA GLU A 86 -5.58 9.22 -0.80
C GLU A 86 -4.37 8.30 -0.57
N TYR A 87 -3.20 8.58 -1.17
CA TYR A 87 -1.97 7.81 -0.95
C TYR A 87 -1.52 8.03 0.51
N VAL A 88 -1.05 9.24 0.86
CA VAL A 88 -0.64 9.56 2.24
C VAL A 88 -0.90 11.05 2.52
N ASP A 89 -1.13 11.39 3.79
CA ASP A 89 -0.98 12.72 4.40
C ASP A 89 -2.14 13.67 4.02
N LEU A 90 -3.21 13.61 4.82
CA LEU A 90 -4.55 14.09 4.47
C LEU A 90 -5.24 14.89 5.58
N GLU A 91 -4.48 15.48 6.51
CA GLU A 91 -4.91 16.34 7.63
C GLU A 91 -5.72 15.62 8.73
N ARG A 92 -6.23 14.42 8.44
CA ARG A 92 -6.86 13.36 9.25
C ARG A 92 -8.36 13.35 8.91
N GLU A 93 -8.85 12.24 8.34
CA GLU A 93 -10.25 12.10 7.97
C GLU A 93 -11.08 11.71 9.20
N ALA A 94 -12.35 11.32 8.99
CA ALA A 94 -13.36 11.03 10.00
C ALA A 94 -13.03 9.77 10.79
N GLY A 95 -12.22 9.89 11.82
CA GLY A 95 -11.87 8.78 12.70
C GLY A 95 -11.03 7.69 12.03
N LYS A 96 -10.72 7.83 10.73
CA LYS A 96 -9.74 7.02 10.05
C LYS A 96 -8.77 7.95 9.35
N VAL A 97 -7.66 7.39 8.86
CA VAL A 97 -6.82 8.03 7.87
C VAL A 97 -6.98 7.21 6.59
N TYR A 98 -6.70 7.82 5.44
CA TYR A 98 -6.72 7.13 4.17
C TYR A 98 -5.31 6.64 3.89
N LEU A 99 -5.21 5.49 3.23
CA LEU A 99 -3.98 4.74 3.24
C LEU A 99 -3.97 3.91 1.97
N LYS A 100 -2.96 4.13 1.12
CA LYS A 100 -2.96 3.66 -0.26
C LYS A 100 -1.55 3.74 -0.81
N ALA A 101 -1.08 2.70 -1.48
CA ALA A 101 0.32 2.55 -1.85
C ALA A 101 0.45 1.65 -3.09
N PRO A 102 1.02 2.14 -4.20
CA PRO A 102 1.27 1.32 -5.36
C PRO A 102 2.50 0.46 -5.13
N MET A 103 2.24 -0.82 -5.10
CA MET A 103 3.18 -1.90 -4.95
C MET A 103 3.59 -2.35 -6.36
N ILE A 104 4.63 -3.17 -6.47
CA ILE A 104 4.90 -3.91 -7.71
C ILE A 104 5.33 -5.29 -7.26
N LEU A 105 4.37 -6.20 -7.25
CA LEU A 105 4.53 -7.55 -6.73
C LEU A 105 4.25 -8.49 -7.89
N ASN A 106 5.17 -9.41 -8.16
CA ASN A 106 5.07 -10.35 -9.27
C ASN A 106 4.77 -9.62 -10.59
N GLY A 107 5.35 -8.43 -10.76
CA GLY A 107 5.20 -7.57 -11.93
C GLY A 107 3.81 -6.94 -12.12
N VAL A 108 2.85 -7.21 -11.23
CA VAL A 108 1.59 -6.52 -11.19
C VAL A 108 1.82 -5.26 -10.35
N CYS A 109 1.68 -4.10 -10.97
CA CYS A 109 1.56 -2.86 -10.22
C CYS A 109 0.15 -2.85 -9.64
N VAL A 110 -0.03 -3.50 -8.49
CA VAL A 110 -1.25 -3.36 -7.72
C VAL A 110 -1.14 -2.13 -6.84
N ILE A 111 -2.27 -1.62 -6.39
CA ILE A 111 -2.34 -0.64 -5.34
C ILE A 111 -2.88 -1.42 -4.16
N TRP A 112 -2.14 -1.41 -3.07
CA TRP A 112 -2.73 -1.73 -1.79
C TRP A 112 -3.50 -0.49 -1.37
N LYS A 113 -4.78 -0.61 -1.06
CA LYS A 113 -5.69 0.52 -0.88
C LYS A 113 -6.67 0.26 0.25
N GLY A 114 -7.05 1.30 1.01
CA GLY A 114 -7.91 1.16 2.16
C GLY A 114 -7.98 2.44 2.99
N TRP A 115 -8.41 2.30 4.23
CA TRP A 115 -8.35 3.31 5.27
C TRP A 115 -7.95 2.61 6.57
N ILE A 116 -6.91 3.09 7.23
CA ILE A 116 -6.51 2.60 8.54
C ILE A 116 -7.18 3.54 9.54
N ASP A 117 -8.12 3.01 10.30
CA ASP A 117 -8.81 3.66 11.40
C ASP A 117 -7.84 4.08 12.51
N LEU A 118 -8.16 5.17 13.20
CA LEU A 118 -7.23 5.81 14.14
C LEU A 118 -7.14 5.06 15.48
N HIS A 119 -8.03 4.11 15.76
CA HIS A 119 -8.19 3.52 17.09
C HIS A 119 -6.93 2.76 17.55
N ARG A 120 -6.55 1.72 16.82
CA ARG A 120 -5.43 0.80 17.08
C ARG A 120 -4.54 0.66 15.85
N LEU A 121 -4.85 1.39 14.77
CA LEU A 121 -4.30 1.20 13.44
C LEU A 121 -4.68 -0.17 12.92
N ASP A 122 -5.95 -0.50 13.06
CA ASP A 122 -6.60 -1.53 12.27
C ASP A 122 -7.49 -0.78 11.29
N GLY A 123 -8.34 -1.46 10.53
CA GLY A 123 -9.24 -0.80 9.61
C GLY A 123 -9.47 -1.70 8.41
N MET A 124 -9.76 -1.12 7.24
CA MET A 124 -10.10 -1.85 6.03
C MET A 124 -9.07 -1.59 4.94
N GLY A 125 -8.80 -2.58 4.10
CA GLY A 125 -7.96 -2.44 2.94
C GLY A 125 -7.92 -3.75 2.15
N CYS A 126 -7.24 -3.71 1.01
CA CYS A 126 -7.29 -4.72 -0.04
C CYS A 126 -6.36 -4.32 -1.16
N LEU A 127 -6.41 -5.05 -2.28
CA LEU A 127 -5.65 -4.70 -3.47
C LEU A 127 -6.57 -4.25 -4.59
N GLU A 128 -6.01 -3.43 -5.47
CA GLU A 128 -6.57 -2.99 -6.74
C GLU A 128 -5.45 -3.01 -7.80
N PHE A 129 -5.75 -2.76 -9.08
CA PHE A 129 -4.72 -2.56 -10.12
C PHE A 129 -4.44 -1.06 -10.29
N ASP A 130 -3.18 -0.70 -10.57
CA ASP A 130 -2.78 0.67 -10.92
C ASP A 130 -2.51 0.76 -12.42
N GLU A 131 -3.48 1.24 -13.18
CA GLU A 131 -3.45 1.16 -14.64
C GLU A 131 -2.48 2.13 -15.30
N GLU A 132 -2.17 3.23 -14.62
CA GLU A 132 -1.04 4.07 -14.98
C GLU A 132 0.25 3.43 -14.53
N ARG A 133 0.37 3.10 -13.25
CA ARG A 133 1.72 2.93 -12.71
C ARG A 133 2.26 1.64 -13.35
N ALA A 134 1.39 0.68 -13.73
CA ALA A 134 1.70 -0.47 -14.55
C ALA A 134 2.28 -0.05 -15.89
N GLN A 135 1.63 0.85 -16.64
CA GLN A 135 2.20 1.36 -17.87
C GLN A 135 3.55 2.03 -17.62
N GLN A 136 3.71 2.73 -16.49
CA GLN A 136 4.92 3.47 -16.25
C GLN A 136 6.07 2.51 -15.91
N GLU A 137 5.77 1.43 -15.19
CA GLU A 137 6.74 0.40 -14.87
C GLU A 137 7.06 -0.46 -16.09
N ASP A 138 6.10 -0.63 -17.00
CA ASP A 138 6.30 -1.31 -18.27
C ASP A 138 7.33 -0.57 -19.10
N ALA A 139 7.31 0.77 -19.05
CA ALA A 139 8.35 1.61 -19.60
C ALA A 139 9.68 1.42 -18.87
N LEU A 140 9.65 1.36 -17.54
CA LEU A 140 10.85 1.14 -16.71
C LEU A 140 11.49 -0.22 -17.01
N ALA A 141 10.74 -1.19 -17.53
CA ALA A 141 11.27 -2.41 -18.13
C ALA A 141 11.87 -2.16 -19.53
N GLN A 142 12.42 -0.98 -19.78
CA GLN A 142 13.21 -0.62 -20.94
C GLN A 142 12.35 -0.66 -22.19
N GLN A 143 11.22 0.06 -22.17
CA GLN A 143 10.24 0.01 -23.24
C GLN A 143 9.96 1.41 -23.74
N GLY A 1 -11.12 -4.51 -28.52
CA GLY A 1 -11.34 -4.70 -27.08
C GLY A 1 -10.02 -4.83 -26.35
N SER A 2 -9.90 -5.92 -25.58
CA SER A 2 -8.84 -6.22 -24.63
C SER A 2 -9.07 -5.45 -23.33
N MET A 3 -8.50 -5.96 -22.24
CA MET A 3 -8.56 -5.36 -20.91
C MET A 3 -7.14 -5.31 -20.35
N PRO A 4 -6.50 -4.13 -20.31
CA PRO A 4 -5.16 -4.03 -19.75
C PRO A 4 -5.22 -4.44 -18.28
N ARG A 5 -4.16 -5.13 -17.86
CA ARG A 5 -3.97 -5.58 -16.49
C ARG A 5 -2.54 -5.40 -16.04
N VAL A 6 -1.63 -5.41 -17.01
CA VAL A 6 -0.22 -5.23 -16.89
C VAL A 6 0.22 -4.43 -18.13
N VAL A 7 1.29 -3.67 -17.99
CA VAL A 7 2.09 -3.15 -19.09
C VAL A 7 3.11 -4.25 -19.46
N PRO A 8 3.86 -4.18 -20.57
CA PRO A 8 4.77 -5.25 -20.93
C PRO A 8 5.94 -5.27 -19.96
N ASP A 9 6.79 -4.24 -20.06
CA ASP A 9 8.02 -4.12 -19.29
C ASP A 9 7.74 -3.44 -17.96
N GLN A 10 7.13 -4.18 -17.03
CA GLN A 10 6.62 -3.64 -15.77
C GLN A 10 7.72 -2.90 -15.00
N ARG A 11 8.94 -3.45 -14.90
CA ARG A 11 10.00 -2.80 -14.13
C ARG A 11 10.47 -1.49 -14.79
N SER A 12 10.39 -1.37 -16.12
CA SER A 12 10.72 -0.11 -16.77
C SER A 12 9.63 0.93 -16.50
N LYS A 13 8.35 0.54 -16.54
CA LYS A 13 7.27 1.47 -16.21
C LYS A 13 7.29 1.84 -14.74
N PHE A 14 7.64 0.94 -13.81
CA PHE A 14 7.84 1.21 -12.39
C PHE A 14 8.76 2.42 -12.20
N GLU A 15 9.86 2.46 -12.95
CA GLU A 15 10.80 3.57 -12.88
C GLU A 15 10.23 4.80 -13.58
N ASN A 16 9.55 4.62 -14.72
CA ASN A 16 9.15 5.70 -15.60
C ASN A 16 8.00 6.48 -15.01
N GLU A 17 6.85 5.82 -14.77
CA GLU A 17 5.58 6.47 -14.46
C GLU A 17 5.72 7.61 -13.45
N GLU A 18 5.36 8.82 -13.89
CA GLU A 18 5.48 10.02 -13.09
C GLU A 18 4.60 9.92 -11.84
N PHE A 19 3.57 9.07 -11.82
CA PHE A 19 2.82 8.78 -10.62
C PHE A 19 3.76 8.17 -9.59
N PHE A 20 4.58 7.18 -9.96
CA PHE A 20 5.53 6.56 -9.06
C PHE A 20 6.63 7.52 -8.66
N ARG A 21 7.09 8.40 -9.56
CA ARG A 21 8.11 9.41 -9.22
C ARG A 21 7.67 10.30 -8.06
N LYS A 22 6.39 10.65 -8.03
CA LYS A 22 5.82 11.52 -7.01
C LYS A 22 5.89 10.84 -5.65
N LEU A 23 5.69 9.53 -5.61
CA LEU A 23 5.81 8.74 -4.39
C LEU A 23 7.28 8.48 -4.06
N SER A 24 8.11 8.27 -5.08
CA SER A 24 9.52 7.97 -4.98
C SER A 24 9.84 6.77 -4.05
N ARG A 25 11.13 6.65 -3.72
CA ARG A 25 11.71 5.82 -2.67
C ARG A 25 11.41 6.47 -1.31
N GLU A 26 11.99 5.94 -0.24
CA GLU A 26 11.73 6.30 1.16
C GLU A 26 11.52 7.79 1.37
N CYS A 27 10.27 8.18 1.63
CA CYS A 27 9.81 9.53 1.91
C CYS A 27 8.74 9.53 3.01
N GLU A 28 8.35 10.72 3.44
CA GLU A 28 7.34 10.87 4.49
C GLU A 28 5.93 10.67 3.90
N ILE A 29 5.01 10.10 4.69
CA ILE A 29 3.63 9.76 4.32
C ILE A 29 2.68 10.07 5.48
N LYS A 30 1.38 10.13 5.20
CA LYS A 30 0.33 10.08 6.23
C LYS A 30 -0.86 9.27 5.80
N TYR A 31 -1.62 8.70 6.73
CA TYR A 31 -2.98 8.24 6.47
C TYR A 31 -3.84 9.49 6.22
N THR A 32 -4.91 9.40 5.42
CA THR A 32 -5.81 10.51 5.11
C THR A 32 -7.18 9.86 4.92
N GLY A 33 -8.00 9.86 5.97
CA GLY A 33 -9.29 9.19 6.05
C GLY A 33 -9.92 9.42 7.41
N PHE A 34 -10.67 8.45 7.96
CA PHE A 34 -11.28 8.58 9.30
C PHE A 34 -10.24 8.94 10.37
N ARG A 35 -8.94 8.68 10.13
CA ARG A 35 -7.86 9.10 11.01
C ARG A 35 -7.87 10.59 11.36
N ASP A 36 -8.52 11.42 10.54
CA ASP A 36 -8.41 12.88 10.57
C ASP A 36 -8.85 13.49 11.91
N ARG A 37 -9.66 12.76 12.70
CA ARG A 37 -10.12 13.12 14.05
C ARG A 37 -8.93 13.39 15.00
N PRO A 38 -9.18 14.00 16.18
CA PRO A 38 -8.23 14.02 17.28
C PRO A 38 -7.82 12.59 17.65
N HIS A 39 -6.64 12.48 18.27
CA HIS A 39 -5.93 11.21 18.26
C HIS A 39 -6.48 10.20 19.26
N GLU A 40 -6.06 8.95 19.07
CA GLU A 40 -6.22 7.77 19.92
C GLU A 40 -7.57 7.09 19.69
N GLU A 41 -8.51 7.81 19.08
CA GLU A 41 -9.90 7.41 18.92
C GLU A 41 -9.95 6.37 17.80
N ARG A 42 -9.08 6.56 16.79
CA ARG A 42 -8.95 5.69 15.64
C ARG A 42 -7.72 4.80 15.61
N GLN A 43 -6.69 4.96 16.45
CA GLN A 43 -5.46 4.14 16.43
C GLN A 43 -5.72 2.63 16.23
N THR A 44 -6.70 2.06 16.92
CA THR A 44 -7.12 0.67 16.67
C THR A 44 -7.83 0.52 15.31
N ARG A 45 -8.86 1.32 15.03
CA ARG A 45 -9.54 1.35 13.72
C ARG A 45 -8.56 1.52 12.57
N PHE A 46 -7.43 2.19 12.76
CA PHE A 46 -6.34 2.34 11.83
C PHE A 46 -5.87 0.99 11.32
N GLN A 47 -5.50 0.12 12.26
CA GLN A 47 -5.08 -1.22 11.94
C GLN A 47 -6.25 -2.04 11.37
N ASN A 48 -7.51 -1.65 11.60
CA ASN A 48 -8.65 -2.43 11.13
C ASN A 48 -9.23 -1.91 9.81
N ALA A 49 -9.01 -0.65 9.44
CA ALA A 49 -9.29 -0.07 8.13
C ALA A 49 -8.22 -0.53 7.13
N CYS A 50 -7.04 -0.84 7.64
CA CYS A 50 -6.02 -1.63 6.96
C CYS A 50 -6.47 -3.09 6.74
N ARG A 51 -7.17 -3.71 7.70
CA ARG A 51 -7.60 -5.11 7.57
C ARG A 51 -8.87 -5.23 6.79
N ASP A 52 -9.63 -4.15 6.68
CA ASP A 52 -10.83 -4.08 5.88
C ASP A 52 -10.49 -4.51 4.46
N GLY A 53 -9.24 -4.26 4.04
CA GLY A 53 -8.81 -4.59 2.68
C GLY A 53 -8.13 -3.35 2.16
N ARG A 54 -8.57 -2.80 1.03
CA ARG A 54 -8.06 -1.52 0.51
C ARG A 54 -8.16 -0.44 1.58
N SER A 55 -7.38 0.61 1.43
CA SER A 55 -7.54 1.81 2.26
C SER A 55 -7.17 3.08 1.50
N GLU A 56 -6.88 4.18 2.19
CA GLU A 56 -6.57 5.49 1.62
C GLU A 56 -5.46 6.09 2.48
N ILE A 57 -4.30 6.33 1.87
CA ILE A 57 -3.11 6.90 2.50
C ILE A 57 -2.66 8.03 1.56
N ALA A 58 -1.77 8.90 1.98
CA ALA A 58 -1.16 9.90 1.11
C ALA A 58 0.33 10.01 1.43
N PHE A 59 1.07 10.63 0.52
CA PHE A 59 2.45 11.04 0.77
C PHE A 59 2.48 12.46 1.33
N VAL A 60 3.66 12.88 1.78
CA VAL A 60 3.92 14.22 2.29
C VAL A 60 4.96 14.93 1.43
N ALA A 61 6.01 14.22 0.97
CA ALA A 61 7.14 14.81 0.28
C ALA A 61 6.67 15.59 -0.94
N THR A 62 6.08 14.90 -1.92
CA THR A 62 5.34 15.54 -2.99
C THR A 62 3.89 15.83 -2.55
N GLY A 63 3.29 14.98 -1.72
CA GLY A 63 1.86 15.08 -1.47
C GLY A 63 1.14 14.39 -2.61
N THR A 64 0.86 13.10 -2.48
CA THR A 64 -0.08 12.44 -3.37
C THR A 64 -0.94 11.53 -2.50
N ASN A 65 -2.23 11.84 -2.40
CA ASN A 65 -3.25 10.88 -2.00
C ASN A 65 -3.16 9.68 -2.94
N LEU A 66 -3.21 8.47 -2.38
CA LEU A 66 -3.29 7.26 -3.14
C LEU A 66 -4.16 6.26 -2.38
N SER A 67 -5.06 5.61 -3.09
CA SER A 67 -5.99 4.66 -2.52
C SER A 67 -5.24 3.34 -2.45
N LEU A 68 -4.86 2.94 -1.25
CA LEU A 68 -3.99 1.79 -1.06
C LEU A 68 -4.77 0.51 -1.30
N GLN A 69 -4.08 -0.54 -1.71
CA GLN A 69 -4.73 -1.76 -2.16
C GLN A 69 -4.03 -2.96 -1.48
N PHE A 70 -4.43 -3.32 -0.27
CA PHE A 70 -3.81 -4.44 0.47
C PHE A 70 -4.33 -5.77 -0.10
N PHE A 71 -3.95 -6.10 -1.34
CA PHE A 71 -4.54 -7.18 -2.12
C PHE A 71 -3.48 -8.19 -2.54
N PRO A 72 -3.17 -9.17 -1.69
CA PRO A 72 -2.41 -10.35 -2.09
C PRO A 72 -3.26 -11.21 -3.02
N ALA A 73 -2.62 -12.19 -3.64
CA ALA A 73 -3.19 -13.00 -4.71
C ALA A 73 -4.50 -13.72 -4.35
N SER A 74 -4.79 -14.03 -3.10
CA SER A 74 -6.13 -14.43 -2.67
C SER A 74 -6.88 -13.17 -2.26
N TRP A 75 -7.57 -12.51 -3.20
CA TRP A 75 -8.42 -11.39 -2.87
C TRP A 75 -9.63 -11.92 -2.13
N GLN A 76 -10.08 -11.16 -1.14
CA GLN A 76 -11.39 -11.19 -0.57
C GLN A 76 -11.91 -9.76 -0.37
N GLY A 77 -11.07 -8.84 0.12
CA GLY A 77 -11.41 -7.43 0.24
C GLY A 77 -12.54 -7.17 1.24
N GLU A 78 -12.64 -8.03 2.26
CA GLU A 78 -13.81 -8.16 3.09
C GLU A 78 -13.34 -8.52 4.51
N GLN A 79 -12.67 -7.58 5.19
CA GLN A 79 -12.04 -7.74 6.48
C GLN A 79 -11.21 -9.02 6.53
N ARG A 80 -10.01 -8.93 5.97
CA ARG A 80 -9.04 -10.01 6.06
C ARG A 80 -8.75 -10.26 7.54
N GLN A 81 -8.76 -11.53 7.94
CA GLN A 81 -8.45 -12.01 9.29
C GLN A 81 -6.98 -11.73 9.63
N THR A 82 -6.05 -12.56 9.14
CA THR A 82 -4.61 -12.36 9.28
C THR A 82 -4.05 -12.06 7.88
N PRO A 83 -3.94 -10.79 7.45
CA PRO A 83 -3.08 -10.40 6.34
C PRO A 83 -1.62 -10.80 6.64
N SER A 84 -0.69 -10.64 5.69
CA SER A 84 0.69 -11.02 6.03
C SER A 84 1.25 -9.98 7.01
N ARG A 85 2.35 -10.28 7.71
CA ARG A 85 2.82 -9.37 8.77
C ARG A 85 3.35 -8.08 8.18
N GLU A 86 3.94 -8.16 7.00
CA GLU A 86 4.42 -6.98 6.31
C GLU A 86 3.24 -6.20 5.71
N TYR A 87 2.19 -6.88 5.26
CA TYR A 87 1.02 -6.30 4.62
C TYR A 87 0.23 -5.47 5.61
N VAL A 88 -0.44 -6.14 6.55
CA VAL A 88 -1.18 -5.50 7.63
C VAL A 88 -1.17 -6.47 8.81
N ASP A 89 -0.99 -5.90 10.00
CA ASP A 89 -1.14 -6.51 11.32
C ASP A 89 0.02 -7.43 11.71
N LEU A 90 0.74 -6.93 12.70
CA LEU A 90 2.04 -7.32 13.22
C LEU A 90 2.08 -7.09 14.73
N GLU A 91 0.91 -7.05 15.38
CA GLU A 91 0.71 -6.88 16.82
C GLU A 91 1.13 -5.51 17.39
N ARG A 92 1.75 -4.66 16.56
CA ARG A 92 2.29 -3.31 16.69
C ARG A 92 3.81 -3.48 16.69
N GLU A 93 4.51 -2.84 15.76
CA GLU A 93 5.95 -2.75 15.80
C GLU A 93 6.32 -1.67 16.83
N ALA A 94 7.59 -1.27 16.88
CA ALA A 94 8.12 -0.29 17.84
C ALA A 94 7.45 1.06 17.66
N GLY A 95 6.37 1.30 18.39
CA GLY A 95 5.51 2.47 18.34
C GLY A 95 5.00 2.86 16.95
N LYS A 96 5.10 1.98 15.95
CA LYS A 96 4.58 2.18 14.61
C LYS A 96 3.80 0.91 14.25
N VAL A 97 3.06 0.95 13.14
CA VAL A 97 2.65 -0.26 12.45
C VAL A 97 3.37 -0.23 11.10
N TYR A 98 3.63 -1.40 10.53
CA TYR A 98 4.09 -1.53 9.17
C TYR A 98 2.87 -1.68 8.30
N LEU A 99 3.01 -1.41 7.01
CA LEU A 99 2.00 -1.50 6.01
C LEU A 99 2.68 -1.86 4.70
N LYS A 100 1.97 -2.58 3.84
CA LYS A 100 2.45 -2.99 2.52
C LYS A 100 1.26 -3.39 1.68
N ALA A 101 1.27 -2.99 0.41
CA ALA A 101 0.15 -3.22 -0.48
C ALA A 101 0.66 -3.23 -1.92
N PRO A 102 0.59 -4.36 -2.63
CA PRO A 102 0.89 -4.36 -4.04
C PRO A 102 -0.25 -3.66 -4.77
N MET A 103 0.09 -2.60 -5.51
CA MET A 103 -0.88 -1.85 -6.29
C MET A 103 -0.74 -2.23 -7.74
N ILE A 104 -1.86 -2.26 -8.45
CA ILE A 104 -1.87 -2.33 -9.91
C ILE A 104 -2.11 -0.89 -10.36
N LEU A 105 -1.06 -0.19 -10.76
CA LEU A 105 -1.11 1.20 -11.19
C LEU A 105 -0.47 1.27 -12.58
N ASN A 106 -1.18 1.79 -13.57
CA ASN A 106 -0.92 1.74 -15.02
C ASN A 106 -1.01 0.32 -15.59
N GLY A 107 -0.81 -0.69 -14.75
CA GLY A 107 -0.51 -2.07 -15.11
C GLY A 107 0.87 -2.49 -14.62
N VAL A 108 1.28 -1.97 -13.47
CA VAL A 108 2.51 -2.30 -12.81
C VAL A 108 2.12 -2.70 -11.40
N CYS A 109 2.42 -3.94 -11.03
CA CYS A 109 2.39 -4.37 -9.64
C CYS A 109 3.62 -3.79 -8.95
N VAL A 110 3.49 -2.56 -8.47
CA VAL A 110 4.46 -2.00 -7.55
C VAL A 110 4.08 -2.47 -6.15
N ILE A 111 5.06 -2.54 -5.26
CA ILE A 111 4.82 -2.60 -3.83
C ILE A 111 4.73 -1.15 -3.36
N TRP A 112 3.64 -0.77 -2.74
CA TRP A 112 3.65 0.39 -1.86
C TRP A 112 4.05 -0.21 -0.51
N LYS A 113 5.04 0.35 0.18
CA LYS A 113 5.43 -0.09 1.52
C LYS A 113 5.62 1.10 2.46
N GLY A 114 5.62 0.88 3.77
CA GLY A 114 6.04 1.88 4.74
C GLY A 114 5.72 1.48 6.17
N TRP A 115 6.11 2.33 7.12
CA TRP A 115 5.64 2.29 8.49
C TRP A 115 4.80 3.55 8.72
N ILE A 116 3.56 3.38 9.14
CA ILE A 116 2.77 4.48 9.68
C ILE A 116 2.91 4.36 11.19
N ASP A 117 3.67 5.29 11.75
CA ASP A 117 3.85 5.49 13.17
C ASP A 117 2.52 5.74 13.87
N LEU A 118 2.36 5.21 15.09
CA LEU A 118 1.06 5.15 15.76
C LEU A 118 0.62 6.53 16.25
N HIS A 119 1.52 7.51 16.32
CA HIS A 119 1.36 8.74 17.08
C HIS A 119 0.19 9.61 16.60
N ARG A 120 0.00 9.71 15.27
CA ARG A 120 -1.05 10.42 14.56
C ARG A 120 -1.36 9.74 13.24
N LEU A 121 -0.72 8.59 12.95
CA LEU A 121 -0.84 7.90 11.68
C LEU A 121 -0.20 8.75 10.57
N ASP A 122 0.89 9.43 10.90
CA ASP A 122 1.88 9.93 9.94
C ASP A 122 2.99 8.88 9.96
N GLY A 123 4.01 8.99 9.11
CA GLY A 123 5.17 8.13 9.18
C GLY A 123 5.92 8.19 7.86
N MET A 124 6.52 7.09 7.43
CA MET A 124 7.40 7.08 6.27
C MET A 124 7.19 5.81 5.47
N GLY A 125 7.28 5.93 4.15
CA GLY A 125 7.03 4.87 3.20
C GLY A 125 7.40 5.32 1.80
N CYS A 126 7.13 4.46 0.82
CA CYS A 126 7.59 4.62 -0.54
C CYS A 126 6.98 3.56 -1.45
N LEU A 127 7.44 3.56 -2.70
CA LEU A 127 7.25 2.44 -3.58
C LEU A 127 8.49 1.58 -3.62
N GLU A 128 8.27 0.38 -4.13
CA GLU A 128 9.19 -0.67 -4.55
C GLU A 128 8.45 -1.46 -5.66
N PHE A 129 9.04 -2.51 -6.22
CA PHE A 129 8.37 -3.36 -7.20
C PHE A 129 7.87 -4.64 -6.51
N ASP A 130 6.81 -5.28 -7.03
CA ASP A 130 6.37 -6.60 -6.58
C ASP A 130 6.51 -7.59 -7.73
N GLU A 131 7.65 -8.24 -7.90
CA GLU A 131 7.83 -9.17 -8.98
C GLU A 131 6.90 -10.38 -8.86
N GLU A 132 6.59 -10.83 -7.64
CA GLU A 132 5.73 -11.99 -7.47
C GLU A 132 4.31 -11.60 -7.84
N ARG A 133 3.79 -10.49 -7.31
CA ARG A 133 2.39 -10.17 -7.59
C ARG A 133 2.30 -9.60 -9.01
N ALA A 134 3.39 -9.09 -9.60
CA ALA A 134 3.51 -8.79 -11.02
C ALA A 134 3.36 -10.07 -11.81
N GLN A 135 4.13 -11.12 -11.49
CA GLN A 135 4.00 -12.39 -12.18
C GLN A 135 2.63 -13.02 -11.98
N GLN A 136 1.90 -12.72 -10.90
CA GLN A 136 0.52 -13.14 -10.77
C GLN A 136 -0.34 -12.38 -11.79
N GLU A 137 -0.27 -11.05 -11.83
CA GLU A 137 -1.10 -10.22 -12.70
C GLU A 137 -0.78 -10.45 -14.19
N ASP A 138 0.50 -10.68 -14.51
CA ASP A 138 0.99 -11.08 -15.84
C ASP A 138 0.30 -12.36 -16.27
N ALA A 139 0.31 -13.37 -15.40
CA ALA A 139 -0.32 -14.65 -15.68
C ALA A 139 -1.82 -14.47 -15.87
N LEU A 140 -2.45 -13.68 -15.00
CA LEU A 140 -3.87 -13.42 -15.01
C LEU A 140 -4.33 -12.67 -16.25
N ALA A 141 -3.44 -11.92 -16.90
CA ALA A 141 -3.65 -11.22 -18.16
C ALA A 141 -3.72 -12.21 -19.34
N GLN A 142 -4.73 -13.08 -19.30
CA GLN A 142 -5.05 -14.18 -20.18
C GLN A 142 -3.79 -14.86 -20.75
N GLN A 143 -2.88 -15.28 -19.87
CA GLN A 143 -1.59 -15.78 -20.30
C GLN A 143 -1.62 -17.29 -20.40
N GLY A 1 -11.52 -9.64 -26.53
CA GLY A 1 -11.26 -8.20 -26.50
C GLY A 1 -9.93 -7.88 -25.88
N SER A 2 -9.87 -6.89 -24.99
CA SER A 2 -8.66 -6.55 -24.25
C SER A 2 -9.13 -5.97 -22.92
N MET A 3 -8.68 -6.53 -21.81
CA MET A 3 -9.05 -6.10 -20.47
C MET A 3 -7.76 -6.01 -19.64
N PRO A 4 -7.15 -4.81 -19.53
CA PRO A 4 -5.79 -4.68 -19.04
C PRO A 4 -5.67 -4.89 -17.54
N ARG A 5 -4.45 -5.25 -17.14
CA ARG A 5 -3.96 -5.22 -15.76
C ARG A 5 -2.55 -4.69 -15.70
N VAL A 6 -1.79 -4.84 -16.79
CA VAL A 6 -0.40 -4.46 -16.92
C VAL A 6 -0.23 -3.57 -18.17
N VAL A 7 0.91 -2.89 -18.28
CA VAL A 7 1.47 -2.34 -19.51
C VAL A 7 2.41 -3.43 -20.10
N PRO A 8 3.11 -3.24 -21.25
CA PRO A 8 4.10 -4.23 -21.69
C PRO A 8 5.32 -4.19 -20.78
N ASP A 9 6.16 -3.18 -20.96
CA ASP A 9 7.39 -3.00 -20.17
C ASP A 9 7.05 -2.33 -18.83
N GLN A 10 6.57 -3.13 -17.88
CA GLN A 10 6.22 -2.67 -16.54
C GLN A 10 7.40 -1.96 -15.87
N ARG A 11 8.62 -2.45 -16.06
CA ARG A 11 9.82 -1.91 -15.41
C ARG A 11 10.10 -0.48 -15.87
N SER A 12 9.98 -0.21 -17.16
CA SER A 12 10.15 1.13 -17.69
C SER A 12 9.04 2.03 -17.16
N LYS A 13 7.81 1.54 -17.06
CA LYS A 13 6.71 2.34 -16.54
C LYS A 13 6.83 2.56 -15.02
N PHE A 14 7.39 1.62 -14.27
CA PHE A 14 7.73 1.78 -12.85
C PHE A 14 8.59 3.03 -12.67
N GLU A 15 9.51 3.28 -13.59
CA GLU A 15 10.26 4.52 -13.64
C GLU A 15 9.42 5.68 -14.18
N ASN A 16 8.72 5.51 -15.30
CA ASN A 16 8.22 6.60 -16.14
C ASN A 16 6.86 7.16 -15.71
N GLU A 17 6.04 6.41 -14.98
CA GLU A 17 4.92 6.96 -14.23
C GLU A 17 5.42 8.10 -13.33
N GLU A 18 5.05 9.34 -13.65
CA GLU A 18 5.34 10.48 -12.78
C GLU A 18 4.61 10.31 -11.43
N PHE A 19 3.54 9.52 -11.40
CA PHE A 19 2.84 9.16 -10.18
C PHE A 19 3.82 8.50 -9.24
N PHE A 20 4.57 7.47 -9.67
CA PHE A 20 5.56 6.87 -8.80
C PHE A 20 6.71 7.82 -8.51
N ARG A 21 7.13 8.67 -9.47
CA ARG A 21 8.17 9.67 -9.18
C ARG A 21 7.75 10.70 -8.14
N LYS A 22 6.46 10.83 -7.83
CA LYS A 22 6.01 11.66 -6.73
C LYS A 22 6.15 10.89 -5.42
N LEU A 23 5.72 9.64 -5.37
CA LEU A 23 5.79 8.80 -4.18
C LEU A 23 7.17 8.24 -3.91
N SER A 24 8.11 8.35 -4.87
CA SER A 24 9.27 7.49 -4.90
C SER A 24 10.13 7.67 -3.64
N ARG A 25 10.91 6.62 -3.35
CA ARG A 25 11.94 6.55 -2.34
C ARG A 25 11.41 6.93 -0.94
N GLU A 26 12.26 6.81 0.08
CA GLU A 26 11.80 6.81 1.47
C GLU A 26 11.54 8.22 1.97
N CYS A 27 10.26 8.52 2.20
CA CYS A 27 9.76 9.80 2.67
C CYS A 27 8.73 9.59 3.78
N GLU A 28 8.35 10.69 4.43
CA GLU A 28 7.27 10.68 5.40
C GLU A 28 5.93 10.51 4.66
N ILE A 29 4.95 9.91 5.34
CA ILE A 29 3.62 9.57 4.87
C ILE A 29 2.60 9.86 5.97
N LYS A 30 1.33 9.97 5.58
CA LYS A 30 0.22 10.14 6.55
C LYS A 30 -1.00 9.31 6.16
N TYR A 31 -1.86 8.87 7.08
CA TYR A 31 -3.18 8.42 6.67
C TYR A 31 -3.95 9.55 5.98
N THR A 32 -4.92 9.20 5.15
CA THR A 32 -5.95 10.13 4.66
C THR A 32 -7.33 9.43 4.58
N GLY A 33 -7.41 8.16 5.02
CA GLY A 33 -8.61 7.38 5.19
C GLY A 33 -9.23 7.58 6.57
N PHE A 34 -9.75 6.49 7.15
CA PHE A 34 -10.72 6.49 8.23
C PHE A 34 -10.21 7.09 9.54
N ARG A 35 -8.89 7.22 9.72
CA ARG A 35 -8.26 7.86 10.88
C ARG A 35 -8.81 9.27 11.10
N ASP A 36 -9.43 9.92 10.13
CA ASP A 36 -9.88 11.30 10.31
C ASP A 36 -10.99 11.50 11.36
N ARG A 37 -11.48 10.43 11.99
CA ARG A 37 -12.17 10.49 13.28
C ARG A 37 -11.29 11.25 14.30
N PRO A 38 -11.80 11.67 15.48
CA PRO A 38 -10.93 12.19 16.52
C PRO A 38 -10.03 11.07 17.08
N HIS A 39 -8.99 11.42 17.84
CA HIS A 39 -8.05 10.43 18.37
C HIS A 39 -8.67 9.56 19.47
N GLU A 40 -7.84 8.67 20.02
CA GLU A 40 -8.04 8.06 21.32
C GLU A 40 -8.97 6.85 21.27
N GLU A 41 -9.39 6.46 20.05
CA GLU A 41 -9.93 5.15 19.74
C GLU A 41 -9.58 4.78 18.28
N ARG A 42 -8.48 5.29 17.73
CA ARG A 42 -8.14 5.09 16.31
C ARG A 42 -7.14 3.97 16.09
N GLN A 43 -6.17 3.76 16.97
CA GLN A 43 -4.95 3.02 16.67
C GLN A 43 -5.22 1.55 16.34
N THR A 44 -6.05 0.88 17.11
CA THR A 44 -6.44 -0.51 16.82
C THR A 44 -7.44 -0.58 15.67
N ARG A 45 -8.40 0.35 15.57
CA ARG A 45 -9.29 0.42 14.42
C ARG A 45 -8.49 0.58 13.15
N PHE A 46 -7.38 1.29 13.22
CA PHE A 46 -6.52 1.53 12.09
C PHE A 46 -6.04 0.21 11.50
N GLN A 47 -5.51 -0.70 12.33
CA GLN A 47 -5.15 -2.02 11.83
C GLN A 47 -6.38 -2.79 11.36
N ASN A 48 -7.53 -2.68 12.03
CA ASN A 48 -8.68 -3.49 11.62
C ASN A 48 -9.28 -3.00 10.31
N ALA A 49 -9.25 -1.69 10.05
CA ALA A 49 -9.68 -1.08 8.80
C ALA A 49 -8.62 -1.25 7.70
N CYS A 50 -7.35 -1.43 8.06
CA CYS A 50 -6.32 -1.94 7.15
C CYS A 50 -6.65 -3.39 6.74
N ARG A 51 -7.03 -4.25 7.68
CA ARG A 51 -7.35 -5.66 7.46
C ARG A 51 -8.63 -5.80 6.64
N ASP A 52 -9.55 -4.86 6.85
CA ASP A 52 -10.77 -4.66 6.08
C ASP A 52 -10.44 -4.41 4.61
N GLY A 53 -9.18 -4.15 4.25
CA GLY A 53 -8.73 -4.15 2.88
C GLY A 53 -8.35 -2.75 2.45
N ARG A 54 -8.71 -2.36 1.22
CA ARG A 54 -8.18 -1.14 0.60
C ARG A 54 -8.40 0.06 1.50
N SER A 55 -7.54 1.05 1.36
CA SER A 55 -7.59 2.25 2.19
C SER A 55 -7.24 3.54 1.45
N GLU A 56 -6.90 4.59 2.19
CA GLU A 56 -6.48 5.90 1.72
C GLU A 56 -5.28 6.31 2.58
N ILE A 57 -4.08 6.37 1.99
CA ILE A 57 -2.87 6.84 2.68
C ILE A 57 -2.23 7.86 1.73
N ALA A 58 -1.58 8.88 2.26
CA ALA A 58 -0.93 9.93 1.49
C ALA A 58 0.56 9.97 1.80
N PHE A 59 1.30 10.69 0.97
CA PHE A 59 2.69 11.04 1.26
C PHE A 59 2.79 12.42 1.91
N VAL A 60 3.98 12.80 2.34
CA VAL A 60 4.28 14.11 2.91
C VAL A 60 5.22 14.89 1.98
N ALA A 61 6.29 14.25 1.50
CA ALA A 61 7.25 14.87 0.60
C ALA A 61 6.60 15.43 -0.67
N THR A 62 5.45 14.87 -1.07
CA THR A 62 4.68 15.26 -2.23
C THR A 62 3.21 15.52 -1.90
N GLY A 63 2.65 14.78 -0.94
CA GLY A 63 1.23 14.87 -0.64
C GLY A 63 0.40 14.39 -1.82
N THR A 64 0.63 13.16 -2.25
CA THR A 64 -0.28 12.48 -3.14
C THR A 64 -1.08 11.59 -2.20
N ASN A 65 -2.38 11.85 -2.10
CA ASN A 65 -3.37 10.92 -1.62
C ASN A 65 -3.41 9.75 -2.60
N LEU A 66 -3.03 8.56 -2.16
CA LEU A 66 -3.31 7.35 -2.89
C LEU A 66 -4.27 6.48 -2.11
N SER A 67 -5.01 5.66 -2.82
CA SER A 67 -5.98 4.77 -2.25
C SER A 67 -5.30 3.42 -2.25
N LEU A 68 -4.86 3.00 -1.06
CA LEU A 68 -3.97 1.87 -0.90
C LEU A 68 -4.76 0.59 -1.12
N GLN A 69 -4.11 -0.49 -1.55
CA GLN A 69 -4.83 -1.70 -1.96
C GLN A 69 -4.09 -2.93 -1.43
N PHE A 70 -4.49 -3.46 -0.27
CA PHE A 70 -3.82 -4.59 0.39
C PHE A 70 -4.30 -5.90 -0.25
N PHE A 71 -4.06 -6.02 -1.55
CA PHE A 71 -4.47 -7.07 -2.46
C PHE A 71 -3.25 -7.71 -3.10
N PRO A 72 -2.82 -8.94 -2.70
CA PRO A 72 -1.82 -9.71 -3.45
C PRO A 72 -2.49 -10.22 -4.75
N ALA A 73 -2.04 -11.33 -5.34
CA ALA A 73 -2.78 -11.94 -6.45
C ALA A 73 -3.97 -12.75 -5.92
N SER A 74 -3.79 -13.43 -4.78
CA SER A 74 -4.76 -14.35 -4.20
C SER A 74 -5.54 -13.65 -3.09
N TRP A 75 -6.74 -13.15 -3.35
CA TRP A 75 -7.57 -12.47 -2.37
C TRP A 75 -9.04 -12.78 -2.61
N GLN A 76 -9.80 -12.58 -1.54
CA GLN A 76 -11.22 -12.87 -1.44
C GLN A 76 -12.02 -11.83 -2.22
N GLY A 77 -11.69 -10.55 -2.02
CA GLY A 77 -12.39 -9.38 -2.56
C GLY A 77 -11.96 -8.21 -1.69
N GLU A 78 -12.62 -8.05 -0.55
CA GLU A 78 -12.30 -7.06 0.48
C GLU A 78 -12.42 -7.77 1.84
N GLN A 79 -11.86 -7.20 2.91
CA GLN A 79 -11.62 -7.81 4.20
C GLN A 79 -10.88 -9.12 4.05
N ARG A 80 -9.55 -9.03 4.09
CA ARG A 80 -8.80 -10.25 4.40
C ARG A 80 -9.33 -10.94 5.64
N GLN A 81 -9.50 -12.25 5.55
CA GLN A 81 -9.62 -13.12 6.72
C GLN A 81 -8.24 -13.38 7.31
N THR A 82 -7.17 -13.22 6.53
CA THR A 82 -5.77 -13.27 6.96
C THR A 82 -4.96 -12.49 5.91
N PRO A 83 -4.47 -11.28 6.23
CA PRO A 83 -3.45 -10.59 5.42
C PRO A 83 -2.12 -11.36 5.43
N SER A 84 -1.10 -10.89 4.71
CA SER A 84 0.26 -11.30 5.05
C SER A 84 0.71 -10.48 6.26
N ARG A 85 1.78 -10.90 6.96
CA ARG A 85 2.38 -10.16 8.08
C ARG A 85 2.62 -8.73 7.65
N GLU A 86 3.28 -8.58 6.50
CA GLU A 86 3.83 -7.31 6.13
C GLU A 86 2.72 -6.38 5.64
N TYR A 87 1.68 -6.95 5.05
CA TYR A 87 0.62 -6.21 4.40
C TYR A 87 -0.24 -5.55 5.48
N VAL A 88 -0.81 -6.36 6.39
CA VAL A 88 -1.47 -5.86 7.59
C VAL A 88 -1.23 -6.87 8.73
N ASP A 89 -1.10 -6.41 9.98
CA ASP A 89 -1.17 -7.16 11.24
C ASP A 89 0.01 -8.13 11.45
N LEU A 90 1.03 -7.63 12.15
CA LEU A 90 2.26 -8.31 12.50
C LEU A 90 2.10 -8.77 13.94
N GLU A 91 2.58 -8.01 14.92
CA GLU A 91 2.34 -8.17 16.35
C GLU A 91 2.67 -6.85 17.08
N ARG A 92 2.06 -5.74 16.66
CA ARG A 92 2.28 -4.37 17.15
C ARG A 92 3.76 -4.04 17.32
N GLU A 93 4.37 -3.52 16.25
CA GLU A 93 5.78 -3.14 16.30
C GLU A 93 5.95 -1.92 17.21
N ALA A 94 7.20 -1.48 17.35
CA ALA A 94 7.67 -0.45 18.27
C ALA A 94 6.92 0.88 18.08
N GLY A 95 5.77 1.00 18.73
CA GLY A 95 4.78 2.05 18.58
C GLY A 95 4.41 2.39 17.15
N LYS A 96 4.69 1.53 16.18
CA LYS A 96 4.30 1.71 14.79
C LYS A 96 3.68 0.39 14.32
N VAL A 97 3.03 0.41 13.18
CA VAL A 97 2.72 -0.80 12.44
C VAL A 97 3.37 -0.67 11.08
N TYR A 98 3.76 -1.79 10.50
CA TYR A 98 4.25 -1.84 9.14
C TYR A 98 3.02 -2.01 8.27
N LEU A 99 3.09 -1.63 7.00
CA LEU A 99 2.04 -1.75 6.04
C LEU A 99 2.67 -2.02 4.69
N LYS A 100 1.92 -2.64 3.79
CA LYS A 100 2.39 -2.97 2.45
C LYS A 100 1.18 -3.28 1.59
N ALA A 101 1.20 -2.82 0.35
CA ALA A 101 0.08 -2.99 -0.56
C ALA A 101 0.60 -2.84 -1.99
N PRO A 102 0.66 -3.94 -2.78
CA PRO A 102 0.95 -3.83 -4.20
C PRO A 102 -0.25 -3.25 -4.91
N MET A 103 -0.02 -2.12 -5.55
CA MET A 103 -0.95 -1.28 -6.28
C MET A 103 -1.09 -1.79 -7.70
N ILE A 104 -1.99 -1.21 -8.49
CA ILE A 104 -1.97 -1.25 -9.94
C ILE A 104 -2.45 0.14 -10.39
N LEU A 105 -1.60 0.92 -11.08
CA LEU A 105 -1.95 2.24 -11.60
C LEU A 105 -2.11 2.13 -13.12
N ASN A 106 -1.16 2.60 -13.94
CA ASN A 106 -1.25 2.51 -15.41
C ASN A 106 -1.22 1.07 -15.91
N GLY A 107 -0.83 0.13 -15.06
CA GLY A 107 -0.57 -1.25 -15.40
C GLY A 107 0.83 -1.65 -14.93
N VAL A 108 1.17 -1.23 -13.72
CA VAL A 108 2.42 -1.52 -13.07
C VAL A 108 2.04 -1.92 -11.66
N CYS A 109 2.45 -3.11 -11.22
CA CYS A 109 2.21 -3.51 -9.85
C CYS A 109 3.43 -3.16 -9.00
N VAL A 110 3.47 -1.89 -8.59
CA VAL A 110 4.45 -1.43 -7.62
C VAL A 110 3.92 -1.76 -6.24
N ILE A 111 4.82 -1.83 -5.29
CA ILE A 111 4.50 -1.96 -3.89
C ILE A 111 4.54 -0.58 -3.30
N TRP A 112 3.46 -0.18 -2.65
CA TRP A 112 3.56 0.89 -1.69
C TRP A 112 3.92 0.14 -0.40
N LYS A 113 4.95 0.59 0.32
CA LYS A 113 5.30 0.06 1.64
C LYS A 113 5.53 1.19 2.63
N GLY A 114 5.53 0.87 3.93
CA GLY A 114 5.96 1.83 4.95
C GLY A 114 5.73 1.30 6.34
N TRP A 115 6.05 2.11 7.35
CA TRP A 115 5.61 1.95 8.71
C TRP A 115 4.84 3.21 9.10
N ILE A 116 3.55 3.03 9.38
CA ILE A 116 2.69 4.07 9.89
C ILE A 116 2.79 3.94 11.42
N ASP A 117 3.48 4.90 12.02
CA ASP A 117 3.54 5.09 13.46
C ASP A 117 2.16 5.36 14.05
N LEU A 118 1.90 4.78 15.21
CA LEU A 118 0.59 4.77 15.85
C LEU A 118 0.20 6.14 16.40
N HIS A 119 1.12 7.11 16.47
CA HIS A 119 0.94 8.36 17.20
C HIS A 119 -0.19 9.24 16.65
N ARG A 120 -0.48 9.13 15.34
CA ARG A 120 -1.46 9.84 14.54
C ARG A 120 -1.69 9.12 13.22
N LEU A 121 -1.02 7.98 13.02
CA LEU A 121 -1.07 7.26 11.77
C LEU A 121 -0.41 8.13 10.71
N ASP A 122 0.71 8.77 11.07
CA ASP A 122 1.68 9.32 10.15
C ASP A 122 2.95 8.48 10.36
N GLY A 123 3.98 8.62 9.54
CA GLY A 123 5.15 7.76 9.64
C GLY A 123 5.97 7.83 8.37
N MET A 124 6.61 6.73 7.96
CA MET A 124 7.56 6.72 6.85
C MET A 124 7.17 5.63 5.86
N GLY A 125 7.37 5.84 4.57
CA GLY A 125 7.10 4.85 3.54
C GLY A 125 7.67 5.27 2.20
N CYS A 126 7.43 4.45 1.19
CA CYS A 126 7.93 4.64 -0.15
C CYS A 126 7.19 3.74 -1.13
N LEU A 127 7.65 3.75 -2.38
CA LEU A 127 7.35 2.68 -3.31
C LEU A 127 8.51 1.69 -3.39
N GLU A 128 8.19 0.52 -3.91
CA GLU A 128 9.04 -0.58 -4.34
C GLU A 128 8.37 -1.17 -5.59
N PHE A 129 8.95 -2.22 -6.17
CA PHE A 129 8.43 -2.98 -7.30
C PHE A 129 8.30 -4.41 -6.81
N ASP A 130 7.21 -5.10 -7.13
CA ASP A 130 7.06 -6.52 -6.76
C ASP A 130 7.13 -7.38 -8.01
N GLU A 131 8.31 -7.93 -8.27
CA GLU A 131 8.61 -8.67 -9.47
C GLU A 131 7.74 -9.91 -9.59
N GLU A 132 7.51 -10.63 -8.50
CA GLU A 132 6.72 -11.86 -8.52
C GLU A 132 5.24 -11.57 -8.71
N ARG A 133 4.71 -10.53 -8.05
CA ARG A 133 3.33 -10.13 -8.28
C ARG A 133 3.21 -9.61 -9.72
N ALA A 134 4.22 -8.92 -10.25
CA ALA A 134 4.16 -8.35 -11.59
C ALA A 134 4.20 -9.45 -12.64
N GLN A 135 5.02 -10.50 -12.45
CA GLN A 135 4.95 -11.70 -13.26
C GLN A 135 3.58 -12.35 -13.15
N GLN A 136 2.96 -12.37 -11.96
CA GLN A 136 1.67 -13.01 -11.86
C GLN A 136 0.60 -12.14 -12.53
N GLU A 137 0.69 -10.80 -12.47
CA GLU A 137 -0.29 -9.95 -13.08
C GLU A 137 -0.12 -9.92 -14.60
N ASP A 138 1.11 -10.11 -15.09
CA ASP A 138 1.42 -10.33 -16.50
C ASP A 138 0.71 -11.58 -16.99
N ALA A 139 0.72 -12.66 -16.20
CA ALA A 139 0.03 -13.91 -16.52
C ALA A 139 -1.50 -13.74 -16.44
N LEU A 140 -1.99 -13.03 -15.42
CA LEU A 140 -3.39 -12.77 -15.16
C LEU A 140 -4.01 -11.78 -16.13
N ALA A 141 -3.18 -10.99 -16.83
CA ALA A 141 -3.55 -10.21 -18.00
C ALA A 141 -3.73 -11.11 -19.23
N GLN A 142 -4.44 -12.22 -19.04
CA GLN A 142 -4.85 -13.20 -20.02
C GLN A 142 -3.65 -13.59 -20.89
N GLN A 143 -2.56 -14.04 -20.26
CA GLN A 143 -1.42 -14.65 -20.93
C GLN A 143 -1.46 -16.15 -20.68
N GLY A 1 10.37 -10.75 -22.60
CA GLY A 1 11.66 -11.46 -22.72
C GLY A 1 12.78 -10.50 -22.42
N SER A 2 13.71 -10.89 -21.54
CA SER A 2 14.73 -10.01 -20.95
C SER A 2 14.13 -8.71 -20.41
N MET A 3 12.90 -8.79 -19.89
CA MET A 3 12.08 -7.64 -19.52
C MET A 3 11.52 -7.87 -18.12
N PRO A 4 12.33 -7.65 -17.07
CA PRO A 4 11.90 -7.71 -15.68
C PRO A 4 11.18 -6.41 -15.29
N ARG A 5 11.00 -6.20 -13.98
CA ARG A 5 10.18 -5.21 -13.32
C ARG A 5 8.72 -5.58 -13.46
N VAL A 6 8.35 -6.32 -14.50
CA VAL A 6 6.97 -6.56 -14.87
C VAL A 6 6.80 -8.02 -15.31
N VAL A 7 5.54 -8.40 -15.48
CA VAL A 7 5.09 -9.53 -16.28
C VAL A 7 4.39 -8.96 -17.53
N PRO A 8 4.13 -9.75 -18.58
CA PRO A 8 3.47 -9.22 -19.77
C PRO A 8 2.03 -8.86 -19.45
N ASP A 9 1.19 -9.88 -19.25
CA ASP A 9 -0.22 -9.68 -18.87
C ASP A 9 -0.31 -9.36 -17.38
N GLN A 10 -0.10 -8.09 -17.04
CA GLN A 10 -0.19 -7.62 -15.68
C GLN A 10 -1.62 -7.79 -15.14
N ARG A 11 -2.64 -7.51 -15.97
CA ARG A 11 -4.01 -7.41 -15.48
C ARG A 11 -4.55 -8.77 -15.08
N SER A 12 -4.21 -9.85 -15.78
CA SER A 12 -4.66 -11.15 -15.29
C SER A 12 -3.67 -11.67 -14.25
N LYS A 13 -2.40 -11.24 -14.21
CA LYS A 13 -1.56 -11.64 -13.06
C LYS A 13 -2.04 -10.99 -11.76
N PHE A 14 -2.66 -9.81 -11.81
CA PHE A 14 -3.34 -9.15 -10.70
C PHE A 14 -4.43 -10.03 -10.05
N GLU A 15 -4.98 -10.99 -10.80
CA GLU A 15 -5.95 -11.95 -10.28
C GLU A 15 -5.32 -13.35 -10.10
N ASN A 16 -4.31 -13.71 -10.91
CA ASN A 16 -3.72 -15.04 -10.97
C ASN A 16 -2.61 -15.26 -9.96
N GLU A 17 -1.92 -14.24 -9.45
CA GLU A 17 -1.21 -14.42 -8.21
C GLU A 17 -2.18 -14.74 -7.06
N GLU A 18 -2.07 -15.96 -6.55
CA GLU A 18 -2.80 -16.42 -5.38
C GLU A 18 -2.51 -15.54 -4.15
N PHE A 19 -1.38 -14.83 -4.14
CA PHE A 19 -1.05 -13.85 -3.14
C PHE A 19 -2.09 -12.73 -3.16
N PHE A 20 -2.39 -12.15 -4.33
CA PHE A 20 -3.43 -11.12 -4.40
C PHE A 20 -4.80 -11.69 -4.07
N ARG A 21 -5.08 -12.96 -4.34
CA ARG A 21 -6.37 -13.57 -3.96
C ARG A 21 -6.60 -13.55 -2.46
N LYS A 22 -5.56 -13.64 -1.64
CA LYS A 22 -5.71 -13.52 -0.19
C LYS A 22 -6.25 -12.14 0.15
N LEU A 23 -5.67 -11.12 -0.47
CA LEU A 23 -5.94 -9.71 -0.18
C LEU A 23 -7.28 -9.31 -0.79
N SER A 24 -7.62 -9.91 -1.93
CA SER A 24 -8.91 -9.82 -2.58
C SER A 24 -9.32 -8.36 -2.86
N ARG A 25 -10.63 -8.12 -2.96
CA ARG A 25 -11.28 -6.81 -2.98
C ARG A 25 -11.67 -6.44 -1.53
N GLU A 26 -12.51 -5.41 -1.32
CA GLU A 26 -12.71 -4.73 -0.04
C GLU A 26 -12.92 -5.70 1.13
N CYS A 27 -11.94 -5.75 2.03
CA CYS A 27 -11.90 -6.60 3.22
C CYS A 27 -11.19 -5.89 4.38
N GLU A 28 -11.09 -6.55 5.52
CA GLU A 28 -10.50 -6.02 6.75
C GLU A 28 -8.96 -6.07 6.71
N ILE A 29 -8.27 -5.10 7.34
CA ILE A 29 -6.81 -4.96 7.38
C ILE A 29 -6.31 -4.48 8.74
N LYS A 30 -5.00 -4.65 9.00
CA LYS A 30 -4.38 -4.24 10.26
C LYS A 30 -2.91 -3.90 10.07
N TYR A 31 -2.42 -2.81 10.67
CA TYR A 31 -1.01 -2.48 10.68
C TYR A 31 -0.24 -3.54 11.46
N THR A 32 0.97 -3.86 11.03
CA THR A 32 1.80 -4.91 11.62
C THR A 32 3.25 -4.47 11.88
N GLY A 33 3.69 -3.35 11.30
CA GLY A 33 5.02 -2.79 11.50
C GLY A 33 5.22 -2.16 12.88
N PHE A 34 5.63 -0.90 12.92
CA PHE A 34 6.09 -0.17 14.10
C PHE A 34 5.00 -0.06 15.19
N ARG A 35 3.73 -0.32 14.84
CA ARG A 35 2.55 -0.29 15.70
C ARG A 35 2.66 -1.17 16.94
N ASP A 36 3.57 -2.14 16.98
CA ASP A 36 3.62 -3.20 17.99
C ASP A 36 3.89 -2.73 19.43
N ARG A 37 4.26 -1.47 19.64
CA ARG A 37 4.38 -0.85 20.96
C ARG A 37 3.01 -0.72 21.63
N PRO A 38 2.93 -0.33 22.92
CA PRO A 38 1.67 -0.04 23.56
C PRO A 38 0.95 1.10 22.84
N HIS A 39 -0.37 1.17 23.07
CA HIS A 39 -1.20 2.27 22.64
C HIS A 39 -0.92 3.53 23.45
N GLU A 40 -1.66 4.61 23.16
CA GLU A 40 -1.69 5.91 23.83
C GLU A 40 -0.55 6.78 23.28
N GLU A 41 0.53 6.16 22.82
CA GLU A 41 1.69 6.70 22.14
C GLU A 41 1.95 5.77 20.96
N ARG A 42 0.99 5.72 20.03
CA ARG A 42 1.27 5.13 18.72
C ARG A 42 0.49 5.76 17.58
N GLN A 43 -0.67 6.37 17.78
CA GLN A 43 -1.53 6.84 16.69
C GLN A 43 -0.88 7.99 15.92
N THR A 44 -0.43 9.05 16.58
CA THR A 44 0.21 10.16 15.85
C THR A 44 1.55 9.73 15.25
N ARG A 45 2.31 8.89 15.96
CA ARG A 45 3.47 8.23 15.40
C ARG A 45 3.11 7.44 14.18
N PHE A 46 1.98 6.77 14.17
CA PHE A 46 1.57 5.91 13.08
C PHE A 46 1.48 6.74 11.80
N GLN A 47 0.88 7.93 11.85
CA GLN A 47 0.89 8.80 10.68
C GLN A 47 2.31 9.22 10.32
N ASN A 48 3.19 9.48 11.29
CA ASN A 48 4.53 9.95 10.92
C ASN A 48 5.43 8.81 10.45
N ALA A 49 5.18 7.58 10.92
CA ALA A 49 5.89 6.39 10.55
C ALA A 49 5.40 5.88 9.18
N CYS A 50 4.11 6.02 8.92
CA CYS A 50 3.53 5.87 7.58
C CYS A 50 3.98 6.97 6.60
N ARG A 51 4.54 8.09 7.10
CA ARG A 51 5.08 9.17 6.29
C ARG A 51 6.56 8.91 6.05
N ASP A 52 7.22 8.22 6.98
CA ASP A 52 8.65 7.90 6.97
C ASP A 52 9.04 7.22 5.68
N GLY A 53 8.09 6.48 5.12
CA GLY A 53 8.22 5.87 3.80
C GLY A 53 7.43 4.57 3.81
N ARG A 54 7.96 3.58 3.11
CA ARG A 54 7.39 2.25 3.00
C ARG A 54 7.13 1.67 4.39
N SER A 55 6.24 0.68 4.46
CA SER A 55 5.83 0.12 5.74
C SER A 55 5.38 -1.34 5.64
N GLU A 56 4.69 -1.83 6.67
CA GLU A 56 4.33 -3.23 6.82
C GLU A 56 2.92 -3.26 7.42
N ILE A 57 1.97 -3.70 6.59
CA ILE A 57 0.55 -3.71 6.92
C ILE A 57 0.02 -5.08 6.49
N ALA A 58 -0.92 -5.64 7.24
CA ALA A 58 -1.46 -6.97 7.03
C ALA A 58 -2.93 -6.88 6.64
N PHE A 59 -3.47 -7.98 6.15
CA PHE A 59 -4.91 -8.16 6.10
C PHE A 59 -5.37 -8.77 7.42
N VAL A 60 -6.68 -8.70 7.67
CA VAL A 60 -7.32 -9.30 8.83
C VAL A 60 -8.24 -10.42 8.35
N ALA A 61 -9.01 -10.19 7.28
CA ALA A 61 -9.89 -11.20 6.70
C ALA A 61 -9.13 -12.49 6.35
N THR A 62 -7.83 -12.41 6.05
CA THR A 62 -7.00 -13.54 5.66
C THR A 62 -5.61 -13.47 6.32
N GLY A 63 -5.27 -12.38 7.01
CA GLY A 63 -4.12 -12.34 7.91
C GLY A 63 -2.78 -12.07 7.22
N THR A 64 -2.80 -11.48 6.02
CA THR A 64 -1.67 -11.54 5.13
C THR A 64 -0.82 -10.31 5.35
N ASN A 65 0.18 -10.44 6.21
CA ASN A 65 1.21 -9.45 6.45
C ASN A 65 2.03 -9.20 5.20
N LEU A 66 2.01 -7.97 4.65
CA LEU A 66 2.78 -7.58 3.48
C LEU A 66 3.47 -6.25 3.71
N SER A 67 4.48 -5.96 2.89
CA SER A 67 5.21 -4.71 2.97
C SER A 67 4.55 -3.74 2.00
N LEU A 68 3.97 -2.67 2.55
CA LEU A 68 3.50 -1.55 1.78
C LEU A 68 4.65 -0.65 1.40
N GLN A 69 4.44 0.04 0.29
CA GLN A 69 5.52 0.60 -0.50
C GLN A 69 5.09 1.98 -1.00
N PHE A 70 5.20 3.02 -0.17
CA PHE A 70 4.73 4.36 -0.52
C PHE A 70 5.81 5.08 -1.35
N PHE A 71 6.13 4.53 -2.52
CA PHE A 71 7.07 5.07 -3.48
C PHE A 71 6.28 5.55 -4.69
N PRO A 72 6.09 6.87 -4.84
CA PRO A 72 5.93 7.48 -6.16
C PRO A 72 7.04 6.98 -7.08
N ALA A 73 6.72 6.74 -8.36
CA ALA A 73 7.70 6.27 -9.33
C ALA A 73 8.80 7.31 -9.58
N SER A 74 8.56 8.58 -9.25
CA SER A 74 9.59 9.57 -9.02
C SER A 74 10.04 9.41 -7.56
N TRP A 75 11.04 8.54 -7.30
CA TRP A 75 11.45 8.26 -5.93
C TRP A 75 12.13 9.51 -5.34
N GLN A 76 12.26 9.56 -4.01
CA GLN A 76 12.61 10.77 -3.26
C GLN A 76 13.79 10.45 -2.31
N GLY A 77 13.53 10.34 -1.01
CA GLY A 77 14.39 9.74 -0.02
C GLY A 77 13.44 9.03 0.94
N GLU A 78 13.02 9.75 1.98
CA GLU A 78 12.18 9.32 3.08
C GLU A 78 11.20 10.45 3.43
N GLN A 79 10.53 10.35 4.59
CA GLN A 79 9.63 11.32 5.24
C GLN A 79 8.58 11.96 4.33
N ARG A 80 8.16 11.22 3.30
CA ARG A 80 7.25 11.56 2.22
C ARG A 80 7.70 12.79 1.44
N GLN A 81 7.64 12.69 0.11
CA GLN A 81 7.64 13.83 -0.78
C GLN A 81 6.20 14.37 -0.79
N THR A 82 5.51 14.40 -1.94
CA THR A 82 4.10 14.75 -1.99
C THR A 82 3.35 13.81 -2.94
N PRO A 83 3.04 12.57 -2.51
CA PRO A 83 1.98 11.75 -3.08
C PRO A 83 0.62 12.36 -2.71
N SER A 84 -0.48 11.64 -2.91
CA SER A 84 -1.80 12.19 -2.71
C SER A 84 -2.15 12.07 -1.23
N ARG A 85 -3.26 12.69 -0.84
CA ARG A 85 -3.81 12.57 0.49
C ARG A 85 -4.14 11.11 0.75
N GLU A 86 -4.91 10.47 -0.13
CA GLU A 86 -5.29 9.07 0.04
C GLU A 86 -4.10 8.11 -0.07
N TYR A 87 -2.92 8.52 -0.56
CA TYR A 87 -1.68 7.73 -0.43
C TYR A 87 -1.15 7.95 0.98
N VAL A 88 -0.62 9.16 1.26
CA VAL A 88 0.07 9.43 2.52
C VAL A 88 -0.18 10.86 2.97
N ASP A 89 -0.79 10.98 4.15
CA ASP A 89 -0.88 12.17 5.00
C ASP A 89 -1.89 13.18 4.47
N LEU A 90 -2.94 13.45 5.26
CA LEU A 90 -4.10 14.19 4.84
C LEU A 90 -4.38 15.29 5.85
N GLU A 91 -5.25 15.04 6.81
CA GLU A 91 -5.82 16.08 7.67
C GLU A 91 -6.58 15.50 8.88
N ARG A 92 -6.29 14.24 9.27
CA ARG A 92 -7.10 13.35 10.10
C ARG A 92 -8.52 13.22 9.58
N GLU A 93 -8.85 12.06 9.04
CA GLU A 93 -10.23 11.74 8.67
C GLU A 93 -10.98 11.33 9.95
N ALA A 94 -12.23 10.86 9.80
CA ALA A 94 -13.22 10.68 10.85
C ALA A 94 -12.83 9.50 11.73
N GLY A 95 -11.94 9.78 12.68
CA GLY A 95 -11.29 8.80 13.52
C GLY A 95 -10.36 7.86 12.78
N LYS A 96 -10.05 8.11 11.50
CA LYS A 96 -9.23 7.23 10.69
C LYS A 96 -8.26 8.06 9.86
N VAL A 97 -7.44 7.37 9.10
CA VAL A 97 -6.65 7.94 8.02
C VAL A 97 -6.83 7.04 6.81
N TYR A 98 -6.58 7.56 5.61
CA TYR A 98 -6.75 6.86 4.35
C TYR A 98 -5.36 6.66 3.79
N LEU A 99 -5.12 5.48 3.22
CA LEU A 99 -3.81 5.04 2.82
C LEU A 99 -3.93 4.30 1.50
N LYS A 100 -2.83 4.31 0.76
CA LYS A 100 -2.74 3.77 -0.58
C LYS A 100 -1.27 3.68 -0.89
N ALA A 101 -0.82 2.52 -1.36
CA ALA A 101 0.59 2.34 -1.69
C ALA A 101 0.68 1.52 -2.98
N PRO A 102 1.17 2.10 -4.08
CA PRO A 102 1.45 1.36 -5.30
C PRO A 102 2.60 0.40 -5.04
N MET A 103 2.38 -0.86 -5.38
CA MET A 103 3.34 -1.94 -5.18
C MET A 103 3.68 -2.53 -6.53
N ILE A 104 4.75 -3.31 -6.57
CA ILE A 104 5.13 -4.07 -7.76
C ILE A 104 5.47 -5.46 -7.25
N LEU A 105 4.42 -6.26 -7.08
CA LEU A 105 4.48 -7.63 -6.58
C LEU A 105 4.35 -8.54 -7.79
N ASN A 106 5.23 -9.54 -7.91
CA ASN A 106 5.42 -10.48 -9.02
C ASN A 106 5.95 -9.82 -10.30
N GLY A 107 5.70 -8.53 -10.46
CA GLY A 107 5.81 -7.79 -11.71
C GLY A 107 4.48 -7.16 -12.12
N VAL A 108 3.62 -6.82 -11.15
CA VAL A 108 2.30 -6.31 -11.34
C VAL A 108 2.18 -5.03 -10.55
N CYS A 109 1.91 -3.92 -11.24
CA CYS A 109 1.54 -2.66 -10.62
C CYS A 109 0.12 -2.77 -10.13
N VAL A 110 -0.02 -3.29 -8.91
CA VAL A 110 -1.22 -3.17 -8.13
C VAL A 110 -1.07 -1.93 -7.25
N ILE A 111 -2.17 -1.49 -6.70
CA ILE A 111 -2.22 -0.56 -5.60
C ILE A 111 -2.86 -1.34 -4.47
N TRP A 112 -2.23 -1.32 -3.30
CA TRP A 112 -2.96 -1.60 -2.09
C TRP A 112 -3.65 -0.31 -1.72
N LYS A 113 -4.91 -0.38 -1.31
CA LYS A 113 -5.64 0.79 -0.82
C LYS A 113 -6.39 0.45 0.46
N GLY A 114 -6.77 1.45 1.24
CA GLY A 114 -7.64 1.25 2.37
C GLY A 114 -7.86 2.52 3.18
N TRP A 115 -8.54 2.36 4.30
CA TRP A 115 -8.51 3.27 5.42
C TRP A 115 -8.11 2.44 6.63
N ILE A 116 -7.35 3.05 7.52
CA ILE A 116 -6.95 2.46 8.78
C ILE A 116 -7.49 3.44 9.81
N ASP A 117 -8.43 3.01 10.63
CA ASP A 117 -8.91 3.73 11.80
C ASP A 117 -7.85 3.82 12.89
N LEU A 118 -7.94 4.86 13.69
CA LEU A 118 -6.98 5.20 14.74
C LEU A 118 -7.19 4.28 15.95
N HIS A 119 -8.20 3.39 15.92
CA HIS A 119 -8.62 2.60 17.07
C HIS A 119 -7.48 1.68 17.51
N ARG A 120 -6.85 0.98 16.56
CA ARG A 120 -5.75 0.04 16.74
C ARG A 120 -4.84 0.02 15.53
N LEU A 121 -5.07 0.93 14.59
CA LEU A 121 -4.44 0.90 13.28
C LEU A 121 -4.91 -0.39 12.61
N ASP A 122 -6.22 -0.52 12.52
CA ASP A 122 -6.96 -1.57 11.83
C ASP A 122 -8.03 -0.82 11.06
N GLY A 123 -8.74 -1.49 10.19
CA GLY A 123 -9.72 -0.89 9.33
C GLY A 123 -9.95 -1.80 8.15
N MET A 124 -10.07 -1.21 6.96
CA MET A 124 -10.55 -1.91 5.78
C MET A 124 -9.77 -1.43 4.55
N GLY A 125 -9.44 -2.37 3.67
CA GLY A 125 -8.62 -2.17 2.50
C GLY A 125 -8.72 -3.35 1.56
N CYS A 126 -7.98 -3.30 0.45
CA CYS A 126 -7.90 -4.34 -0.56
C CYS A 126 -6.78 -4.03 -1.54
N LEU A 127 -6.70 -4.83 -2.62
CA LEU A 127 -5.93 -4.46 -3.78
C LEU A 127 -6.83 -4.00 -4.90
N GLU A 128 -6.27 -3.13 -5.71
CA GLU A 128 -6.72 -2.71 -7.02
C GLU A 128 -5.53 -2.79 -7.98
N PHE A 129 -5.80 -2.62 -9.27
CA PHE A 129 -4.75 -2.44 -10.27
C PHE A 129 -4.32 -0.97 -10.27
N ASP A 130 -3.17 -0.65 -10.85
CA ASP A 130 -2.89 0.72 -11.31
C ASP A 130 -2.56 0.64 -12.80
N GLU A 131 -3.51 1.00 -13.67
CA GLU A 131 -3.33 0.92 -15.09
C GLU A 131 -2.21 1.85 -15.59
N GLU A 132 -2.11 3.04 -15.03
CA GLU A 132 -1.18 4.03 -15.54
C GLU A 132 0.23 3.71 -15.03
N ARG A 133 0.34 3.23 -13.80
CA ARG A 133 1.62 2.73 -13.33
C ARG A 133 1.99 1.44 -14.03
N ALA A 134 1.05 0.57 -14.40
CA ALA A 134 1.42 -0.63 -15.13
C ALA A 134 2.01 -0.23 -16.48
N GLN A 135 1.39 0.71 -17.22
CA GLN A 135 1.96 1.23 -18.46
C GLN A 135 3.30 1.95 -18.21
N GLN A 136 3.44 2.67 -17.09
CA GLN A 136 4.68 3.35 -16.77
C GLN A 136 5.76 2.30 -16.55
N GLU A 137 5.50 1.30 -15.71
CA GLU A 137 6.48 0.30 -15.34
C GLU A 137 6.80 -0.62 -16.51
N ASP A 138 5.81 -0.90 -17.36
CA ASP A 138 5.96 -1.64 -18.61
C ASP A 138 6.94 -0.91 -19.52
N ALA A 139 6.90 0.43 -19.54
CA ALA A 139 7.85 1.24 -20.28
C ALA A 139 9.22 1.28 -19.58
N LEU A 140 9.23 1.46 -18.25
CA LEU A 140 10.42 1.55 -17.41
C LEU A 140 11.15 0.22 -17.29
N ALA A 141 10.53 -0.88 -17.69
CA ALA A 141 11.15 -2.15 -18.05
C ALA A 141 11.98 -2.04 -19.34
N GLN A 142 12.54 -0.86 -19.61
CA GLN A 142 13.52 -0.58 -20.64
C GLN A 142 12.93 -0.94 -22.01
N GLN A 143 11.75 -0.37 -22.28
CA GLN A 143 10.98 -0.50 -23.51
C GLN A 143 11.34 0.67 -24.41
N GLY A 1 15.11 -13.24 -22.48
CA GLY A 1 15.89 -12.17 -21.85
C GLY A 1 15.33 -11.84 -20.47
N SER A 2 16.00 -10.96 -19.73
CA SER A 2 15.45 -10.41 -18.51
C SER A 2 14.37 -9.39 -18.85
N MET A 3 13.14 -9.63 -18.44
CA MET A 3 12.11 -8.62 -18.30
C MET A 3 11.36 -8.83 -16.97
N PRO A 4 12.01 -8.60 -15.83
CA PRO A 4 11.34 -8.30 -14.57
C PRO A 4 10.94 -6.83 -14.54
N ARG A 5 10.53 -6.35 -13.36
CA ARG A 5 9.74 -5.15 -13.07
C ARG A 5 8.32 -5.31 -13.56
N VAL A 6 8.07 -6.16 -14.55
CA VAL A 6 6.76 -6.32 -15.15
C VAL A 6 6.56 -7.78 -15.52
N VAL A 7 5.31 -8.13 -15.85
CA VAL A 7 4.93 -9.31 -16.62
C VAL A 7 4.13 -8.81 -17.84
N PRO A 8 3.79 -9.66 -18.85
CA PRO A 8 3.06 -9.19 -20.02
C PRO A 8 1.62 -8.86 -19.66
N ASP A 9 0.85 -9.90 -19.39
CA ASP A 9 -0.56 -9.77 -19.03
C ASP A 9 -0.66 -9.42 -17.54
N GLN A 10 -0.33 -8.18 -17.21
CA GLN A 10 -0.39 -7.68 -15.84
C GLN A 10 -1.80 -7.79 -15.31
N ARG A 11 -2.84 -7.49 -16.10
CA ARG A 11 -4.21 -7.57 -15.60
C ARG A 11 -4.62 -9.01 -15.27
N SER A 12 -4.16 -10.00 -16.03
CA SER A 12 -4.41 -11.39 -15.69
C SER A 12 -3.57 -11.77 -14.47
N LYS A 13 -2.31 -11.33 -14.34
CA LYS A 13 -1.52 -11.63 -13.14
C LYS A 13 -2.05 -10.90 -11.91
N PHE A 14 -2.68 -9.74 -12.04
CA PHE A 14 -3.41 -9.06 -10.96
C PHE A 14 -4.48 -9.99 -10.36
N GLU A 15 -5.03 -10.89 -11.17
CA GLU A 15 -5.94 -11.92 -10.69
C GLU A 15 -5.22 -13.23 -10.33
N ASN A 16 -4.18 -13.63 -11.06
CA ASN A 16 -3.56 -14.95 -10.99
C ASN A 16 -2.48 -15.05 -9.92
N GLU A 17 -1.91 -13.94 -9.46
CA GLU A 17 -1.14 -13.87 -8.24
C GLU A 17 -1.91 -14.42 -7.06
N GLU A 18 -1.43 -15.55 -6.54
CA GLU A 18 -1.91 -16.10 -5.30
C GLU A 18 -1.71 -15.15 -4.12
N PHE A 19 -0.76 -14.21 -4.22
CA PHE A 19 -0.53 -13.20 -3.22
C PHE A 19 -1.73 -12.26 -3.21
N PHE A 20 -2.10 -11.64 -4.34
CA PHE A 20 -3.25 -10.76 -4.36
C PHE A 20 -4.54 -11.51 -4.05
N ARG A 21 -4.69 -12.77 -4.45
CA ARG A 21 -5.91 -13.51 -4.16
C ARG A 21 -6.08 -13.78 -2.67
N LYS A 22 -5.02 -13.74 -1.87
CA LYS A 22 -5.16 -13.76 -0.41
C LYS A 22 -5.63 -12.43 0.13
N LEU A 23 -5.20 -11.30 -0.46
CA LEU A 23 -5.58 -9.96 -0.04
C LEU A 23 -7.00 -9.60 -0.48
N SER A 24 -7.41 -10.15 -1.62
CA SER A 24 -8.67 -9.95 -2.29
C SER A 24 -9.06 -8.47 -2.46
N ARG A 25 -10.36 -8.21 -2.52
CA ARG A 25 -10.97 -6.87 -2.62
C ARG A 25 -11.48 -6.48 -1.22
N GLU A 26 -12.31 -5.44 -1.06
CA GLU A 26 -12.50 -4.69 0.19
C GLU A 26 -12.64 -5.56 1.45
N CYS A 27 -11.59 -5.60 2.28
CA CYS A 27 -11.47 -6.40 3.49
C CYS A 27 -10.94 -5.54 4.64
N GLU A 28 -10.77 -6.14 5.82
CA GLU A 28 -10.17 -5.55 7.00
C GLU A 28 -8.65 -5.79 7.01
N ILE A 29 -7.89 -4.86 7.61
CA ILE A 29 -6.44 -4.79 7.65
C ILE A 29 -5.93 -4.31 9.01
N LYS A 30 -4.63 -4.50 9.26
CA LYS A 30 -3.95 -4.20 10.52
C LYS A 30 -2.54 -3.70 10.25
N TYR A 31 -2.07 -2.53 10.70
CA TYR A 31 -0.65 -2.23 10.57
C TYR A 31 0.12 -3.27 11.40
N THR A 32 1.33 -3.66 10.99
CA THR A 32 2.05 -4.79 11.61
C THR A 32 3.52 -4.52 11.93
N GLY A 33 4.08 -3.37 11.55
CA GLY A 33 5.43 -3.00 11.95
C GLY A 33 5.41 -2.43 13.37
N PHE A 34 5.89 -1.19 13.56
CA PHE A 34 6.10 -0.60 14.89
C PHE A 34 4.83 -0.63 15.77
N ARG A 35 3.63 -0.57 15.17
CA ARG A 35 2.39 -0.57 15.95
C ARG A 35 2.21 -1.81 16.82
N ASP A 36 2.90 -2.93 16.54
CA ASP A 36 2.65 -4.19 17.26
C ASP A 36 3.05 -4.17 18.74
N ARG A 37 3.57 -3.05 19.22
CA ARG A 37 3.58 -2.69 20.63
C ARG A 37 2.13 -2.67 21.17
N PRO A 38 1.87 -2.49 22.47
CA PRO A 38 0.52 -2.16 22.92
C PRO A 38 0.03 -0.86 22.26
N HIS A 39 -1.26 -0.56 22.37
CA HIS A 39 -1.73 0.77 21.99
C HIS A 39 -1.33 1.78 23.07
N GLU A 40 -1.53 3.05 22.74
CA GLU A 40 -1.12 4.24 23.52
C GLU A 40 0.34 4.55 23.19
N GLU A 41 0.94 3.84 22.23
CA GLU A 41 2.37 3.82 22.07
C GLU A 41 2.73 5.00 21.22
N ARG A 42 2.14 5.20 20.00
CA ARG A 42 2.25 6.61 19.64
C ARG A 42 0.93 7.20 19.30
N GLN A 43 0.38 7.00 18.13
CA GLN A 43 -0.88 7.00 17.49
C GLN A 43 -0.49 6.88 16.04
N THR A 44 -0.24 8.18 15.82
CA THR A 44 0.39 9.17 14.98
C THR A 44 1.79 8.81 14.56
N ARG A 45 2.60 8.10 15.38
CA ARG A 45 3.77 7.53 14.68
C ARG A 45 3.36 6.76 13.45
N PHE A 46 2.24 6.07 13.46
CA PHE A 46 1.81 5.40 12.24
C PHE A 46 1.71 6.37 11.06
N GLN A 47 0.99 7.47 11.24
CA GLN A 47 0.84 8.45 10.18
C GLN A 47 2.17 9.08 9.78
N ASN A 48 3.25 8.92 10.58
CA ASN A 48 4.58 9.41 10.23
C ASN A 48 5.52 8.32 9.73
N ALA A 49 5.40 7.07 10.19
CA ALA A 49 6.03 5.89 9.62
C ALA A 49 5.51 5.67 8.21
N CYS A 50 4.28 6.09 7.94
CA CYS A 50 3.74 6.21 6.60
C CYS A 50 4.44 7.31 5.77
N ARG A 51 4.89 8.43 6.37
CA ARG A 51 5.64 9.48 5.64
C ARG A 51 7.10 9.13 5.50
N ASP A 52 7.64 8.32 6.41
CA ASP A 52 9.00 7.81 6.34
C ASP A 52 9.22 6.97 5.07
N GLY A 53 8.13 6.60 4.40
CA GLY A 53 8.13 5.97 3.09
C GLY A 53 7.49 4.61 3.25
N ARG A 54 8.17 3.55 2.79
CA ARG A 54 7.68 2.19 2.89
C ARG A 54 7.32 1.86 4.33
N SER A 55 6.46 0.88 4.55
CA SER A 55 5.95 0.63 5.89
C SER A 55 5.71 -0.89 6.02
N GLU A 56 4.93 -1.32 7.01
CA GLU A 56 4.53 -2.71 7.13
C GLU A 56 3.10 -2.82 7.62
N ILE A 57 2.22 -3.35 6.77
CA ILE A 57 0.81 -3.56 7.10
C ILE A 57 0.50 -5.05 6.88
N ALA A 58 -0.61 -5.55 7.40
CA ALA A 58 -1.10 -6.90 7.19
C ALA A 58 -2.59 -6.83 6.90
N PHE A 59 -3.16 -7.92 6.40
CA PHE A 59 -4.60 -8.07 6.29
C PHE A 59 -5.12 -8.82 7.50
N VAL A 60 -6.35 -8.54 7.92
CA VAL A 60 -7.06 -9.29 8.96
C VAL A 60 -7.76 -10.48 8.31
N ALA A 61 -8.38 -10.28 7.13
CA ALA A 61 -9.23 -11.28 6.49
C ALA A 61 -8.51 -12.60 6.19
N THR A 62 -7.19 -12.58 5.96
CA THR A 62 -6.41 -13.73 5.57
C THR A 62 -4.99 -13.68 6.17
N GLY A 63 -4.62 -12.58 6.84
CA GLY A 63 -3.43 -12.57 7.67
C GLY A 63 -2.13 -12.35 6.91
N THR A 64 -2.15 -11.65 5.78
CA THR A 64 -0.99 -11.53 4.92
C THR A 64 -0.34 -10.20 5.27
N ASN A 65 0.76 -10.28 6.02
CA ASN A 65 1.76 -9.23 6.13
C ASN A 65 2.21 -8.84 4.71
N LEU A 66 2.22 -7.56 4.40
CA LEU A 66 2.66 -6.99 3.14
C LEU A 66 3.48 -5.74 3.45
N SER A 67 4.65 -5.62 2.83
CA SER A 67 5.49 -4.45 3.03
C SER A 67 5.01 -3.39 2.05
N LEU A 68 4.31 -2.39 2.56
CA LEU A 68 3.71 -1.31 1.79
C LEU A 68 4.81 -0.37 1.33
N GLN A 69 4.78 0.13 0.09
CA GLN A 69 5.90 0.88 -0.47
C GLN A 69 5.35 2.04 -1.33
N PHE A 70 5.40 3.28 -0.84
CA PHE A 70 4.72 4.42 -1.43
C PHE A 70 5.61 5.05 -2.49
N PHE A 71 5.74 4.37 -3.62
CA PHE A 71 6.55 4.73 -4.77
C PHE A 71 5.71 5.11 -5.99
N PRO A 72 5.15 6.34 -6.04
CA PRO A 72 4.66 6.90 -7.29
C PRO A 72 5.85 7.14 -8.22
N ALA A 73 5.57 7.68 -9.41
CA ALA A 73 6.57 8.18 -10.36
C ALA A 73 7.38 9.39 -9.85
N SER A 74 7.48 9.58 -8.53
CA SER A 74 8.20 10.63 -7.85
C SER A 74 8.91 10.01 -6.66
N TRP A 75 10.14 9.53 -6.90
CA TRP A 75 11.06 8.96 -5.93
C TRP A 75 11.83 10.08 -5.20
N GLN A 76 12.54 9.75 -4.13
CA GLN A 76 13.01 10.67 -3.11
C GLN A 76 14.41 10.27 -2.62
N GLY A 77 14.51 9.72 -1.42
CA GLY A 77 15.73 9.43 -0.69
C GLY A 77 15.34 9.14 0.74
N GLU A 78 14.43 8.17 0.91
CA GLU A 78 13.59 7.91 2.08
C GLU A 78 12.78 9.16 2.48
N GLN A 79 11.81 9.00 3.40
CA GLN A 79 10.96 10.03 3.98
C GLN A 79 10.43 11.00 2.94
N ARG A 80 9.38 10.56 2.25
CA ARG A 80 8.74 11.40 1.23
C ARG A 80 8.38 12.74 1.86
N GLN A 81 8.70 13.82 1.15
CA GLN A 81 8.35 15.15 1.59
C GLN A 81 6.84 15.30 1.56
N THR A 82 6.25 15.49 0.38
CA THR A 82 4.83 15.74 0.21
C THR A 82 4.21 14.55 -0.53
N PRO A 83 3.77 13.48 0.14
CA PRO A 83 3.00 12.40 -0.49
C PRO A 83 1.66 12.93 -1.01
N SER A 84 0.91 12.11 -1.77
CA SER A 84 -0.40 12.52 -2.23
C SER A 84 -1.41 12.22 -1.12
N ARG A 85 -2.60 12.83 -1.18
CA ARG A 85 -3.55 12.79 -0.06
C ARG A 85 -4.05 11.38 0.18
N GLU A 86 -4.45 10.70 -0.89
CA GLU A 86 -5.00 9.36 -0.79
C GLU A 86 -3.92 8.36 -0.38
N TYR A 87 -2.64 8.67 -0.63
CA TYR A 87 -1.51 7.81 -0.27
C TYR A 87 -1.23 8.00 1.22
N VAL A 88 -0.76 9.20 1.59
CA VAL A 88 -0.37 9.53 2.95
C VAL A 88 -0.62 11.04 3.18
N ASP A 89 -0.89 11.41 4.44
CA ASP A 89 -0.78 12.77 4.98
C ASP A 89 -1.90 13.71 4.53
N LEU A 90 -3.06 13.55 5.17
CA LEU A 90 -4.36 14.02 4.71
C LEU A 90 -5.15 14.77 5.79
N GLU A 91 -4.49 15.61 6.58
CA GLU A 91 -4.93 16.30 7.81
C GLU A 91 -5.18 15.32 8.96
N ARG A 92 -5.61 14.10 8.65
CA ARG A 92 -6.18 13.01 9.45
C ARG A 92 -7.68 13.02 9.12
N GLU A 93 -8.26 11.91 8.67
CA GLU A 93 -9.69 11.84 8.45
C GLU A 93 -10.39 11.65 9.80
N ALA A 94 -11.72 11.53 9.77
CA ALA A 94 -12.62 11.40 10.91
C ALA A 94 -12.38 10.10 11.66
N GLY A 95 -11.44 10.12 12.61
CA GLY A 95 -11.06 8.97 13.38
C GLY A 95 -10.42 7.84 12.58
N LYS A 96 -10.04 8.07 11.32
CA LYS A 96 -9.20 7.20 10.52
C LYS A 96 -8.17 8.01 9.74
N VAL A 97 -7.24 7.34 9.08
CA VAL A 97 -6.40 7.96 8.07
C VAL A 97 -6.57 7.17 6.79
N TYR A 98 -6.41 7.80 5.62
CA TYR A 98 -6.46 7.13 4.35
C TYR A 98 -5.06 6.64 4.03
N LEU A 99 -4.97 5.58 3.24
CA LEU A 99 -3.76 4.81 3.10
C LEU A 99 -3.77 4.16 1.71
N LYS A 100 -2.69 4.30 0.96
CA LYS A 100 -2.59 3.77 -0.39
C LYS A 100 -1.14 3.74 -0.80
N ALA A 101 -0.71 2.72 -1.54
CA ALA A 101 0.53 2.78 -2.28
C ALA A 101 0.42 1.98 -3.57
N PRO A 102 1.00 2.44 -4.69
CA PRO A 102 1.25 1.59 -5.84
C PRO A 102 2.37 0.62 -5.48
N MET A 103 2.16 -0.65 -5.76
CA MET A 103 3.04 -1.76 -5.49
C MET A 103 3.37 -2.41 -6.82
N ILE A 104 4.49 -3.12 -6.89
CA ILE A 104 4.89 -3.86 -8.09
C ILE A 104 5.36 -5.22 -7.62
N LEU A 105 4.41 -6.16 -7.58
CA LEU A 105 4.56 -7.49 -7.00
C LEU A 105 4.52 -8.46 -8.15
N ASN A 106 5.58 -9.26 -8.30
CA ASN A 106 5.89 -10.19 -9.39
C ASN A 106 6.27 -9.47 -10.68
N GLY A 107 5.79 -8.24 -10.83
CA GLY A 107 5.72 -7.51 -12.09
C GLY A 107 4.30 -7.06 -12.42
N VAL A 108 3.46 -6.85 -11.41
CA VAL A 108 2.13 -6.36 -11.55
C VAL A 108 2.01 -5.08 -10.75
N CYS A 109 1.80 -3.97 -11.45
CA CYS A 109 1.52 -2.67 -10.86
C CYS A 109 0.08 -2.67 -10.33
N VAL A 110 -0.08 -3.18 -9.12
CA VAL A 110 -1.30 -2.99 -8.36
C VAL A 110 -1.20 -1.70 -7.56
N ILE A 111 -2.30 -1.28 -7.00
CA ILE A 111 -2.33 -0.37 -5.88
C ILE A 111 -2.87 -1.19 -4.73
N TRP A 112 -2.19 -1.12 -3.61
CA TRP A 112 -2.77 -1.45 -2.33
C TRP A 112 -3.50 -0.18 -1.90
N LYS A 113 -4.75 -0.28 -1.44
CA LYS A 113 -5.48 0.86 -0.89
C LYS A 113 -6.20 0.49 0.40
N GLY A 114 -6.62 1.47 1.19
CA GLY A 114 -7.37 1.26 2.41
C GLY A 114 -7.50 2.54 3.23
N TRP A 115 -8.03 2.41 4.44
CA TRP A 115 -7.97 3.40 5.49
C TRP A 115 -7.61 2.64 6.77
N ILE A 116 -6.79 3.23 7.63
CA ILE A 116 -6.38 2.63 8.90
C ILE A 116 -6.93 3.56 9.98
N ASP A 117 -7.96 3.10 10.67
CA ASP A 117 -8.55 3.77 11.80
C ASP A 117 -7.56 4.06 12.91
N LEU A 118 -7.78 5.20 13.57
CA LEU A 118 -6.98 5.70 14.69
C LEU A 118 -7.26 4.90 15.97
N HIS A 119 -8.00 3.80 15.87
CA HIS A 119 -8.41 2.90 16.94
C HIS A 119 -7.16 2.23 17.54
N ARG A 120 -6.49 1.40 16.74
CA ARG A 120 -5.40 0.47 17.08
C ARG A 120 -4.36 0.42 15.97
N LEU A 121 -4.49 1.29 14.96
CA LEU A 121 -3.73 1.25 13.72
C LEU A 121 -4.19 0.02 12.91
N ASP A 122 -5.51 -0.21 12.92
CA ASP A 122 -6.22 -1.28 12.22
C ASP A 122 -7.36 -0.60 11.45
N GLY A 123 -7.93 -1.21 10.40
CA GLY A 123 -8.99 -0.60 9.60
C GLY A 123 -9.35 -1.46 8.39
N MET A 124 -9.67 -0.86 7.22
CA MET A 124 -10.07 -1.58 6.01
C MET A 124 -9.13 -1.32 4.84
N GLY A 125 -9.05 -2.22 3.87
CA GLY A 125 -8.22 -2.07 2.68
C GLY A 125 -8.26 -3.33 1.84
N CYS A 126 -7.54 -3.31 0.72
CA CYS A 126 -7.63 -4.28 -0.37
C CYS A 126 -6.72 -3.84 -1.51
N LEU A 127 -6.90 -4.46 -2.69
CA LEU A 127 -6.12 -4.19 -3.87
C LEU A 127 -6.98 -3.68 -5.01
N GLU A 128 -6.31 -2.97 -5.89
CA GLU A 128 -6.74 -2.49 -7.19
C GLU A 128 -5.56 -2.53 -8.16
N PHE A 129 -5.78 -2.20 -9.43
CA PHE A 129 -4.72 -2.09 -10.43
C PHE A 129 -4.23 -0.63 -10.51
N ASP A 130 -3.06 -0.37 -11.12
CA ASP A 130 -2.73 0.97 -11.63
C ASP A 130 -2.24 0.89 -13.08
N GLU A 131 -3.11 1.29 -14.00
CA GLU A 131 -2.90 1.25 -15.42
C GLU A 131 -1.83 2.23 -15.91
N GLU A 132 -1.58 3.32 -15.20
CA GLU A 132 -0.48 4.21 -15.51
C GLU A 132 0.79 3.56 -15.04
N ARG A 133 0.88 3.18 -13.76
CA ARG A 133 2.15 2.67 -13.28
C ARG A 133 2.55 1.40 -14.02
N ALA A 134 1.64 0.56 -14.50
CA ALA A 134 2.03 -0.54 -15.37
C ALA A 134 2.67 0.00 -16.65
N GLN A 135 2.08 0.99 -17.32
CA GLN A 135 2.68 1.58 -18.51
C GLN A 135 3.96 2.35 -18.19
N GLN A 136 4.13 2.87 -16.96
CA GLN A 136 5.39 3.47 -16.55
C GLN A 136 6.43 2.38 -16.42
N GLU A 137 6.10 1.33 -15.68
CA GLU A 137 7.06 0.32 -15.32
C GLU A 137 7.46 -0.51 -16.53
N ASP A 138 6.55 -0.69 -17.49
CA ASP A 138 6.81 -1.30 -18.79
C ASP A 138 7.90 -0.55 -19.53
N ALA A 139 7.94 0.78 -19.42
CA ALA A 139 9.06 1.57 -19.93
C ALA A 139 10.29 1.51 -19.02
N LEU A 140 10.11 1.62 -17.70
CA LEU A 140 11.20 1.68 -16.73
C LEU A 140 11.98 0.37 -16.63
N ALA A 141 11.39 -0.73 -17.08
CA ALA A 141 12.01 -2.04 -17.29
C ALA A 141 13.01 -2.00 -18.45
N GLN A 142 13.87 -0.99 -18.51
CA GLN A 142 14.90 -0.74 -19.50
C GLN A 142 14.32 -0.90 -20.92
N GLN A 143 13.26 -0.16 -21.23
CA GLN A 143 12.55 -0.19 -22.50
C GLN A 143 12.37 1.25 -22.98
N GLY A 1 -16.54 14.79 14.55
CA GLY A 1 -16.37 15.63 15.74
C GLY A 1 -15.07 16.40 15.69
N SER A 2 -14.01 15.82 16.25
CA SER A 2 -12.63 16.30 16.29
C SER A 2 -11.98 16.29 14.89
N MET A 3 -10.65 16.38 14.80
CA MET A 3 -9.88 16.27 13.57
C MET A 3 -8.92 15.08 13.70
N PRO A 4 -9.46 13.84 13.76
CA PRO A 4 -8.72 12.69 14.23
C PRO A 4 -7.76 12.14 13.18
N ARG A 5 -6.79 11.36 13.64
CA ARG A 5 -5.87 10.60 12.79
C ARG A 5 -5.54 9.24 13.39
N VAL A 6 -5.82 9.02 14.67
CA VAL A 6 -5.47 7.76 15.33
C VAL A 6 -6.63 7.31 16.21
N VAL A 7 -6.87 6.01 16.29
CA VAL A 7 -7.64 5.38 17.36
C VAL A 7 -6.73 5.28 18.60
N PRO A 8 -7.26 5.02 19.81
CA PRO A 8 -6.45 5.08 21.01
C PRO A 8 -5.41 3.97 21.01
N ASP A 9 -5.89 2.74 21.01
CA ASP A 9 -5.08 1.56 20.83
C ASP A 9 -5.11 1.16 19.35
N GLN A 10 -4.22 1.78 18.57
CA GLN A 10 -3.98 1.45 17.17
C GLN A 10 -3.63 -0.03 16.99
N ARG A 11 -2.74 -0.59 17.82
CA ARG A 11 -2.28 -1.97 17.67
C ARG A 11 -3.39 -2.97 17.92
N SER A 12 -4.27 -2.72 18.88
CA SER A 12 -5.44 -3.56 19.07
C SER A 12 -6.34 -3.43 17.84
N LYS A 13 -6.58 -2.22 17.30
CA LYS A 13 -7.46 -2.10 16.14
C LYS A 13 -6.88 -2.80 14.92
N PHE A 14 -5.57 -2.74 14.71
CA PHE A 14 -4.84 -3.43 13.66
C PHE A 14 -5.19 -4.92 13.61
N GLU A 15 -5.31 -5.55 14.78
CA GLU A 15 -5.74 -6.94 14.93
C GLU A 15 -7.27 -7.05 14.83
N ASN A 16 -8.03 -6.13 15.45
CA ASN A 16 -9.43 -6.29 15.75
C ASN A 16 -10.33 -6.04 14.55
N GLU A 17 -10.09 -4.94 13.82
CA GLU A 17 -10.94 -4.53 12.71
C GLU A 17 -11.13 -5.66 11.72
N GLU A 18 -12.37 -6.14 11.57
CA GLU A 18 -12.70 -7.19 10.62
C GLU A 18 -12.46 -6.71 9.18
N PHE A 19 -12.43 -5.39 8.95
CA PHE A 19 -11.95 -4.80 7.71
C PHE A 19 -10.52 -5.29 7.43
N PHE A 20 -9.61 -5.24 8.40
CA PHE A 20 -8.26 -5.78 8.22
C PHE A 20 -8.22 -7.30 8.25
N ARG A 21 -9.14 -7.99 8.93
CA ARG A 21 -9.19 -9.44 8.82
C ARG A 21 -9.46 -9.85 7.39
N LYS A 22 -10.29 -9.14 6.64
CA LYS A 22 -10.54 -9.46 5.23
C LYS A 22 -9.24 -9.42 4.42
N LEU A 23 -8.45 -8.35 4.61
CA LEU A 23 -7.19 -8.12 3.90
C LEU A 23 -6.06 -9.00 4.46
N SER A 24 -6.24 -9.50 5.67
CA SER A 24 -5.52 -10.53 6.35
C SER A 24 -4.00 -10.28 6.48
N ARG A 25 -3.26 -11.30 6.89
CA ARG A 25 -1.80 -11.39 6.73
C ARG A 25 -1.52 -11.89 5.31
N GLU A 26 -0.29 -12.29 4.98
CA GLU A 26 0.18 -12.56 3.62
C GLU A 26 -0.85 -13.39 2.82
N CYS A 27 -1.38 -12.81 1.75
CA CYS A 27 -2.42 -13.33 0.88
C CYS A 27 -2.17 -12.89 -0.57
N GLU A 28 -2.99 -13.38 -1.48
CA GLU A 28 -2.98 -12.98 -2.87
C GLU A 28 -3.72 -11.65 -3.07
N ILE A 29 -3.26 -10.84 -4.02
CA ILE A 29 -3.77 -9.52 -4.40
C ILE A 29 -3.82 -9.37 -5.93
N LYS A 30 -4.53 -8.33 -6.38
CA LYS A 30 -4.68 -7.96 -7.78
C LYS A 30 -4.51 -6.44 -7.92
N TYR A 31 -3.77 -5.89 -8.88
CA TYR A 31 -3.86 -4.45 -9.11
C TYR A 31 -5.20 -4.14 -9.78
N THR A 32 -5.82 -2.99 -9.51
CA THR A 32 -7.14 -2.65 -10.03
C THR A 32 -7.18 -1.16 -10.42
N GLY A 33 -6.20 -0.70 -11.20
CA GLY A 33 -6.04 0.71 -11.55
C GLY A 33 -5.95 0.89 -13.06
N PHE A 34 -5.02 1.73 -13.50
CA PHE A 34 -4.75 2.14 -14.88
C PHE A 34 -4.52 0.95 -15.82
N ARG A 35 -4.09 -0.21 -15.29
CA ARG A 35 -4.02 -1.47 -16.04
C ARG A 35 -5.35 -1.92 -16.66
N ASP A 36 -6.47 -1.26 -16.36
CA ASP A 36 -7.76 -1.57 -17.00
C ASP A 36 -7.68 -1.35 -18.52
N ARG A 37 -6.69 -0.59 -19.00
CA ARG A 37 -6.23 -0.62 -20.40
C ARG A 37 -5.85 -2.07 -20.76
N PRO A 38 -6.60 -2.77 -21.63
CA PRO A 38 -6.42 -4.20 -21.87
C PRO A 38 -4.98 -4.53 -22.24
N HIS A 39 -4.47 -5.64 -21.69
CA HIS A 39 -3.04 -5.95 -21.59
C HIS A 39 -2.31 -5.91 -22.93
N GLU A 40 -1.06 -5.45 -22.86
CA GLU A 40 -0.13 -5.32 -23.99
C GLU A 40 1.25 -4.98 -23.44
N GLU A 41 1.33 -3.90 -22.65
CA GLU A 41 2.54 -3.14 -22.37
C GLU A 41 2.16 -2.22 -21.20
N ARG A 42 2.08 -2.78 -19.98
CA ARG A 42 1.71 -2.02 -18.77
C ARG A 42 2.71 -2.12 -17.64
N GLN A 43 3.68 -3.04 -17.62
CA GLN A 43 4.57 -3.19 -16.46
C GLN A 43 5.34 -1.90 -16.14
N THR A 44 6.00 -1.30 -17.12
CA THR A 44 6.73 -0.05 -16.88
C THR A 44 5.78 1.04 -16.40
N ARG A 45 4.62 1.20 -17.05
CA ARG A 45 3.61 2.16 -16.61
C ARG A 45 3.19 1.85 -15.18
N PHE A 46 3.10 0.58 -14.80
CA PHE A 46 2.76 0.19 -13.46
C PHE A 46 3.76 0.75 -12.45
N GLN A 47 5.06 0.58 -12.68
CA GLN A 47 6.06 1.18 -11.82
C GLN A 47 6.11 2.71 -11.96
N ASN A 48 5.60 3.32 -13.03
CA ASN A 48 5.52 4.78 -13.11
C ASN A 48 4.29 5.29 -12.36
N ALA A 49 3.15 4.60 -12.42
CA ALA A 49 1.93 4.99 -11.72
C ALA A 49 2.11 4.81 -10.21
N CYS A 50 2.84 3.77 -9.79
CA CYS A 50 3.28 3.60 -8.40
C CYS A 50 4.20 4.76 -7.97
N ARG A 51 5.01 5.31 -8.88
CA ARG A 51 5.86 6.46 -8.61
C ARG A 51 5.01 7.73 -8.56
N ASP A 52 4.00 7.86 -9.41
CA ASP A 52 3.05 8.96 -9.54
C ASP A 52 2.29 9.20 -8.25
N GLY A 53 2.19 8.17 -7.42
CA GLY A 53 1.68 8.28 -6.07
C GLY A 53 0.62 7.23 -5.85
N ARG A 54 -0.46 7.61 -5.16
CA ARG A 54 -1.50 6.72 -4.68
C ARG A 54 -2.04 5.87 -5.82
N SER A 55 -2.64 4.75 -5.47
CA SER A 55 -3.17 3.83 -6.47
C SER A 55 -4.42 3.09 -6.00
N GLU A 56 -4.78 2.05 -6.76
CA GLU A 56 -6.00 1.29 -6.60
C GLU A 56 -5.56 -0.16 -6.76
N ILE A 57 -5.44 -0.85 -5.64
CA ILE A 57 -5.08 -2.27 -5.63
C ILE A 57 -6.28 -3.00 -5.02
N ALA A 58 -6.39 -4.31 -5.17
CA ALA A 58 -7.41 -5.12 -4.53
C ALA A 58 -6.78 -6.37 -3.96
N PHE A 59 -7.50 -7.06 -3.08
CA PHE A 59 -7.13 -8.40 -2.64
C PHE A 59 -7.78 -9.43 -3.56
N VAL A 60 -7.30 -10.67 -3.47
CA VAL A 60 -7.91 -11.85 -4.08
C VAL A 60 -8.50 -12.72 -2.97
N ALA A 61 -7.85 -12.81 -1.80
CA ALA A 61 -8.29 -13.65 -0.69
C ALA A 61 -9.76 -13.41 -0.32
N THR A 62 -10.19 -12.16 -0.33
CA THR A 62 -11.55 -11.73 -0.01
C THR A 62 -12.07 -10.72 -1.05
N GLY A 63 -11.23 -10.31 -2.01
CA GLY A 63 -11.68 -9.55 -3.17
C GLY A 63 -12.05 -8.13 -2.80
N THR A 64 -11.13 -7.39 -2.19
CA THR A 64 -11.42 -6.10 -1.60
C THR A 64 -10.52 -5.08 -2.27
N ASN A 65 -11.10 -4.29 -3.17
CA ASN A 65 -10.51 -3.09 -3.72
C ASN A 65 -10.22 -2.11 -2.57
N LEU A 66 -9.00 -1.59 -2.49
CA LEU A 66 -8.57 -0.62 -1.52
C LEU A 66 -7.69 0.41 -2.22
N SER A 67 -7.90 1.68 -1.91
CA SER A 67 -7.11 2.74 -2.52
C SER A 67 -5.80 2.76 -1.74
N LEU A 68 -4.73 2.35 -2.40
CA LEU A 68 -3.42 2.41 -1.80
C LEU A 68 -2.94 3.83 -1.80
N GLN A 69 -2.23 4.22 -0.75
CA GLN A 69 -1.89 5.61 -0.53
C GLN A 69 -0.38 5.63 -0.25
N PHE A 70 0.44 5.98 -1.24
CA PHE A 70 1.91 5.97 -1.10
C PHE A 70 2.38 7.23 -0.36
N PHE A 71 1.85 7.45 0.84
CA PHE A 71 2.19 8.50 1.81
C PHE A 71 2.87 7.92 3.06
N PRO A 72 4.18 8.13 3.28
CA PRO A 72 4.84 7.81 4.54
C PRO A 72 4.44 8.85 5.60
N ALA A 73 5.27 9.07 6.63
CA ALA A 73 5.14 10.25 7.46
C ALA A 73 5.48 11.52 6.66
N SER A 74 6.65 11.54 6.02
CA SER A 74 7.23 12.75 5.43
C SER A 74 7.20 12.66 3.90
N TRP A 75 6.29 13.41 3.26
CA TRP A 75 6.04 13.41 1.82
C TRP A 75 5.84 14.84 1.34
N GLN A 76 6.37 15.12 0.17
CA GLN A 76 6.29 16.43 -0.47
C GLN A 76 4.90 16.65 -1.09
N GLY A 77 4.24 15.56 -1.50
CA GLY A 77 2.84 15.45 -1.81
C GLY A 77 2.74 14.03 -2.31
N GLU A 78 2.80 13.89 -3.62
CA GLU A 78 2.84 12.67 -4.41
C GLU A 78 3.61 13.02 -5.71
N GLN A 79 3.58 12.15 -6.74
CA GLN A 79 4.29 12.29 -8.00
C GLN A 79 5.80 12.31 -7.76
N ARG A 80 6.36 11.12 -7.61
CA ARG A 80 7.63 10.83 -6.96
C ARG A 80 7.63 11.42 -5.54
N GLN A 81 8.76 11.27 -4.83
CA GLN A 81 8.99 11.33 -3.38
C GLN A 81 10.37 10.81 -2.96
N THR A 82 11.17 10.30 -3.89
CA THR A 82 12.32 9.40 -3.67
C THR A 82 11.98 8.36 -2.56
N PRO A 83 11.04 7.44 -2.83
CA PRO A 83 10.52 6.48 -1.86
C PRO A 83 11.55 5.38 -1.50
N SER A 84 11.21 4.49 -0.57
CA SER A 84 12.08 3.38 -0.20
C SER A 84 11.93 2.25 -1.22
N ARG A 85 12.85 1.29 -1.24
CA ARG A 85 12.85 0.22 -2.24
C ARG A 85 11.83 -0.87 -1.92
N GLU A 86 11.41 -1.05 -0.67
CA GLU A 86 10.22 -1.86 -0.35
C GLU A 86 8.96 -1.10 -0.78
N TYR A 87 8.96 0.23 -0.63
CA TYR A 87 7.86 1.18 -0.82
C TYR A 87 7.49 1.29 -2.32
N VAL A 88 8.33 1.92 -3.14
CA VAL A 88 8.06 2.12 -4.57
C VAL A 88 9.39 2.20 -5.35
N ASP A 89 9.40 1.71 -6.59
CA ASP A 89 10.33 2.01 -7.70
C ASP A 89 11.79 1.70 -7.37
N LEU A 90 12.15 0.42 -7.53
CA LEU A 90 13.35 -0.20 -7.01
C LEU A 90 14.18 -0.90 -8.10
N GLU A 91 14.18 -0.36 -9.31
CA GLU A 91 15.03 -0.82 -10.42
C GLU A 91 14.77 -2.31 -10.77
N ARG A 92 13.53 -2.78 -10.61
CA ARG A 92 13.06 -4.15 -10.66
C ARG A 92 13.72 -5.01 -9.58
N GLU A 93 12.86 -5.65 -8.79
CA GLU A 93 13.27 -6.68 -7.87
C GLU A 93 13.39 -7.99 -8.65
N ALA A 94 12.85 -9.10 -8.16
CA ALA A 94 12.75 -10.37 -8.85
C ALA A 94 11.82 -10.25 -10.06
N GLY A 95 11.15 -11.33 -10.43
CA GLY A 95 10.05 -11.30 -11.38
C GLY A 95 8.79 -10.64 -10.81
N LYS A 96 8.89 -10.03 -9.63
CA LYS A 96 7.92 -9.14 -9.03
C LYS A 96 8.58 -7.82 -8.68
N VAL A 97 7.78 -6.76 -8.53
CA VAL A 97 8.24 -5.54 -7.85
C VAL A 97 7.62 -5.58 -6.45
N TYR A 98 8.17 -4.82 -5.52
CA TYR A 98 7.69 -4.73 -4.16
C TYR A 98 7.00 -3.39 -4.03
N LEU A 99 6.00 -3.36 -3.17
CA LEU A 99 5.14 -2.24 -2.94
C LEU A 99 4.86 -2.20 -1.44
N LYS A 100 4.66 -1.00 -0.95
CA LYS A 100 4.44 -0.72 0.47
C LYS A 100 3.82 0.65 0.50
N ALA A 101 2.73 0.79 1.23
CA ALA A 101 1.98 2.02 1.26
C ALA A 101 1.17 2.02 2.54
N PRO A 102 1.77 2.46 3.64
CA PRO A 102 1.08 2.62 4.89
C PRO A 102 -0.04 3.64 4.76
N MET A 103 -1.02 3.46 5.63
CA MET A 103 -2.33 4.07 5.48
C MET A 103 -2.69 4.83 6.74
N ILE A 104 -3.85 5.48 6.70
CA ILE A 104 -4.57 5.90 7.89
C ILE A 104 -5.98 5.44 7.60
N LEU A 105 -6.29 4.22 8.04
CA LEU A 105 -7.55 3.53 7.77
C LEU A 105 -8.25 3.40 9.11
N ASN A 106 -9.38 4.07 9.26
CA ASN A 106 -10.17 4.22 10.48
C ASN A 106 -9.39 4.86 11.64
N GLY A 107 -8.18 5.38 11.40
CA GLY A 107 -7.26 5.87 12.43
C GLY A 107 -6.20 4.83 12.81
N VAL A 108 -5.84 3.92 11.92
CA VAL A 108 -4.77 2.96 12.12
C VAL A 108 -3.73 3.15 11.03
N CYS A 109 -2.50 3.46 11.46
CA CYS A 109 -1.29 3.35 10.67
C CYS A 109 -0.93 1.87 10.55
N VAL A 110 -1.63 1.18 9.66
CA VAL A 110 -1.15 -0.10 9.15
C VAL A 110 -0.19 0.20 8.00
N ILE A 111 0.71 -0.73 7.73
CA ILE A 111 1.41 -0.84 6.47
C ILE A 111 0.55 -1.75 5.61
N TRP A 112 0.20 -1.32 4.40
CA TRP A 112 -0.17 -2.29 3.38
C TRP A 112 1.17 -2.62 2.74
N LYS A 113 1.50 -3.90 2.58
CA LYS A 113 2.68 -4.31 1.81
C LYS A 113 2.32 -5.41 0.81
N GLY A 114 3.22 -5.66 -0.13
CA GLY A 114 3.10 -6.79 -1.02
C GLY A 114 4.16 -6.75 -2.12
N TRP A 115 4.14 -7.75 -2.97
CA TRP A 115 4.90 -7.81 -4.20
C TRP A 115 3.90 -8.08 -5.33
N ILE A 116 3.75 -7.13 -6.24
CA ILE A 116 2.93 -7.31 -7.43
C ILE A 116 3.89 -7.83 -8.49
N ASP A 117 3.55 -8.99 -9.01
CA ASP A 117 4.31 -9.72 -9.98
C ASP A 117 4.18 -9.13 -11.38
N LEU A 118 5.28 -9.19 -12.13
CA LEU A 118 5.47 -8.52 -13.40
C LEU A 118 4.78 -9.26 -14.55
N HIS A 119 4.07 -10.37 -14.30
CA HIS A 119 3.31 -11.04 -15.34
C HIS A 119 2.20 -10.11 -15.85
N ARG A 120 1.25 -9.74 -14.98
CA ARG A 120 0.01 -9.06 -15.34
C ARG A 120 -0.43 -8.07 -14.27
N LEU A 121 0.38 -7.87 -13.23
CA LEU A 121 0.07 -7.08 -12.06
C LEU A 121 -0.98 -7.77 -11.18
N ASP A 122 -0.85 -9.07 -11.00
CA ASP A 122 -1.46 -9.78 -9.87
C ASP A 122 -0.28 -10.09 -8.93
N GLY A 123 -0.47 -10.71 -7.78
CA GLY A 123 0.66 -11.08 -6.94
C GLY A 123 0.22 -11.26 -5.50
N MET A 124 1.08 -10.89 -4.55
CA MET A 124 0.96 -11.23 -3.14
C MET A 124 1.05 -9.97 -2.30
N GLY A 125 0.38 -9.92 -1.15
CA GLY A 125 0.36 -8.78 -0.27
C GLY A 125 -0.60 -8.99 0.88
N CYS A 126 -0.68 -8.00 1.76
CA CYS A 126 -1.36 -8.05 3.05
C CYS A 126 -1.22 -6.74 3.78
N LEU A 127 -1.68 -6.75 5.02
CA LEU A 127 -1.40 -5.69 5.96
C LEU A 127 -0.34 -6.14 6.95
N GLU A 128 0.23 -5.15 7.61
CA GLU A 128 1.15 -5.21 8.72
C GLU A 128 0.95 -3.92 9.54
N PHE A 129 1.59 -3.74 10.69
CA PHE A 129 1.51 -2.47 11.42
C PHE A 129 2.63 -1.54 10.93
N ASP A 130 2.44 -0.22 11.02
CA ASP A 130 3.52 0.74 10.78
C ASP A 130 3.92 1.37 12.11
N GLU A 131 4.82 0.74 12.86
CA GLU A 131 5.09 1.12 14.23
C GLU A 131 5.59 2.56 14.34
N GLU A 132 6.58 2.92 13.53
CA GLU A 132 7.20 4.23 13.60
C GLU A 132 6.27 5.32 13.09
N ARG A 133 5.60 5.06 11.96
CA ARG A 133 4.66 6.02 11.39
C ARG A 133 3.44 6.16 12.30
N ALA A 134 2.98 5.09 12.94
CA ALA A 134 1.91 5.15 13.92
C ALA A 134 2.36 6.01 15.08
N GLN A 135 3.59 5.81 15.59
CA GLN A 135 4.10 6.67 16.65
C GLN A 135 4.20 8.12 16.18
N GLN A 136 4.43 8.39 14.89
CA GLN A 136 4.53 9.73 14.39
C GLN A 136 3.14 10.36 14.34
N GLU A 137 2.15 9.65 13.78
CA GLU A 137 0.79 10.15 13.66
C GLU A 137 0.12 10.27 15.03
N ASP A 138 0.50 9.40 15.98
CA ASP A 138 0.05 9.42 17.37
C ASP A 138 0.41 10.77 17.96
N ALA A 139 1.67 11.19 17.80
CA ALA A 139 2.10 12.50 18.25
C ALA A 139 1.34 13.59 17.48
N LEU A 140 1.19 13.45 16.16
CA LEU A 140 0.54 14.44 15.33
C LEU A 140 -0.93 14.65 15.62
N ALA A 141 -1.58 13.78 16.36
CA ALA A 141 -2.95 13.96 16.85
C ALA A 141 -3.09 15.13 17.85
N GLN A 142 -2.13 16.06 17.90
CA GLN A 142 -1.84 16.97 19.00
C GLN A 142 -1.85 16.20 20.32
N GLN A 143 -1.03 15.15 20.37
CA GLN A 143 -0.75 14.41 21.60
C GLN A 143 0.50 15.02 22.21
N GLY A 1 -5.46 -6.24 -26.59
CA GLY A 1 -6.75 -6.93 -26.67
C GLY A 1 -7.88 -6.01 -26.25
N SER A 2 -8.78 -6.47 -25.38
CA SER A 2 -9.90 -5.68 -24.88
C SER A 2 -10.13 -5.97 -23.38
N MET A 3 -9.05 -6.24 -22.63
CA MET A 3 -9.15 -6.59 -21.22
C MET A 3 -7.81 -6.33 -20.50
N PRO A 4 -7.54 -5.09 -20.07
CA PRO A 4 -6.29 -4.75 -19.40
C PRO A 4 -6.28 -5.27 -17.95
N ARG A 5 -5.07 -5.40 -17.42
CA ARG A 5 -4.79 -5.61 -16.01
C ARG A 5 -3.34 -5.24 -15.71
N VAL A 6 -2.49 -5.33 -16.73
CA VAL A 6 -1.11 -4.91 -16.75
C VAL A 6 -0.90 -4.07 -18.01
N VAL A 7 0.21 -3.33 -18.10
CA VAL A 7 0.67 -2.72 -19.34
C VAL A 7 1.47 -3.75 -20.19
N PRO A 8 1.91 -3.41 -21.41
CA PRO A 8 2.92 -4.17 -22.13
C PRO A 8 4.18 -4.42 -21.28
N ASP A 9 5.02 -3.42 -21.11
CA ASP A 9 6.31 -3.54 -20.44
C ASP A 9 6.20 -2.86 -19.08
N GLN A 10 5.75 -3.63 -18.09
CA GLN A 10 5.61 -3.16 -16.72
C GLN A 10 6.91 -2.56 -16.19
N ARG A 11 8.07 -3.15 -16.49
CA ARG A 11 9.33 -2.66 -15.97
C ARG A 11 9.75 -1.33 -16.59
N SER A 12 9.60 -1.17 -17.91
CA SER A 12 9.80 0.14 -18.52
C SER A 12 8.73 1.10 -17.99
N LYS A 13 7.55 0.62 -17.58
CA LYS A 13 6.60 1.46 -16.88
C LYS A 13 7.15 1.90 -15.53
N PHE A 14 7.78 1.03 -14.74
CA PHE A 14 8.45 1.28 -13.45
C PHE A 14 9.66 2.24 -13.56
N GLU A 15 10.02 2.65 -14.77
CA GLU A 15 10.96 3.72 -15.05
C GLU A 15 10.32 4.94 -15.76
N ASN A 16 9.10 4.80 -16.30
CA ASN A 16 8.29 5.86 -16.89
C ASN A 16 7.48 6.60 -15.83
N GLU A 17 6.47 5.95 -15.23
CA GLU A 17 5.36 6.62 -14.56
C GLU A 17 5.78 7.68 -13.53
N GLU A 18 5.47 8.95 -13.83
CA GLU A 18 5.79 10.13 -13.03
C GLU A 18 5.24 10.02 -11.59
N PHE A 19 4.24 9.14 -11.40
CA PHE A 19 3.54 8.93 -10.17
C PHE A 19 4.55 8.41 -9.14
N PHE A 20 5.37 7.38 -9.44
CA PHE A 20 6.12 6.75 -8.42
C PHE A 20 7.26 7.65 -7.99
N ARG A 21 7.75 8.56 -8.84
CA ARG A 21 8.85 9.45 -8.49
C ARG A 21 8.46 10.42 -7.40
N LYS A 22 7.19 10.82 -7.34
CA LYS A 22 6.63 11.67 -6.31
C LYS A 22 6.61 10.96 -4.96
N LEU A 23 6.37 9.65 -4.98
CA LEU A 23 6.41 8.80 -3.80
C LEU A 23 7.86 8.49 -3.40
N SER A 24 8.69 8.38 -4.43
CA SER A 24 10.11 8.14 -4.42
C SER A 24 10.49 6.85 -3.68
N ARG A 25 11.79 6.75 -3.40
CA ARG A 25 12.31 5.85 -2.36
C ARG A 25 12.13 6.54 -1.01
N GLU A 26 12.42 5.84 0.08
CA GLU A 26 11.96 6.09 1.44
C GLU A 26 11.73 7.56 1.80
N CYS A 27 10.44 7.95 1.83
CA CYS A 27 9.94 9.27 2.15
C CYS A 27 8.95 9.20 3.30
N GLU A 28 8.53 10.36 3.77
CA GLU A 28 7.53 10.47 4.81
C GLU A 28 6.14 10.25 4.19
N ILE A 29 5.26 9.60 4.94
CA ILE A 29 3.90 9.24 4.55
C ILE A 29 2.94 9.52 5.69
N LYS A 30 1.64 9.55 5.38
CA LYS A 30 0.59 9.86 6.35
C LYS A 30 -0.71 9.19 5.94
N TYR A 31 -1.37 8.43 6.82
CA TYR A 31 -2.70 7.88 6.52
C TYR A 31 -3.65 9.07 6.30
N THR A 32 -4.60 8.98 5.37
CA THR A 32 -5.51 10.06 4.99
C THR A 32 -6.84 9.41 4.64
N GLY A 33 -7.73 9.31 5.61
CA GLY A 33 -9.07 8.74 5.42
C GLY A 33 -9.87 8.94 6.68
N PHE A 34 -10.32 7.87 7.34
CA PHE A 34 -11.06 8.02 8.60
C PHE A 34 -10.19 8.70 9.66
N ARG A 35 -8.86 8.50 9.65
CA ARG A 35 -7.98 9.10 10.66
C ARG A 35 -8.00 10.63 10.68
N ASP A 36 -8.66 11.26 9.73
CA ASP A 36 -8.87 12.71 9.70
C ASP A 36 -9.79 13.12 10.87
N ARG A 37 -10.57 12.19 11.45
CA ARG A 37 -11.26 12.39 12.73
C ARG A 37 -10.25 12.74 13.83
N PRO A 38 -10.67 13.40 14.92
CA PRO A 38 -9.80 13.62 16.07
C PRO A 38 -9.32 12.30 16.68
N HIS A 39 -8.14 12.34 17.28
CA HIS A 39 -7.52 11.20 17.91
C HIS A 39 -8.17 10.92 19.25
N GLU A 40 -8.26 9.63 19.58
CA GLU A 40 -8.96 9.13 20.75
C GLU A 40 -8.62 7.65 20.91
N GLU A 41 -9.06 6.81 19.98
CA GLU A 41 -8.79 5.38 19.91
C GLU A 41 -8.84 5.07 18.42
N ARG A 42 -7.84 5.61 17.71
CA ARG A 42 -7.81 5.62 16.25
C ARG A 42 -6.63 4.82 15.72
N GLN A 43 -5.56 4.62 16.49
CA GLN A 43 -4.43 3.78 16.08
C GLN A 43 -4.82 2.31 15.94
N THR A 44 -5.57 1.80 16.89
CA THR A 44 -6.13 0.45 16.84
C THR A 44 -7.12 0.36 15.67
N ARG A 45 -8.04 1.32 15.52
CA ARG A 45 -8.92 1.36 14.38
C ARG A 45 -8.13 1.40 13.09
N PHE A 46 -6.99 2.07 13.06
CA PHE A 46 -6.14 2.17 11.90
C PHE A 46 -5.77 0.77 11.42
N GLN A 47 -5.33 -0.10 12.32
CA GLN A 47 -5.10 -1.50 11.95
C GLN A 47 -6.40 -2.17 11.50
N ASN A 48 -7.53 -1.89 12.14
CA ASN A 48 -8.81 -2.50 11.75
C ASN A 48 -9.28 -2.04 10.35
N ALA A 49 -9.11 -0.78 9.97
CA ALA A 49 -9.40 -0.25 8.64
C ALA A 49 -8.39 -0.78 7.64
N CYS A 50 -7.14 -0.94 8.05
CA CYS A 50 -6.12 -1.67 7.29
C CYS A 50 -6.43 -3.17 7.17
N ARG A 51 -7.35 -3.73 7.97
CA ARG A 51 -7.74 -5.13 7.95
C ARG A 51 -9.03 -5.30 7.18
N ASP A 52 -9.85 -4.24 7.13
CA ASP A 52 -11.13 -4.24 6.43
C ASP A 52 -10.92 -4.60 4.97
N GLY A 53 -9.78 -4.19 4.42
CA GLY A 53 -9.40 -4.56 3.07
C GLY A 53 -8.54 -3.44 2.57
N ARG A 54 -8.89 -2.84 1.44
CA ARG A 54 -8.23 -1.62 0.97
C ARG A 54 -8.29 -0.55 2.05
N SER A 55 -7.42 0.45 1.92
CA SER A 55 -7.42 1.57 2.86
C SER A 55 -7.01 2.83 2.11
N GLU A 56 -6.70 3.92 2.81
CA GLU A 56 -6.44 5.22 2.21
C GLU A 56 -5.30 5.93 2.92
N ILE A 57 -4.17 6.09 2.22
CA ILE A 57 -2.95 6.65 2.79
C ILE A 57 -2.49 7.75 1.84
N ALA A 58 -1.57 8.61 2.25
CA ALA A 58 -0.94 9.60 1.40
C ALA A 58 0.56 9.57 1.63
N PHE A 59 1.30 10.19 0.73
CA PHE A 59 2.65 10.62 1.03
C PHE A 59 2.60 11.96 1.74
N VAL A 60 3.76 12.40 2.23
CA VAL A 60 3.98 13.73 2.79
C VAL A 60 4.93 14.50 1.88
N ALA A 61 5.92 13.83 1.29
CA ALA A 61 6.96 14.43 0.47
C ALA A 61 6.32 15.26 -0.64
N THR A 62 5.60 14.60 -1.55
CA THR A 62 4.76 15.24 -2.56
C THR A 62 3.30 15.29 -2.10
N GLY A 63 2.92 14.59 -1.02
CA GLY A 63 1.60 14.74 -0.43
C GLY A 63 0.53 13.85 -1.08
N THR A 64 0.93 12.74 -1.71
CA THR A 64 0.17 12.04 -2.72
C THR A 64 -0.82 11.09 -2.07
N ASN A 65 -2.05 11.57 -1.87
CA ASN A 65 -3.21 10.77 -1.47
C ASN A 65 -3.41 9.60 -2.44
N LEU A 66 -3.50 8.40 -1.86
CA LEU A 66 -3.31 7.12 -2.50
C LEU A 66 -4.26 6.11 -1.84
N SER A 67 -5.17 5.53 -2.60
CA SER A 67 -6.00 4.45 -2.10
C SER A 67 -5.14 3.19 -2.11
N LEU A 68 -4.73 2.73 -0.92
CA LEU A 68 -3.92 1.54 -0.76
C LEU A 68 -4.82 0.32 -0.89
N GLN A 69 -4.28 -0.80 -1.33
CA GLN A 69 -5.09 -1.85 -1.89
C GLN A 69 -4.59 -3.18 -1.34
N PHE A 70 -5.23 -3.70 -0.29
CA PHE A 70 -4.77 -4.92 0.36
C PHE A 70 -5.47 -6.12 -0.31
N PHE A 71 -5.06 -6.34 -1.55
CA PHE A 71 -5.38 -7.38 -2.51
C PHE A 71 -4.10 -8.19 -2.86
N PRO A 72 -3.76 -9.20 -2.06
CA PRO A 72 -2.72 -10.15 -2.41
C PRO A 72 -3.15 -10.91 -3.66
N ALA A 73 -2.25 -11.74 -4.21
CA ALA A 73 -2.68 -12.74 -5.18
C ALA A 73 -3.74 -13.67 -4.55
N SER A 74 -3.62 -13.95 -3.24
CA SER A 74 -4.69 -14.50 -2.42
C SER A 74 -5.66 -13.38 -2.03
N TRP A 75 -6.66 -13.06 -2.86
CA TRP A 75 -7.57 -11.96 -2.58
C TRP A 75 -8.36 -12.25 -1.31
N GLN A 76 -8.50 -11.21 -0.49
CA GLN A 76 -9.14 -11.24 0.82
C GLN A 76 -10.67 -11.23 0.64
N GLY A 77 -11.27 -10.05 0.50
CA GLY A 77 -12.66 -9.84 0.14
C GLY A 77 -13.17 -8.67 0.95
N GLU A 78 -13.46 -8.94 2.21
CA GLU A 78 -13.81 -8.03 3.30
C GLU A 78 -13.09 -8.56 4.54
N GLN A 79 -12.88 -7.71 5.56
CA GLN A 79 -12.35 -8.03 6.89
C GLN A 79 -11.32 -9.16 6.89
N ARG A 80 -10.29 -8.94 6.06
CA ARG A 80 -9.14 -9.78 5.78
C ARG A 80 -9.42 -11.24 5.49
N GLN A 81 -8.34 -11.98 5.30
CA GLN A 81 -8.34 -13.42 5.47
C GLN A 81 -6.94 -13.81 5.93
N THR A 82 -5.97 -13.67 5.04
CA THR A 82 -4.61 -14.16 5.23
C THR A 82 -3.66 -13.27 4.43
N PRO A 83 -3.30 -12.09 4.94
CA PRO A 83 -2.18 -11.30 4.45
C PRO A 83 -0.89 -11.73 5.18
N SER A 84 0.29 -11.26 4.76
CA SER A 84 1.53 -11.46 5.49
C SER A 84 1.62 -10.45 6.66
N ARG A 85 2.61 -10.64 7.53
CA ARG A 85 3.04 -9.70 8.57
C ARG A 85 3.29 -8.33 7.98
N GLU A 86 4.16 -8.24 6.96
CA GLU A 86 4.51 -6.96 6.34
C GLU A 86 3.25 -6.30 5.75
N TYR A 87 2.39 -7.14 5.16
CA TYR A 87 1.22 -6.79 4.39
C TYR A 87 0.16 -6.18 5.30
N VAL A 88 -0.47 -6.96 6.20
CA VAL A 88 -1.31 -6.42 7.27
C VAL A 88 -1.10 -7.24 8.55
N ASP A 89 -0.89 -6.53 9.66
CA ASP A 89 -0.90 -6.94 11.06
C ASP A 89 0.21 -7.90 11.49
N LEU A 90 0.87 -7.52 12.57
CA LEU A 90 2.17 -7.94 13.05
C LEU A 90 2.27 -7.84 14.58
N GLU A 91 1.14 -7.95 15.29
CA GLU A 91 0.97 -7.88 16.75
C GLU A 91 1.27 -6.51 17.40
N ARG A 92 1.99 -5.64 16.69
CA ARG A 92 2.37 -4.23 16.87
C ARG A 92 3.89 -4.17 16.90
N GLU A 93 4.50 -3.38 16.02
CA GLU A 93 5.91 -3.07 16.03
C GLU A 93 6.15 -1.93 17.05
N ALA A 94 7.35 -1.35 17.06
CA ALA A 94 7.88 -0.47 18.11
C ALA A 94 7.18 0.89 18.15
N GLY A 95 5.94 0.92 18.62
CA GLY A 95 5.10 2.09 18.57
C GLY A 95 4.82 2.55 17.13
N LYS A 96 5.07 1.69 16.14
CA LYS A 96 4.70 1.81 14.75
C LYS A 96 4.05 0.50 14.31
N VAL A 97 3.36 0.53 13.19
CA VAL A 97 2.95 -0.68 12.46
C VAL A 97 3.66 -0.62 11.10
N TYR A 98 3.91 -1.77 10.49
CA TYR A 98 4.38 -1.87 9.13
C TYR A 98 3.17 -2.09 8.25
N LEU A 99 3.29 -1.83 6.94
CA LEU A 99 2.26 -1.95 5.95
C LEU A 99 2.91 -2.27 4.60
N LYS A 100 2.15 -2.87 3.70
CA LYS A 100 2.60 -3.31 2.37
C LYS A 100 1.35 -3.63 1.58
N ALA A 101 1.21 -3.04 0.41
CA ALA A 101 0.13 -3.38 -0.51
C ALA A 101 0.69 -3.19 -1.92
N PRO A 102 0.47 -4.12 -2.88
CA PRO A 102 0.71 -3.82 -4.28
C PRO A 102 -0.15 -2.62 -4.67
N MET A 103 0.24 -1.92 -5.72
CA MET A 103 -0.60 -1.02 -6.48
C MET A 103 -0.82 -1.59 -7.87
N ILE A 104 -1.80 -1.03 -8.57
CA ILE A 104 -1.93 -1.07 -10.02
C ILE A 104 -2.30 0.35 -10.42
N LEU A 105 -1.35 1.27 -10.30
CA LEU A 105 -1.43 2.52 -11.04
C LEU A 105 -1.03 2.14 -12.46
N ASN A 106 -1.84 2.50 -13.45
CA ASN A 106 -1.58 2.46 -14.89
C ASN A 106 -1.54 1.04 -15.46
N GLY A 107 -1.52 0.00 -14.64
CA GLY A 107 -1.19 -1.36 -15.05
C GLY A 107 0.22 -1.77 -14.63
N VAL A 108 0.86 -1.06 -13.69
CA VAL A 108 2.13 -1.43 -13.08
C VAL A 108 1.84 -2.02 -11.71
N CYS A 109 2.21 -3.28 -11.50
CA CYS A 109 2.39 -3.83 -10.18
C CYS A 109 3.69 -3.23 -9.66
N VAL A 110 3.53 -2.14 -8.91
CA VAL A 110 4.55 -1.68 -7.99
C VAL A 110 4.08 -1.99 -6.59
N ILE A 111 5.04 -2.16 -5.70
CA ILE A 111 4.83 -2.29 -4.29
C ILE A 111 4.65 -0.91 -3.75
N TRP A 112 3.73 -0.77 -2.82
CA TRP A 112 3.73 0.32 -1.88
C TRP A 112 4.14 -0.36 -0.58
N LYS A 113 5.18 0.13 0.08
CA LYS A 113 5.54 -0.33 1.41
C LYS A 113 5.73 0.85 2.38
N GLY A 114 5.74 0.57 3.67
CA GLY A 114 6.09 1.57 4.65
C GLY A 114 5.79 1.11 6.06
N TRP A 115 6.01 1.99 7.02
CA TRP A 115 5.57 1.87 8.38
C TRP A 115 4.87 3.16 8.77
N ILE A 116 3.78 3.03 9.52
CA ILE A 116 2.98 4.13 10.01
C ILE A 116 3.03 4.02 11.53
N ASP A 117 3.71 4.97 12.13
CA ASP A 117 3.86 5.19 13.54
C ASP A 117 2.53 5.46 14.24
N LEU A 118 2.41 4.99 15.47
CA LEU A 118 1.16 4.96 16.23
C LEU A 118 1.09 6.24 17.04
N HIS A 119 0.87 7.34 16.32
CA HIS A 119 0.78 8.65 16.92
C HIS A 119 -0.45 9.36 16.37
N ARG A 120 -0.36 9.97 15.18
CA ARG A 120 -1.49 10.41 14.37
C ARG A 120 -1.69 9.49 13.17
N LEU A 121 -0.81 8.51 12.95
CA LEU A 121 -0.71 7.69 11.76
C LEU A 121 -0.02 8.46 10.63
N ASP A 122 1.13 9.04 10.95
CA ASP A 122 2.15 9.45 9.99
C ASP A 122 3.27 8.42 10.14
N GLY A 123 4.29 8.47 9.28
CA GLY A 123 5.38 7.52 9.34
C GLY A 123 6.21 7.60 8.05
N MET A 124 6.81 6.51 7.60
CA MET A 124 7.75 6.50 6.46
C MET A 124 7.39 5.38 5.50
N GLY A 125 7.50 5.60 4.20
CA GLY A 125 7.20 4.60 3.19
C GLY A 125 7.61 5.11 1.82
N CYS A 126 7.36 4.29 0.81
CA CYS A 126 7.87 4.45 -0.54
C CYS A 126 7.34 3.32 -1.40
N LEU A 127 7.77 3.28 -2.65
CA LEU A 127 7.44 2.19 -3.54
C LEU A 127 8.60 1.23 -3.69
N GLU A 128 8.30 0.08 -4.26
CA GLU A 128 9.24 -0.85 -4.92
C GLU A 128 8.54 -1.45 -6.15
N PHE A 129 9.13 -2.41 -6.85
CA PHE A 129 8.44 -3.22 -7.88
C PHE A 129 8.28 -4.63 -7.36
N ASP A 130 7.07 -5.18 -7.30
CA ASP A 130 6.88 -6.54 -6.88
C ASP A 130 7.03 -7.35 -8.17
N GLU A 131 8.23 -7.87 -8.47
CA GLU A 131 8.34 -8.72 -9.66
C GLU A 131 7.46 -9.96 -9.54
N GLU A 132 7.30 -10.51 -8.34
CA GLU A 132 6.49 -11.70 -8.14
C GLU A 132 5.01 -11.42 -8.38
N ARG A 133 4.48 -10.37 -7.75
CA ARG A 133 3.11 -10.00 -7.98
C ARG A 133 2.91 -9.58 -9.43
N ALA A 134 3.87 -8.89 -10.05
CA ALA A 134 3.81 -8.54 -11.46
C ALA A 134 3.75 -9.80 -12.31
N GLN A 135 4.55 -10.85 -12.03
CA GLN A 135 4.40 -12.13 -12.70
C GLN A 135 3.02 -12.72 -12.45
N GLN A 136 2.45 -12.57 -11.25
CA GLN A 136 1.15 -13.19 -10.99
C GLN A 136 0.06 -12.45 -11.74
N GLU A 137 0.10 -11.12 -11.74
CA GLU A 137 -0.89 -10.30 -12.42
C GLU A 137 -0.72 -10.38 -13.94
N ASP A 138 0.51 -10.57 -14.42
CA ASP A 138 0.83 -10.80 -15.83
C ASP A 138 0.09 -12.04 -16.32
N ALA A 139 0.01 -13.08 -15.48
CA ALA A 139 -0.77 -14.28 -15.73
C ALA A 139 -2.27 -14.07 -15.52
N LEU A 140 -2.69 -13.38 -14.45
CA LEU A 140 -4.09 -13.11 -14.12
C LEU A 140 -4.75 -12.16 -15.11
N ALA A 141 -3.95 -11.47 -15.93
CA ALA A 141 -4.32 -10.77 -17.15
C ALA A 141 -4.89 -11.70 -18.23
N GLN A 142 -5.11 -12.98 -17.94
CA GLN A 142 -5.22 -14.12 -18.84
C GLN A 142 -4.02 -14.19 -19.76
N GLN A 143 -2.92 -14.65 -19.19
CA GLN A 143 -1.77 -15.22 -19.86
C GLN A 143 -1.39 -16.41 -19.01
N GLY A 1 -8.26 12.97 22.77
CA GLY A 1 -9.08 14.19 22.93
C GLY A 1 -10.02 14.38 21.76
N SER A 2 -9.63 15.14 20.73
CA SER A 2 -10.42 15.33 19.53
C SER A 2 -9.47 15.64 18.38
N MET A 3 -8.73 14.63 17.93
CA MET A 3 -7.82 14.69 16.80
C MET A 3 -7.95 13.37 16.04
N PRO A 4 -8.75 13.31 14.95
CA PRO A 4 -8.67 12.20 14.02
C PRO A 4 -7.32 12.22 13.29
N ARG A 5 -7.16 11.29 12.32
CA ARG A 5 -5.94 10.77 11.70
C ARG A 5 -5.37 9.65 12.53
N VAL A 6 -5.70 9.58 13.82
CA VAL A 6 -5.37 8.47 14.70
C VAL A 6 -6.62 8.06 15.46
N VAL A 7 -6.54 6.93 16.15
CA VAL A 7 -7.47 6.54 17.20
C VAL A 7 -6.68 6.11 18.42
N PRO A 8 -7.28 6.07 19.62
CA PRO A 8 -6.71 5.36 20.75
C PRO A 8 -6.59 3.88 20.38
N ASP A 9 -5.60 3.21 20.98
CA ASP A 9 -5.29 1.80 20.86
C ASP A 9 -5.35 1.29 19.41
N GLN A 10 -4.56 1.94 18.53
CA GLN A 10 -4.42 1.52 17.17
C GLN A 10 -4.16 0.01 17.01
N ARG A 11 -3.38 -0.60 17.90
CA ARG A 11 -3.08 -2.04 17.81
C ARG A 11 -4.27 -2.92 18.19
N SER A 12 -5.23 -2.46 18.99
CA SER A 12 -6.48 -3.21 19.15
C SER A 12 -7.39 -2.92 17.96
N LYS A 13 -7.41 -1.68 17.45
CA LYS A 13 -8.19 -1.36 16.27
C LYS A 13 -7.66 -2.08 15.03
N PHE A 14 -6.36 -2.43 14.97
CA PHE A 14 -5.76 -3.21 13.90
C PHE A 14 -6.49 -4.53 13.70
N GLU A 15 -6.96 -5.12 14.80
CA GLU A 15 -7.78 -6.32 14.79
C GLU A 15 -9.28 -5.98 14.65
N ASN A 16 -9.76 -4.91 15.28
CA ASN A 16 -11.19 -4.62 15.40
C ASN A 16 -11.77 -3.94 14.17
N GLU A 17 -10.97 -3.27 13.35
CA GLU A 17 -11.35 -2.98 11.98
C GLU A 17 -11.48 -4.32 11.22
N GLU A 18 -12.72 -4.80 11.13
CA GLU A 18 -13.06 -5.97 10.33
C GLU A 18 -12.67 -5.76 8.85
N PHE A 19 -12.50 -4.49 8.43
CA PHE A 19 -11.91 -4.12 7.17
C PHE A 19 -10.54 -4.78 7.00
N PHE A 20 -9.63 -4.66 7.98
CA PHE A 20 -8.32 -5.30 7.87
C PHE A 20 -8.43 -6.82 7.98
N ARG A 21 -9.39 -7.37 8.72
CA ARG A 21 -9.56 -8.82 8.79
C ARG A 21 -9.72 -9.43 7.41
N LYS A 22 -10.51 -8.80 6.56
CA LYS A 22 -10.75 -9.28 5.21
C LYS A 22 -9.45 -9.36 4.43
N LEU A 23 -8.64 -8.32 4.50
CA LEU A 23 -7.37 -8.21 3.81
C LEU A 23 -6.29 -9.04 4.51
N SER A 24 -6.49 -9.43 5.80
CA SER A 24 -5.32 -9.79 6.60
C SER A 24 -4.64 -11.06 6.06
N ARG A 25 -3.40 -11.28 6.54
CA ARG A 25 -2.40 -12.30 6.32
C ARG A 25 -2.08 -12.53 4.85
N GLU A 26 -0.87 -13.04 4.61
CA GLU A 26 -0.22 -13.03 3.28
C GLU A 26 -1.03 -13.85 2.29
N CYS A 27 -1.71 -13.17 1.36
CA CYS A 27 -2.60 -13.74 0.38
C CYS A 27 -2.53 -12.97 -0.93
N GLU A 28 -3.29 -13.44 -1.91
CA GLU A 28 -3.21 -12.92 -3.26
C GLU A 28 -3.89 -11.54 -3.39
N ILE A 29 -3.27 -10.66 -4.18
CA ILE A 29 -3.64 -9.27 -4.43
C ILE A 29 -3.49 -8.98 -5.92
N LYS A 30 -4.09 -7.86 -6.38
CA LYS A 30 -3.89 -7.41 -7.76
C LYS A 30 -4.22 -5.96 -8.00
N TYR A 31 -3.54 -5.31 -8.93
CA TYR A 31 -3.75 -3.92 -9.28
C TYR A 31 -5.16 -3.73 -9.84
N THR A 32 -5.81 -2.58 -9.61
CA THR A 32 -7.16 -2.32 -10.16
C THR A 32 -7.36 -0.87 -10.64
N GLY A 33 -6.33 -0.02 -10.64
CA GLY A 33 -6.31 1.18 -11.49
C GLY A 33 -6.07 0.79 -12.94
N PHE A 34 -5.35 1.61 -13.71
CA PHE A 34 -5.25 1.58 -15.16
C PHE A 34 -4.74 0.24 -15.74
N ARG A 35 -4.25 -0.71 -14.92
CA ARG A 35 -4.18 -2.14 -15.33
C ARG A 35 -5.53 -2.68 -15.82
N ASP A 36 -6.65 -2.04 -15.47
CA ASP A 36 -7.98 -2.26 -16.02
C ASP A 36 -7.98 -2.50 -17.52
N ARG A 37 -7.28 -1.62 -18.26
CA ARG A 37 -7.31 -1.55 -19.71
C ARG A 37 -6.77 -2.86 -20.32
N PRO A 38 -7.11 -3.17 -21.58
CA PRO A 38 -6.65 -4.39 -22.25
C PRO A 38 -5.14 -4.50 -22.14
N HIS A 39 -4.63 -5.62 -21.63
CA HIS A 39 -3.26 -5.71 -21.13
C HIS A 39 -2.23 -5.49 -22.24
N GLU A 40 -0.95 -5.35 -21.85
CA GLU A 40 0.28 -5.36 -22.65
C GLU A 40 0.96 -3.97 -22.64
N GLU A 41 0.27 -2.92 -22.18
CA GLU A 41 0.75 -1.54 -22.20
C GLU A 41 0.55 -0.90 -20.80
N ARG A 42 0.76 -1.70 -19.74
CA ARG A 42 0.52 -1.27 -18.35
C ARG A 42 1.57 -1.73 -17.34
N GLN A 43 2.46 -2.66 -17.67
CA GLN A 43 3.37 -3.27 -16.70
C GLN A 43 4.43 -2.30 -16.18
N THR A 44 5.14 -1.64 -17.07
CA THR A 44 6.10 -0.58 -16.74
C THR A 44 5.37 0.68 -16.28
N ARG A 45 4.20 0.99 -16.84
CA ARG A 45 3.36 2.03 -16.29
C ARG A 45 3.07 1.76 -14.84
N PHE A 46 2.83 0.53 -14.44
CA PHE A 46 2.43 0.26 -13.07
C PHE A 46 3.49 0.77 -12.12
N GLN A 47 4.77 0.53 -12.41
CA GLN A 47 5.85 1.13 -11.63
C GLN A 47 5.74 2.67 -11.65
N ASN A 48 5.44 3.26 -12.81
CA ASN A 48 5.31 4.72 -12.92
C ASN A 48 4.05 5.26 -12.20
N ALA A 49 2.97 4.49 -12.11
CA ALA A 49 1.70 4.82 -11.46
C ALA A 49 1.80 4.63 -9.95
N CYS A 50 2.65 3.70 -9.50
CA CYS A 50 3.11 3.63 -8.13
C CYS A 50 3.99 4.83 -7.75
N ARG A 51 4.79 5.30 -8.71
CA ARG A 51 5.76 6.36 -8.52
C ARG A 51 5.10 7.72 -8.66
N ASP A 52 3.93 7.78 -9.29
CA ASP A 52 3.03 8.94 -9.30
C ASP A 52 2.72 9.37 -7.87
N GLY A 53 2.60 8.38 -6.99
CA GLY A 53 2.19 8.55 -5.62
C GLY A 53 1.04 7.57 -5.37
N ARG A 54 -0.04 7.99 -4.71
CA ARG A 54 -1.13 7.08 -4.37
C ARG A 54 -1.65 6.39 -5.61
N SER A 55 -2.01 5.14 -5.46
CA SER A 55 -2.31 4.22 -6.56
C SER A 55 -3.57 3.43 -6.20
N GLU A 56 -3.85 2.34 -6.93
CA GLU A 56 -5.10 1.60 -6.83
C GLU A 56 -4.87 0.10 -6.97
N ILE A 57 -4.87 -0.64 -5.85
CA ILE A 57 -4.56 -2.08 -5.80
C ILE A 57 -5.57 -2.76 -4.89
N ALA A 58 -6.05 -3.93 -5.31
CA ALA A 58 -7.09 -4.69 -4.66
C ALA A 58 -6.52 -5.95 -4.02
N PHE A 59 -7.31 -6.61 -3.17
CA PHE A 59 -7.07 -8.01 -2.81
C PHE A 59 -7.83 -8.93 -3.75
N VAL A 60 -7.38 -10.17 -3.86
CA VAL A 60 -8.09 -11.28 -4.49
C VAL A 60 -8.79 -12.10 -3.40
N ALA A 61 -8.11 -12.33 -2.27
CA ALA A 61 -8.53 -13.24 -1.21
C ALA A 61 -9.96 -13.00 -0.73
N THR A 62 -10.37 -11.73 -0.67
CA THR A 62 -11.68 -11.32 -0.25
C THR A 62 -12.20 -10.14 -1.10
N GLY A 63 -11.37 -9.56 -1.97
CA GLY A 63 -11.83 -8.75 -3.08
C GLY A 63 -12.16 -7.33 -2.66
N THR A 64 -11.15 -6.54 -2.33
CA THR A 64 -11.34 -5.16 -1.92
C THR A 64 -10.39 -4.31 -2.75
N ASN A 65 -10.94 -3.55 -3.69
CA ASN A 65 -10.31 -2.39 -4.28
C ASN A 65 -9.95 -1.43 -3.15
N LEU A 66 -8.73 -0.93 -3.16
CA LEU A 66 -8.12 -0.14 -2.12
C LEU A 66 -7.20 0.85 -2.84
N SER A 67 -7.28 2.12 -2.47
CA SER A 67 -6.42 3.13 -3.04
C SER A 67 -5.18 3.16 -2.16
N LEU A 68 -4.09 2.61 -2.69
CA LEU A 68 -2.86 2.43 -1.93
C LEU A 68 -2.22 3.80 -1.79
N GLN A 69 -1.79 4.17 -0.60
CA GLN A 69 -1.33 5.51 -0.33
C GLN A 69 0.16 5.46 -0.02
N PHE A 70 1.02 6.13 -0.80
CA PHE A 70 2.47 6.02 -0.61
C PHE A 70 3.03 7.29 -0.01
N PHE A 71 2.45 7.73 1.10
CA PHE A 71 2.80 8.96 1.78
C PHE A 71 3.40 8.55 3.13
N PRO A 72 4.74 8.47 3.23
CA PRO A 72 5.40 8.18 4.50
C PRO A 72 5.31 9.42 5.38
N ALA A 73 6.01 9.43 6.51
CA ALA A 73 6.07 10.63 7.33
C ALA A 73 6.73 11.81 6.60
N SER A 74 7.49 11.58 5.53
CA SER A 74 8.03 12.63 4.66
C SER A 74 7.02 13.10 3.59
N TRP A 75 5.85 12.46 3.44
CA TRP A 75 4.86 12.70 2.40
C TRP A 75 5.49 12.62 0.99
N GLN A 76 4.77 13.05 -0.05
CA GLN A 76 5.22 12.97 -1.45
C GLN A 76 4.80 14.26 -2.17
N GLY A 77 3.57 14.28 -2.69
CA GLY A 77 3.06 15.30 -3.59
C GLY A 77 3.73 15.19 -4.96
N GLU A 78 3.19 14.34 -5.83
CA GLU A 78 3.49 14.16 -7.26
C GLU A 78 4.84 13.52 -7.55
N GLN A 79 4.78 12.42 -8.30
CA GLN A 79 5.87 11.69 -8.94
C GLN A 79 7.08 11.46 -8.01
N ARG A 80 6.78 10.89 -6.84
CA ARG A 80 7.62 10.52 -5.71
C ARG A 80 8.45 11.66 -5.11
N GLN A 81 8.77 11.49 -3.82
CA GLN A 81 9.88 12.21 -3.22
C GLN A 81 10.98 11.19 -2.96
N THR A 82 10.99 10.50 -1.82
CA THR A 82 11.92 9.37 -1.58
C THR A 82 11.21 8.24 -0.81
N PRO A 83 10.50 7.33 -1.49
CA PRO A 83 10.14 6.02 -0.96
C PRO A 83 11.38 5.16 -0.64
N SER A 84 11.21 4.02 0.02
CA SER A 84 12.18 2.95 0.03
C SER A 84 12.04 2.07 -1.23
N ARG A 85 12.88 1.06 -1.37
CA ARG A 85 12.82 0.09 -2.46
C ARG A 85 11.79 -1.00 -2.18
N GLU A 86 11.60 -1.34 -0.92
CA GLU A 86 10.55 -2.27 -0.51
C GLU A 86 9.14 -1.68 -0.72
N TYR A 87 9.06 -0.41 -1.14
CA TYR A 87 7.93 0.50 -1.01
C TYR A 87 7.54 0.94 -2.41
N VAL A 88 8.30 1.82 -3.08
CA VAL A 88 8.09 2.12 -4.49
C VAL A 88 9.44 2.24 -5.20
N ASP A 89 9.57 1.54 -6.33
CA ASP A 89 10.66 1.63 -7.31
C ASP A 89 11.97 1.10 -6.77
N LEU A 90 12.36 -0.02 -7.36
CA LEU A 90 13.50 -0.85 -7.05
C LEU A 90 14.10 -1.39 -8.35
N GLU A 91 13.93 -0.63 -9.44
CA GLU A 91 14.49 -0.84 -10.78
C GLU A 91 13.94 -2.09 -11.48
N ARG A 92 13.20 -2.94 -10.76
CA ARG A 92 12.52 -4.19 -11.04
C ARG A 92 13.19 -5.32 -10.29
N GLU A 93 12.41 -6.07 -9.52
CA GLU A 93 12.87 -7.33 -8.99
C GLU A 93 12.67 -8.43 -10.03
N ALA A 94 12.87 -9.69 -9.63
CA ALA A 94 12.91 -10.85 -10.52
C ALA A 94 11.52 -11.16 -11.11
N GLY A 95 11.13 -10.47 -12.18
CA GLY A 95 9.85 -10.63 -12.85
C GLY A 95 8.65 -10.15 -12.02
N LYS A 96 8.90 -9.56 -10.84
CA LYS A 96 7.92 -8.91 -9.99
C LYS A 96 8.49 -7.58 -9.54
N VAL A 97 7.66 -6.77 -8.92
CA VAL A 97 8.12 -5.56 -8.23
C VAL A 97 7.63 -5.63 -6.79
N TYR A 98 8.37 -5.00 -5.87
CA TYR A 98 8.04 -5.01 -4.46
C TYR A 98 7.20 -3.77 -4.19
N LEU A 99 6.25 -3.89 -3.27
CA LEU A 99 5.14 -2.96 -3.21
C LEU A 99 4.67 -2.88 -1.78
N LYS A 100 4.69 -1.69 -1.21
CA LYS A 100 4.40 -1.45 0.20
C LYS A 100 3.97 0.00 0.30
N ALA A 101 3.07 0.29 1.23
CA ALA A 101 2.60 1.65 1.46
C ALA A 101 1.95 1.69 2.84
N PRO A 102 2.35 2.61 3.73
CA PRO A 102 1.67 2.81 4.98
C PRO A 102 0.34 3.50 4.72
N MET A 103 -0.73 2.89 5.20
CA MET A 103 -2.08 3.41 5.11
C MET A 103 -2.46 3.90 6.48
N ILE A 104 -3.42 4.81 6.54
CA ILE A 104 -3.99 5.26 7.79
C ILE A 104 -5.49 5.16 7.62
N LEU A 105 -6.07 4.04 8.05
CA LEU A 105 -7.46 3.69 7.86
C LEU A 105 -8.10 3.61 9.24
N ASN A 106 -9.15 4.40 9.43
CA ASN A 106 -9.86 4.70 10.68
C ASN A 106 -9.02 5.51 11.67
N GLY A 107 -7.69 5.43 11.55
CA GLY A 107 -6.72 5.95 12.50
C GLY A 107 -5.64 4.92 12.84
N VAL A 108 -5.75 3.70 12.31
CA VAL A 108 -4.71 2.69 12.41
C VAL A 108 -3.73 2.96 11.30
N CYS A 109 -2.48 3.25 11.64
CA CYS A 109 -1.39 3.21 10.69
C CYS A 109 -1.06 1.73 10.52
N VAL A 110 -1.56 1.15 9.45
CA VAL A 110 -1.13 -0.15 8.96
C VAL A 110 -0.04 0.06 7.90
N ILE A 111 0.71 -1.00 7.60
CA ILE A 111 1.53 -1.11 6.42
C ILE A 111 0.78 -2.09 5.53
N TRP A 112 0.26 -1.62 4.41
CA TRP A 112 -0.07 -2.51 3.32
C TRP A 112 1.27 -2.95 2.73
N LYS A 113 1.51 -4.24 2.58
CA LYS A 113 2.79 -4.77 2.09
C LYS A 113 2.56 -5.88 1.07
N GLY A 114 3.56 -6.22 0.26
CA GLY A 114 3.45 -7.30 -0.72
C GLY A 114 4.46 -7.15 -1.85
N TRP A 115 4.25 -7.93 -2.91
CA TRP A 115 4.88 -7.78 -4.20
C TRP A 115 3.81 -8.01 -5.26
N ILE A 116 4.07 -7.52 -6.46
CA ILE A 116 3.14 -7.57 -7.58
C ILE A 116 3.96 -8.06 -8.76
N ASP A 117 3.70 -9.29 -9.19
CA ASP A 117 4.31 -9.86 -10.36
C ASP A 117 3.86 -9.16 -11.64
N LEU A 118 4.77 -9.05 -12.59
CA LEU A 118 4.60 -8.29 -13.81
C LEU A 118 3.77 -9.07 -14.84
N HIS A 119 3.15 -10.20 -14.47
CA HIS A 119 2.31 -10.99 -15.37
C HIS A 119 1.08 -10.17 -15.80
N ARG A 120 0.30 -9.71 -14.82
CA ARG A 120 -0.89 -8.92 -14.92
C ARG A 120 -0.92 -7.83 -13.86
N LEU A 121 0.16 -7.67 -13.09
CA LEU A 121 0.20 -6.83 -11.92
C LEU A 121 -0.73 -7.42 -10.85
N ASP A 122 -0.63 -8.74 -10.68
CA ASP A 122 -1.26 -9.49 -9.62
C ASP A 122 -0.12 -10.26 -8.93
N GLY A 123 -0.31 -10.68 -7.69
CA GLY A 123 0.80 -11.10 -6.85
C GLY A 123 0.30 -11.29 -5.43
N MET A 124 1.14 -11.05 -4.41
CA MET A 124 0.89 -11.48 -3.04
C MET A 124 1.17 -10.34 -2.07
N GLY A 125 0.34 -10.20 -1.04
CA GLY A 125 0.50 -9.18 -0.02
C GLY A 125 -0.50 -9.37 1.12
N CYS A 126 -0.55 -8.40 2.03
CA CYS A 126 -1.40 -8.38 3.21
C CYS A 126 -1.20 -7.05 3.91
N LEU A 127 -1.65 -7.00 5.16
CA LEU A 127 -1.43 -5.88 6.05
C LEU A 127 -0.45 -6.31 7.12
N GLU A 128 0.19 -5.31 7.69
CA GLU A 128 0.91 -5.34 8.96
C GLU A 128 0.58 -4.02 9.68
N PHE A 129 1.05 -3.83 10.90
CA PHE A 129 0.96 -2.57 11.63
C PHE A 129 2.18 -1.69 11.35
N ASP A 130 2.08 -0.38 11.59
CA ASP A 130 3.18 0.58 11.46
C ASP A 130 3.35 1.37 12.76
N GLU A 131 4.13 0.86 13.70
CA GLU A 131 4.39 1.43 15.00
C GLU A 131 4.99 2.81 14.88
N GLU A 132 6.08 2.97 14.13
CA GLU A 132 6.80 4.23 14.11
C GLU A 132 5.98 5.33 13.42
N ARG A 133 5.22 4.96 12.39
CA ARG A 133 4.36 5.90 11.71
C ARG A 133 3.12 6.21 12.53
N ALA A 134 2.55 5.25 13.26
CA ALA A 134 1.48 5.52 14.22
C ALA A 134 1.99 6.49 15.29
N GLN A 135 3.21 6.32 15.82
CA GLN A 135 3.78 7.31 16.73
C GLN A 135 3.88 8.68 16.05
N GLN A 136 4.26 8.71 14.76
CA GLN A 136 4.44 9.96 14.04
C GLN A 136 3.09 10.67 13.92
N GLU A 137 2.06 9.95 13.52
CA GLU A 137 0.75 10.53 13.30
C GLU A 137 0.08 10.91 14.61
N ASP A 138 0.40 10.20 15.70
CA ASP A 138 -0.04 10.56 17.05
C ASP A 138 0.55 11.91 17.42
N ALA A 139 1.84 12.13 17.16
CA ALA A 139 2.49 13.43 17.37
C ALA A 139 1.81 14.51 16.50
N LEU A 140 1.61 14.22 15.21
CA LEU A 140 0.97 15.13 14.29
C LEU A 140 -0.47 15.45 14.69
N ALA A 141 -1.15 14.54 15.39
CA ALA A 141 -2.47 14.71 15.98
C ALA A 141 -2.37 15.55 17.26
N GLN A 142 -1.86 16.77 17.12
CA GLN A 142 -1.74 17.82 18.12
C GLN A 142 -1.14 17.30 19.43
N GLN A 143 0.05 16.71 19.34
CA GLN A 143 0.76 16.11 20.45
C GLN A 143 2.25 16.32 20.24
N GLY A 1 -3.55 -6.42 -28.69
CA GLY A 1 -3.11 -6.16 -27.31
C GLY A 1 -4.27 -5.73 -26.45
N SER A 2 -4.86 -6.63 -25.66
CA SER A 2 -5.96 -6.34 -24.75
C SER A 2 -5.66 -7.04 -23.43
N MET A 3 -4.60 -6.61 -22.76
CA MET A 3 -4.22 -7.10 -21.44
C MET A 3 -4.00 -5.89 -20.54
N PRO A 4 -5.06 -5.19 -20.10
CA PRO A 4 -4.96 -4.27 -18.98
C PRO A 4 -4.83 -5.07 -17.68
N ARG A 5 -4.53 -4.35 -16.59
CA ARG A 5 -3.92 -4.80 -15.34
C ARG A 5 -2.41 -4.91 -15.52
N VAL A 6 -1.89 -4.87 -16.74
CA VAL A 6 -0.47 -5.00 -17.01
C VAL A 6 -0.08 -4.05 -18.14
N VAL A 7 1.12 -3.48 -18.07
CA VAL A 7 1.81 -2.86 -19.21
C VAL A 7 2.83 -3.90 -19.74
N PRO A 8 3.51 -3.70 -20.88
CA PRO A 8 4.54 -4.64 -21.32
C PRO A 8 5.78 -4.47 -20.46
N ASP A 9 6.48 -3.34 -20.63
CA ASP A 9 7.71 -2.98 -19.94
C ASP A 9 7.37 -2.48 -18.53
N GLN A 10 6.83 -3.35 -17.68
CA GLN A 10 6.42 -3.07 -16.31
C GLN A 10 7.58 -2.49 -15.52
N ARG A 11 8.76 -3.07 -15.66
CA ARG A 11 9.94 -2.64 -14.92
C ARG A 11 10.38 -1.23 -15.32
N SER A 12 10.27 -0.89 -16.60
CA SER A 12 10.58 0.47 -17.04
C SER A 12 9.43 1.41 -16.66
N LYS A 13 8.17 0.99 -16.69
CA LYS A 13 7.07 1.86 -16.28
C LYS A 13 7.08 2.11 -14.77
N PHE A 14 7.56 1.18 -13.95
CA PHE A 14 7.81 1.36 -12.53
C PHE A 14 8.69 2.60 -12.31
N GLU A 15 9.75 2.74 -13.11
CA GLU A 15 10.61 3.90 -13.04
C GLU A 15 9.92 5.13 -13.64
N ASN A 16 9.22 4.97 -14.78
CA ASN A 16 8.85 6.06 -15.67
C ASN A 16 7.63 6.81 -15.20
N GLU A 17 6.58 6.11 -14.76
CA GLU A 17 5.34 6.76 -14.33
C GLU A 17 5.58 7.94 -13.39
N GLU A 18 5.19 9.12 -13.83
CA GLU A 18 5.27 10.34 -13.05
C GLU A 18 4.40 10.26 -11.80
N PHE A 19 3.38 9.39 -11.78
CA PHE A 19 2.66 9.09 -10.57
C PHE A 19 3.62 8.45 -9.57
N PHE A 20 4.40 7.42 -9.95
CA PHE A 20 5.35 6.84 -9.03
C PHE A 20 6.46 7.81 -8.67
N ARG A 21 6.92 8.67 -9.59
CA ARG A 21 7.95 9.66 -9.26
C ARG A 21 7.51 10.60 -8.14
N LYS A 22 6.21 10.89 -8.04
CA LYS A 22 5.71 11.71 -6.94
C LYS A 22 5.94 10.99 -5.62
N LEU A 23 5.61 9.69 -5.56
CA LEU A 23 5.69 8.91 -4.34
C LEU A 23 7.13 8.53 -4.03
N SER A 24 7.96 8.40 -5.08
CA SER A 24 9.37 8.17 -5.04
C SER A 24 9.76 6.92 -4.24
N ARG A 25 11.06 6.85 -3.95
CA ARG A 25 11.66 6.07 -2.90
C ARG A 25 11.32 6.73 -1.55
N GLU A 26 11.93 6.25 -0.47
CA GLU A 26 11.66 6.62 0.92
C GLU A 26 11.33 8.11 1.13
N CYS A 27 10.07 8.41 1.47
CA CYS A 27 9.57 9.72 1.81
C CYS A 27 8.69 9.68 3.04
N GLU A 28 8.32 10.86 3.54
CA GLU A 28 7.38 11.00 4.63
C GLU A 28 5.94 10.85 4.12
N ILE A 29 5.05 10.30 4.94
CA ILE A 29 3.66 9.97 4.61
C ILE A 29 2.74 10.32 5.78
N LYS A 30 1.44 10.41 5.48
CA LYS A 30 0.38 10.72 6.44
C LYS A 30 -0.89 9.98 6.07
N TYR A 31 -1.53 9.28 7.01
CA TYR A 31 -2.81 8.62 6.77
C TYR A 31 -3.88 9.70 6.60
N THR A 32 -4.79 9.55 5.64
CA THR A 32 -5.81 10.55 5.37
C THR A 32 -7.15 9.83 5.23
N GLY A 33 -7.67 9.37 6.37
CA GLY A 33 -8.78 8.44 6.48
C GLY A 33 -9.62 8.75 7.71
N PHE A 34 -10.30 7.76 8.28
CA PHE A 34 -11.07 7.86 9.51
C PHE A 34 -10.18 8.29 10.68
N ARG A 35 -8.85 8.18 10.53
CA ARG A 35 -7.85 8.64 11.48
C ARG A 35 -8.01 10.11 11.87
N ASP A 36 -8.69 10.91 11.05
CA ASP A 36 -8.74 12.37 11.21
C ASP A 36 -9.80 12.84 12.22
N ARG A 37 -10.61 11.91 12.75
CA ARG A 37 -11.35 12.11 13.99
C ARG A 37 -10.32 12.15 15.16
N PRO A 38 -10.65 12.62 16.37
CA PRO A 38 -9.65 12.86 17.42
C PRO A 38 -8.85 11.59 17.73
N HIS A 39 -7.51 11.71 17.75
CA HIS A 39 -6.59 10.60 17.98
C HIS A 39 -6.77 9.98 19.37
N GLU A 40 -6.16 8.81 19.51
CA GLU A 40 -5.86 7.92 20.62
C GLU A 40 -6.58 6.60 20.33
N GLU A 41 -7.87 6.71 20.03
CA GLU A 41 -8.73 5.58 19.63
C GLU A 41 -8.40 5.23 18.19
N ARG A 42 -8.07 6.28 17.42
CA ARG A 42 -7.67 6.17 16.03
C ARG A 42 -6.48 5.23 15.87
N GLN A 43 -5.64 5.07 16.89
CA GLN A 43 -4.43 4.26 16.82
C GLN A 43 -4.75 2.79 16.66
N THR A 44 -5.70 2.30 17.44
CA THR A 44 -6.17 0.93 17.37
C THR A 44 -7.06 0.76 16.12
N ARG A 45 -7.99 1.69 15.88
CA ARG A 45 -8.81 1.64 14.67
C ARG A 45 -7.95 1.67 13.42
N PHE A 46 -6.80 2.31 13.44
CA PHE A 46 -5.87 2.34 12.33
C PHE A 46 -5.48 0.92 11.96
N GLN A 47 -4.96 0.15 12.90
CA GLN A 47 -4.58 -1.22 12.59
C GLN A 47 -5.80 -2.05 12.20
N ASN A 48 -6.99 -1.74 12.74
CA ASN A 48 -8.16 -2.55 12.43
C ASN A 48 -8.70 -2.21 11.04
N ALA A 49 -8.68 -0.94 10.62
CA ALA A 49 -9.12 -0.51 9.30
C ALA A 49 -8.13 -0.96 8.23
N CYS A 50 -6.84 -0.95 8.56
CA CYS A 50 -5.78 -1.53 7.73
C CYS A 50 -6.04 -3.03 7.52
N ARG A 51 -6.55 -3.72 8.54
CA ARG A 51 -6.80 -5.15 8.47
C ARG A 51 -8.10 -5.38 7.69
N ASP A 52 -9.08 -4.50 7.85
CA ASP A 52 -10.39 -4.53 7.22
C ASP A 52 -10.25 -4.59 5.72
N GLY A 53 -9.21 -3.96 5.17
CA GLY A 53 -9.07 -3.92 3.73
C GLY A 53 -8.30 -2.69 3.29
N ARG A 54 -8.66 -2.16 2.11
CA ARG A 54 -8.05 -0.95 1.56
C ARG A 54 -8.23 0.21 2.55
N SER A 55 -7.42 1.25 2.40
CA SER A 55 -7.60 2.49 3.10
C SER A 55 -7.03 3.62 2.24
N GLU A 56 -6.86 4.80 2.85
CA GLU A 56 -6.51 6.03 2.19
C GLU A 56 -5.38 6.67 2.98
N ILE A 57 -4.19 6.68 2.38
CA ILE A 57 -3.00 7.31 2.94
C ILE A 57 -2.57 8.36 1.92
N ALA A 58 -1.73 9.31 2.30
CA ALA A 58 -1.15 10.29 1.40
C ALA A 58 0.35 10.39 1.67
N PHE A 59 1.10 10.90 0.72
CA PHE A 59 2.49 11.27 0.95
C PHE A 59 2.53 12.71 1.41
N VAL A 60 3.35 13.00 2.42
CA VAL A 60 3.53 14.34 2.96
C VAL A 60 4.43 15.12 2.01
N ALA A 61 5.61 14.57 1.73
CA ALA A 61 6.68 15.23 0.98
C ALA A 61 6.13 15.86 -0.29
N THR A 62 5.44 15.05 -1.09
CA THR A 62 5.03 15.43 -2.42
C THR A 62 3.51 15.65 -2.52
N GLY A 63 2.70 15.20 -1.55
CA GLY A 63 1.26 15.37 -1.60
C GLY A 63 0.65 14.52 -2.68
N THR A 64 0.49 13.22 -2.43
CA THR A 64 -0.39 12.41 -3.25
C THR A 64 -1.17 11.46 -2.34
N ASN A 65 -2.49 11.67 -2.25
CA ASN A 65 -3.45 10.73 -1.70
C ASN A 65 -3.47 9.49 -2.60
N LEU A 66 -3.24 8.32 -2.02
CA LEU A 66 -3.23 7.04 -2.69
C LEU A 66 -4.10 6.10 -1.86
N SER A 67 -5.02 5.40 -2.52
CA SER A 67 -5.86 4.43 -1.84
C SER A 67 -5.04 3.17 -1.70
N LEU A 68 -4.49 2.94 -0.50
CA LEU A 68 -3.62 1.84 -0.18
C LEU A 68 -4.46 0.60 -0.10
N GLN A 69 -4.23 -0.32 -1.03
CA GLN A 69 -5.21 -1.34 -1.37
C GLN A 69 -4.57 -2.73 -1.30
N PHE A 70 -4.77 -3.43 -0.19
CA PHE A 70 -4.16 -4.73 0.14
C PHE A 70 -4.85 -5.84 -0.65
N PHE A 71 -4.58 -5.87 -1.94
CA PHE A 71 -5.04 -6.86 -2.90
C PHE A 71 -3.82 -7.51 -3.56
N PRO A 72 -3.26 -8.58 -2.96
CA PRO A 72 -2.26 -9.45 -3.60
C PRO A 72 -2.95 -10.25 -4.72
N ALA A 73 -2.51 -11.46 -5.04
CA ALA A 73 -3.29 -12.28 -5.96
C ALA A 73 -4.46 -12.91 -5.20
N SER A 74 -4.18 -13.59 -4.09
CA SER A 74 -5.18 -14.31 -3.29
C SER A 74 -5.69 -13.43 -2.15
N TRP A 75 -6.88 -12.84 -2.29
CA TRP A 75 -7.54 -12.08 -1.25
C TRP A 75 -9.04 -12.30 -1.31
N GLN A 76 -9.62 -12.22 -0.14
CA GLN A 76 -11.04 -12.19 0.16
C GLN A 76 -11.60 -10.81 -0.22
N GLY A 77 -11.55 -9.77 0.63
CA GLY A 77 -11.99 -8.43 0.23
C GLY A 77 -12.01 -7.42 1.37
N GLU A 78 -13.11 -7.39 2.13
CA GLU A 78 -13.43 -6.39 3.15
C GLU A 78 -13.67 -7.09 4.50
N GLN A 79 -13.48 -6.37 5.62
CA GLN A 79 -13.23 -6.93 6.95
C GLN A 79 -12.33 -8.15 6.81
N ARG A 80 -11.19 -7.92 6.16
CA ARG A 80 -10.37 -8.96 5.57
C ARG A 80 -9.84 -9.86 6.69
N GLN A 81 -9.91 -11.17 6.47
CA GLN A 81 -9.17 -12.15 7.21
C GLN A 81 -7.70 -11.88 6.93
N THR A 82 -6.94 -12.09 7.98
CA THR A 82 -5.50 -11.99 8.18
C THR A 82 -4.72 -11.71 6.88
N PRO A 83 -4.45 -10.44 6.52
CA PRO A 83 -3.28 -10.10 5.72
C PRO A 83 -2.01 -10.65 6.39
N SER A 84 -0.91 -10.77 5.65
CA SER A 84 0.31 -11.29 6.25
C SER A 84 0.97 -10.14 7.00
N ARG A 85 1.91 -10.44 7.91
CA ARG A 85 2.51 -9.45 8.79
C ARG A 85 3.18 -8.34 7.99
N GLU A 86 3.97 -8.70 6.97
CA GLU A 86 4.71 -7.74 6.19
C GLU A 86 3.81 -6.91 5.26
N TYR A 87 2.52 -7.22 5.14
CA TYR A 87 1.52 -6.30 4.60
C TYR A 87 0.85 -5.58 5.76
N VAL A 88 0.04 -6.28 6.57
CA VAL A 88 -0.67 -5.68 7.70
C VAL A 88 -0.66 -6.63 8.91
N ASP A 89 -0.70 -6.04 10.10
CA ASP A 89 -1.06 -6.63 11.38
C ASP A 89 0.08 -7.49 11.94
N LEU A 90 0.81 -6.93 12.90
CA LEU A 90 2.07 -7.46 13.41
C LEU A 90 2.23 -7.14 14.90
N GLU A 91 1.12 -7.02 15.61
CA GLU A 91 0.99 -6.91 17.07
C GLU A 91 1.57 -5.62 17.68
N ARG A 92 2.17 -4.76 16.85
CA ARG A 92 2.67 -3.39 17.04
C ARG A 92 4.19 -3.47 17.10
N GLU A 93 4.88 -2.69 16.27
CA GLU A 93 6.30 -2.43 16.42
C GLU A 93 6.50 -1.34 17.48
N ALA A 94 7.76 -0.98 17.70
CA ALA A 94 8.21 0.01 18.68
C ALA A 94 7.68 1.39 18.30
N GLY A 95 6.51 1.73 18.84
CA GLY A 95 5.81 2.98 18.58
C GLY A 95 5.35 3.17 17.14
N LYS A 96 5.48 2.17 16.27
CA LYS A 96 5.01 2.23 14.89
C LYS A 96 4.30 0.93 14.55
N VAL A 97 3.68 0.87 13.39
CA VAL A 97 3.28 -0.39 12.78
C VAL A 97 3.88 -0.39 11.38
N TYR A 98 4.15 -1.59 10.86
CA TYR A 98 4.64 -1.74 9.51
C TYR A 98 3.42 -1.75 8.60
N LEU A 99 3.63 -1.30 7.37
CA LEU A 99 2.53 -1.00 6.48
C LEU A 99 3.06 -1.22 5.07
N LYS A 100 2.29 -1.89 4.22
CA LYS A 100 2.74 -2.33 2.90
C LYS A 100 1.52 -2.84 2.17
N ALA A 101 1.39 -2.57 0.88
CA ALA A 101 0.38 -3.26 0.07
C ALA A 101 0.91 -3.43 -1.36
N PRO A 102 0.62 -4.56 -2.02
CA PRO A 102 0.83 -4.70 -3.45
C PRO A 102 -0.26 -3.92 -4.17
N MET A 103 0.01 -3.45 -5.37
CA MET A 103 -0.92 -2.67 -6.16
C MET A 103 -0.55 -2.71 -7.61
N ILE A 104 -1.53 -2.39 -8.46
CA ILE A 104 -1.42 -2.52 -9.90
C ILE A 104 -1.87 -1.19 -10.47
N LEU A 105 -0.93 -0.26 -10.57
CA LEU A 105 -1.14 1.11 -11.00
C LEU A 105 -0.62 1.25 -12.42
N ASN A 106 -1.46 1.70 -13.34
CA ASN A 106 -1.29 1.75 -14.80
C ASN A 106 -1.30 0.35 -15.42
N GLY A 107 -0.80 -0.61 -14.68
CA GLY A 107 -0.47 -1.96 -15.10
C GLY A 107 0.94 -2.37 -14.64
N VAL A 108 1.44 -1.76 -13.57
CA VAL A 108 2.68 -2.06 -12.95
C VAL A 108 2.36 -2.58 -11.56
N CYS A 109 2.81 -3.80 -11.27
CA CYS A 109 2.78 -4.39 -9.96
C CYS A 109 3.86 -3.70 -9.13
N VAL A 110 3.42 -2.66 -8.45
CA VAL A 110 4.22 -1.97 -7.45
C VAL A 110 3.83 -2.51 -6.09
N ILE A 111 4.68 -2.22 -5.12
CA ILE A 111 4.43 -2.43 -3.72
C ILE A 111 4.56 -1.04 -3.11
N TRP A 112 3.47 -0.51 -2.58
CA TRP A 112 3.61 0.59 -1.63
C TRP A 112 4.18 -0.04 -0.38
N LYS A 113 5.19 0.58 0.24
CA LYS A 113 5.76 0.09 1.49
C LYS A 113 6.03 1.22 2.47
N GLY A 114 6.21 0.91 3.77
CA GLY A 114 6.50 1.92 4.78
C GLY A 114 6.40 1.41 6.21
N TRP A 115 6.47 2.35 7.15
CA TRP A 115 6.11 2.21 8.54
C TRP A 115 5.33 3.48 8.91
N ILE A 116 4.09 3.33 9.34
CA ILE A 116 3.31 4.42 9.90
C ILE A 116 3.54 4.33 11.40
N ASP A 117 4.26 5.30 11.94
CA ASP A 117 4.19 5.61 13.34
C ASP A 117 2.81 5.93 13.85
N LEU A 118 2.64 5.55 15.11
CA LEU A 118 1.37 5.59 15.80
C LEU A 118 0.98 7.00 16.22
N HIS A 119 1.82 8.00 15.94
CA HIS A 119 1.75 9.33 16.51
C HIS A 119 0.44 9.97 16.08
N ARG A 120 0.35 10.28 14.79
CA ARG A 120 -0.81 10.88 14.14
C ARG A 120 -1.31 9.97 13.03
N LEU A 121 -0.71 8.77 12.92
CA LEU A 121 -0.79 7.94 11.74
C LEU A 121 -0.12 8.71 10.63
N ASP A 122 1.16 8.93 10.84
CA ASP A 122 2.08 9.57 9.92
C ASP A 122 3.37 8.77 10.10
N GLY A 123 4.40 9.10 9.35
CA GLY A 123 5.63 8.33 9.35
C GLY A 123 6.24 8.28 7.96
N MET A 124 6.73 7.12 7.54
CA MET A 124 7.56 6.98 6.35
C MET A 124 7.04 5.88 5.44
N GLY A 125 7.13 6.10 4.13
CA GLY A 125 6.77 5.13 3.12
C GLY A 125 7.24 5.57 1.74
N CYS A 126 6.98 4.74 0.74
CA CYS A 126 7.43 4.89 -0.63
C CYS A 126 6.85 3.78 -1.51
N LEU A 127 7.31 3.70 -2.75
CA LEU A 127 7.01 2.59 -3.64
C LEU A 127 8.22 1.70 -3.82
N GLU A 128 7.91 0.51 -4.31
CA GLU A 128 8.76 -0.63 -4.62
C GLU A 128 8.10 -1.33 -5.83
N PHE A 129 8.73 -2.36 -6.39
CA PHE A 129 8.18 -3.21 -7.45
C PHE A 129 7.90 -4.62 -6.89
N ASP A 130 7.02 -5.38 -7.54
CA ASP A 130 6.94 -6.84 -7.33
C ASP A 130 7.01 -7.61 -8.65
N GLU A 131 8.02 -8.48 -8.83
CA GLU A 131 8.19 -9.29 -10.04
C GLU A 131 7.06 -10.29 -10.21
N GLU A 132 6.71 -10.95 -9.11
CA GLU A 132 5.94 -12.18 -9.13
C GLU A 132 4.46 -11.85 -9.28
N ARG A 133 4.01 -10.75 -8.65
CA ARG A 133 2.68 -10.26 -8.95
C ARG A 133 2.58 -9.85 -10.41
N ALA A 134 3.61 -9.26 -11.01
CA ALA A 134 3.55 -8.85 -12.42
C ALA A 134 3.27 -10.07 -13.29
N GLN A 135 4.00 -11.17 -13.08
CA GLN A 135 3.75 -12.44 -13.74
C GLN A 135 2.34 -12.97 -13.43
N GLN A 136 1.85 -12.81 -12.19
CA GLN A 136 0.53 -13.31 -11.82
C GLN A 136 -0.55 -12.53 -12.55
N GLU A 137 -0.43 -11.21 -12.60
CA GLU A 137 -1.37 -10.29 -13.18
C GLU A 137 -1.38 -10.43 -14.70
N ASP A 138 -0.21 -10.71 -15.30
CA ASP A 138 -0.07 -10.98 -16.72
C ASP A 138 -0.90 -12.18 -17.11
N ALA A 139 -0.97 -13.19 -16.25
CA ALA A 139 -1.92 -14.29 -16.38
C ALA A 139 -3.37 -13.83 -16.12
N LEU A 140 -3.63 -13.04 -15.07
CA LEU A 140 -4.97 -12.57 -14.74
C LEU A 140 -5.59 -11.71 -15.85
N ALA A 141 -4.79 -11.14 -16.76
CA ALA A 141 -5.22 -10.39 -17.92
C ALA A 141 -5.79 -11.26 -19.07
N GLN A 142 -6.39 -12.42 -18.76
CA GLN A 142 -6.68 -13.53 -19.64
C GLN A 142 -5.44 -13.93 -20.44
N GLN A 143 -4.47 -14.52 -19.74
CA GLN A 143 -3.33 -15.22 -20.32
C GLN A 143 -3.00 -16.38 -19.38
N GLY A 1 18.90 -8.57 -20.56
CA GLY A 1 19.66 -8.78 -19.32
C GLY A 1 18.75 -9.35 -18.26
N SER A 2 18.75 -8.76 -17.06
CA SER A 2 17.80 -9.07 -16.00
C SER A 2 17.36 -7.74 -15.40
N MET A 3 16.32 -7.11 -15.99
CA MET A 3 15.87 -5.79 -15.61
C MET A 3 14.34 -5.71 -15.52
N PRO A 4 13.68 -6.59 -14.74
CA PRO A 4 12.24 -6.68 -14.69
C PRO A 4 11.63 -5.56 -13.86
N ARG A 5 10.47 -5.10 -14.32
CA ARG A 5 9.52 -4.33 -13.51
C ARG A 5 8.07 -4.79 -13.76
N VAL A 6 7.81 -5.51 -14.85
CA VAL A 6 6.47 -5.92 -15.23
C VAL A 6 6.51 -7.37 -15.73
N VAL A 7 5.34 -7.99 -15.85
CA VAL A 7 5.07 -9.18 -16.67
C VAL A 7 4.27 -8.72 -17.91
N PRO A 8 4.11 -9.54 -18.97
CA PRO A 8 3.41 -9.10 -20.17
C PRO A 8 1.92 -8.90 -19.87
N ASP A 9 1.34 -9.97 -19.37
CA ASP A 9 -0.06 -10.09 -19.02
C ASP A 9 -0.28 -9.65 -17.56
N GLN A 10 0.02 -8.38 -17.24
CA GLN A 10 -0.12 -7.82 -15.91
C GLN A 10 -1.55 -8.05 -15.41
N ARG A 11 -2.56 -7.73 -16.23
CA ARG A 11 -3.96 -7.81 -15.79
C ARG A 11 -4.40 -9.26 -15.56
N SER A 12 -3.76 -10.24 -16.20
CA SER A 12 -4.07 -11.61 -15.86
C SER A 12 -3.37 -11.96 -14.56
N LYS A 13 -2.08 -11.63 -14.40
CA LYS A 13 -1.36 -12.02 -13.21
C LYS A 13 -1.98 -11.38 -11.97
N PHE A 14 -2.49 -10.14 -12.08
CA PHE A 14 -3.27 -9.42 -11.08
C PHE A 14 -4.36 -10.29 -10.44
N GLU A 15 -4.94 -11.20 -11.22
CA GLU A 15 -6.07 -12.01 -10.78
C GLU A 15 -5.72 -13.50 -10.74
N ASN A 16 -4.56 -13.92 -11.26
CA ASN A 16 -4.09 -15.28 -11.22
C ASN A 16 -3.34 -15.52 -9.91
N GLU A 17 -2.27 -14.73 -9.64
CA GLU A 17 -1.38 -14.93 -8.51
C GLU A 17 -2.10 -15.22 -7.21
N GLU A 18 -1.78 -16.37 -6.61
CA GLU A 18 -2.27 -16.78 -5.30
C GLU A 18 -1.91 -15.75 -4.24
N PHE A 19 -0.79 -15.02 -4.39
CA PHE A 19 -0.43 -13.96 -3.49
C PHE A 19 -1.55 -12.91 -3.51
N PHE A 20 -2.02 -12.49 -4.68
CA PHE A 20 -3.12 -11.55 -4.76
C PHE A 20 -4.43 -12.16 -4.27
N ARG A 21 -4.71 -13.44 -4.56
CA ARG A 21 -5.92 -14.09 -4.05
C ARG A 21 -5.93 -14.10 -2.53
N LYS A 22 -4.79 -14.23 -1.86
CA LYS A 22 -4.75 -14.20 -0.40
C LYS A 22 -5.22 -12.84 0.11
N LEU A 23 -4.74 -11.77 -0.50
CA LEU A 23 -5.02 -10.41 -0.08
C LEU A 23 -6.43 -10.02 -0.51
N SER A 24 -6.94 -10.66 -1.57
CA SER A 24 -8.32 -10.64 -1.95
C SER A 24 -8.86 -9.22 -2.20
N ARG A 25 -10.19 -9.17 -2.31
CA ARG A 25 -11.01 -7.97 -2.29
C ARG A 25 -11.17 -7.55 -0.84
N GLU A 26 -11.92 -6.47 -0.58
CA GLU A 26 -12.06 -5.80 0.71
C GLU A 26 -12.30 -6.76 1.87
N CYS A 27 -11.25 -6.97 2.67
CA CYS A 27 -11.21 -7.78 3.88
C CYS A 27 -10.37 -7.04 4.94
N GLU A 28 -10.14 -7.65 6.10
CA GLU A 28 -9.46 -7.02 7.23
C GLU A 28 -7.92 -7.04 7.09
N ILE A 29 -7.26 -5.98 7.58
CA ILE A 29 -5.82 -5.75 7.56
C ILE A 29 -5.31 -5.26 8.92
N LYS A 30 -4.00 -5.35 9.13
CA LYS A 30 -3.32 -4.75 10.28
C LYS A 30 -1.98 -4.18 9.89
N TYR A 31 -1.57 -3.05 10.48
CA TYR A 31 -0.21 -2.58 10.31
C TYR A 31 0.74 -3.56 10.98
N THR A 32 1.97 -3.70 10.48
CA THR A 32 3.03 -4.43 11.17
C THR A 32 4.32 -3.63 10.96
N GLY A 33 4.52 -2.62 11.81
CA GLY A 33 5.64 -1.68 11.75
C GLY A 33 5.79 -1.02 13.11
N PHE A 34 6.09 0.29 13.14
CA PHE A 34 6.43 1.05 14.34
C PHE A 34 5.38 0.91 15.46
N ARG A 35 4.10 0.63 15.16
CA ARG A 35 3.08 0.43 16.18
C ARG A 35 3.41 -0.70 17.16
N ASP A 36 4.45 -1.48 16.90
CA ASP A 36 5.03 -2.41 17.87
C ASP A 36 5.49 -1.76 19.18
N ARG A 37 5.61 -0.42 19.25
CA ARG A 37 5.62 0.31 20.52
C ARG A 37 4.50 -0.11 21.47
N PRO A 38 4.61 0.28 22.77
CA PRO A 38 3.45 0.37 23.64
C PRO A 38 2.35 1.19 22.96
N HIS A 39 1.10 0.92 23.31
CA HIS A 39 0.00 1.71 22.79
C HIS A 39 -0.06 3.06 23.48
N GLU A 40 -0.72 4.00 22.79
CA GLU A 40 -1.11 5.37 23.11
C GLU A 40 -0.43 6.30 22.10
N GLU A 41 0.89 6.17 21.92
CA GLU A 41 1.79 7.15 21.32
C GLU A 41 1.83 7.05 19.79
N ARG A 42 1.00 6.17 19.23
CA ARG A 42 1.15 5.60 17.91
C ARG A 42 0.35 6.24 16.78
N GLN A 43 -0.81 6.78 17.11
CA GLN A 43 -1.88 7.15 16.19
C GLN A 43 -1.41 8.11 15.10
N THR A 44 -0.68 9.15 15.48
CA THR A 44 -0.23 10.20 14.57
C THR A 44 1.09 9.81 13.90
N ARG A 45 2.00 9.13 14.63
CA ARG A 45 3.17 8.60 13.99
C ARG A 45 2.80 7.69 12.86
N PHE A 46 1.73 6.93 13.00
CA PHE A 46 1.29 5.99 11.99
C PHE A 46 1.15 6.72 10.65
N GLN A 47 0.40 7.82 10.62
CA GLN A 47 0.23 8.62 9.39
C GLN A 47 1.57 9.26 8.97
N ASN A 48 2.49 9.54 9.89
CA ASN A 48 3.81 10.07 9.52
C ASN A 48 4.71 8.97 8.94
N ALA A 49 4.66 7.75 9.47
CA ALA A 49 5.39 6.58 9.00
C ALA A 49 4.90 6.17 7.62
N CYS A 50 3.59 6.32 7.39
CA CYS A 50 3.00 6.21 6.06
C CYS A 50 3.60 7.23 5.08
N ARG A 51 4.04 8.39 5.56
CA ARG A 51 4.57 9.46 4.73
C ARG A 51 6.09 9.33 4.57
N ASP A 52 6.74 8.70 5.56
CA ASP A 52 8.15 8.34 5.64
C ASP A 52 8.55 7.51 4.42
N GLY A 53 7.59 6.83 3.81
CA GLY A 53 7.80 6.25 2.49
C GLY A 53 7.14 4.90 2.48
N ARG A 54 7.82 3.87 1.97
CA ARG A 54 7.32 2.51 2.09
C ARG A 54 7.04 2.19 3.55
N SER A 55 6.18 1.20 3.79
CA SER A 55 5.93 0.69 5.13
C SER A 55 5.64 -0.80 5.07
N GLU A 56 5.05 -1.38 6.10
CA GLU A 56 4.80 -2.81 6.18
C GLU A 56 3.43 -3.02 6.84
N ILE A 57 2.52 -3.63 6.09
CA ILE A 57 1.12 -3.81 6.49
C ILE A 57 0.75 -5.24 6.13
N ALA A 58 -0.02 -5.90 6.98
CA ALA A 58 -0.44 -7.29 6.86
C ALA A 58 -1.93 -7.39 6.61
N PHE A 59 -2.39 -8.57 6.26
CA PHE A 59 -3.81 -8.89 6.19
C PHE A 59 -4.16 -9.70 7.41
N VAL A 60 -5.18 -9.25 8.16
CA VAL A 60 -5.75 -10.03 9.24
C VAL A 60 -6.56 -11.18 8.65
N ALA A 61 -7.21 -10.91 7.52
CA ALA A 61 -8.01 -11.84 6.75
C ALA A 61 -7.26 -13.16 6.55
N THR A 62 -6.02 -13.09 6.07
CA THR A 62 -5.32 -14.22 5.49
C THR A 62 -3.88 -14.34 6.01
N GLY A 63 -3.37 -13.34 6.73
CA GLY A 63 -2.09 -13.38 7.41
C GLY A 63 -0.90 -13.18 6.47
N THR A 64 -0.94 -12.16 5.62
CA THR A 64 0.14 -11.90 4.68
C THR A 64 0.64 -10.49 4.97
N ASN A 65 1.70 -10.40 5.76
CA ASN A 65 2.48 -9.25 6.12
C ASN A 65 3.38 -8.89 4.96
N LEU A 66 3.05 -7.84 4.22
CA LEU A 66 3.77 -7.41 3.03
C LEU A 66 4.31 -6.00 3.24
N SER A 67 5.33 -5.62 2.49
CA SER A 67 5.87 -4.28 2.56
C SER A 67 5.05 -3.42 1.60
N LEU A 68 4.28 -2.49 2.15
CA LEU A 68 3.56 -1.54 1.32
C LEU A 68 4.55 -0.54 0.77
N GLN A 69 4.28 -0.07 -0.45
CA GLN A 69 5.25 0.71 -1.19
C GLN A 69 4.61 2.05 -1.60
N PHE A 70 4.69 3.09 -0.78
CA PHE A 70 4.14 4.40 -1.13
C PHE A 70 5.10 5.16 -2.05
N PHE A 71 5.46 4.53 -3.16
CA PHE A 71 6.38 5.02 -4.16
C PHE A 71 5.68 5.05 -5.52
N PRO A 72 5.13 6.21 -5.92
CA PRO A 72 4.76 6.46 -7.30
C PRO A 72 6.04 6.54 -8.12
N ALA A 73 5.92 6.46 -9.45
CA ALA A 73 7.06 6.27 -10.33
C ALA A 73 8.09 7.41 -10.35
N SER A 74 7.86 8.54 -9.68
CA SER A 74 8.86 9.55 -9.37
C SER A 74 8.92 9.67 -7.85
N TRP A 75 9.87 8.97 -7.23
CA TRP A 75 10.03 8.85 -5.80
C TRP A 75 11.50 9.12 -5.42
N GLN A 76 11.76 9.26 -4.12
CA GLN A 76 13.05 9.64 -3.59
C GLN A 76 13.45 8.90 -2.31
N GLY A 77 12.54 8.16 -1.67
CA GLY A 77 12.91 7.16 -0.67
C GLY A 77 13.56 7.74 0.58
N GLU A 78 13.13 8.92 1.01
CA GLU A 78 13.56 9.54 2.27
C GLU A 78 12.38 9.92 3.18
N GLN A 79 11.15 9.92 2.64
CA GLN A 79 9.95 10.60 3.10
C GLN A 79 9.35 11.23 1.86
N ARG A 80 8.37 10.56 1.26
CA ARG A 80 7.55 11.24 0.27
C ARG A 80 7.03 12.49 0.98
N GLN A 81 7.10 13.66 0.35
CA GLN A 81 6.83 14.88 1.11
C GLN A 81 5.33 15.15 1.09
N THR A 82 4.77 15.44 -0.08
CA THR A 82 3.33 15.48 -0.29
C THR A 82 2.91 14.43 -1.33
N PRO A 83 2.74 13.15 -0.91
CA PRO A 83 2.07 12.09 -1.69
C PRO A 83 0.61 12.44 -2.02
N SER A 84 -0.12 11.57 -2.73
CA SER A 84 -1.48 11.88 -3.13
C SER A 84 -2.37 11.78 -1.91
N ARG A 85 -3.57 12.34 -2.03
CA ARG A 85 -4.51 12.46 -0.92
C ARG A 85 -4.96 11.07 -0.49
N GLU A 86 -5.38 10.22 -1.44
CA GLU A 86 -5.81 8.85 -1.12
C GLU A 86 -4.62 7.93 -0.83
N TYR A 87 -3.41 8.27 -1.32
CA TYR A 87 -2.20 7.49 -1.05
C TYR A 87 -1.88 7.62 0.43
N VAL A 88 -1.53 8.83 0.88
CA VAL A 88 -1.17 9.07 2.28
C VAL A 88 -1.65 10.46 2.72
N ASP A 89 -2.15 10.53 3.96
CA ASP A 89 -2.30 11.75 4.77
C ASP A 89 -3.27 12.75 4.16
N LEU A 90 -4.51 12.29 4.05
CA LEU A 90 -5.76 12.96 3.75
C LEU A 90 -6.27 13.73 4.98
N GLU A 91 -5.37 14.38 5.71
CA GLU A 91 -5.42 14.97 7.04
C GLU A 91 -5.58 13.91 8.11
N ARG A 92 -6.58 13.07 7.93
CA ARG A 92 -7.28 12.23 8.91
C ARG A 92 -8.71 12.11 8.43
N GLU A 93 -9.19 10.89 8.28
CA GLU A 93 -10.61 10.67 8.30
C GLU A 93 -11.06 10.74 9.76
N ALA A 94 -12.35 10.54 9.97
CA ALA A 94 -12.96 10.47 11.28
C ALA A 94 -12.65 9.10 11.88
N GLY A 95 -11.63 9.04 12.73
CA GLY A 95 -11.28 7.83 13.45
C GLY A 95 -10.66 6.74 12.58
N LYS A 96 -10.51 6.94 11.27
CA LYS A 96 -9.66 6.08 10.44
C LYS A 96 -8.80 6.96 9.54
N VAL A 97 -7.94 6.33 8.74
CA VAL A 97 -7.33 6.99 7.59
C VAL A 97 -7.47 6.04 6.42
N TYR A 98 -7.43 6.57 5.20
CA TYR A 98 -7.38 5.79 3.99
C TYR A 98 -5.92 5.68 3.61
N LEU A 99 -5.58 4.56 2.99
CA LEU A 99 -4.23 4.26 2.60
C LEU A 99 -4.33 3.61 1.24
N LYS A 100 -3.26 3.78 0.47
CA LYS A 100 -3.22 3.28 -0.90
C LYS A 100 -1.78 3.33 -1.35
N ALA A 101 -1.32 2.25 -1.95
CA ALA A 101 0.05 2.15 -2.41
C ALA A 101 0.08 1.29 -3.66
N PRO A 102 0.66 1.78 -4.77
CA PRO A 102 0.95 0.92 -5.91
C PRO A 102 2.07 -0.01 -5.50
N MET A 103 1.83 -1.30 -5.67
CA MET A 103 2.81 -2.33 -5.46
C MET A 103 3.43 -2.66 -6.81
N ILE A 104 4.55 -3.36 -6.79
CA ILE A 104 5.06 -4.07 -7.95
C ILE A 104 5.43 -5.44 -7.42
N LEU A 105 4.41 -6.30 -7.32
CA LEU A 105 4.57 -7.70 -6.96
C LEU A 105 4.48 -8.49 -8.25
N ASN A 106 5.36 -9.45 -8.44
CA ASN A 106 5.49 -10.38 -9.57
C ASN A 106 5.96 -9.67 -10.84
N GLY A 107 5.75 -8.36 -10.91
CA GLY A 107 5.78 -7.53 -12.11
C GLY A 107 4.36 -7.08 -12.47
N VAL A 108 3.56 -6.74 -11.48
CA VAL A 108 2.21 -6.29 -11.62
C VAL A 108 2.04 -5.04 -10.78
N CYS A 109 1.69 -3.93 -11.44
CA CYS A 109 1.23 -2.74 -10.77
C CYS A 109 -0.19 -2.97 -10.29
N VAL A 110 -0.32 -3.68 -9.17
CA VAL A 110 -1.56 -3.68 -8.42
C VAL A 110 -1.55 -2.45 -7.52
N ILE A 111 -2.74 -1.98 -7.17
CA ILE A 111 -2.96 -1.04 -6.10
C ILE A 111 -3.29 -1.92 -4.90
N TRP A 112 -2.57 -1.75 -3.80
CA TRP A 112 -3.09 -2.18 -2.52
C TRP A 112 -3.87 -0.95 -2.05
N LYS A 113 -5.12 -1.11 -1.62
CA LYS A 113 -5.92 -0.01 -1.07
C LYS A 113 -6.74 -0.43 0.14
N GLY A 114 -7.01 0.50 1.04
CA GLY A 114 -7.77 0.24 2.25
C GLY A 114 -8.00 1.48 3.09
N TRP A 115 -8.52 1.28 4.28
CA TRP A 115 -8.54 2.23 5.37
C TRP A 115 -8.00 1.54 6.63
N ILE A 116 -6.98 2.11 7.26
CA ILE A 116 -6.51 1.68 8.57
C ILE A 116 -7.18 2.61 9.57
N ASP A 117 -8.07 2.04 10.37
CA ASP A 117 -8.68 2.64 11.54
C ASP A 117 -7.65 3.01 12.60
N LEU A 118 -7.80 4.21 13.17
CA LEU A 118 -6.85 4.79 14.10
C LEU A 118 -6.87 4.09 15.46
N HIS A 119 -7.80 3.15 15.71
CA HIS A 119 -8.02 2.59 17.04
C HIS A 119 -6.80 1.83 17.53
N ARG A 120 -6.20 1.02 16.65
CA ARG A 120 -5.06 0.18 16.93
C ARG A 120 -4.14 0.08 15.72
N LEU A 121 -4.50 0.69 14.59
CA LEU A 121 -3.89 0.46 13.29
C LEU A 121 -4.25 -0.97 12.79
N ASP A 122 -5.48 -1.40 13.06
CA ASP A 122 -6.15 -2.47 12.33
C ASP A 122 -7.11 -1.76 11.35
N GLY A 123 -7.84 -2.47 10.50
CA GLY A 123 -8.83 -1.85 9.62
C GLY A 123 -9.09 -2.74 8.41
N MET A 124 -9.51 -2.17 7.27
CA MET A 124 -9.89 -2.90 6.06
C MET A 124 -8.96 -2.58 4.91
N GLY A 125 -8.65 -3.53 4.02
CA GLY A 125 -7.86 -3.31 2.83
C GLY A 125 -7.97 -4.49 1.88
N CYS A 126 -7.31 -4.38 0.73
CA CYS A 126 -7.44 -5.30 -0.40
C CYS A 126 -6.56 -4.87 -1.56
N LEU A 127 -6.68 -5.59 -2.68
CA LEU A 127 -6.02 -5.23 -3.92
C LEU A 127 -6.99 -4.73 -4.98
N GLU A 128 -6.41 -4.08 -5.97
CA GLU A 128 -6.98 -3.52 -7.18
C GLU A 128 -5.86 -3.47 -8.23
N PHE A 129 -6.15 -3.02 -9.45
CA PHE A 129 -5.17 -2.82 -10.52
C PHE A 129 -4.86 -1.33 -10.65
N ASP A 130 -3.59 -0.96 -10.79
CA ASP A 130 -3.18 0.41 -11.09
C ASP A 130 -3.11 0.59 -12.60
N GLU A 131 -4.22 0.95 -13.23
CA GLU A 131 -4.32 1.03 -14.67
C GLU A 131 -3.31 1.99 -15.30
N GLU A 132 -2.88 3.02 -14.56
CA GLU A 132 -2.02 4.07 -15.05
C GLU A 132 -0.57 3.73 -14.74
N ARG A 133 -0.26 3.32 -13.51
CA ARG A 133 1.09 2.91 -13.20
C ARG A 133 1.45 1.67 -13.98
N ALA A 134 0.53 0.74 -14.23
CA ALA A 134 0.81 -0.41 -15.09
C ALA A 134 1.33 0.08 -16.43
N GLN A 135 0.75 1.14 -17.00
CA GLN A 135 1.22 1.76 -18.23
C GLN A 135 2.59 2.43 -18.07
N GLN A 136 2.87 3.14 -16.96
CA GLN A 136 4.23 3.71 -16.82
C GLN A 136 5.24 2.58 -16.72
N GLU A 137 4.93 1.59 -15.90
CA GLU A 137 5.84 0.52 -15.59
C GLU A 137 6.03 -0.38 -16.81
N ASP A 138 5.00 -0.53 -17.65
CA ASP A 138 5.05 -1.29 -18.89
C ASP A 138 6.06 -0.69 -19.84
N ALA A 139 6.21 0.63 -19.84
CA ALA A 139 7.40 1.24 -20.43
C ALA A 139 8.62 0.84 -19.60
N LEU A 140 8.66 1.17 -18.30
CA LEU A 140 9.85 1.04 -17.44
C LEU A 140 10.48 -0.34 -17.33
N ALA A 141 9.84 -1.38 -17.85
CA ALA A 141 10.49 -2.64 -18.21
C ALA A 141 10.72 -2.71 -19.73
N GLN A 142 11.92 -2.34 -20.19
CA GLN A 142 12.35 -2.39 -21.59
C GLN A 142 11.49 -1.48 -22.47
N GLN A 143 11.79 -0.19 -22.37
CA GLN A 143 10.98 0.94 -22.71
C GLN A 143 10.70 0.98 -24.20
N GLY A 1 -2.95 -9.28 -26.17
CA GLY A 1 -4.26 -8.72 -26.51
C GLY A 1 -4.33 -7.28 -26.04
N SER A 2 -5.37 -6.94 -25.29
CA SER A 2 -5.53 -5.65 -24.63
C SER A 2 -6.05 -5.91 -23.22
N MET A 3 -5.15 -6.27 -22.30
CA MET A 3 -5.53 -6.78 -20.99
C MET A 3 -5.02 -5.83 -19.90
N PRO A 4 -5.86 -4.92 -19.36
CA PRO A 4 -5.50 -4.16 -18.16
C PRO A 4 -5.32 -5.10 -16.97
N ARG A 5 -4.88 -4.52 -15.84
CA ARG A 5 -4.23 -5.12 -14.67
C ARG A 5 -2.74 -5.19 -14.92
N VAL A 6 -2.31 -5.18 -16.18
CA VAL A 6 -0.91 -5.22 -16.55
C VAL A 6 -0.64 -4.25 -17.68
N VAL A 7 0.61 -3.84 -17.80
CA VAL A 7 1.21 -3.29 -19.01
C VAL A 7 2.28 -4.31 -19.48
N PRO A 8 2.94 -4.14 -20.65
CA PRO A 8 4.03 -5.02 -21.04
C PRO A 8 5.27 -4.71 -20.21
N ASP A 9 5.97 -3.62 -20.53
CA ASP A 9 7.20 -3.21 -19.85
C ASP A 9 6.89 -2.54 -18.51
N GLN A 10 6.45 -3.36 -17.57
CA GLN A 10 6.06 -2.95 -16.24
C GLN A 10 7.21 -2.27 -15.53
N ARG A 11 8.43 -2.80 -15.67
CA ARG A 11 9.60 -2.22 -15.02
C ARG A 11 9.91 -0.85 -15.61
N SER A 12 9.82 -0.65 -16.93
CA SER A 12 10.07 0.68 -17.44
C SER A 12 9.01 1.63 -16.92
N LYS A 13 7.73 1.24 -16.89
CA LYS A 13 6.70 2.14 -16.40
C LYS A 13 6.76 2.36 -14.88
N PHE A 14 7.30 1.44 -14.09
CA PHE A 14 7.60 1.68 -12.67
C PHE A 14 8.45 2.95 -12.53
N GLU A 15 9.44 3.09 -13.41
CA GLU A 15 10.24 4.29 -13.49
C GLU A 15 9.47 5.44 -14.15
N ASN A 16 8.78 5.19 -15.29
CA ASN A 16 8.38 6.20 -16.26
C ASN A 16 7.05 6.87 -15.96
N GLU A 17 6.10 6.23 -15.26
CA GLU A 17 4.92 6.93 -14.84
C GLU A 17 5.31 7.99 -13.83
N GLU A 18 5.08 9.24 -14.21
CA GLU A 18 5.36 10.42 -13.41
C GLU A 18 4.57 10.41 -12.10
N PHE A 19 3.49 9.62 -12.01
CA PHE A 19 2.79 9.36 -10.76
C PHE A 19 3.73 8.67 -9.77
N PHE A 20 4.47 7.64 -10.19
CA PHE A 20 5.40 6.97 -9.29
C PHE A 20 6.56 7.89 -8.92
N ARG A 21 7.00 8.79 -9.79
CA ARG A 21 8.06 9.76 -9.46
C ARG A 21 7.66 10.67 -8.31
N LYS A 22 6.38 11.06 -8.28
CA LYS A 22 5.85 11.91 -7.22
C LYS A 22 5.97 11.18 -5.89
N LEU A 23 5.69 9.88 -5.85
CA LEU A 23 5.79 9.06 -4.64
C LEU A 23 7.23 8.70 -4.32
N SER A 24 8.05 8.58 -5.35
CA SER A 24 9.48 8.41 -5.28
C SER A 24 9.95 7.18 -4.47
N ARG A 25 11.27 7.17 -4.20
CA ARG A 25 11.93 6.32 -3.20
C ARG A 25 11.60 6.86 -1.80
N GLU A 26 12.14 6.25 -0.74
CA GLU A 26 11.76 6.47 0.66
C GLU A 26 11.50 7.95 0.99
N CYS A 27 10.25 8.26 1.34
CA CYS A 27 9.72 9.58 1.63
C CYS A 27 8.81 9.49 2.86
N GLU A 28 8.29 10.64 3.28
CA GLU A 28 7.38 10.76 4.40
C GLU A 28 5.93 10.72 3.87
N ILE A 29 5.00 10.15 4.66
CA ILE A 29 3.63 9.83 4.29
C ILE A 29 2.66 10.13 5.42
N LYS A 30 1.37 10.23 5.07
CA LYS A 30 0.25 10.38 6.03
C LYS A 30 -0.92 9.46 5.69
N TYR A 31 -1.63 8.86 6.65
CA TYR A 31 -2.99 8.39 6.35
C TYR A 31 -3.87 9.61 6.08
N THR A 32 -4.97 9.43 5.34
CA THR A 32 -5.97 10.47 5.16
C THR A 32 -7.27 9.74 4.87
N GLY A 33 -8.04 9.50 5.93
CA GLY A 33 -9.16 8.57 5.92
C GLY A 33 -9.85 8.60 7.28
N PHE A 34 -10.17 7.42 7.83
CA PHE A 34 -10.91 7.21 9.06
C PHE A 34 -10.30 7.90 10.29
N ARG A 35 -9.00 8.24 10.24
CA ARG A 35 -8.35 9.05 11.27
C ARG A 35 -8.87 10.49 11.29
N ASP A 36 -9.64 10.96 10.30
CA ASP A 36 -10.08 12.33 10.02
C ASP A 36 -10.07 13.24 11.25
N ARG A 37 -10.88 12.86 12.23
CA ARG A 37 -11.14 13.56 13.49
C ARG A 37 -9.86 13.79 14.34
N PRO A 38 -9.92 14.56 15.44
CA PRO A 38 -8.84 14.62 16.42
C PRO A 38 -8.45 13.22 16.91
N HIS A 39 -7.23 13.10 17.43
CA HIS A 39 -6.74 11.83 17.94
C HIS A 39 -7.40 11.54 19.28
N GLU A 40 -7.59 10.25 19.54
CA GLU A 40 -8.55 9.75 20.50
C GLU A 40 -8.09 8.34 20.88
N GLU A 41 -8.48 7.34 20.11
CA GLU A 41 -8.17 5.93 20.32
C GLU A 41 -8.21 5.30 18.94
N ARG A 42 -7.38 5.81 18.05
CA ARG A 42 -7.49 5.59 16.62
C ARG A 42 -6.41 4.65 16.11
N GLN A 43 -5.34 4.37 16.86
CA GLN A 43 -4.24 3.51 16.46
C GLN A 43 -4.66 2.05 16.25
N THR A 44 -5.30 1.40 17.23
CA THR A 44 -5.73 0.01 17.08
C THR A 44 -6.78 -0.09 15.96
N ARG A 45 -7.72 0.87 15.92
CA ARG A 45 -8.64 1.01 14.80
C ARG A 45 -7.89 1.18 13.50
N PHE A 46 -6.81 1.93 13.47
CA PHE A 46 -6.05 2.15 12.26
C PHE A 46 -5.57 0.82 11.70
N GLN A 47 -4.96 -0.04 12.53
CA GLN A 47 -4.57 -1.35 12.06
C GLN A 47 -5.80 -2.09 11.56
N ASN A 48 -6.97 -1.96 12.21
CA ASN A 48 -8.15 -2.70 11.78
C ASN A 48 -8.84 -2.07 10.55
N ALA A 49 -8.66 -0.78 10.28
CA ALA A 49 -9.18 -0.04 9.13
C ALA A 49 -8.28 -0.22 7.91
N CYS A 50 -6.98 -0.39 8.15
CA CYS A 50 -6.04 -0.88 7.15
C CYS A 50 -6.35 -2.33 6.76
N ARG A 51 -7.01 -3.10 7.64
CA ARG A 51 -7.29 -4.53 7.50
C ARG A 51 -8.72 -4.79 7.02
N ASP A 52 -9.53 -3.75 7.16
CA ASP A 52 -10.87 -3.56 6.60
C ASP A 52 -10.79 -3.75 5.09
N GLY A 53 -9.65 -3.42 4.44
CA GLY A 53 -9.39 -4.01 3.14
C GLY A 53 -8.53 -3.17 2.26
N ARG A 54 -9.09 -2.14 1.66
CA ARG A 54 -8.35 -1.07 1.02
C ARG A 54 -8.12 0.04 2.03
N SER A 55 -7.52 1.13 1.58
CA SER A 55 -7.53 2.33 2.40
C SER A 55 -7.16 3.55 1.57
N GLU A 56 -6.66 4.64 2.18
CA GLU A 56 -6.18 5.81 1.48
C GLU A 56 -5.10 6.44 2.33
N ILE A 57 -3.96 6.66 1.69
CA ILE A 57 -2.76 7.20 2.30
C ILE A 57 -2.37 8.37 1.38
N ALA A 58 -1.48 9.24 1.80
CA ALA A 58 -0.91 10.30 0.99
C ALA A 58 0.56 10.40 1.33
N PHE A 59 1.31 11.14 0.51
CA PHE A 59 2.72 11.41 0.74
C PHE A 59 2.88 12.83 1.21
N VAL A 60 3.63 13.06 2.28
CA VAL A 60 4.00 14.39 2.71
C VAL A 60 4.94 15.01 1.69
N ALA A 61 5.94 14.26 1.23
CA ALA A 61 7.09 14.82 0.53
C ALA A 61 6.66 15.67 -0.68
N THR A 62 5.85 15.08 -1.56
CA THR A 62 5.29 15.76 -2.71
C THR A 62 3.81 16.14 -2.52
N GLY A 63 3.07 15.51 -1.62
CA GLY A 63 1.62 15.60 -1.65
C GLY A 63 1.10 14.79 -2.82
N THR A 64 0.93 13.49 -2.67
CA THR A 64 0.04 12.76 -3.56
C THR A 64 -0.77 11.84 -2.67
N ASN A 65 -2.07 12.10 -2.62
CA ASN A 65 -3.08 11.16 -2.19
C ASN A 65 -3.01 9.95 -3.10
N LEU A 66 -2.99 8.75 -2.53
CA LEU A 66 -3.04 7.51 -3.27
C LEU A 66 -3.93 6.55 -2.51
N SER A 67 -4.89 5.95 -3.22
CA SER A 67 -5.95 5.18 -2.60
C SER A 67 -5.41 3.76 -2.51
N LEU A 68 -5.00 3.35 -1.31
CA LEU A 68 -4.22 2.14 -1.12
C LEU A 68 -5.14 0.94 -1.31
N GLN A 69 -4.59 -0.20 -1.70
CA GLN A 69 -5.35 -1.38 -2.10
C GLN A 69 -4.55 -2.61 -1.66
N PHE A 70 -4.91 -3.20 -0.51
CA PHE A 70 -4.19 -4.37 0.01
C PHE A 70 -4.82 -5.60 -0.66
N PHE A 71 -4.42 -5.86 -1.90
CA PHE A 71 -4.94 -6.93 -2.74
C PHE A 71 -3.79 -7.89 -3.06
N PRO A 72 -3.34 -8.70 -2.07
CA PRO A 72 -2.51 -9.87 -2.35
C PRO A 72 -3.32 -10.90 -3.13
N ALA A 73 -2.65 -11.96 -3.61
CA ALA A 73 -3.24 -13.19 -4.12
C ALA A 73 -3.81 -14.04 -2.98
N SER A 74 -4.48 -13.39 -2.04
CA SER A 74 -5.31 -13.93 -0.98
C SER A 74 -6.59 -13.08 -0.83
N TRP A 75 -6.62 -11.85 -1.37
CA TRP A 75 -7.73 -10.92 -1.32
C TRP A 75 -8.24 -10.76 0.13
N GLN A 76 -9.43 -10.22 0.32
CA GLN A 76 -10.02 -9.90 1.60
C GLN A 76 -11.53 -10.08 1.51
N GLY A 77 -12.15 -9.61 0.43
CA GLY A 77 -13.59 -9.49 0.24
C GLY A 77 -14.00 -8.18 0.88
N GLU A 78 -13.72 -8.11 2.17
CA GLU A 78 -14.03 -7.06 3.13
C GLU A 78 -13.57 -7.58 4.49
N GLN A 79 -12.88 -6.76 5.30
CA GLN A 79 -12.45 -7.04 6.66
C GLN A 79 -11.91 -8.45 6.79
N ARG A 80 -10.71 -8.64 6.23
CA ARG A 80 -9.97 -9.87 6.42
C ARG A 80 -9.66 -10.02 7.91
N GLN A 81 -9.53 -11.25 8.40
CA GLN A 81 -9.10 -11.48 9.78
C GLN A 81 -7.63 -11.08 9.85
N THR A 82 -6.82 -11.61 8.92
CA THR A 82 -5.37 -11.59 9.01
C THR A 82 -4.73 -11.56 7.61
N PRO A 83 -4.35 -10.39 7.08
CA PRO A 83 -3.27 -10.21 6.12
C PRO A 83 -1.90 -10.58 6.73
N SER A 84 -0.81 -10.46 5.95
CA SER A 84 0.54 -10.67 6.48
C SER A 84 0.89 -9.51 7.40
N ARG A 85 1.93 -9.67 8.24
CA ARG A 85 2.37 -8.68 9.24
C ARG A 85 2.81 -7.41 8.55
N GLU A 86 3.76 -7.52 7.62
CA GLU A 86 4.31 -6.38 6.91
C GLU A 86 3.28 -5.71 6.01
N TYR A 87 2.23 -6.44 5.61
CA TYR A 87 1.17 -5.94 4.74
C TYR A 87 0.23 -5.16 5.64
N VAL A 88 -0.50 -5.86 6.52
CA VAL A 88 -1.32 -5.24 7.54
C VAL A 88 -1.45 -6.13 8.79
N ASP A 89 -1.14 -5.50 9.93
CA ASP A 89 -1.56 -5.89 11.29
C ASP A 89 -0.87 -7.12 11.87
N LEU A 90 -0.72 -7.04 13.19
CA LEU A 90 0.17 -7.70 14.09
C LEU A 90 -0.26 -7.28 15.50
N GLU A 91 0.39 -6.27 16.08
CA GLU A 91 0.43 -6.06 17.53
C GLU A 91 1.02 -4.68 17.92
N ARG A 92 1.15 -3.73 16.97
CA ARG A 92 2.04 -2.58 16.96
C ARG A 92 3.46 -3.11 16.82
N GLU A 93 4.20 -2.62 15.83
CA GLU A 93 5.63 -2.80 15.78
C GLU A 93 6.28 -1.73 16.68
N ALA A 94 7.61 -1.60 16.62
CA ALA A 94 8.39 -0.68 17.44
C ALA A 94 8.01 0.78 17.15
N GLY A 95 7.06 1.31 17.92
CA GLY A 95 6.43 2.63 17.85
C GLY A 95 5.79 3.01 16.52
N LYS A 96 5.84 2.14 15.52
CA LYS A 96 5.19 2.27 14.23
C LYS A 96 4.51 0.95 13.90
N VAL A 97 3.80 0.87 12.79
CA VAL A 97 3.42 -0.42 12.20
C VAL A 97 3.89 -0.44 10.77
N TYR A 98 4.30 -1.63 10.30
CA TYR A 98 4.83 -1.81 8.97
C TYR A 98 3.62 -1.98 8.06
N LEU A 99 3.75 -1.53 6.83
CA LEU A 99 2.61 -1.20 5.99
C LEU A 99 3.03 -1.47 4.55
N LYS A 100 2.26 -2.25 3.82
CA LYS A 100 2.64 -2.71 2.48
C LYS A 100 1.41 -3.10 1.70
N ALA A 101 1.32 -2.69 0.45
CA ALA A 101 0.21 -3.00 -0.43
C ALA A 101 0.71 -3.07 -1.87
N PRO A 102 0.65 -4.24 -2.54
CA PRO A 102 0.90 -4.29 -3.96
C PRO A 102 -0.18 -3.47 -4.66
N MET A 103 0.21 -2.54 -5.51
CA MET A 103 -0.70 -1.72 -6.26
C MET A 103 -0.68 -2.13 -7.71
N ILE A 104 -1.81 -1.92 -8.36
CA ILE A 104 -2.03 -2.15 -9.76
C ILE A 104 -2.75 -0.87 -10.21
N LEU A 105 -1.99 0.04 -10.83
CA LEU A 105 -2.49 1.30 -11.39
C LEU A 105 -2.86 0.99 -12.84
N ASN A 106 -2.18 1.61 -13.82
CA ASN A 106 -2.33 1.30 -15.24
C ASN A 106 -1.91 -0.13 -15.59
N GLY A 107 -1.29 -0.86 -14.65
CA GLY A 107 -0.83 -2.22 -14.87
C GLY A 107 0.66 -2.42 -14.55
N VAL A 108 1.30 -1.49 -13.87
CA VAL A 108 2.52 -1.79 -13.17
C VAL A 108 2.09 -2.36 -11.82
N CYS A 109 2.49 -3.61 -11.57
CA CYS A 109 2.48 -4.19 -10.24
C CYS A 109 3.65 -3.58 -9.48
N VAL A 110 3.38 -2.46 -8.83
CA VAL A 110 4.30 -1.91 -7.84
C VAL A 110 3.99 -2.56 -6.49
N ILE A 111 4.85 -2.31 -5.51
CA ILE A 111 4.54 -2.45 -4.11
C ILE A 111 4.63 -1.04 -3.58
N TRP A 112 3.54 -0.54 -3.02
CA TRP A 112 3.64 0.57 -2.10
C TRP A 112 4.12 -0.04 -0.79
N LYS A 113 5.15 0.51 -0.16
CA LYS A 113 5.62 0.08 1.15
C LYS A 113 5.85 1.26 2.08
N GLY A 114 5.99 0.97 3.38
CA GLY A 114 6.35 1.97 4.38
C GLY A 114 6.23 1.41 5.79
N TRP A 115 6.32 2.31 6.77
CA TRP A 115 5.84 2.14 8.11
C TRP A 115 5.05 3.39 8.47
N ILE A 116 3.84 3.22 8.96
CA ILE A 116 3.01 4.30 9.47
C ILE A 116 3.26 4.31 10.98
N ASP A 117 3.86 5.38 11.47
CA ASP A 117 4.09 5.62 12.88
C ASP A 117 2.77 5.94 13.58
N LEU A 118 2.68 5.49 14.82
CA LEU A 118 1.43 5.44 15.58
C LEU A 118 0.99 6.83 16.06
N HIS A 119 1.82 7.87 15.96
CA HIS A 119 1.58 9.15 16.64
C HIS A 119 0.31 9.85 16.15
N ARG A 120 0.05 9.80 14.84
CA ARG A 120 -1.16 10.24 14.18
C ARG A 120 -1.53 9.30 13.05
N LEU A 121 -0.64 8.36 12.68
CA LEU A 121 -0.71 7.58 11.46
C LEU A 121 -0.11 8.37 10.31
N ASP A 122 1.01 9.04 10.56
CA ASP A 122 1.91 9.54 9.53
C ASP A 122 3.22 8.77 9.74
N GLY A 123 4.20 8.88 8.85
CA GLY A 123 5.35 7.97 8.91
C GLY A 123 6.13 8.03 7.61
N MET A 124 6.77 6.93 7.21
CA MET A 124 7.58 6.87 6.00
C MET A 124 7.05 5.80 5.06
N GLY A 125 7.26 5.97 3.75
CA GLY A 125 6.89 5.01 2.72
C GLY A 125 7.32 5.53 1.36
N CYS A 126 7.06 4.73 0.33
CA CYS A 126 7.55 4.89 -1.03
C CYS A 126 7.08 3.72 -1.87
N LEU A 127 7.58 3.66 -3.11
CA LEU A 127 7.26 2.58 -4.01
C LEU A 127 8.44 1.64 -4.19
N GLU A 128 8.08 0.47 -4.66
CA GLU A 128 8.86 -0.71 -4.98
C GLU A 128 8.25 -1.26 -6.28
N PHE A 129 8.94 -2.16 -6.94
CA PHE A 129 8.40 -3.00 -7.99
C PHE A 129 8.07 -4.36 -7.38
N ASP A 130 7.00 -5.02 -7.83
CA ASP A 130 6.76 -6.43 -7.49
C ASP A 130 6.77 -7.28 -8.77
N GLU A 131 7.91 -7.89 -9.07
CA GLU A 131 8.06 -8.70 -10.25
C GLU A 131 7.20 -9.97 -10.19
N GLU A 132 7.04 -10.57 -9.01
CA GLU A 132 6.30 -11.81 -8.89
C GLU A 132 4.82 -11.56 -9.08
N ARG A 133 4.32 -10.47 -8.49
CA ARG A 133 2.97 -10.02 -8.84
C ARG A 133 2.90 -9.76 -10.31
N ALA A 134 3.85 -9.06 -10.94
CA ALA A 134 3.73 -8.74 -12.35
C ALA A 134 3.59 -10.02 -13.18
N GLN A 135 4.40 -11.06 -12.92
CA GLN A 135 4.26 -12.37 -13.55
C GLN A 135 2.90 -13.02 -13.25
N GLN A 136 2.40 -12.88 -12.02
CA GLN A 136 1.16 -13.51 -11.60
C GLN A 136 -0.01 -12.82 -12.30
N GLU A 137 -0.09 -11.51 -12.14
CA GLU A 137 -1.11 -10.64 -12.66
C GLU A 137 -1.11 -10.67 -14.20
N ASP A 138 0.03 -10.93 -14.84
CA ASP A 138 0.12 -11.25 -16.26
C ASP A 138 -0.69 -12.47 -16.61
N ALA A 139 -0.43 -13.60 -15.94
CA ALA A 139 -1.20 -14.81 -16.16
C ALA A 139 -2.69 -14.55 -15.94
N LEU A 140 -3.04 -13.79 -14.91
CA LEU A 140 -4.40 -13.43 -14.59
C LEU A 140 -5.02 -12.50 -15.63
N ALA A 141 -4.22 -11.68 -16.30
CA ALA A 141 -4.57 -10.82 -17.43
C ALA A 141 -4.63 -11.67 -18.70
N GLN A 142 -5.52 -12.67 -18.67
CA GLN A 142 -5.78 -13.68 -19.67
C GLN A 142 -4.49 -14.13 -20.36
N GLN A 143 -3.53 -14.65 -19.60
CA GLN A 143 -2.29 -15.19 -20.14
C GLN A 143 -1.95 -16.44 -19.35
N GLY A 1 1.11 6.51 25.56
CA GLY A 1 1.98 6.21 26.70
C GLY A 1 2.50 4.78 26.66
N SER A 2 1.60 3.79 26.78
CA SER A 2 1.93 2.37 26.82
C SER A 2 0.91 1.55 26.01
N MET A 3 0.40 2.11 24.92
CA MET A 3 -0.49 1.43 23.98
C MET A 3 0.27 1.30 22.65
N PRO A 4 1.25 0.38 22.52
CA PRO A 4 1.92 0.11 21.26
C PRO A 4 1.01 -0.70 20.32
N ARG A 5 1.47 -0.90 19.08
CA ARG A 5 0.73 -1.26 17.88
C ARG A 5 0.16 0.02 17.27
N VAL A 6 -0.05 1.04 18.08
CA VAL A 6 -0.40 2.38 17.66
C VAL A 6 0.55 3.37 18.30
N VAL A 7 0.46 4.63 17.89
CA VAL A 7 1.02 5.76 18.60
C VAL A 7 -0.13 6.59 19.18
N PRO A 8 0.12 7.44 20.19
CA PRO A 8 -0.87 8.43 20.60
C PRO A 8 -1.12 9.40 19.47
N ASP A 9 -2.38 9.83 19.33
CA ASP A 9 -2.85 10.76 18.33
C ASP A 9 -2.32 10.39 16.95
N GLN A 10 -2.74 9.21 16.50
CA GLN A 10 -2.41 8.69 15.18
C GLN A 10 -2.60 9.75 14.09
N ARG A 11 -3.64 10.59 14.16
CA ARG A 11 -3.84 11.63 13.15
C ARG A 11 -2.71 12.66 13.20
N SER A 12 -2.30 13.12 14.38
CA SER A 12 -1.17 14.03 14.45
C SER A 12 0.08 13.32 13.94
N LYS A 13 0.30 12.04 14.26
CA LYS A 13 1.50 11.38 13.76
C LYS A 13 1.43 11.15 12.25
N PHE A 14 0.25 10.93 11.66
CA PHE A 14 0.07 10.88 10.22
C PHE A 14 0.61 12.15 9.59
N GLU A 15 0.29 13.31 10.16
CA GLU A 15 0.82 14.56 9.65
C GLU A 15 2.31 14.71 9.98
N ASN A 16 2.77 14.27 11.16
CA ASN A 16 4.08 14.59 11.70
C ASN A 16 5.21 13.66 11.26
N GLU A 17 4.97 12.37 11.05
CA GLU A 17 6.01 11.43 10.69
C GLU A 17 6.88 11.92 9.53
N GLU A 18 8.17 12.07 9.81
CA GLU A 18 9.19 12.45 8.85
C GLU A 18 9.32 11.37 7.77
N PHE A 19 8.92 10.13 8.07
CA PHE A 19 8.73 9.07 7.08
C PHE A 19 7.71 9.54 6.04
N PHE A 20 6.50 9.93 6.46
CA PHE A 20 5.47 10.35 5.51
C PHE A 20 5.81 11.68 4.83
N ARG A 21 6.54 12.60 5.45
CA ARG A 21 6.90 13.86 4.78
C ARG A 21 7.72 13.62 3.52
N LYS A 22 8.59 12.62 3.54
CA LYS A 22 9.38 12.21 2.40
C LYS A 22 8.50 11.60 1.30
N LEU A 23 7.42 10.90 1.65
CA LEU A 23 6.48 10.34 0.70
C LEU A 23 5.56 11.44 0.15
N SER A 24 5.25 12.44 0.99
CA SER A 24 4.25 13.44 0.68
C SER A 24 2.88 12.80 0.35
N ARG A 25 2.13 13.43 -0.55
CA ARG A 25 0.93 12.93 -1.19
C ARG A 25 1.17 12.86 -2.71
N GLU A 26 0.12 12.62 -3.50
CA GLU A 26 0.11 12.08 -4.87
C GLU A 26 1.30 12.53 -5.70
N CYS A 27 2.25 11.60 -5.84
CA CYS A 27 3.42 11.68 -6.68
C CYS A 27 3.68 10.31 -7.31
N GLU A 28 4.73 10.26 -8.11
CA GLU A 28 5.08 9.12 -8.93
C GLU A 28 5.77 8.03 -8.09
N ILE A 29 5.55 6.76 -8.44
CA ILE A 29 6.00 5.57 -7.71
C ILE A 29 6.54 4.54 -8.69
N LYS A 30 7.28 3.56 -8.17
CA LYS A 30 7.77 2.44 -8.98
C LYS A 30 7.97 1.19 -8.13
N TYR A 31 7.88 0.00 -8.72
CA TYR A 31 8.00 -1.25 -7.99
C TYR A 31 9.44 -1.44 -7.50
N THR A 32 9.59 -2.15 -6.38
CA THR A 32 10.86 -2.76 -6.01
C THR A 32 10.67 -4.18 -5.44
N GLY A 33 9.46 -4.75 -5.53
CA GLY A 33 9.19 -6.19 -5.49
C GLY A 33 9.82 -6.89 -6.67
N PHE A 34 9.37 -8.11 -6.98
CA PHE A 34 9.96 -8.94 -8.00
C PHE A 34 9.88 -8.26 -9.37
N ARG A 35 8.71 -8.27 -10.01
CA ARG A 35 8.44 -7.96 -11.41
C ARG A 35 9.54 -8.36 -12.40
N ASP A 36 10.33 -9.37 -12.08
CA ASP A 36 11.62 -9.65 -12.75
C ASP A 36 11.60 -10.45 -14.04
N ARG A 37 10.45 -11.00 -14.44
CA ARG A 37 10.27 -11.50 -15.81
C ARG A 37 10.50 -10.35 -16.80
N PRO A 38 10.73 -10.60 -18.10
CA PRO A 38 11.01 -9.53 -19.04
C PRO A 38 9.85 -8.53 -19.12
N HIS A 39 10.12 -7.31 -19.62
CA HIS A 39 9.03 -6.41 -19.99
C HIS A 39 8.16 -7.11 -21.03
N GLU A 40 6.86 -6.86 -20.95
CA GLU A 40 5.76 -7.49 -21.67
C GLU A 40 5.32 -8.81 -21.00
N GLU A 41 6.06 -9.33 -20.02
CA GLU A 41 5.75 -10.59 -19.33
C GLU A 41 5.46 -10.36 -17.86
N ARG A 42 6.18 -9.44 -17.20
CA ARG A 42 6.17 -9.26 -15.75
C ARG A 42 4.78 -8.90 -15.20
N GLN A 43 3.93 -8.33 -16.04
CA GLN A 43 2.70 -7.66 -15.65
C GLN A 43 1.78 -8.61 -14.87
N THR A 44 1.49 -9.78 -15.44
CA THR A 44 0.54 -10.72 -14.86
C THR A 44 1.08 -11.25 -13.53
N ARG A 45 2.36 -11.63 -13.45
CA ARG A 45 2.88 -12.09 -12.18
C ARG A 45 2.86 -10.99 -11.16
N PHE A 46 3.03 -9.74 -11.58
CA PHE A 46 2.93 -8.61 -10.67
C PHE A 46 1.55 -8.62 -10.00
N GLN A 47 0.46 -8.63 -10.77
CA GLN A 47 -0.87 -8.65 -10.16
C GLN A 47 -1.10 -9.97 -9.41
N ASN A 48 -0.46 -11.09 -9.80
CA ASN A 48 -0.59 -12.34 -9.05
C ASN A 48 0.13 -12.23 -7.70
N ALA A 49 1.25 -11.52 -7.62
CA ALA A 49 2.00 -11.31 -6.39
C ALA A 49 1.27 -10.32 -5.48
N CYS A 50 0.63 -9.30 -6.07
CA CYS A 50 -0.29 -8.42 -5.35
C CYS A 50 -1.45 -9.23 -4.78
N ARG A 51 -2.00 -10.18 -5.55
CA ARG A 51 -3.07 -11.05 -5.09
C ARG A 51 -2.54 -11.94 -3.97
N ASP A 52 -1.31 -12.43 -4.08
CA ASP A 52 -0.66 -13.19 -3.03
C ASP A 52 -0.47 -12.39 -1.75
N GLY A 53 -0.48 -11.06 -1.82
CA GLY A 53 -0.40 -10.19 -0.67
C GLY A 53 0.82 -9.29 -0.81
N ARG A 54 1.64 -9.22 0.24
CA ARG A 54 2.63 -8.17 0.39
C ARG A 54 3.60 -8.11 -0.77
N SER A 55 4.15 -6.92 -0.97
CA SER A 55 5.00 -6.54 -2.07
C SER A 55 5.96 -5.46 -1.58
N GLU A 56 6.69 -4.85 -2.52
CA GLU A 56 7.65 -3.81 -2.25
C GLU A 56 7.47 -2.75 -3.31
N ILE A 57 7.21 -1.52 -2.88
CA ILE A 57 7.02 -0.39 -3.79
C ILE A 57 7.89 0.76 -3.28
N ALA A 58 8.50 1.54 -4.17
CA ALA A 58 9.34 2.66 -3.80
C ALA A 58 8.87 3.90 -4.52
N PHE A 59 8.72 5.00 -3.80
CA PHE A 59 8.32 6.26 -4.45
C PHE A 59 9.43 6.75 -5.37
N VAL A 60 9.10 7.38 -6.48
CA VAL A 60 10.10 8.01 -7.33
C VAL A 60 10.62 9.27 -6.61
N ALA A 61 9.71 10.05 -6.04
CA ALA A 61 9.96 11.39 -5.52
C ALA A 61 11.08 11.44 -4.49
N THR A 62 11.24 10.41 -3.66
CA THR A 62 12.24 10.34 -2.62
C THR A 62 12.96 8.98 -2.61
N GLY A 63 12.42 7.94 -3.24
CA GLY A 63 13.04 6.62 -3.22
C GLY A 63 12.86 5.90 -1.89
N THR A 64 11.73 6.08 -1.22
CA THR A 64 11.46 5.39 0.02
C THR A 64 10.92 4.04 -0.39
N ASN A 65 11.79 3.02 -0.38
CA ASN A 65 11.39 1.64 -0.42
C ASN A 65 10.44 1.40 0.75
N LEU A 66 9.25 0.93 0.44
CA LEU A 66 8.10 0.84 1.31
C LEU A 66 7.49 -0.53 1.03
N SER A 67 7.53 -1.40 2.02
CA SER A 67 6.93 -2.71 1.92
C SER A 67 5.44 -2.51 1.97
N LEU A 68 4.75 -2.72 0.86
CA LEU A 68 3.31 -2.72 0.85
C LEU A 68 2.84 -4.06 1.39
N GLN A 69 1.86 -4.07 2.28
CA GLN A 69 1.32 -5.31 2.82
C GLN A 69 -0.20 -5.21 2.91
N PHE A 70 -0.90 -6.21 2.37
CA PHE A 70 -2.32 -6.12 2.07
C PHE A 70 -3.05 -6.89 3.16
N PHE A 71 -3.01 -6.28 4.35
CA PHE A 71 -3.45 -6.77 5.64
C PHE A 71 -4.54 -5.86 6.21
N PRO A 72 -5.82 -6.00 5.79
CA PRO A 72 -6.92 -5.34 6.49
C PRO A 72 -7.03 -5.88 7.92
N ALA A 73 -7.91 -5.31 8.74
CA ALA A 73 -8.36 -5.89 10.01
C ALA A 73 -9.32 -7.05 9.69
N SER A 74 -8.77 -8.03 9.00
CA SER A 74 -9.34 -9.27 8.52
C SER A 74 -8.20 -10.19 8.04
N TRP A 75 -7.05 -9.62 7.61
CA TRP A 75 -5.95 -10.30 6.96
C TRP A 75 -6.45 -11.17 5.79
N GLN A 76 -5.60 -12.02 5.22
CA GLN A 76 -5.89 -12.77 4.00
C GLN A 76 -5.31 -14.18 4.13
N GLY A 77 -4.00 -14.29 3.94
CA GLY A 77 -3.19 -15.45 4.20
C GLY A 77 -2.24 -15.53 3.03
N GLU A 78 -2.77 -15.97 1.90
CA GLU A 78 -2.09 -16.30 0.66
C GLU A 78 -3.12 -16.17 -0.45
N GLN A 79 -2.66 -15.90 -1.68
CA GLN A 79 -3.40 -15.83 -2.95
C GLN A 79 -4.83 -15.30 -2.80
N ARG A 80 -4.94 -14.17 -2.10
CA ARG A 80 -6.10 -13.44 -1.61
C ARG A 80 -7.13 -14.26 -0.84
N GLN A 81 -7.78 -13.58 0.11
CA GLN A 81 -9.07 -13.98 0.62
C GLN A 81 -10.01 -13.12 -0.23
N THR A 82 -10.53 -12.02 0.29
CA THR A 82 -11.22 -10.98 -0.45
C THR A 82 -10.91 -9.67 0.27
N PRO A 83 -9.91 -8.90 -0.19
CA PRO A 83 -9.67 -7.55 0.28
C PRO A 83 -10.68 -6.62 -0.42
N SER A 84 -10.46 -5.31 -0.41
CA SER A 84 -11.27 -4.40 -1.20
C SER A 84 -10.70 -4.36 -2.62
N ARG A 85 -11.46 -3.87 -3.57
CA ARG A 85 -11.15 -3.92 -5.00
C ARG A 85 -10.02 -2.95 -5.34
N GLU A 86 -9.94 -1.81 -4.64
CA GLU A 86 -8.79 -0.93 -4.78
C GLU A 86 -7.58 -1.50 -4.07
N TYR A 87 -7.77 -2.23 -2.95
CA TYR A 87 -6.68 -2.81 -2.18
C TYR A 87 -5.99 -3.79 -3.12
N VAL A 88 -6.67 -4.88 -3.48
CA VAL A 88 -6.25 -5.74 -4.56
C VAL A 88 -7.46 -6.35 -5.26
N ASP A 89 -7.28 -6.62 -6.55
CA ASP A 89 -8.06 -7.52 -7.40
C ASP A 89 -9.40 -6.91 -7.82
N LEU A 90 -9.33 -6.40 -9.04
CA LEU A 90 -10.12 -5.42 -9.79
C LEU A 90 -10.23 -5.86 -11.26
N GLU A 91 -10.17 -7.17 -11.50
CA GLU A 91 -10.22 -7.90 -12.77
C GLU A 91 -9.01 -7.65 -13.69
N ARG A 92 -8.25 -6.59 -13.43
CA ARG A 92 -7.23 -5.89 -14.23
C ARG A 92 -7.96 -4.68 -14.80
N GLU A 93 -7.48 -3.47 -14.53
CA GLU A 93 -8.13 -2.27 -15.00
C GLU A 93 -7.56 -1.94 -16.38
N ALA A 94 -8.06 -0.87 -16.97
CA ALA A 94 -7.67 -0.43 -18.29
C ALA A 94 -6.25 0.13 -18.23
N GLY A 95 -5.28 -0.70 -18.57
CA GLY A 95 -3.88 -0.33 -18.69
C GLY A 95 -3.18 0.01 -17.38
N LYS A 96 -3.89 0.08 -16.26
CA LYS A 96 -3.33 0.19 -14.93
C LYS A 96 -3.95 -0.85 -14.01
N VAL A 97 -3.28 -1.15 -12.90
CA VAL A 97 -3.90 -1.78 -11.74
C VAL A 97 -4.17 -0.66 -10.73
N TYR A 98 -5.18 -0.82 -9.89
CA TYR A 98 -5.44 0.05 -8.77
C TYR A 98 -4.88 -0.67 -7.55
N LEU A 99 -4.30 0.09 -6.64
CA LEU A 99 -3.36 -0.47 -5.70
C LEU A 99 -3.47 0.34 -4.41
N LYS A 100 -3.52 -0.34 -3.28
CA LYS A 100 -3.83 0.25 -2.00
C LYS A 100 -3.43 -0.78 -0.98
N ALA A 101 -2.88 -0.37 0.15
CA ALA A 101 -2.73 -1.30 1.26
C ALA A 101 -2.87 -0.50 2.56
N PRO A 102 -3.62 -1.00 3.55
CA PRO A 102 -3.63 -0.44 4.88
C PRO A 102 -2.31 -0.80 5.56
N MET A 103 -1.78 0.15 6.32
CA MET A 103 -0.46 0.09 6.87
C MET A 103 -0.53 0.37 8.36
N ILE A 104 0.54 0.04 9.06
CA ILE A 104 0.78 0.46 10.43
C ILE A 104 2.26 0.82 10.41
N LEU A 105 2.58 2.10 10.23
CA LEU A 105 3.96 2.60 10.21
C LEU A 105 4.23 3.23 11.56
N ASN A 106 5.07 2.58 12.37
CA ASN A 106 5.40 2.86 13.77
C ASN A 106 4.21 2.74 14.74
N GLY A 107 3.00 2.72 14.21
CA GLY A 107 1.75 2.78 14.94
C GLY A 107 0.77 3.80 14.36
N VAL A 108 1.03 4.38 13.19
CA VAL A 108 0.06 5.16 12.47
C VAL A 108 -0.61 4.25 11.46
N CYS A 109 -1.93 4.08 11.58
CA CYS A 109 -2.76 3.53 10.53
C CYS A 109 -2.93 4.59 9.46
N VAL A 110 -2.00 4.59 8.52
CA VAL A 110 -2.20 5.18 7.21
C VAL A 110 -2.69 4.08 6.28
N ILE A 111 -3.28 4.47 5.16
CA ILE A 111 -3.41 3.64 3.99
C ILE A 111 -2.40 4.22 3.02
N TRP A 112 -1.57 3.37 2.42
CA TRP A 112 -0.89 3.72 1.20
C TRP A 112 -1.89 3.52 0.07
N LYS A 113 -1.93 4.42 -0.91
CA LYS A 113 -2.81 4.27 -2.09
C LYS A 113 -2.10 4.65 -3.38
N GLY A 114 -2.66 4.25 -4.53
CA GLY A 114 -2.13 4.60 -5.83
C GLY A 114 -2.79 3.80 -6.95
N TRP A 115 -2.20 3.88 -8.14
CA TRP A 115 -2.45 2.98 -9.25
C TRP A 115 -1.10 2.76 -9.94
N ILE A 116 -0.85 1.53 -10.37
CA ILE A 116 0.39 1.14 -11.04
C ILE A 116 -0.01 0.78 -12.45
N ASP A 117 0.33 1.63 -13.40
CA ASP A 117 0.23 1.35 -14.82
C ASP A 117 0.98 0.07 -15.18
N LEU A 118 0.36 -0.74 -16.05
CA LEU A 118 0.73 -2.09 -16.45
C LEU A 118 1.87 -2.04 -17.48
N HIS A 119 2.76 -1.07 -17.35
CA HIS A 119 3.74 -0.67 -18.34
C HIS A 119 5.12 -1.13 -17.83
N ARG A 120 5.56 -0.57 -16.71
CA ARG A 120 6.84 -0.76 -16.06
C ARG A 120 6.68 -0.96 -14.57
N LEU A 121 5.45 -1.08 -14.08
CA LEU A 121 5.18 -1.32 -12.68
C LEU A 121 5.57 -0.03 -11.96
N ASP A 122 5.08 1.06 -12.53
CA ASP A 122 5.33 2.44 -12.20
C ASP A 122 3.95 3.07 -12.35
N GLY A 123 3.82 4.32 -11.99
CA GLY A 123 2.57 5.04 -11.99
C GLY A 123 2.57 6.02 -10.84
N MET A 124 1.43 6.12 -10.14
CA MET A 124 1.16 7.21 -9.20
C MET A 124 0.69 6.63 -7.88
N GLY A 125 1.12 7.21 -6.75
CA GLY A 125 0.69 6.80 -5.43
C GLY A 125 1.10 7.80 -4.38
N CYS A 126 0.75 7.51 -3.13
CA CYS A 126 0.72 8.43 -2.00
C CYS A 126 0.08 7.77 -0.80
N LEU A 127 -0.31 8.60 0.16
CA LEU A 127 -0.88 8.20 1.42
C LEU A 127 -2.25 8.82 1.58
N GLU A 128 -2.97 8.21 2.51
CA GLU A 128 -4.12 8.71 3.20
C GLU A 128 -4.09 8.19 4.63
N PHE A 129 -4.94 8.77 5.48
CA PHE A 129 -5.16 8.25 6.83
C PHE A 129 -6.06 7.00 6.73
N ASP A 130 -6.18 6.21 7.78
CA ASP A 130 -7.21 5.19 7.91
C ASP A 130 -7.81 5.30 9.30
N GLU A 131 -8.85 6.12 9.45
CA GLU A 131 -9.45 6.46 10.72
C GLU A 131 -10.15 5.27 11.36
N GLU A 132 -10.66 4.36 10.53
CA GLU A 132 -11.33 3.14 10.92
C GLU A 132 -10.30 2.18 11.46
N ARG A 133 -9.25 1.88 10.69
CA ARG A 133 -8.21 1.01 11.20
C ARG A 133 -7.53 1.63 12.39
N ALA A 134 -7.34 2.95 12.43
CA ALA A 134 -6.80 3.59 13.61
C ALA A 134 -7.68 3.25 14.81
N GLN A 135 -9.02 3.29 14.68
CA GLN A 135 -9.90 2.82 15.76
C GLN A 135 -9.70 1.33 16.04
N GLN A 136 -9.56 0.45 15.04
CA GLN A 136 -9.34 -0.97 15.32
C GLN A 136 -8.07 -1.17 16.13
N GLU A 137 -6.99 -0.56 15.67
CA GLU A 137 -5.64 -0.82 16.12
C GLU A 137 -5.45 -0.20 17.50
N ASP A 138 -6.04 0.98 17.74
CA ASP A 138 -6.17 1.54 19.08
C ASP A 138 -6.85 0.57 19.99
N ALA A 139 -8.02 0.05 19.61
CA ALA A 139 -8.73 -0.90 20.47
C ALA A 139 -7.88 -2.16 20.73
N LEU A 140 -7.18 -2.65 19.70
CA LEU A 140 -6.29 -3.80 19.79
C LEU A 140 -5.13 -3.58 20.76
N ALA A 141 -4.79 -2.33 21.08
CA ALA A 141 -3.60 -1.96 21.85
C ALA A 141 -3.68 -2.33 23.35
N GLN A 142 -4.49 -3.31 23.76
CA GLN A 142 -5.00 -3.52 25.10
C GLN A 142 -5.90 -2.33 25.49
N GLN A 143 -6.90 -2.05 24.66
CA GLN A 143 -7.85 -0.97 24.87
C GLN A 143 -9.21 -1.50 24.41
N GLY A 1 3.16 -1.61 30.63
CA GLY A 1 2.11 -0.61 30.41
C GLY A 1 2.51 0.29 29.26
N SER A 2 2.20 -0.13 28.03
CA SER A 2 2.28 0.68 26.83
C SER A 2 1.35 0.04 25.79
N MET A 3 1.03 0.72 24.70
CA MET A 3 0.27 0.15 23.60
C MET A 3 0.90 0.54 22.25
N PRO A 4 1.84 -0.27 21.73
CA PRO A 4 2.22 -0.25 20.31
C PRO A 4 1.07 -0.76 19.42
N ARG A 5 1.37 -0.96 18.13
CA ARG A 5 0.44 -1.12 17.00
C ARG A 5 -0.23 0.18 16.66
N VAL A 6 -0.27 1.14 17.58
CA VAL A 6 -0.90 2.42 17.43
C VAL A 6 -0.06 3.46 18.16
N VAL A 7 -0.30 4.74 17.88
CA VAL A 7 0.20 5.87 18.66
C VAL A 7 -1.00 6.65 19.21
N PRO A 8 -0.82 7.63 20.12
CA PRO A 8 -1.95 8.44 20.59
C PRO A 8 -2.39 9.37 19.47
N ASP A 9 -1.45 10.20 19.04
CA ASP A 9 -1.57 11.32 18.12
C ASP A 9 -1.75 10.84 16.67
N GLN A 10 -2.47 9.73 16.39
CA GLN A 10 -2.47 9.05 15.08
C GLN A 10 -2.63 10.04 13.91
N ARG A 11 -3.67 10.87 13.93
CA ARG A 11 -3.98 11.76 12.81
C ARG A 11 -2.95 12.87 12.65
N SER A 12 -2.24 13.26 13.71
CA SER A 12 -1.11 14.15 13.59
C SER A 12 0.12 13.40 13.08
N LYS A 13 0.40 12.19 13.58
CA LYS A 13 1.58 11.44 13.17
C LYS A 13 1.50 11.10 11.68
N PHE A 14 0.30 10.91 11.12
CA PHE A 14 0.06 10.79 9.67
C PHE A 14 0.81 11.87 8.87
N GLU A 15 0.86 13.10 9.40
CA GLU A 15 1.53 14.23 8.76
C GLU A 15 2.87 14.58 9.41
N ASN A 16 3.10 14.23 10.66
CA ASN A 16 4.28 14.64 11.42
C ASN A 16 5.49 13.81 11.05
N GLU A 17 5.36 12.49 10.90
CA GLU A 17 6.47 11.61 10.60
C GLU A 17 7.20 12.01 9.32
N GLU A 18 8.53 12.08 9.42
CA GLU A 18 9.45 12.14 8.31
C GLU A 18 9.19 10.99 7.33
N PHE A 19 8.87 9.79 7.85
CA PHE A 19 8.63 8.64 6.99
C PHE A 19 7.47 8.95 6.03
N PHE A 20 6.33 9.44 6.54
CA PHE A 20 5.22 9.79 5.68
C PHE A 20 5.53 11.04 4.86
N ARG A 21 6.18 12.05 5.42
CA ARG A 21 6.48 13.28 4.69
C ARG A 21 7.36 13.03 3.49
N LYS A 22 8.19 11.98 3.48
CA LYS A 22 8.94 11.60 2.29
C LYS A 22 7.97 11.26 1.16
N LEU A 23 7.03 10.37 1.46
CA LEU A 23 6.13 9.79 0.46
C LEU A 23 5.12 10.85 0.05
N SER A 24 4.74 11.71 1.00
CA SER A 24 3.94 12.89 0.79
C SER A 24 2.61 12.58 0.08
N ARG A 25 2.19 13.51 -0.78
CA ARG A 25 0.99 13.53 -1.59
C ARG A 25 1.25 12.78 -2.90
N GLU A 26 0.47 13.03 -3.95
CA GLU A 26 0.58 12.32 -5.23
C GLU A 26 1.95 12.53 -5.86
N CYS A 27 2.80 11.53 -5.72
CA CYS A 27 4.15 11.48 -6.26
C CYS A 27 4.37 10.15 -7.00
N GLU A 28 5.47 10.06 -7.74
CA GLU A 28 5.74 8.87 -8.56
C GLU A 28 6.29 7.73 -7.70
N ILE A 29 5.87 6.51 -8.01
CA ILE A 29 6.13 5.27 -7.27
C ILE A 29 6.55 4.16 -8.22
N LYS A 30 7.14 3.10 -7.65
CA LYS A 30 7.46 1.90 -8.45
C LYS A 30 7.54 0.65 -7.60
N TYR A 31 7.30 -0.53 -8.17
CA TYR A 31 7.57 -1.78 -7.48
C TYR A 31 9.06 -1.88 -7.09
N THR A 32 9.34 -2.65 -6.04
CA THR A 32 10.69 -3.15 -5.75
C THR A 32 10.64 -4.54 -5.09
N GLY A 33 9.45 -5.09 -4.80
CA GLY A 33 9.24 -6.48 -4.43
C GLY A 33 9.46 -7.38 -5.64
N PHE A 34 8.63 -8.40 -5.84
CA PHE A 34 8.86 -9.44 -6.83
C PHE A 34 8.97 -8.90 -8.28
N ARG A 35 8.46 -7.68 -8.58
CA ARG A 35 8.76 -7.05 -9.87
C ARG A 35 10.17 -6.47 -10.02
N ASP A 36 11.06 -6.86 -9.11
CA ASP A 36 12.51 -6.85 -9.24
C ASP A 36 12.89 -7.24 -10.66
N ARG A 37 12.35 -8.38 -11.13
CA ARG A 37 12.72 -8.98 -12.40
C ARG A 37 12.21 -8.09 -13.55
N PRO A 38 12.81 -8.17 -14.75
CA PRO A 38 12.32 -7.43 -15.90
C PRO A 38 10.93 -7.93 -16.33
N HIS A 39 10.27 -7.17 -17.19
CA HIS A 39 8.84 -7.24 -17.48
C HIS A 39 8.67 -7.53 -18.97
N GLU A 40 7.47 -7.98 -19.35
CA GLU A 40 7.20 -8.70 -20.59
C GLU A 40 5.75 -9.16 -20.46
N GLU A 41 5.55 -10.23 -19.69
CA GLU A 41 4.29 -10.94 -19.44
C GLU A 41 4.16 -11.11 -17.93
N ARG A 42 4.52 -10.05 -17.20
CA ARG A 42 4.67 -10.03 -15.74
C ARG A 42 3.66 -9.08 -15.11
N GLN A 43 3.02 -8.26 -15.92
CA GLN A 43 2.08 -7.20 -15.63
C GLN A 43 0.75 -7.74 -15.10
N THR A 44 0.12 -8.72 -15.74
CA THR A 44 -1.05 -9.41 -15.15
C THR A 44 -0.64 -10.24 -13.92
N ARG A 45 0.51 -10.91 -13.97
CA ARG A 45 1.09 -11.58 -12.81
C ARG A 45 1.24 -10.62 -11.67
N PHE A 46 1.59 -9.37 -11.93
CA PHE A 46 1.78 -8.37 -10.89
C PHE A 46 0.50 -8.28 -10.06
N GLN A 47 -0.68 -8.21 -10.69
CA GLN A 47 -1.95 -8.27 -9.97
C GLN A 47 -2.04 -9.55 -9.12
N ASN A 48 -1.57 -10.68 -9.65
CA ASN A 48 -1.68 -11.96 -8.94
C ASN A 48 -0.74 -12.02 -7.74
N ALA A 49 0.50 -11.54 -7.89
CA ALA A 49 1.48 -11.41 -6.82
C ALA A 49 1.00 -10.38 -5.79
N CYS A 50 0.35 -9.32 -6.27
CA CYS A 50 -0.31 -8.35 -5.43
C CYS A 50 -1.46 -8.98 -4.60
N ARG A 51 -2.05 -10.07 -5.07
CA ARG A 51 -3.16 -10.78 -4.42
C ARG A 51 -2.61 -11.89 -3.51
N ASP A 52 -1.39 -12.37 -3.78
CA ASP A 52 -0.61 -13.28 -2.96
C ASP A 52 -0.40 -12.75 -1.56
N GLY A 53 -0.56 -11.44 -1.37
CA GLY A 53 -0.63 -10.86 -0.04
C GLY A 53 0.10 -9.54 -0.06
N ARG A 54 0.75 -9.22 1.05
CA ARG A 54 1.65 -8.09 1.12
C ARG A 54 2.71 -8.18 0.01
N SER A 55 3.24 -7.03 -0.33
CA SER A 55 4.24 -6.86 -1.38
C SER A 55 5.21 -5.75 -0.97
N GLU A 56 5.98 -5.23 -1.91
CA GLU A 56 6.99 -4.21 -1.66
C GLU A 56 7.01 -3.21 -2.79
N ILE A 57 6.66 -1.97 -2.46
CA ILE A 57 6.51 -0.90 -3.43
C ILE A 57 7.24 0.32 -2.88
N ALA A 58 8.00 0.98 -3.74
CA ALA A 58 8.85 2.12 -3.40
C ALA A 58 8.25 3.42 -3.94
N PHE A 59 8.80 4.55 -3.52
CA PHE A 59 8.60 5.82 -4.19
C PHE A 59 9.76 6.07 -5.13
N VAL A 60 9.48 6.53 -6.35
CA VAL A 60 10.49 7.04 -7.27
C VAL A 60 10.87 8.43 -6.79
N ALA A 61 9.88 9.30 -6.60
CA ALA A 61 10.07 10.71 -6.30
C ALA A 61 11.08 10.89 -5.15
N THR A 62 10.86 10.18 -4.05
CA THR A 62 11.61 10.40 -2.83
C THR A 62 12.51 9.20 -2.46
N GLY A 63 12.27 8.01 -3.03
CA GLY A 63 13.04 6.83 -2.66
C GLY A 63 12.73 6.40 -1.25
N THR A 64 11.59 5.76 -1.04
CA THR A 64 11.42 4.93 0.14
C THR A 64 10.72 3.66 -0.30
N ASN A 65 11.39 2.51 -0.19
CA ASN A 65 10.79 1.20 -0.18
C ASN A 65 9.91 1.08 1.04
N LEU A 66 8.66 0.68 0.86
CA LEU A 66 7.81 0.25 1.92
C LEU A 66 7.10 -1.05 1.55
N SER A 67 6.64 -1.78 2.57
CA SER A 67 5.91 -3.01 2.35
C SER A 67 4.44 -2.65 2.30
N LEU A 68 3.83 -2.78 1.12
CA LEU A 68 2.39 -2.78 1.03
C LEU A 68 1.88 -4.10 1.54
N GLN A 69 0.64 -4.07 1.94
CA GLN A 69 0.07 -5.05 2.87
C GLN A 69 -1.46 -5.00 2.72
N PHE A 70 -2.01 -5.66 1.71
CA PHE A 70 -3.34 -5.36 1.20
C PHE A 70 -4.41 -6.21 1.90
N PHE A 71 -4.40 -6.17 3.23
CA PHE A 71 -5.14 -7.00 4.15
C PHE A 71 -5.44 -6.04 5.32
N PRO A 72 -6.71 -5.61 5.51
CA PRO A 72 -7.10 -4.50 6.36
C PRO A 72 -7.04 -4.83 7.84
N ALA A 73 -8.18 -5.22 8.42
CA ALA A 73 -8.23 -5.96 9.66
C ALA A 73 -7.75 -7.37 9.30
N SER A 74 -6.45 -7.44 9.04
CA SER A 74 -5.75 -8.46 8.28
C SER A 74 -6.34 -9.86 8.42
N TRP A 75 -6.71 -10.41 7.26
CA TRP A 75 -7.03 -11.82 7.08
C TRP A 75 -5.79 -12.66 7.39
N GLN A 76 -5.91 -13.97 7.29
CA GLN A 76 -4.93 -14.98 7.75
C GLN A 76 -3.49 -14.83 7.25
N GLY A 77 -3.20 -13.98 6.26
CA GLY A 77 -1.84 -13.55 5.96
C GLY A 77 -1.62 -13.34 4.47
N GLU A 78 -1.85 -14.39 3.68
CA GLU A 78 -1.42 -14.47 2.29
C GLU A 78 -2.48 -15.18 1.41
N GLN A 79 -2.24 -15.20 0.09
CA GLN A 79 -3.04 -15.72 -1.01
C GLN A 79 -4.53 -15.49 -0.81
N ARG A 80 -4.91 -14.23 -0.96
CA ARG A 80 -6.29 -13.80 -0.87
C ARG A 80 -7.10 -14.37 -2.03
N GLN A 81 -8.38 -14.72 -1.79
CA GLN A 81 -9.27 -15.24 -2.81
C GLN A 81 -10.01 -14.10 -3.54
N THR A 82 -10.56 -13.14 -2.82
CA THR A 82 -11.11 -11.90 -3.38
C THR A 82 -10.69 -10.72 -2.49
N PRO A 83 -9.63 -9.97 -2.85
CA PRO A 83 -9.28 -8.67 -2.28
C PRO A 83 -10.44 -7.65 -2.33
N SER A 84 -10.23 -6.43 -1.84
CA SER A 84 -11.15 -5.34 -2.16
C SER A 84 -10.80 -4.86 -3.56
N ARG A 85 -11.71 -4.12 -4.18
CA ARG A 85 -11.59 -3.65 -5.55
C ARG A 85 -10.34 -2.79 -5.67
N GLU A 86 -10.33 -1.63 -5.02
CA GLU A 86 -9.19 -0.71 -5.14
C GLU A 86 -7.92 -1.29 -4.50
N TYR A 87 -8.06 -2.25 -3.58
CA TYR A 87 -6.89 -2.82 -2.91
C TYR A 87 -6.09 -3.57 -3.97
N VAL A 88 -6.68 -4.59 -4.60
CA VAL A 88 -6.00 -5.41 -5.59
C VAL A 88 -6.99 -5.93 -6.65
N ASP A 89 -6.53 -5.94 -7.92
CA ASP A 89 -7.08 -6.73 -9.02
C ASP A 89 -8.57 -6.47 -9.22
N LEU A 90 -8.86 -5.22 -9.58
CA LEU A 90 -10.16 -4.59 -9.56
C LEU A 90 -11.01 -5.07 -10.73
N GLU A 91 -10.56 -4.74 -11.93
CA GLU A 91 -11.28 -4.88 -13.20
C GLU A 91 -10.30 -4.66 -14.37
N ARG A 92 -9.33 -3.75 -14.17
CA ARG A 92 -8.20 -3.30 -14.97
C ARG A 92 -8.56 -1.93 -15.56
N GLU A 93 -7.71 -0.94 -15.35
CA GLU A 93 -7.88 0.45 -15.77
C GLU A 93 -7.03 0.70 -17.02
N ALA A 94 -6.88 1.97 -17.41
CA ALA A 94 -6.23 2.49 -18.60
C ALA A 94 -4.76 2.10 -18.69
N GLY A 95 -4.47 0.85 -19.05
CA GLY A 95 -3.13 0.30 -19.03
C GLY A 95 -2.45 0.41 -17.67
N LYS A 96 -3.22 0.63 -16.60
CA LYS A 96 -2.74 0.64 -15.24
C LYS A 96 -3.70 -0.18 -14.42
N VAL A 97 -3.24 -0.59 -13.25
CA VAL A 97 -4.13 -1.09 -12.20
C VAL A 97 -4.06 -0.11 -11.04
N TYR A 98 -5.13 0.01 -10.26
CA TYR A 98 -5.12 0.82 -9.07
C TYR A 98 -4.68 -0.11 -7.94
N LEU A 99 -4.17 0.47 -6.85
CA LEU A 99 -3.65 -0.24 -5.71
C LEU A 99 -4.00 0.54 -4.46
N LYS A 100 -4.10 -0.17 -3.34
CA LYS A 100 -4.43 0.40 -2.04
C LYS A 100 -4.04 -0.62 -0.99
N ALA A 101 -3.24 -0.22 -0.02
CA ALA A 101 -3.00 -1.05 1.15
C ALA A 101 -3.10 -0.16 2.38
N PRO A 102 -4.06 -0.38 3.27
CA PRO A 102 -4.00 0.17 4.62
C PRO A 102 -2.80 -0.44 5.33
N MET A 103 -2.01 0.40 5.99
CA MET A 103 -0.73 0.05 6.58
C MET A 103 -0.61 0.69 7.94
N ILE A 104 0.26 0.12 8.77
CA ILE A 104 0.35 0.49 10.19
C ILE A 104 1.81 0.84 10.47
N LEU A 105 2.25 1.95 9.89
CA LEU A 105 3.60 2.47 10.08
C LEU A 105 3.57 3.33 11.33
N ASN A 106 4.53 3.10 12.22
CA ASN A 106 4.72 3.73 13.53
C ASN A 106 3.63 3.38 14.54
N GLY A 107 2.47 2.97 14.06
CA GLY A 107 1.22 3.00 14.82
C GLY A 107 0.25 4.06 14.31
N VAL A 108 0.33 4.41 13.03
CA VAL A 108 -0.67 5.15 12.32
C VAL A 108 -1.22 4.22 11.26
N CYS A 109 -2.51 3.93 11.32
CA CYS A 109 -3.21 3.23 10.26
C CYS A 109 -3.42 4.22 9.11
N VAL A 110 -2.41 4.35 8.27
CA VAL A 110 -2.49 5.11 7.02
C VAL A 110 -3.07 4.22 5.93
N ILE A 111 -3.40 4.82 4.81
CA ILE A 111 -3.70 4.15 3.57
C ILE A 111 -2.63 4.61 2.61
N TRP A 112 -1.83 3.68 2.12
CA TRP A 112 -1.11 3.93 0.89
C TRP A 112 -2.13 3.69 -0.21
N LYS A 113 -2.25 4.62 -1.16
CA LYS A 113 -3.08 4.42 -2.35
C LYS A 113 -2.36 4.91 -3.60
N GLY A 114 -2.74 4.41 -4.76
CA GLY A 114 -2.14 4.83 -6.02
C GLY A 114 -2.64 4.00 -7.19
N TRP A 115 -1.96 4.13 -8.32
CA TRP A 115 -2.10 3.26 -9.47
C TRP A 115 -0.70 2.94 -10.00
N ILE A 116 -0.52 1.70 -10.44
CA ILE A 116 0.72 1.19 -11.00
C ILE A 116 0.38 0.76 -12.42
N ASP A 117 1.02 1.43 -13.36
CA ASP A 117 0.92 1.22 -14.77
C ASP A 117 1.61 -0.08 -15.21
N LEU A 118 1.01 -0.74 -16.21
CA LEU A 118 1.35 -2.07 -16.69
C LEU A 118 2.50 -1.97 -17.70
N HIS A 119 3.59 -1.32 -17.30
CA HIS A 119 4.81 -1.24 -18.09
C HIS A 119 5.93 -1.89 -17.28
N ARG A 120 6.66 -1.11 -16.49
CA ARG A 120 7.68 -1.54 -15.53
C ARG A 120 7.15 -1.55 -14.11
N LEU A 121 5.85 -1.29 -13.95
CA LEU A 121 5.19 -1.30 -12.66
C LEU A 121 5.72 -0.12 -11.84
N ASP A 122 5.94 0.99 -12.53
CA ASP A 122 6.00 2.35 -12.00
C ASP A 122 4.57 2.88 -12.06
N GLY A 123 4.37 4.12 -11.63
CA GLY A 123 3.08 4.79 -11.73
C GLY A 123 3.03 5.82 -10.61
N MET A 124 1.86 6.12 -10.06
CA MET A 124 1.65 7.28 -9.19
C MET A 124 0.93 6.85 -7.92
N GLY A 125 1.31 7.40 -6.77
CA GLY A 125 0.67 7.08 -5.51
C GLY A 125 0.90 8.17 -4.48
N CYS A 126 0.23 8.04 -3.34
CA CYS A 126 0.40 8.88 -2.20
C CYS A 126 0.01 8.16 -0.91
N LEU A 127 -0.03 8.90 0.19
CA LEU A 127 -0.64 8.46 1.41
C LEU A 127 -1.96 9.19 1.64
N GLU A 128 -2.79 8.54 2.44
CA GLU A 128 -4.11 8.90 2.92
C GLU A 128 -4.17 8.27 4.34
N PHE A 129 -5.26 8.44 5.08
CA PHE A 129 -5.45 7.94 6.44
C PHE A 129 -6.58 6.91 6.42
N ASP A 130 -6.54 5.88 7.29
CA ASP A 130 -7.63 4.90 7.44
C ASP A 130 -8.29 5.15 8.79
N GLU A 131 -9.30 6.02 8.80
CA GLU A 131 -9.91 6.52 10.01
C GLU A 131 -10.58 5.40 10.81
N GLU A 132 -11.11 4.41 10.11
CA GLU A 132 -11.74 3.24 10.67
C GLU A 132 -10.69 2.25 11.15
N ARG A 133 -9.70 1.91 10.31
CA ARG A 133 -8.68 0.97 10.76
C ARG A 133 -7.93 1.52 11.95
N ALA A 134 -7.70 2.83 12.05
CA ALA A 134 -7.05 3.39 13.21
C ALA A 134 -7.89 3.12 14.45
N GLN A 135 -9.20 3.34 14.40
CA GLN A 135 -10.09 3.03 15.51
C GLN A 135 -10.18 1.52 15.77
N GLN A 136 -10.01 0.67 14.76
CA GLN A 136 -10.04 -0.76 14.93
C GLN A 136 -8.74 -1.20 15.63
N GLU A 137 -7.59 -0.78 15.12
CA GLU A 137 -6.29 -1.16 15.63
C GLU A 137 -6.07 -0.64 17.05
N ASP A 138 -6.62 0.53 17.39
CA ASP A 138 -6.65 1.04 18.76
C ASP A 138 -7.43 0.12 19.68
N ALA A 139 -8.64 -0.26 19.30
CA ALA A 139 -9.41 -1.23 20.09
C ALA A 139 -8.61 -2.53 20.28
N LEU A 140 -7.94 -2.98 19.22
CA LEU A 140 -7.11 -4.17 19.20
C LEU A 140 -5.84 -4.05 20.03
N ALA A 141 -5.46 -2.85 20.45
CA ALA A 141 -4.24 -2.58 21.19
C ALA A 141 -4.32 -3.07 22.65
N GLN A 142 -5.18 -4.05 22.92
CA GLN A 142 -5.74 -4.43 24.21
C GLN A 142 -6.31 -3.19 24.88
N GLN A 143 -7.34 -2.63 24.25
CA GLN A 143 -8.02 -1.44 24.72
C GLN A 143 -9.51 -1.78 24.85
N GLY A 1 18.34 -1.88 -18.53
CA GLY A 1 18.95 -3.09 -19.08
C GLY A 1 17.90 -4.18 -19.13
N SER A 2 18.12 -5.29 -18.43
CA SER A 2 17.28 -6.47 -18.48
C SER A 2 17.09 -6.96 -17.05
N MET A 3 16.03 -6.50 -16.38
CA MET A 3 15.49 -7.09 -15.16
C MET A 3 13.97 -7.09 -15.30
N PRO A 4 13.25 -8.17 -14.92
CA PRO A 4 11.81 -8.20 -15.01
C PRO A 4 11.18 -7.05 -14.23
N ARG A 5 10.17 -6.43 -14.82
CA ARG A 5 9.42 -5.29 -14.26
C ARG A 5 7.92 -5.51 -14.38
N VAL A 6 7.52 -6.28 -15.37
CA VAL A 6 6.15 -6.57 -15.70
C VAL A 6 6.07 -8.03 -16.09
N VAL A 7 4.92 -8.66 -15.86
CA VAL A 7 4.52 -9.89 -16.55
C VAL A 7 3.65 -9.47 -17.75
N PRO A 8 3.34 -10.35 -18.73
CA PRO A 8 2.53 -9.98 -19.88
C PRO A 8 1.07 -9.87 -19.48
N ASP A 9 0.51 -11.01 -19.07
CA ASP A 9 -0.89 -11.14 -18.67
C ASP A 9 -1.01 -10.60 -17.23
N GLN A 10 -0.82 -9.29 -17.07
CA GLN A 10 -0.75 -8.63 -15.78
C GLN A 10 -2.06 -8.82 -15.03
N ARG A 11 -3.19 -8.60 -15.72
CA ARG A 11 -4.48 -8.68 -15.07
C ARG A 11 -4.78 -10.12 -14.68
N SER A 12 -4.39 -11.13 -15.47
CA SER A 12 -4.55 -12.48 -15.01
C SER A 12 -3.63 -12.77 -13.85
N LYS A 13 -2.38 -12.28 -13.79
CA LYS A 13 -1.52 -12.50 -12.63
C LYS A 13 -2.08 -11.84 -11.38
N PHE A 14 -2.64 -10.61 -11.48
CA PHE A 14 -3.32 -9.91 -10.39
C PHE A 14 -4.33 -10.81 -9.70
N GLU A 15 -5.02 -11.65 -10.47
CA GLU A 15 -6.08 -12.50 -9.97
C GLU A 15 -5.66 -13.97 -9.88
N ASN A 16 -4.48 -14.35 -10.39
CA ASN A 16 -3.89 -15.66 -10.30
C ASN A 16 -3.12 -15.77 -9.01
N GLU A 17 -2.14 -14.88 -8.78
CA GLU A 17 -1.39 -14.89 -7.53
C GLU A 17 -2.27 -15.00 -6.29
N GLU A 18 -2.15 -16.13 -5.59
CA GLU A 18 -2.82 -16.36 -4.34
C GLU A 18 -2.35 -15.35 -3.29
N PHE A 19 -1.17 -14.75 -3.45
CA PHE A 19 -0.74 -13.65 -2.61
C PHE A 19 -1.74 -12.50 -2.74
N PHE A 20 -2.14 -12.11 -3.94
CA PHE A 20 -3.16 -11.08 -4.11
C PHE A 20 -4.54 -11.58 -3.70
N ARG A 21 -4.88 -12.86 -3.94
CA ARG A 21 -6.17 -13.38 -3.47
C ARG A 21 -6.29 -13.24 -1.96
N LYS A 22 -5.21 -13.43 -1.20
CA LYS A 22 -5.24 -13.31 0.24
C LYS A 22 -5.72 -11.91 0.62
N LEU A 23 -5.13 -10.90 -0.02
CA LEU A 23 -5.36 -9.50 0.30
C LEU A 23 -6.71 -9.05 -0.27
N SER A 24 -7.17 -9.72 -1.34
CA SER A 24 -8.52 -9.64 -1.83
C SER A 24 -8.98 -8.20 -2.14
N ARG A 25 -10.30 -8.00 -2.18
CA ARG A 25 -10.97 -6.70 -2.16
C ARG A 25 -11.25 -6.30 -0.71
N GLU A 26 -11.88 -5.14 -0.51
CA GLU A 26 -12.00 -4.39 0.74
C GLU A 26 -12.33 -5.27 1.94
N CYS A 27 -11.36 -5.46 2.82
CA CYS A 27 -11.40 -6.23 4.06
C CYS A 27 -10.69 -5.44 5.17
N GLU A 28 -10.62 -6.00 6.38
CA GLU A 28 -9.98 -5.42 7.54
C GLU A 28 -8.47 -5.67 7.52
N ILE A 29 -7.69 -4.71 8.02
CA ILE A 29 -6.22 -4.67 8.00
C ILE A 29 -5.64 -4.15 9.32
N LYS A 30 -4.35 -4.38 9.52
CA LYS A 30 -3.58 -3.88 10.66
C LYS A 30 -2.23 -3.36 10.20
N TYR A 31 -1.75 -2.22 10.71
CA TYR A 31 -0.35 -1.86 10.50
C TYR A 31 0.55 -2.90 11.22
N THR A 32 1.81 -3.06 10.81
CA THR A 32 2.69 -4.08 11.41
C THR A 32 4.18 -3.67 11.41
N GLY A 33 4.46 -2.37 11.41
CA GLY A 33 5.81 -1.86 11.65
C GLY A 33 5.91 -1.39 13.09
N PHE A 34 6.14 -0.09 13.25
CA PHE A 34 6.35 0.65 14.48
C PHE A 34 5.21 0.42 15.49
N ARG A 35 3.97 0.16 15.04
CA ARG A 35 2.84 -0.13 15.93
C ARG A 35 3.05 -1.36 16.83
N ASP A 36 4.10 -2.16 16.61
CA ASP A 36 4.49 -3.24 17.51
C ASP A 36 4.60 -2.75 18.96
N ARG A 37 5.03 -1.51 19.20
CA ARG A 37 4.95 -0.87 20.51
C ARG A 37 3.45 -0.74 20.85
N PRO A 38 2.94 -1.37 21.94
CA PRO A 38 1.53 -1.67 22.15
C PRO A 38 0.55 -0.63 21.65
N HIS A 39 0.58 0.56 22.26
CA HIS A 39 0.00 1.80 21.79
C HIS A 39 0.55 2.95 22.65
N GLU A 40 -0.12 4.10 22.69
CA GLU A 40 -0.01 5.13 23.74
C GLU A 40 1.08 6.16 23.46
N GLU A 41 1.94 5.91 22.48
CA GLU A 41 2.72 6.94 21.80
C GLU A 41 2.97 6.47 20.36
N ARG A 42 1.90 6.40 19.57
CA ARG A 42 1.90 5.72 18.28
C ARG A 42 0.96 6.37 17.26
N GLN A 43 -0.14 6.96 17.72
CA GLN A 43 -1.25 7.48 16.91
C GLN A 43 -0.83 8.44 15.80
N THR A 44 0.08 9.35 16.11
CA THR A 44 0.58 10.38 15.18
C THR A 44 1.95 10.03 14.63
N ARG A 45 2.84 9.38 15.41
CA ARG A 45 4.01 8.69 14.86
C ARG A 45 3.63 7.86 13.66
N PHE A 46 2.48 7.20 13.73
CA PHE A 46 1.94 6.37 12.69
C PHE A 46 1.95 7.12 11.37
N GLN A 47 1.39 8.33 11.35
CA GLN A 47 1.46 9.16 10.16
C GLN A 47 2.90 9.52 9.80
N ASN A 48 3.77 9.77 10.77
CA ASN A 48 5.14 10.15 10.44
C ASN A 48 5.91 8.98 9.81
N ALA A 49 5.65 7.74 10.22
CA ALA A 49 6.21 6.53 9.62
C ALA A 49 5.49 6.13 8.33
N CYS A 50 4.22 6.51 8.17
CA CYS A 50 3.57 6.52 6.84
C CYS A 50 4.19 7.55 5.89
N ARG A 51 4.76 8.63 6.43
CA ARG A 51 5.20 9.80 5.70
C ARG A 51 6.71 9.76 5.50
N ASP A 52 7.37 8.77 6.08
CA ASP A 52 8.67 8.31 5.69
C ASP A 52 8.62 7.99 4.20
N GLY A 53 7.55 7.29 3.81
CA GLY A 53 7.52 6.55 2.56
C GLY A 53 7.14 5.14 2.97
N ARG A 54 7.86 4.13 2.48
CA ARG A 54 7.48 2.74 2.63
C ARG A 54 7.23 2.38 4.08
N SER A 55 6.50 1.29 4.30
CA SER A 55 6.00 0.92 5.60
C SER A 55 5.75 -0.60 5.61
N GLU A 56 4.93 -1.10 6.54
CA GLU A 56 4.56 -2.51 6.55
C GLU A 56 3.16 -2.60 7.11
N ILE A 57 2.24 -3.14 6.30
CA ILE A 57 0.83 -3.28 6.69
C ILE A 57 0.48 -4.76 6.47
N ALA A 58 -0.41 -5.31 7.27
CA ALA A 58 -0.86 -6.67 7.17
C ALA A 58 -2.38 -6.71 7.12
N PHE A 59 -2.93 -7.83 6.68
CA PHE A 59 -4.38 -8.01 6.62
C PHE A 59 -4.84 -8.69 7.90
N VAL A 60 -6.06 -8.42 8.37
CA VAL A 60 -6.66 -9.13 9.50
C VAL A 60 -7.42 -10.32 8.95
N ALA A 61 -8.23 -10.11 7.91
CA ALA A 61 -9.06 -11.13 7.28
C ALA A 61 -8.26 -12.37 6.84
N THR A 62 -6.96 -12.20 6.58
CA THR A 62 -6.10 -13.23 6.03
C THR A 62 -4.71 -13.25 6.69
N GLY A 63 -4.39 -12.26 7.51
CA GLY A 63 -3.18 -12.28 8.32
C GLY A 63 -1.90 -11.97 7.53
N THR A 64 -1.98 -11.34 6.36
CA THR A 64 -0.89 -11.35 5.39
C THR A 64 -0.18 -10.01 5.47
N ASN A 65 0.92 -10.00 6.21
CA ASN A 65 1.84 -8.90 6.40
C ASN A 65 2.69 -8.76 5.13
N LEU A 66 2.74 -7.54 4.60
CA LEU A 66 3.09 -7.17 3.27
C LEU A 66 3.80 -5.82 3.44
N SER A 67 5.10 -5.77 3.14
CA SER A 67 5.86 -4.53 3.21
C SER A 67 5.33 -3.59 2.14
N LEU A 68 4.70 -2.54 2.63
CA LEU A 68 4.02 -1.57 1.83
C LEU A 68 5.07 -0.63 1.30
N GLN A 69 5.09 -0.43 0.00
CA GLN A 69 6.10 0.35 -0.67
C GLN A 69 5.34 1.37 -1.54
N PHE A 70 5.45 2.68 -1.23
CA PHE A 70 4.80 3.72 -2.01
C PHE A 70 5.68 3.97 -3.23
N PHE A 71 5.60 3.08 -4.21
CA PHE A 71 6.34 3.10 -5.47
C PHE A 71 5.43 3.16 -6.69
N PRO A 72 4.73 4.30 -6.91
CA PRO A 72 4.15 4.60 -8.20
C PRO A 72 5.31 4.85 -9.17
N ALA A 73 5.74 6.11 -9.30
CA ALA A 73 6.82 6.53 -10.19
C ALA A 73 7.88 7.34 -9.45
N SER A 74 7.63 7.77 -8.22
CA SER A 74 8.51 8.56 -7.39
C SER A 74 8.88 7.76 -6.15
N TRP A 75 9.97 7.00 -6.23
CA TRP A 75 10.46 6.17 -5.13
C TRP A 75 11.32 7.02 -4.20
N GLN A 76 11.45 6.65 -2.92
CA GLN A 76 12.45 7.15 -1.97
C GLN A 76 12.66 8.67 -2.04
N GLY A 77 11.83 9.44 -1.34
CA GLY A 77 11.88 10.89 -1.40
C GLY A 77 12.79 11.39 -0.30
N GLU A 78 12.18 11.89 0.78
CA GLU A 78 12.85 12.68 1.81
C GLU A 78 11.89 12.83 3.01
N GLN A 79 11.15 11.77 3.36
CA GLN A 79 9.92 11.84 4.13
C GLN A 79 8.90 12.59 3.27
N ARG A 80 8.13 11.83 2.50
CA ARG A 80 7.23 12.20 1.41
C ARG A 80 7.94 12.96 0.30
N GLN A 81 7.67 12.55 -0.93
CA GLN A 81 7.99 13.30 -2.13
C GLN A 81 6.73 14.09 -2.45
N THR A 82 5.98 13.77 -3.51
CA THR A 82 4.69 14.39 -3.82
C THR A 82 3.64 13.32 -4.19
N PRO A 83 3.39 12.28 -3.34
CA PRO A 83 2.30 11.32 -3.53
C PRO A 83 0.93 12.00 -3.31
N SER A 84 -0.17 11.34 -3.63
CA SER A 84 -1.49 11.96 -3.61
C SER A 84 -2.01 12.02 -2.17
N ARG A 85 -3.10 12.74 -1.95
CA ARG A 85 -3.72 12.91 -0.63
C ARG A 85 -4.12 11.55 -0.06
N GLU A 86 -4.86 10.75 -0.83
CA GLU A 86 -5.28 9.44 -0.36
C GLU A 86 -4.09 8.46 -0.29
N TYR A 87 -2.99 8.71 -1.03
CA TYR A 87 -1.80 7.86 -0.97
C TYR A 87 -1.10 8.13 0.36
N VAL A 88 -0.53 9.33 0.51
CA VAL A 88 0.08 9.77 1.77
C VAL A 88 -0.22 11.25 2.01
N ASP A 89 -0.57 11.55 3.25
CA ASP A 89 -0.60 12.89 3.85
C ASP A 89 -1.82 13.69 3.38
N LEU A 90 -2.84 13.66 4.24
CA LEU A 90 -4.20 14.13 4.04
C LEU A 90 -4.65 15.02 5.19
N GLU A 91 -3.71 15.63 5.91
CA GLU A 91 -3.93 16.62 6.97
C GLU A 91 -4.62 16.06 8.23
N ARG A 92 -5.09 14.80 8.20
CA ARG A 92 -5.75 13.93 9.20
C ARG A 92 -7.23 13.89 8.79
N GLU A 93 -7.80 12.70 8.60
CA GLU A 93 -9.08 12.51 7.93
C GLU A 93 -10.14 12.19 9.00
N ALA A 94 -11.25 11.58 8.60
CA ALA A 94 -12.46 11.22 9.36
C ALA A 94 -12.24 10.31 10.57
N GLY A 95 -11.39 10.71 11.52
CA GLY A 95 -10.92 9.89 12.63
C GLY A 95 -10.10 8.68 12.17
N LYS A 96 -9.76 8.61 10.90
CA LYS A 96 -8.81 7.70 10.30
C LYS A 96 -7.82 8.51 9.47
N VAL A 97 -6.82 7.85 8.92
CA VAL A 97 -5.91 8.42 7.92
C VAL A 97 -5.98 7.48 6.72
N TYR A 98 -5.86 8.03 5.52
CA TYR A 98 -6.03 7.29 4.29
C TYR A 98 -4.67 6.86 3.80
N LEU A 99 -4.67 5.74 3.09
CA LEU A 99 -3.44 5.03 2.83
C LEU A 99 -3.63 4.31 1.50
N LYS A 100 -2.75 4.60 0.56
CA LYS A 100 -2.77 4.01 -0.78
C LYS A 100 -1.34 3.96 -1.22
N ALA A 101 -0.92 2.82 -1.76
CA ALA A 101 0.44 2.64 -2.19
C ALA A 101 0.40 1.69 -3.39
N PRO A 102 0.53 2.21 -4.60
CA PRO A 102 0.80 1.37 -5.76
C PRO A 102 2.17 0.72 -5.59
N MET A 103 2.20 -0.59 -5.86
CA MET A 103 3.32 -1.49 -5.70
C MET A 103 3.42 -2.39 -6.92
N ILE A 104 4.56 -3.05 -7.08
CA ILE A 104 4.82 -3.94 -8.21
C ILE A 104 5.33 -5.26 -7.65
N LEU A 105 4.41 -6.05 -7.09
CA LEU A 105 4.67 -7.41 -6.66
C LEU A 105 4.56 -8.30 -7.90
N ASN A 106 5.41 -9.31 -8.04
CA ASN A 106 5.40 -10.36 -9.06
C ASN A 106 5.72 -9.85 -10.48
N GLY A 107 5.71 -8.53 -10.70
CA GLY A 107 5.64 -7.89 -12.03
C GLY A 107 4.24 -7.41 -12.36
N VAL A 108 3.44 -7.09 -11.35
CA VAL A 108 2.06 -6.72 -11.43
C VAL A 108 1.89 -5.43 -10.64
N CYS A 109 1.54 -4.37 -11.33
CA CYS A 109 1.24 -3.06 -10.79
C CYS A 109 -0.13 -3.17 -10.14
N VAL A 110 -0.12 -3.39 -8.84
CA VAL A 110 -1.29 -3.36 -7.99
C VAL A 110 -1.36 -2.00 -7.31
N ILE A 111 -2.55 -1.60 -6.88
CA ILE A 111 -2.74 -0.55 -5.89
C ILE A 111 -3.12 -1.27 -4.62
N TRP A 112 -2.23 -1.29 -3.64
CA TRP A 112 -2.68 -1.54 -2.29
C TRP A 112 -3.41 -0.28 -1.86
N LYS A 113 -4.64 -0.41 -1.34
CA LYS A 113 -5.48 0.73 -0.96
C LYS A 113 -6.15 0.50 0.39
N GLY A 114 -6.57 1.57 1.08
CA GLY A 114 -7.27 1.46 2.35
C GLY A 114 -7.35 2.77 3.14
N TRP A 115 -7.76 2.66 4.39
CA TRP A 115 -7.58 3.63 5.46
C TRP A 115 -7.11 2.83 6.67
N ILE A 116 -6.36 3.47 7.56
CA ILE A 116 -6.05 2.91 8.87
C ILE A 116 -6.59 3.94 9.87
N ASP A 117 -7.45 3.46 10.73
CA ASP A 117 -8.16 4.20 11.74
C ASP A 117 -7.29 4.43 12.97
N LEU A 118 -7.43 5.60 13.56
CA LEU A 118 -6.52 6.15 14.55
C LEU A 118 -6.67 5.47 15.92
N HIS A 119 -7.68 4.62 16.11
CA HIS A 119 -7.94 3.97 17.39
C HIS A 119 -6.80 3.03 17.81
N ARG A 120 -6.34 2.16 16.90
CA ARG A 120 -5.36 1.09 17.14
C ARG A 120 -4.45 0.86 15.95
N LEU A 121 -4.61 1.62 14.86
CA LEU A 121 -3.84 1.42 13.65
C LEU A 121 -4.22 0.06 13.03
N ASP A 122 -5.51 -0.27 13.18
CA ASP A 122 -6.28 -1.22 12.39
C ASP A 122 -7.11 -0.36 11.45
N GLY A 123 -7.88 -0.96 10.57
CA GLY A 123 -8.81 -0.27 9.71
C GLY A 123 -9.15 -1.17 8.53
N MET A 124 -9.34 -0.62 7.34
CA MET A 124 -9.76 -1.41 6.18
C MET A 124 -8.87 -1.14 4.98
N GLY A 125 -8.62 -2.17 4.17
CA GLY A 125 -7.88 -2.05 2.94
C GLY A 125 -7.99 -3.32 2.12
N CYS A 126 -7.29 -3.35 0.99
CA CYS A 126 -7.33 -4.39 -0.02
C CYS A 126 -6.34 -4.08 -1.13
N LEU A 127 -6.40 -4.86 -2.20
CA LEU A 127 -5.75 -4.52 -3.43
C LEU A 127 -6.77 -4.06 -4.45
N GLU A 128 -6.20 -3.49 -5.50
CA GLU A 128 -6.79 -3.31 -6.82
C GLU A 128 -5.65 -3.45 -7.84
N PHE A 129 -5.95 -3.43 -9.13
CA PHE A 129 -4.94 -3.29 -10.19
C PHE A 129 -4.68 -1.81 -10.44
N ASP A 130 -3.49 -1.46 -10.91
CA ASP A 130 -3.10 -0.11 -11.33
C ASP A 130 -2.88 -0.11 -12.83
N GLU A 131 -3.95 0.05 -13.60
CA GLU A 131 -3.88 -0.05 -15.05
C GLU A 131 -3.09 1.10 -15.68
N GLU A 132 -3.04 2.23 -14.99
CA GLU A 132 -2.25 3.37 -15.40
C GLU A 132 -0.79 3.11 -15.13
N ARG A 133 -0.43 2.71 -13.90
CA ARG A 133 0.95 2.45 -13.60
C ARG A 133 1.47 1.34 -14.46
N ALA A 134 0.74 0.25 -14.66
CA ALA A 134 1.21 -0.84 -15.49
C ALA A 134 1.49 -0.31 -16.90
N GLN A 135 0.74 0.66 -17.42
CA GLN A 135 1.05 1.27 -18.71
C GLN A 135 2.14 2.35 -18.65
N GLN A 136 2.64 2.76 -17.49
CA GLN A 136 3.90 3.48 -17.38
C GLN A 136 5.04 2.48 -17.17
N GLU A 137 4.77 1.35 -16.54
CA GLU A 137 5.75 0.41 -16.04
C GLU A 137 6.13 -0.58 -17.14
N ASP A 138 5.19 -0.85 -18.04
CA ASP A 138 5.40 -1.49 -19.33
C ASP A 138 6.47 -0.72 -20.12
N ALA A 139 6.45 0.62 -20.05
CA ALA A 139 7.50 1.48 -20.62
C ALA A 139 8.76 1.51 -19.74
N LEU A 140 8.64 1.69 -18.42
CA LEU A 140 9.77 1.78 -17.49
C LEU A 140 10.54 0.47 -17.35
N ALA A 141 9.97 -0.63 -17.85
CA ALA A 141 10.65 -1.87 -18.22
C ALA A 141 11.69 -1.68 -19.34
N GLN A 142 12.02 -0.44 -19.70
CA GLN A 142 12.92 -0.06 -20.76
C GLN A 142 12.35 -0.53 -22.10
N GLN A 143 11.19 0.03 -22.43
CA GLN A 143 10.43 -0.14 -23.66
C GLN A 143 9.92 1.26 -24.01
N GLY A 1 -11.17 12.10 19.47
CA GLY A 1 -11.23 13.28 20.34
C GLY A 1 -10.84 14.55 19.60
N SER A 2 -10.16 15.51 20.22
CA SER A 2 -9.68 16.71 19.55
C SER A 2 -8.34 16.43 18.82
N MET A 3 -8.18 15.21 18.29
CA MET A 3 -6.91 14.61 17.90
C MET A 3 -7.13 13.49 16.87
N PRO A 4 -7.60 13.79 15.65
CA PRO A 4 -7.69 12.80 14.57
C PRO A 4 -6.32 12.67 13.88
N ARG A 5 -6.30 12.08 12.68
CA ARG A 5 -5.16 11.46 12.00
C ARG A 5 -4.81 10.14 12.66
N VAL A 6 -5.13 9.97 13.94
CA VAL A 6 -4.89 8.79 14.72
C VAL A 6 -6.22 8.33 15.34
N VAL A 7 -6.17 7.22 16.07
CA VAL A 7 -7.17 6.86 17.09
C VAL A 7 -6.45 6.70 18.42
N PRO A 8 -7.17 6.70 19.56
CA PRO A 8 -6.67 6.12 20.78
C PRO A 8 -6.49 4.62 20.59
N ASP A 9 -5.53 4.05 21.30
CA ASP A 9 -5.10 2.64 21.27
C ASP A 9 -5.08 2.10 19.84
N GLN A 10 -4.17 2.68 19.04
CA GLN A 10 -3.93 2.33 17.64
C GLN A 10 -3.78 0.81 17.49
N ARG A 11 -3.03 0.17 18.39
CA ARG A 11 -2.76 -1.25 18.31
C ARG A 11 -3.98 -2.09 18.67
N SER A 12 -4.85 -1.64 19.58
CA SER A 12 -6.13 -2.34 19.74
C SER A 12 -6.96 -2.12 18.48
N LYS A 13 -6.92 -0.93 17.88
CA LYS A 13 -7.63 -0.70 16.63
C LYS A 13 -7.11 -1.62 15.54
N PHE A 14 -5.79 -1.88 15.44
CA PHE A 14 -5.11 -2.79 14.50
C PHE A 14 -5.49 -4.28 14.71
N GLU A 15 -6.29 -4.58 15.73
CA GLU A 15 -6.95 -5.87 15.91
C GLU A 15 -8.49 -5.76 15.83
N ASN A 16 -9.07 -4.56 16.00
CA ASN A 16 -10.50 -4.28 15.90
C ASN A 16 -10.97 -4.13 14.46
N GLU A 17 -10.44 -3.17 13.67
CA GLU A 17 -11.00 -2.87 12.36
C GLU A 17 -11.20 -4.13 11.49
N GLU A 18 -12.45 -4.48 11.18
CA GLU A 18 -12.78 -5.48 10.18
C GLU A 18 -12.21 -5.12 8.79
N PHE A 19 -11.76 -3.87 8.61
CA PHE A 19 -11.07 -3.43 7.43
C PHE A 19 -9.91 -4.37 7.17
N PHE A 20 -8.95 -4.48 8.11
CA PHE A 20 -7.72 -5.10 7.76
C PHE A 20 -7.95 -6.60 7.93
N ARG A 21 -8.87 -7.06 8.78
CA ARG A 21 -9.02 -8.50 9.09
C ARG A 21 -9.42 -9.30 7.85
N LYS A 22 -10.09 -8.67 6.91
CA LYS A 22 -10.46 -9.27 5.64
C LYS A 22 -9.22 -9.47 4.79
N LEU A 23 -8.28 -8.54 4.88
CA LEU A 23 -7.03 -8.56 4.15
C LEU A 23 -6.09 -9.56 4.84
N SER A 24 -6.04 -9.50 6.17
CA SER A 24 -5.25 -10.34 7.04
C SER A 24 -3.75 -10.35 6.72
N ARG A 25 -3.09 -11.44 7.12
CA ARG A 25 -1.69 -11.73 6.83
C ARG A 25 -1.57 -12.21 5.38
N GLU A 26 -0.36 -12.57 4.91
CA GLU A 26 -0.05 -12.75 3.49
C GLU A 26 -1.11 -13.56 2.75
N CYS A 27 -1.89 -12.88 1.91
CA CYS A 27 -2.90 -13.44 1.01
C CYS A 27 -2.62 -12.99 -0.41
N GLU A 28 -3.36 -13.54 -1.36
CA GLU A 28 -3.32 -13.10 -2.74
C GLU A 28 -4.00 -11.72 -2.87
N ILE A 29 -3.45 -10.90 -3.76
CA ILE A 29 -3.87 -9.56 -4.12
C ILE A 29 -3.92 -9.41 -5.64
N LYS A 30 -4.56 -8.34 -6.08
CA LYS A 30 -4.71 -8.01 -7.50
C LYS A 30 -4.53 -6.51 -7.69
N TYR A 31 -3.65 -6.02 -8.58
CA TYR A 31 -3.70 -4.61 -8.96
C TYR A 31 -5.03 -4.39 -9.68
N THR A 32 -5.74 -3.31 -9.38
CA THR A 32 -7.09 -3.10 -9.90
C THR A 32 -7.36 -1.66 -10.36
N GLY A 33 -6.36 -0.77 -10.32
CA GLY A 33 -6.44 0.56 -10.89
C GLY A 33 -6.32 0.52 -12.39
N PHE A 34 -5.28 1.19 -12.90
CA PHE A 34 -5.11 1.41 -14.33
C PHE A 34 -5.06 0.09 -15.14
N ARG A 35 -4.57 -1.02 -14.56
CA ARG A 35 -4.52 -2.33 -15.25
C ARG A 35 -5.90 -2.90 -15.65
N ASP A 36 -7.00 -2.22 -15.32
CA ASP A 36 -8.27 -2.42 -16.03
C ASP A 36 -8.09 -2.39 -17.55
N ARG A 37 -7.19 -1.54 -18.04
CA ARG A 37 -6.84 -1.47 -19.46
C ARG A 37 -6.04 -2.72 -19.83
N PRO A 38 -6.23 -3.27 -21.04
CA PRO A 38 -5.78 -4.61 -21.35
C PRO A 38 -4.26 -4.72 -21.32
N HIS A 39 -3.78 -5.94 -21.08
CA HIS A 39 -2.37 -6.29 -21.21
C HIS A 39 -1.94 -6.06 -22.63
N GLU A 40 -0.78 -5.41 -22.74
CA GLU A 40 -0.32 -4.68 -23.90
C GLU A 40 1.10 -4.20 -23.58
N GLU A 41 1.23 -3.30 -22.60
CA GLU A 41 2.45 -2.71 -22.07
C GLU A 41 2.06 -2.16 -20.68
N ARG A 42 1.76 -3.04 -19.73
CA ARG A 42 1.13 -2.66 -18.46
C ARG A 42 2.07 -2.78 -17.27
N GLN A 43 3.18 -3.50 -17.39
CA GLN A 43 4.09 -3.86 -16.31
C GLN A 43 5.07 -2.74 -15.98
N THR A 44 5.65 -2.12 -16.99
CA THR A 44 6.48 -0.93 -16.83
C THR A 44 5.61 0.23 -16.35
N ARG A 45 4.45 0.46 -16.98
CA ARG A 45 3.52 1.47 -16.48
C ARG A 45 3.09 1.17 -15.08
N PHE A 46 2.96 -0.11 -14.71
CA PHE A 46 2.57 -0.49 -13.39
C PHE A 46 3.54 0.10 -12.36
N GLN A 47 4.85 -0.09 -12.54
CA GLN A 47 5.82 0.51 -11.62
C GLN A 47 5.72 2.04 -11.64
N ASN A 48 5.39 2.67 -12.77
CA ASN A 48 5.35 4.13 -12.82
C ASN A 48 4.04 4.70 -12.26
N ALA A 49 2.90 4.03 -12.46
CA ALA A 49 1.60 4.40 -11.91
C ALA A 49 1.60 4.24 -10.39
N CYS A 50 2.31 3.24 -9.90
CA CYS A 50 2.62 3.16 -8.47
C CYS A 50 3.53 4.29 -7.98
N ARG A 51 4.24 5.01 -8.86
CA ARG A 51 5.11 6.14 -8.50
C ARG A 51 4.44 7.48 -8.74
N ASP A 52 3.34 7.45 -9.47
CA ASP A 52 2.50 8.60 -9.76
C ASP A 52 1.94 9.18 -8.48
N GLY A 53 1.79 8.33 -7.46
CA GLY A 53 1.56 8.78 -6.10
C GLY A 53 0.78 7.71 -5.44
N ARG A 54 -0.49 7.97 -5.09
CA ARG A 54 -1.40 6.87 -4.80
C ARG A 54 -1.52 5.96 -6.01
N SER A 55 -2.03 4.76 -5.79
CA SER A 55 -2.39 3.84 -6.86
C SER A 55 -3.61 3.05 -6.39
N GLU A 56 -3.97 1.98 -7.07
CA GLU A 56 -5.15 1.19 -6.72
C GLU A 56 -4.96 -0.31 -6.90
N ILE A 57 -5.13 -1.03 -5.80
CA ILE A 57 -4.88 -2.48 -5.72
C ILE A 57 -6.12 -3.04 -5.00
N ALA A 58 -6.32 -4.34 -5.02
CA ALA A 58 -7.34 -5.04 -4.25
C ALA A 58 -6.71 -6.27 -3.64
N PHE A 59 -7.38 -6.85 -2.65
CA PHE A 59 -7.11 -8.21 -2.23
C PHE A 59 -7.93 -9.17 -3.07
N VAL A 60 -7.66 -10.47 -2.91
CA VAL A 60 -8.40 -11.53 -3.57
C VAL A 60 -9.07 -12.45 -2.56
N ALA A 61 -8.35 -12.84 -1.49
CA ALA A 61 -8.76 -13.83 -0.50
C ALA A 61 -10.19 -13.58 0.01
N THR A 62 -10.47 -12.34 0.40
CA THR A 62 -11.81 -11.86 0.70
C THR A 62 -12.24 -10.82 -0.35
N GLY A 63 -11.33 -10.03 -0.91
CA GLY A 63 -11.65 -9.08 -1.96
C GLY A 63 -12.13 -7.74 -1.41
N THR A 64 -11.18 -6.90 -1.00
CA THR A 64 -11.39 -5.49 -0.72
C THR A 64 -10.50 -4.78 -1.73
N ASN A 65 -11.10 -4.03 -2.64
CA ASN A 65 -10.45 -2.99 -3.39
C ASN A 65 -9.94 -1.94 -2.40
N LEU A 66 -8.70 -1.47 -2.54
CA LEU A 66 -8.11 -0.52 -1.63
C LEU A 66 -7.25 0.45 -2.43
N SER A 67 -7.47 1.74 -2.22
CA SER A 67 -6.67 2.78 -2.83
C SER A 67 -5.39 2.85 -2.00
N LEU A 68 -4.28 2.42 -2.59
CA LEU A 68 -2.98 2.39 -1.95
C LEU A 68 -2.42 3.79 -2.02
N GLN A 69 -2.03 4.36 -0.89
CA GLN A 69 -1.75 5.78 -0.77
C GLN A 69 -0.32 5.92 -0.25
N PHE A 70 0.61 6.25 -1.15
CA PHE A 70 2.05 6.18 -0.90
C PHE A 70 2.55 7.49 -0.26
N PHE A 71 2.12 7.79 0.98
CA PHE A 71 2.52 8.98 1.73
C PHE A 71 3.42 8.60 2.92
N PRO A 72 4.75 8.48 2.77
CA PRO A 72 5.64 8.36 3.92
C PRO A 72 5.80 9.75 4.53
N ALA A 73 6.43 9.84 5.69
CA ALA A 73 6.78 11.13 6.29
C ALA A 73 8.05 11.72 5.65
N SER A 74 8.13 11.65 4.31
CA SER A 74 9.12 12.29 3.46
C SER A 74 8.55 12.35 2.04
N TRP A 75 7.64 13.30 1.79
CA TRP A 75 6.93 13.47 0.54
C TRP A 75 6.79 14.94 0.18
N GLN A 76 6.32 15.20 -1.05
CA GLN A 76 6.09 16.55 -1.53
C GLN A 76 4.75 16.75 -2.25
N GLY A 77 4.10 15.70 -2.74
CA GLY A 77 2.73 15.75 -3.25
C GLY A 77 2.48 14.54 -4.12
N GLU A 78 2.89 14.62 -5.37
CA GLU A 78 2.60 13.68 -6.44
C GLU A 78 3.88 13.39 -7.24
N GLN A 79 3.78 12.44 -8.18
CA GLN A 79 4.84 11.78 -8.93
C GLN A 79 6.10 11.70 -8.08
N ARG A 80 6.03 10.78 -7.12
CA ARG A 80 6.99 10.64 -6.06
C ARG A 80 8.39 10.57 -6.69
N GLN A 81 9.35 11.31 -6.16
CA GLN A 81 10.67 11.42 -6.74
C GLN A 81 11.40 10.09 -6.55
N THR A 82 11.69 9.76 -5.28
CA THR A 82 12.42 8.57 -4.91
C THR A 82 11.69 7.89 -3.73
N PRO A 83 10.70 7.02 -3.98
CA PRO A 83 10.27 6.05 -3.00
C PRO A 83 11.43 5.11 -2.63
N SER A 84 11.31 4.37 -1.54
CA SER A 84 12.24 3.30 -1.20
C SER A 84 11.95 2.14 -2.16
N ARG A 85 12.86 1.17 -2.29
CA ARG A 85 12.65 0.06 -3.24
C ARG A 85 11.42 -0.74 -2.84
N GLU A 86 11.39 -1.20 -1.61
CA GLU A 86 10.27 -1.92 -1.00
C GLU A 86 8.96 -1.14 -1.10
N TYR A 87 9.04 0.20 -1.09
CA TYR A 87 7.92 1.14 -1.17
C TYR A 87 7.39 1.12 -2.62
N VAL A 88 8.14 1.69 -3.57
CA VAL A 88 7.83 1.69 -5.00
C VAL A 88 9.14 1.86 -5.78
N ASP A 89 9.25 1.16 -6.92
CA ASP A 89 10.18 1.41 -8.02
C ASP A 89 11.62 1.12 -7.63
N LEU A 90 12.17 0.07 -8.25
CA LEU A 90 13.30 -0.65 -7.74
C LEU A 90 14.10 -1.31 -8.86
N GLU A 91 14.08 -0.72 -10.06
CA GLU A 91 14.68 -1.18 -11.31
C GLU A 91 14.06 -2.47 -11.88
N ARG A 92 13.28 -3.21 -11.07
CA ARG A 92 12.33 -4.31 -11.34
C ARG A 92 12.92 -5.61 -10.82
N GLU A 93 12.23 -6.29 -9.90
CA GLU A 93 12.73 -7.45 -9.20
C GLU A 93 12.41 -8.74 -9.96
N ALA A 94 12.75 -9.87 -9.35
CA ALA A 94 12.65 -11.20 -9.93
C ALA A 94 11.19 -11.58 -10.21
N GLY A 95 10.74 -11.22 -11.40
CA GLY A 95 9.43 -11.43 -12.00
C GLY A 95 8.26 -10.84 -11.23
N LYS A 96 8.48 -10.29 -10.05
CA LYS A 96 7.53 -9.45 -9.35
C LYS A 96 8.19 -8.11 -9.07
N VAL A 97 7.38 -7.16 -8.63
CA VAL A 97 7.90 -5.98 -7.95
C VAL A 97 7.33 -6.01 -6.53
N TYR A 98 8.04 -5.40 -5.59
CA TYR A 98 7.66 -5.29 -4.21
C TYR A 98 7.07 -3.91 -4.03
N LEU A 99 6.11 -3.80 -3.12
CA LEU A 99 5.33 -2.63 -2.88
C LEU A 99 5.05 -2.53 -1.39
N LYS A 100 4.81 -1.31 -0.94
CA LYS A 100 4.59 -0.97 0.46
C LYS A 100 4.04 0.43 0.51
N ALA A 101 3.03 0.66 1.33
CA ALA A 101 2.62 2.01 1.69
C ALA A 101 2.06 1.98 3.11
N PRO A 102 2.37 2.95 3.98
CA PRO A 102 1.64 3.14 5.22
C PRO A 102 0.26 3.66 4.86
N MET A 103 -0.75 2.98 5.36
CA MET A 103 -2.12 3.42 5.25
C MET A 103 -2.45 4.07 6.57
N ILE A 104 -3.41 4.98 6.54
CA ILE A 104 -3.94 5.60 7.75
C ILE A 104 -5.45 5.48 7.58
N LEU A 105 -5.94 4.26 7.80
CA LEU A 105 -7.36 3.97 7.76
C LEU A 105 -7.89 4.22 9.16
N ASN A 106 -8.79 5.19 9.29
CA ASN A 106 -9.54 5.53 10.50
C ASN A 106 -8.69 6.18 11.59
N GLY A 107 -7.36 6.17 11.44
CA GLY A 107 -6.40 6.57 12.45
C GLY A 107 -5.45 5.45 12.88
N VAL A 108 -5.46 4.31 12.18
CA VAL A 108 -4.48 3.26 12.37
C VAL A 108 -3.45 3.40 11.27
N CYS A 109 -2.22 3.76 11.64
CA CYS A 109 -1.07 3.65 10.77
C CYS A 109 -0.72 2.17 10.71
N VAL A 110 -1.31 1.47 9.76
CA VAL A 110 -0.87 0.15 9.33
C VAL A 110 0.12 0.36 8.17
N ILE A 111 0.91 -0.65 7.84
CA ILE A 111 1.65 -0.75 6.59
C ILE A 111 0.89 -1.78 5.77
N TRP A 112 0.51 -1.40 4.56
CA TRP A 112 0.20 -2.36 3.53
C TRP A 112 1.54 -2.74 2.93
N LYS A 113 1.84 -4.04 2.80
CA LYS A 113 2.97 -4.48 1.98
C LYS A 113 2.56 -5.63 1.05
N GLY A 114 3.40 -5.93 0.05
CA GLY A 114 3.22 -7.09 -0.80
C GLY A 114 4.21 -7.10 -1.95
N TRP A 115 4.06 -8.07 -2.85
CA TRP A 115 4.69 -8.06 -4.15
C TRP A 115 3.61 -8.35 -5.19
N ILE A 116 3.50 -7.47 -6.18
CA ILE A 116 2.64 -7.66 -7.33
C ILE A 116 3.53 -8.23 -8.41
N ASP A 117 3.24 -9.46 -8.80
CA ASP A 117 3.89 -10.21 -9.84
C ASP A 117 3.53 -9.67 -11.21
N LEU A 118 4.57 -9.51 -12.03
CA LEU A 118 4.53 -8.82 -13.30
C LEU A 118 3.76 -9.62 -14.37
N HIS A 119 3.23 -10.82 -14.09
CA HIS A 119 2.52 -11.61 -15.10
C HIS A 119 1.26 -10.87 -15.55
N ARG A 120 0.36 -10.59 -14.61
CA ARG A 120 -0.90 -9.88 -14.82
C ARG A 120 -1.06 -8.71 -13.86
N LEU A 121 -0.08 -8.46 -13.00
CA LEU A 121 -0.24 -7.59 -11.85
C LEU A 121 -1.28 -8.19 -10.91
N ASP A 122 -1.15 -9.49 -10.65
CA ASP A 122 -1.73 -10.16 -9.49
C ASP A 122 -0.55 -10.34 -8.53
N GLY A 123 -0.71 -10.97 -7.37
CA GLY A 123 0.43 -11.43 -6.57
C GLY A 123 0.02 -11.57 -5.11
N MET A 124 0.91 -11.25 -4.18
CA MET A 124 0.75 -11.52 -2.74
C MET A 124 0.86 -10.22 -1.96
N GLY A 125 0.04 -10.01 -0.95
CA GLY A 125 0.17 -8.88 -0.04
C GLY A 125 -0.66 -9.07 1.21
N CYS A 126 -0.58 -8.09 2.11
CA CYS A 126 -1.16 -8.13 3.44
C CYS A 126 -0.96 -6.81 4.18
N LEU A 127 -1.44 -6.76 5.42
CA LEU A 127 -1.31 -5.60 6.30
C LEU A 127 -0.53 -5.97 7.54
N GLU A 128 0.26 -5.03 8.04
CA GLU A 128 0.95 -5.07 9.31
C GLU A 128 0.79 -3.71 10.01
N PHE A 129 1.26 -3.61 11.25
CA PHE A 129 1.31 -2.32 11.95
C PHE A 129 2.47 -1.46 11.43
N ASP A 130 2.47 -0.17 11.77
CA ASP A 130 3.62 0.71 11.64
C ASP A 130 3.77 1.53 12.92
N GLU A 131 4.53 1.00 13.88
CA GLU A 131 4.81 1.68 15.15
C GLU A 131 5.27 3.12 14.95
N GLU A 132 6.11 3.33 13.95
CA GLU A 132 6.86 4.56 13.82
C GLU A 132 6.03 5.61 13.12
N ARG A 133 5.29 5.23 12.07
CA ARG A 133 4.36 6.12 11.42
C ARG A 133 3.19 6.42 12.34
N ALA A 134 2.73 5.48 13.16
CA ALA A 134 1.72 5.77 14.17
C ALA A 134 2.22 6.90 15.06
N GLN A 135 3.44 6.76 15.59
CA GLN A 135 4.00 7.74 16.48
C GLN A 135 4.45 9.02 15.75
N GLN A 136 4.70 9.00 14.43
CA GLN A 136 4.85 10.24 13.67
C GLN A 136 3.49 10.92 13.57
N GLU A 137 2.44 10.20 13.19
CA GLU A 137 1.12 10.75 12.98
C GLU A 137 0.54 11.30 14.28
N ASP A 138 0.93 10.74 15.44
CA ASP A 138 0.59 11.24 16.77
C ASP A 138 1.12 12.65 16.99
N ALA A 139 2.28 12.98 16.42
CA ALA A 139 2.82 14.33 16.37
C ALA A 139 2.00 15.21 15.43
N LEU A 140 1.63 14.66 14.27
CA LEU A 140 0.86 15.32 13.23
C LEU A 140 -0.57 15.63 13.68
N ALA A 141 -1.11 14.87 14.64
CA ALA A 141 -2.45 14.99 15.21
C ALA A 141 -2.65 16.26 16.07
N GLN A 142 -1.89 17.32 15.82
CA GLN A 142 -1.59 18.44 16.69
C GLN A 142 -1.05 17.95 18.04
N GLN A 143 0.22 17.56 18.06
CA GLN A 143 0.99 17.41 19.29
C GLN A 143 2.31 18.14 19.05
N GLY A 1 -14.86 17.26 15.85
CA GLY A 1 -14.20 18.18 16.77
C GLY A 1 -12.74 18.26 16.40
N SER A 2 -11.86 17.84 17.31
CA SER A 2 -10.48 17.49 17.05
C SER A 2 -10.38 16.67 15.75
N MET A 3 -9.47 17.03 14.85
CA MET A 3 -9.34 16.36 13.57
C MET A 3 -8.83 14.91 13.75
N PRO A 4 -9.52 13.91 13.19
CA PRO A 4 -8.91 12.60 13.02
C PRO A 4 -7.72 12.69 12.08
N ARG A 5 -6.61 12.16 12.57
CA ARG A 5 -5.48 11.74 11.76
C ARG A 5 -5.03 10.35 12.19
N VAL A 6 -5.27 10.00 13.45
CA VAL A 6 -4.87 8.76 14.10
C VAL A 6 -6.05 8.21 14.90
N VAL A 7 -5.86 7.08 15.58
CA VAL A 7 -6.68 6.64 16.70
C VAL A 7 -5.76 6.54 17.94
N PRO A 8 -6.29 6.39 19.17
CA PRO A 8 -5.45 6.26 20.36
C PRO A 8 -4.84 4.87 20.43
N ASP A 9 -5.65 3.88 20.79
CA ASP A 9 -5.23 2.50 21.06
C ASP A 9 -5.08 1.73 19.74
N GLN A 10 -4.11 2.13 18.93
CA GLN A 10 -3.95 1.71 17.54
C GLN A 10 -3.86 0.19 17.42
N ARG A 11 -3.15 -0.49 18.32
CA ARG A 11 -3.00 -1.93 18.27
C ARG A 11 -4.30 -2.67 18.58
N SER A 12 -5.21 -2.07 19.36
CA SER A 12 -6.53 -2.67 19.54
C SER A 12 -7.43 -2.34 18.35
N LYS A 13 -7.27 -1.17 17.72
CA LYS A 13 -7.99 -0.86 16.48
C LYS A 13 -7.57 -1.80 15.36
N PHE A 14 -6.28 -2.15 15.25
CA PHE A 14 -5.65 -3.14 14.36
C PHE A 14 -6.18 -4.57 14.59
N GLU A 15 -6.95 -4.77 15.66
CA GLU A 15 -7.75 -5.96 15.92
C GLU A 15 -9.26 -5.72 15.82
N ASN A 16 -9.74 -4.48 15.96
CA ASN A 16 -11.15 -4.10 15.88
C ASN A 16 -11.64 -3.82 14.46
N GLU A 17 -10.98 -3.01 13.61
CA GLU A 17 -11.48 -2.74 12.26
C GLU A 17 -11.59 -4.00 11.37
N GLU A 18 -12.77 -4.62 11.33
CA GLU A 18 -13.12 -5.81 10.56
C GLU A 18 -12.85 -5.67 9.05
N PHE A 19 -12.60 -4.44 8.61
CA PHE A 19 -12.01 -4.08 7.33
C PHE A 19 -10.81 -4.97 7.01
N PHE A 20 -9.80 -5.06 7.89
CA PHE A 20 -8.55 -5.67 7.56
C PHE A 20 -8.67 -7.17 7.58
N ARG A 21 -9.63 -7.77 8.27
CA ARG A 21 -9.58 -9.21 8.53
C ARG A 21 -9.54 -10.01 7.24
N LYS A 22 -10.34 -9.56 6.28
CA LYS A 22 -10.47 -10.30 5.05
C LYS A 22 -9.24 -10.07 4.16
N LEU A 23 -8.56 -8.93 4.33
CA LEU A 23 -7.29 -8.61 3.70
C LEU A 23 -6.17 -9.35 4.40
N SER A 24 -6.27 -9.60 5.72
CA SER A 24 -5.08 -9.95 6.46
C SER A 24 -4.57 -11.33 6.05
N ARG A 25 -3.34 -11.67 6.48
CA ARG A 25 -2.49 -12.79 6.14
C ARG A 25 -2.29 -12.93 4.65
N GLU A 26 -1.22 -13.62 4.28
CA GLU A 26 -0.74 -13.61 2.90
C GLU A 26 -1.80 -14.27 2.02
N CYS A 27 -2.31 -13.50 1.05
CA CYS A 27 -3.28 -13.97 0.08
C CYS A 27 -3.18 -13.21 -1.22
N GLU A 28 -3.98 -13.60 -2.20
CA GLU A 28 -3.85 -13.09 -3.57
C GLU A 28 -4.46 -11.69 -3.70
N ILE A 29 -3.85 -10.85 -4.54
CA ILE A 29 -4.22 -9.47 -4.83
C ILE A 29 -4.19 -9.22 -6.32
N LYS A 30 -4.80 -8.11 -6.73
CA LYS A 30 -4.60 -7.59 -8.10
C LYS A 30 -4.68 -6.07 -8.13
N TYR A 31 -3.88 -5.41 -8.97
CA TYR A 31 -3.98 -3.99 -9.19
C TYR A 31 -5.34 -3.68 -9.82
N THR A 32 -6.03 -2.62 -9.40
CA THR A 32 -7.39 -2.32 -9.86
C THR A 32 -7.50 -0.93 -10.50
N GLY A 33 -6.49 -0.09 -10.35
CA GLY A 33 -6.32 1.15 -11.10
C GLY A 33 -6.05 0.93 -12.59
N PHE A 34 -5.33 1.88 -13.19
CA PHE A 34 -5.27 2.18 -14.62
C PHE A 34 -4.92 1.00 -15.54
N ARG A 35 -4.29 -0.07 -15.07
CA ARG A 35 -4.10 -1.32 -15.85
C ARG A 35 -5.39 -2.04 -16.29
N ASP A 36 -6.54 -1.42 -16.10
CA ASP A 36 -7.78 -1.71 -16.80
C ASP A 36 -7.60 -1.46 -18.31
N ARG A 37 -6.68 -0.56 -18.69
CA ARG A 37 -6.20 -0.44 -20.07
C ARG A 37 -5.55 -1.77 -20.47
N PRO A 38 -5.74 -2.23 -21.72
CA PRO A 38 -5.23 -3.52 -22.16
C PRO A 38 -3.71 -3.52 -22.17
N HIS A 39 -3.14 -4.72 -22.19
CA HIS A 39 -1.71 -4.93 -22.00
C HIS A 39 -0.87 -4.44 -23.19
N GLU A 40 0.44 -4.38 -22.92
CA GLU A 40 1.62 -4.26 -23.79
C GLU A 40 2.41 -2.97 -23.47
N GLU A 41 1.91 -2.15 -22.54
CA GLU A 41 2.60 -0.97 -22.04
C GLU A 41 2.26 -0.64 -20.58
N ARG A 42 1.54 -1.51 -19.83
CA ARG A 42 1.19 -1.19 -18.44
C ARG A 42 2.31 -1.50 -17.46
N GLN A 43 3.26 -2.39 -17.80
CA GLN A 43 4.10 -3.08 -16.83
C GLN A 43 5.06 -2.17 -16.08
N THR A 44 5.71 -1.23 -16.75
CA THR A 44 6.56 -0.21 -16.11
C THR A 44 5.73 0.98 -15.65
N ARG A 45 4.69 1.39 -16.39
CA ARG A 45 3.79 2.45 -15.93
C ARG A 45 3.19 2.07 -14.59
N PHE A 46 2.96 0.78 -14.34
CA PHE A 46 2.49 0.28 -13.07
C PHE A 46 3.40 0.79 -11.95
N GLN A 47 4.72 0.59 -12.08
CA GLN A 47 5.67 1.16 -11.12
C GLN A 47 5.58 2.69 -11.09
N ASN A 48 5.31 3.36 -12.22
CA ASN A 48 5.26 4.81 -12.26
C ASN A 48 3.98 5.35 -11.61
N ALA A 49 2.84 4.64 -11.69
CA ALA A 49 1.61 4.97 -10.99
C ALA A 49 1.78 4.72 -9.50
N CYS A 50 2.53 3.68 -9.14
CA CYS A 50 3.02 3.47 -7.78
C CYS A 50 4.01 4.58 -7.35
N ARG A 51 4.69 5.26 -8.28
CA ARG A 51 5.67 6.31 -7.99
C ARG A 51 5.04 7.70 -8.09
N ASP A 52 3.87 7.84 -8.71
CA ASP A 52 2.99 9.00 -8.61
C ASP A 52 2.68 9.25 -7.14
N GLY A 53 2.51 8.18 -6.39
CA GLY A 53 2.22 8.20 -4.96
C GLY A 53 1.16 7.16 -4.79
N ARG A 54 -0.05 7.53 -4.39
CA ARG A 54 -1.12 6.56 -4.19
C ARG A 54 -1.44 5.75 -5.44
N SER A 55 -2.18 4.69 -5.27
CA SER A 55 -2.77 3.84 -6.25
C SER A 55 -4.06 3.17 -5.80
N GLU A 56 -4.68 2.36 -6.66
CA GLU A 56 -5.79 1.47 -6.34
C GLU A 56 -5.33 0.05 -6.63
N ILE A 57 -5.20 -0.76 -5.57
CA ILE A 57 -4.96 -2.20 -5.66
C ILE A 57 -6.13 -2.87 -4.93
N ALA A 58 -6.49 -4.11 -5.23
CA ALA A 58 -7.52 -4.85 -4.51
C ALA A 58 -6.97 -6.19 -4.06
N PHE A 59 -7.69 -6.87 -3.15
CA PHE A 59 -7.43 -8.27 -2.88
C PHE A 59 -8.31 -9.11 -3.76
N VAL A 60 -7.74 -10.13 -4.40
CA VAL A 60 -8.47 -11.17 -5.11
C VAL A 60 -9.12 -12.10 -4.08
N ALA A 61 -8.48 -12.27 -2.92
CA ALA A 61 -8.91 -13.14 -1.83
C ALA A 61 -10.28 -12.79 -1.24
N THR A 62 -10.79 -11.60 -1.54
CA THR A 62 -11.93 -10.98 -0.86
C THR A 62 -12.64 -9.98 -1.77
N GLY A 63 -11.93 -9.28 -2.65
CA GLY A 63 -12.45 -8.14 -3.39
C GLY A 63 -12.69 -6.95 -2.48
N THR A 64 -11.63 -6.39 -1.91
CA THR A 64 -11.69 -5.06 -1.32
C THR A 64 -10.75 -4.21 -2.17
N ASN A 65 -11.32 -3.34 -3.02
CA ASN A 65 -10.61 -2.30 -3.73
C ASN A 65 -10.12 -1.29 -2.72
N LEU A 66 -8.81 -1.08 -2.68
CA LEU A 66 -8.09 -0.54 -1.55
C LEU A 66 -7.12 0.48 -2.13
N SER A 67 -7.36 1.75 -1.81
CA SER A 67 -6.54 2.82 -2.32
C SER A 67 -5.26 2.83 -1.50
N LEU A 68 -4.20 2.25 -2.04
CA LEU A 68 -2.90 2.16 -1.44
C LEU A 68 -2.20 3.49 -1.55
N GLN A 69 -1.44 3.86 -0.53
CA GLN A 69 -0.98 5.23 -0.39
C GLN A 69 0.53 5.20 -0.11
N PHE A 70 1.35 5.15 -1.17
CA PHE A 70 2.79 4.93 -1.09
C PHE A 70 3.51 6.20 -0.62
N PHE A 71 3.39 6.51 0.67
CA PHE A 71 4.04 7.65 1.30
C PHE A 71 4.44 7.33 2.74
N PRO A 72 5.75 7.27 3.07
CA PRO A 72 6.17 7.57 4.42
C PRO A 72 5.92 9.06 4.65
N ALA A 73 5.75 9.44 5.91
CA ALA A 73 5.20 10.75 6.25
C ALA A 73 6.16 11.90 5.96
N SER A 74 7.48 11.65 5.88
CA SER A 74 8.39 12.54 5.19
C SER A 74 8.51 12.00 3.77
N TRP A 75 8.00 12.78 2.81
CA TRP A 75 8.06 12.57 1.39
C TRP A 75 8.07 13.96 0.74
N GLN A 76 8.49 14.01 -0.52
CA GLN A 76 8.61 15.25 -1.29
C GLN A 76 7.21 15.87 -1.41
N GLY A 77 6.35 15.30 -2.25
CA GLY A 77 5.01 15.78 -2.53
C GLY A 77 4.62 15.26 -3.89
N GLU A 78 4.02 14.06 -3.91
CA GLU A 78 3.67 13.26 -5.08
C GLU A 78 4.95 12.91 -5.90
N GLN A 79 4.83 12.17 -7.01
CA GLN A 79 5.84 11.93 -8.02
C GLN A 79 7.22 11.64 -7.41
N ARG A 80 7.27 10.59 -6.59
CA ARG A 80 8.39 10.28 -5.71
C ARG A 80 9.73 10.28 -6.43
N GLN A 81 10.71 10.92 -5.80
CA GLN A 81 12.03 11.16 -6.38
C GLN A 81 12.72 9.82 -6.61
N THR A 82 12.73 9.01 -5.57
CA THR A 82 12.89 7.58 -5.51
C THR A 82 12.05 7.23 -4.27
N PRO A 83 11.12 6.27 -4.31
CA PRO A 83 10.49 5.70 -3.13
C PRO A 83 11.51 5.04 -2.19
N SER A 84 11.05 4.29 -1.18
CA SER A 84 11.91 3.29 -0.57
C SER A 84 11.79 2.04 -1.45
N ARG A 85 12.71 1.09 -1.32
CA ARG A 85 12.77 -0.04 -2.26
C ARG A 85 11.55 -0.94 -2.05
N GLU A 86 11.33 -1.38 -0.83
CA GLU A 86 10.22 -2.26 -0.52
C GLU A 86 8.87 -1.54 -0.69
N TYR A 87 8.85 -0.20 -0.64
CA TYR A 87 7.64 0.59 -0.91
C TYR A 87 7.33 0.46 -2.40
N VAL A 88 8.19 1.01 -3.28
CA VAL A 88 8.01 1.00 -4.73
C VAL A 88 9.39 1.04 -5.40
N ASP A 89 9.51 0.50 -6.62
CA ASP A 89 10.62 0.72 -7.56
C ASP A 89 11.98 0.17 -7.10
N LEU A 90 12.18 -1.12 -7.39
CA LEU A 90 13.24 -2.00 -6.92
C LEU A 90 13.94 -2.76 -8.05
N GLU A 91 14.14 -2.10 -9.20
CA GLU A 91 14.85 -2.61 -10.39
C GLU A 91 14.13 -3.79 -11.10
N ARG A 92 12.87 -4.06 -10.71
CA ARG A 92 12.09 -5.27 -10.97
C ARG A 92 12.73 -6.44 -10.24
N GLU A 93 11.94 -7.11 -9.40
CA GLU A 93 12.36 -8.34 -8.78
C GLU A 93 12.24 -9.47 -9.82
N ALA A 94 12.31 -10.72 -9.36
CA ALA A 94 12.22 -11.92 -10.18
C ALA A 94 10.82 -12.05 -10.81
N GLY A 95 10.59 -11.32 -11.91
CA GLY A 95 9.33 -11.17 -12.63
C GLY A 95 8.18 -10.63 -11.79
N LYS A 96 8.42 -10.16 -10.56
CA LYS A 96 7.43 -9.46 -9.76
C LYS A 96 8.01 -8.11 -9.34
N VAL A 97 7.17 -7.25 -8.78
CA VAL A 97 7.62 -6.06 -8.09
C VAL A 97 7.08 -6.15 -6.67
N TYR A 98 7.90 -5.77 -5.72
CA TYR A 98 7.53 -5.68 -4.32
C TYR A 98 6.85 -4.34 -4.11
N LEU A 99 5.89 -4.32 -3.21
CA LEU A 99 5.06 -3.18 -2.94
C LEU A 99 4.81 -3.13 -1.44
N LYS A 100 4.66 -1.91 -0.93
CA LYS A 100 4.38 -1.66 0.47
C LYS A 100 3.88 -0.24 0.57
N ALA A 101 2.87 -0.04 1.39
CA ALA A 101 2.33 1.27 1.64
C ALA A 101 1.84 1.29 3.08
N PRO A 102 2.43 2.12 3.97
CA PRO A 102 1.83 2.40 5.25
C PRO A 102 0.53 3.14 4.99
N MET A 103 -0.54 2.69 5.63
CA MET A 103 -1.89 3.15 5.41
C MET A 103 -2.25 4.17 6.48
N ILE A 104 -3.45 4.74 6.34
CA ILE A 104 -4.18 5.37 7.42
C ILE A 104 -5.61 4.92 7.15
N LEU A 105 -6.08 3.90 7.86
CA LEU A 105 -7.48 3.46 7.81
C LEU A 105 -8.04 3.65 9.20
N ASN A 106 -9.02 4.56 9.32
CA ASN A 106 -9.59 5.15 10.54
C ASN A 106 -8.59 5.88 11.43
N GLY A 107 -7.29 5.86 11.12
CA GLY A 107 -6.24 6.37 11.99
C GLY A 107 -5.24 5.30 12.42
N VAL A 108 -5.41 4.06 11.96
CA VAL A 108 -4.46 2.99 12.18
C VAL A 108 -3.48 3.03 11.00
N CYS A 109 -2.21 3.32 11.27
CA CYS A 109 -1.13 3.01 10.37
C CYS A 109 -0.85 1.50 10.39
N VAL A 110 -1.70 0.73 9.72
CA VAL A 110 -1.35 -0.63 9.34
C VAL A 110 -0.54 -0.50 8.05
N ILE A 111 0.34 -1.46 7.82
CA ILE A 111 1.08 -1.58 6.59
C ILE A 111 0.23 -2.44 5.69
N TRP A 112 0.07 -2.04 4.45
CA TRP A 112 -0.31 -2.98 3.42
C TRP A 112 0.99 -3.34 2.76
N LYS A 113 1.26 -4.63 2.58
CA LYS A 113 2.46 -5.13 1.96
C LYS A 113 2.15 -6.22 0.93
N GLY A 114 3.06 -6.51 0.02
CA GLY A 114 2.88 -7.58 -0.94
C GLY A 114 3.95 -7.58 -2.04
N TRP A 115 3.72 -8.38 -3.07
CA TRP A 115 4.35 -8.28 -4.36
C TRP A 115 3.25 -8.36 -5.41
N ILE A 116 3.32 -7.50 -6.42
CA ILE A 116 2.49 -7.61 -7.61
C ILE A 116 3.43 -8.13 -8.69
N ASP A 117 3.24 -9.40 -9.04
CA ASP A 117 3.77 -10.07 -10.20
C ASP A 117 3.45 -9.32 -11.48
N LEU A 118 4.48 -9.12 -12.30
CA LEU A 118 4.45 -8.27 -13.48
C LEU A 118 3.65 -8.92 -14.62
N HIS A 119 3.12 -10.15 -14.48
CA HIS A 119 2.46 -10.85 -15.57
C HIS A 119 1.17 -10.12 -16.02
N ARG A 120 0.22 -9.91 -15.10
CA ARG A 120 -1.02 -9.12 -15.28
C ARG A 120 -1.11 -7.95 -14.32
N LEU A 121 -0.14 -7.81 -13.40
CA LEU A 121 -0.26 -6.97 -12.22
C LEU A 121 -1.28 -7.59 -11.27
N ASP A 122 -1.21 -8.90 -11.09
CA ASP A 122 -1.81 -9.68 -10.00
C ASP A 122 -0.65 -10.03 -9.08
N GLY A 123 -0.86 -10.77 -8.01
CA GLY A 123 0.22 -11.28 -7.16
C GLY A 123 -0.29 -11.54 -5.75
N MET A 124 0.55 -11.35 -4.73
CA MET A 124 0.20 -11.65 -3.33
C MET A 124 0.36 -10.41 -2.45
N GLY A 125 -0.48 -10.25 -1.44
CA GLY A 125 -0.37 -9.18 -0.47
C GLY A 125 -1.07 -9.55 0.82
N CYS A 126 -0.99 -8.65 1.80
CA CYS A 126 -1.60 -8.75 3.12
C CYS A 126 -1.34 -7.47 3.91
N LEU A 127 -1.55 -7.54 5.22
CA LEU A 127 -1.39 -6.42 6.12
C LEU A 127 -0.38 -6.76 7.22
N GLU A 128 0.18 -5.70 7.83
CA GLU A 128 0.95 -5.73 9.07
C GLU A 128 0.57 -4.49 9.91
N PHE A 129 1.12 -4.31 11.12
CA PHE A 129 1.07 -3.05 11.85
C PHE A 129 2.36 -2.27 11.57
N ASP A 130 2.38 -0.94 11.74
CA ASP A 130 3.63 -0.18 11.81
C ASP A 130 3.63 0.72 13.03
N GLU A 131 4.34 0.27 14.07
CA GLU A 131 4.60 1.02 15.28
C GLU A 131 5.25 2.36 14.97
N GLU A 132 6.21 2.39 14.04
CA GLU A 132 7.01 3.56 13.81
C GLU A 132 6.24 4.55 12.95
N ARG A 133 5.55 4.11 11.89
CA ARG A 133 4.77 5.05 11.08
C ARG A 133 3.56 5.53 11.89
N ALA A 134 2.97 4.69 12.76
CA ALA A 134 1.92 5.12 13.68
C ALA A 134 2.46 6.22 14.59
N GLN A 135 3.64 6.02 15.19
CA GLN A 135 4.26 7.04 16.01
C GLN A 135 4.63 8.29 15.20
N GLN A 136 4.97 8.18 13.91
CA GLN A 136 5.16 9.37 13.08
C GLN A 136 3.84 10.13 13.05
N GLU A 137 2.75 9.46 12.68
CA GLU A 137 1.47 10.10 12.46
C GLU A 137 0.90 10.69 13.75
N ASP A 138 1.17 10.07 14.89
CA ASP A 138 0.79 10.59 16.20
C ASP A 138 1.49 11.89 16.52
N ALA A 139 2.79 11.95 16.24
CA ALA A 139 3.59 13.16 16.44
C ALA A 139 3.11 14.26 15.48
N LEU A 140 2.78 13.87 14.24
CA LEU A 140 2.28 14.77 13.22
C LEU A 140 0.89 15.30 13.51
N ALA A 141 0.08 14.56 14.26
CA ALA A 141 -1.24 14.96 14.74
C ALA A 141 -1.12 16.04 15.82
N GLN A 142 -0.60 17.21 15.44
CA GLN A 142 -0.29 18.38 16.27
C GLN A 142 0.31 17.98 17.63
N GLN A 143 1.41 17.23 17.59
CA GLN A 143 2.16 16.77 18.73
C GLN A 143 3.64 16.88 18.37
N GLY A 1 -12.04 -8.75 -26.61
CA GLY A 1 -11.56 -9.72 -25.63
C GLY A 1 -10.13 -9.42 -25.22
N SER A 2 -9.90 -8.29 -24.55
CA SER A 2 -8.66 -7.90 -23.92
C SER A 2 -9.01 -6.75 -22.97
N MET A 3 -8.41 -6.69 -21.78
CA MET A 3 -8.64 -5.62 -20.80
C MET A 3 -7.30 -5.25 -20.16
N PRO A 4 -7.14 -4.02 -19.63
CA PRO A 4 -5.93 -3.67 -18.91
C PRO A 4 -5.90 -4.32 -17.53
N ARG A 5 -4.76 -4.93 -17.25
CA ARG A 5 -4.28 -5.28 -15.92
C ARG A 5 -2.79 -5.01 -15.80
N VAL A 6 -2.07 -5.02 -16.91
CA VAL A 6 -0.61 -5.03 -16.97
C VAL A 6 -0.18 -4.27 -18.22
N VAL A 7 0.93 -3.53 -18.18
CA VAL A 7 1.63 -3.02 -19.36
C VAL A 7 2.73 -4.04 -19.72
N PRO A 8 3.34 -4.00 -20.92
CA PRO A 8 4.32 -5.01 -21.30
C PRO A 8 5.59 -4.81 -20.48
N ASP A 9 6.28 -3.70 -20.75
CA ASP A 9 7.56 -3.32 -20.13
C ASP A 9 7.32 -2.74 -18.73
N GLN A 10 6.69 -3.51 -17.82
CA GLN A 10 6.25 -3.03 -16.51
C GLN A 10 7.39 -2.34 -15.76
N ARG A 11 8.59 -2.92 -15.79
CA ARG A 11 9.73 -2.39 -15.05
C ARG A 11 10.13 -1.02 -15.59
N SER A 12 10.02 -0.75 -16.89
CA SER A 12 10.33 0.60 -17.37
C SER A 12 9.18 1.55 -17.06
N LYS A 13 7.91 1.13 -17.08
CA LYS A 13 6.82 2.03 -16.71
C LYS A 13 6.88 2.38 -15.23
N PHE A 14 7.30 1.46 -14.36
CA PHE A 14 7.57 1.71 -12.94
C PHE A 14 8.57 2.85 -12.78
N GLU A 15 9.61 2.89 -13.61
CA GLU A 15 10.56 3.97 -13.53
C GLU A 15 10.06 5.24 -14.23
N ASN A 16 9.32 5.12 -15.36
CA ASN A 16 9.00 6.18 -16.29
C ASN A 16 7.78 6.98 -15.88
N GLU A 17 6.69 6.34 -15.44
CA GLU A 17 5.56 7.08 -14.90
C GLU A 17 6.01 8.08 -13.82
N GLU A 18 5.76 9.37 -14.04
CA GLU A 18 5.97 10.44 -13.07
C GLU A 18 5.16 10.21 -11.80
N PHE A 19 4.10 9.40 -11.88
CA PHE A 19 3.34 8.96 -10.73
C PHE A 19 4.28 8.33 -9.71
N PHE A 20 5.20 7.46 -10.14
CA PHE A 20 6.13 6.82 -9.22
C PHE A 20 7.15 7.80 -8.71
N ARG A 21 7.66 8.70 -9.55
CA ARG A 21 8.65 9.67 -9.11
C ARG A 21 8.10 10.62 -8.07
N LYS A 22 6.83 11.00 -8.17
CA LYS A 22 6.19 11.83 -7.17
C LYS A 22 6.25 11.16 -5.80
N LEU A 23 5.87 9.88 -5.72
CA LEU A 23 5.85 9.16 -4.44
C LEU A 23 7.26 8.75 -4.03
N SER A 24 8.14 8.67 -5.03
CA SER A 24 9.57 8.47 -4.94
C SER A 24 9.93 7.18 -4.20
N ARG A 25 11.21 7.09 -3.84
CA ARG A 25 11.79 6.15 -2.90
C ARG A 25 11.75 6.82 -1.53
N GLU A 26 12.19 6.18 -0.45
CA GLU A 26 11.82 6.47 0.94
C GLU A 26 11.56 7.96 1.29
N CYS A 27 10.28 8.34 1.44
CA CYS A 27 9.80 9.68 1.77
C CYS A 27 8.84 9.65 2.96
N GLU A 28 8.35 10.82 3.36
CA GLU A 28 7.36 10.97 4.42
C GLU A 28 5.94 10.75 3.88
N ILE A 29 5.08 10.13 4.69
CA ILE A 29 3.69 9.80 4.40
C ILE A 29 2.79 10.14 5.57
N LYS A 30 1.50 10.30 5.28
CA LYS A 30 0.43 10.55 6.26
C LYS A 30 -0.83 9.79 5.89
N TYR A 31 -1.48 9.07 6.83
CA TYR A 31 -2.81 8.51 6.58
C TYR A 31 -3.78 9.67 6.33
N THR A 32 -4.67 9.60 5.34
CA THR A 32 -5.63 10.66 5.04
C THR A 32 -6.99 10.01 4.81
N GLY A 33 -7.74 9.85 5.90
CA GLY A 33 -9.06 9.23 5.92
C GLY A 33 -9.68 9.39 7.30
N PHE A 34 -10.34 8.35 7.80
CA PHE A 34 -11.17 8.39 8.99
C PHE A 34 -10.38 8.85 10.23
N ARG A 35 -9.04 8.74 10.21
CA ARG A 35 -8.10 9.31 11.21
C ARG A 35 -8.27 10.81 11.46
N ASP A 36 -9.18 11.49 10.78
CA ASP A 36 -9.61 12.84 11.17
C ASP A 36 -10.50 12.92 12.41
N ARG A 37 -10.86 11.78 13.03
CA ARG A 37 -11.37 11.74 14.41
C ARG A 37 -10.33 12.27 15.43
N PRO A 38 -10.71 12.42 16.71
CA PRO A 38 -9.75 12.46 17.82
C PRO A 38 -8.81 11.25 17.81
N HIS A 39 -7.77 11.28 18.64
CA HIS A 39 -6.81 10.19 18.83
C HIS A 39 -7.44 9.04 19.60
N GLU A 40 -6.60 8.14 20.10
CA GLU A 40 -6.91 7.24 21.22
C GLU A 40 -7.69 6.01 20.77
N GLU A 41 -8.23 6.07 19.57
CA GLU A 41 -9.07 5.06 18.94
C GLU A 41 -8.53 4.84 17.53
N ARG A 42 -8.32 5.91 16.77
CA ARG A 42 -7.86 5.81 15.39
C ARG A 42 -6.50 5.12 15.30
N GLN A 43 -5.73 5.10 16.38
CA GLN A 43 -4.43 4.47 16.46
C GLN A 43 -4.49 2.99 16.08
N THR A 44 -5.49 2.27 16.57
CA THR A 44 -5.73 0.87 16.23
C THR A 44 -6.73 0.77 15.08
N ARG A 45 -7.73 1.65 14.97
CA ARG A 45 -8.59 1.69 13.79
C ARG A 45 -7.77 1.80 12.52
N PHE A 46 -6.64 2.48 12.56
CA PHE A 46 -5.73 2.58 11.44
C PHE A 46 -5.37 1.19 10.92
N GLN A 47 -4.91 0.31 11.80
CA GLN A 47 -4.68 -1.08 11.43
C GLN A 47 -5.98 -1.73 10.98
N ASN A 48 -7.08 -1.53 11.72
CA ASN A 48 -8.31 -2.23 11.42
C ASN A 48 -8.93 -1.75 10.09
N ALA A 49 -8.68 -0.52 9.63
CA ALA A 49 -9.09 0.05 8.34
C ALA A 49 -8.13 -0.41 7.24
N CYS A 50 -6.86 -0.63 7.58
CA CYS A 50 -5.90 -1.37 6.76
C CYS A 50 -6.27 -2.86 6.65
N ARG A 51 -7.04 -3.42 7.59
CA ARG A 51 -7.40 -4.85 7.64
C ARG A 51 -8.81 -5.10 7.10
N ASP A 52 -9.68 -4.09 7.17
CA ASP A 52 -11.03 -4.11 6.60
C ASP A 52 -10.95 -4.23 5.07
N GLY A 53 -9.84 -3.81 4.49
CA GLY A 53 -9.56 -4.00 3.08
C GLY A 53 -8.73 -2.83 2.65
N ARG A 54 -9.13 -2.17 1.56
CA ARG A 54 -8.39 -1.04 1.03
C ARG A 54 -8.44 0.10 2.06
N SER A 55 -7.46 0.99 2.01
CA SER A 55 -7.39 2.12 2.93
C SER A 55 -6.97 3.35 2.11
N GLU A 56 -6.75 4.45 2.80
CA GLU A 56 -6.57 5.77 2.21
C GLU A 56 -5.42 6.48 2.93
N ILE A 57 -4.27 6.54 2.27
CA ILE A 57 -3.07 7.16 2.82
C ILE A 57 -2.64 8.23 1.81
N ALA A 58 -1.74 9.14 2.17
CA ALA A 58 -1.13 10.06 1.26
C ALA A 58 0.37 10.13 1.51
N PHE A 59 1.09 10.70 0.55
CA PHE A 59 2.45 11.14 0.77
C PHE A 59 2.44 12.57 1.24
N VAL A 60 3.41 12.91 2.08
CA VAL A 60 3.63 14.29 2.51
C VAL A 60 4.54 14.97 1.51
N ALA A 61 5.70 14.34 1.24
CA ALA A 61 6.86 15.01 0.64
C ALA A 61 6.43 15.75 -0.63
N THR A 62 5.71 15.07 -1.50
CA THR A 62 5.23 15.61 -2.76
C THR A 62 3.70 15.72 -2.78
N GLY A 63 2.97 15.07 -1.86
CA GLY A 63 1.54 15.27 -1.75
C GLY A 63 0.79 14.46 -2.78
N THR A 64 0.52 13.18 -2.49
CA THR A 64 -0.45 12.43 -3.28
C THR A 64 -1.20 11.48 -2.36
N ASN A 65 -2.52 11.69 -2.22
CA ASN A 65 -3.45 10.69 -1.74
C ASN A 65 -3.38 9.46 -2.64
N LEU A 66 -3.17 8.29 -2.06
CA LEU A 66 -3.11 7.02 -2.74
C LEU A 66 -4.01 6.06 -1.96
N SER A 67 -4.89 5.37 -2.69
CA SER A 67 -5.73 4.36 -2.09
C SER A 67 -4.87 3.11 -1.96
N LEU A 68 -4.51 2.78 -0.73
CA LEU A 68 -3.74 1.58 -0.40
C LEU A 68 -4.67 0.39 -0.53
N GLN A 69 -4.25 -0.68 -1.16
CA GLN A 69 -5.20 -1.63 -1.70
C GLN A 69 -4.66 -3.05 -1.54
N PHE A 70 -4.89 -3.63 -0.38
CA PHE A 70 -4.22 -4.85 0.07
C PHE A 70 -4.75 -6.06 -0.71
N PHE A 71 -4.08 -6.44 -1.78
CA PHE A 71 -4.37 -7.59 -2.61
C PHE A 71 -3.16 -8.54 -2.60
N PRO A 72 -2.99 -9.33 -1.51
CA PRO A 72 -2.20 -10.54 -1.63
C PRO A 72 -2.82 -11.41 -2.73
N ALA A 73 -2.02 -12.31 -3.30
CA ALA A 73 -2.32 -13.01 -4.56
C ALA A 73 -3.69 -13.72 -4.64
N SER A 74 -4.35 -14.05 -3.53
CA SER A 74 -5.73 -14.52 -3.50
C SER A 74 -6.77 -13.46 -3.90
N TRP A 75 -6.40 -12.18 -4.00
CA TRP A 75 -7.26 -11.02 -4.18
C TRP A 75 -8.44 -10.98 -3.19
N GLN A 76 -9.41 -10.10 -3.42
CA GLN A 76 -10.61 -9.88 -2.63
C GLN A 76 -10.27 -9.87 -1.14
N GLY A 77 -9.45 -8.89 -0.73
CA GLY A 77 -8.77 -8.88 0.55
C GLY A 77 -9.60 -8.17 1.61
N GLU A 78 -10.92 -8.33 1.57
CA GLU A 78 -11.86 -7.73 2.52
C GLU A 78 -11.73 -8.37 3.90
N GLN A 79 -11.78 -7.55 4.95
CA GLN A 79 -12.00 -7.86 6.35
C GLN A 79 -11.37 -9.19 6.69
N ARG A 80 -10.04 -9.20 6.61
CA ARG A 80 -9.28 -10.45 6.63
C ARG A 80 -8.78 -10.72 8.03
N GLN A 81 -8.91 -11.96 8.48
CA GLN A 81 -8.53 -12.36 9.84
C GLN A 81 -7.01 -12.47 9.94
N THR A 82 -6.34 -12.84 8.84
CA THR A 82 -4.90 -12.97 8.74
C THR A 82 -4.46 -12.21 7.48
N PRO A 83 -3.97 -10.96 7.60
CA PRO A 83 -3.05 -10.36 6.64
C PRO A 83 -1.75 -11.16 6.53
N SER A 84 -0.76 -10.62 5.84
CA SER A 84 0.64 -11.03 6.00
C SER A 84 1.11 -10.52 7.38
N ARG A 85 2.37 -10.12 7.55
CA ARG A 85 2.79 -9.38 8.74
C ARG A 85 3.17 -7.97 8.33
N GLU A 86 4.13 -7.79 7.42
CA GLU A 86 4.55 -6.43 7.08
C GLU A 86 3.50 -5.67 6.25
N TYR A 87 2.58 -6.38 5.57
CA TYR A 87 1.46 -5.77 4.86
C TYR A 87 0.57 -5.00 5.84
N VAL A 88 -0.02 -5.70 6.80
CA VAL A 88 -0.82 -5.14 7.88
C VAL A 88 -0.67 -6.09 9.07
N ASP A 89 -0.89 -5.60 10.29
CA ASP A 89 -1.23 -6.41 11.47
C ASP A 89 -0.05 -7.28 11.97
N LEU A 90 0.89 -6.60 12.62
CA LEU A 90 2.18 -7.08 13.12
C LEU A 90 2.35 -6.84 14.63
N GLU A 91 1.23 -6.81 15.37
CA GLU A 91 1.15 -6.67 16.83
C GLU A 91 1.63 -5.32 17.38
N ARG A 92 1.89 -4.35 16.48
CA ARG A 92 2.55 -3.07 16.67
C ARG A 92 4.04 -3.26 16.84
N GLU A 93 4.79 -2.56 16.02
CA GLU A 93 6.20 -2.35 16.24
C GLU A 93 6.35 -1.25 17.31
N ALA A 94 7.59 -0.81 17.52
CA ALA A 94 7.96 0.17 18.53
C ALA A 94 7.24 1.51 18.28
N GLY A 95 6.07 1.65 18.87
CA GLY A 95 5.11 2.72 18.64
C GLY A 95 4.74 3.00 17.18
N LYS A 96 5.10 2.15 16.22
CA LYS A 96 4.72 2.31 14.82
C LYS A 96 4.05 1.04 14.34
N VAL A 97 3.45 1.09 13.16
CA VAL A 97 3.04 -0.12 12.45
C VAL A 97 3.70 -0.07 11.09
N TYR A 98 4.08 -1.23 10.60
CA TYR A 98 4.60 -1.39 9.27
C TYR A 98 3.39 -1.59 8.36
N LEU A 99 3.52 -1.19 7.10
CA LEU A 99 2.36 -0.98 6.26
C LEU A 99 2.81 -1.19 4.83
N LYS A 100 2.06 -1.95 4.04
CA LYS A 100 2.49 -2.39 2.73
C LYS A 100 1.32 -2.93 1.93
N ALA A 101 1.25 -2.59 0.64
CA ALA A 101 0.31 -3.25 -0.26
C ALA A 101 0.84 -3.29 -1.68
N PRO A 102 0.65 -4.39 -2.42
CA PRO A 102 0.86 -4.39 -3.84
C PRO A 102 -0.25 -3.56 -4.53
N MET A 103 0.12 -2.71 -5.48
CA MET A 103 -0.75 -1.80 -6.21
C MET A 103 -0.58 -2.07 -7.70
N ILE A 104 -1.56 -1.70 -8.51
CA ILE A 104 -1.54 -1.93 -9.95
C ILE A 104 -2.15 -0.70 -10.59
N LEU A 105 -1.32 0.17 -11.17
CA LEU A 105 -1.73 1.50 -11.62
C LEU A 105 -2.11 1.43 -13.09
N ASN A 106 -1.31 1.95 -14.02
CA ASN A 106 -1.57 1.78 -15.46
C ASN A 106 -1.48 0.33 -15.92
N GLY A 107 -0.97 -0.54 -15.06
CA GLY A 107 -0.66 -1.93 -15.32
C GLY A 107 0.76 -2.23 -14.85
N VAL A 108 1.14 -1.66 -13.71
CA VAL A 108 2.44 -1.82 -13.11
C VAL A 108 2.21 -2.31 -11.69
N CYS A 109 2.54 -3.57 -11.45
CA CYS A 109 2.43 -4.24 -10.17
C CYS A 109 3.62 -3.83 -9.33
N VAL A 110 3.35 -2.88 -8.47
CA VAL A 110 4.26 -2.22 -7.56
C VAL A 110 3.88 -2.57 -6.13
N ILE A 111 4.68 -2.15 -5.15
CA ILE A 111 4.37 -2.22 -3.75
C ILE A 111 4.43 -0.80 -3.22
N TRP A 112 3.31 -0.31 -2.70
CA TRP A 112 3.41 0.81 -1.80
C TRP A 112 3.92 0.21 -0.50
N LYS A 113 4.97 0.77 0.08
CA LYS A 113 5.50 0.32 1.36
C LYS A 113 5.72 1.47 2.35
N GLY A 114 5.90 1.17 3.64
CA GLY A 114 6.27 2.14 4.65
C GLY A 114 6.10 1.64 6.08
N TRP A 115 6.31 2.53 7.04
CA TRP A 115 5.88 2.40 8.42
C TRP A 115 5.21 3.71 8.82
N ILE A 116 3.96 3.61 9.28
CA ILE A 116 3.22 4.71 9.86
C ILE A 116 3.41 4.58 11.36
N ASP A 117 4.11 5.53 11.95
CA ASP A 117 4.09 5.73 13.37
C ASP A 117 2.69 6.02 13.88
N LEU A 118 2.39 5.49 15.07
CA LEU A 118 1.10 5.61 15.73
C LEU A 118 0.93 7.00 16.35
N HIS A 119 1.83 7.98 16.09
CA HIS A 119 1.85 9.28 16.75
C HIS A 119 0.57 10.02 16.40
N ARG A 120 0.33 10.21 15.10
CA ARG A 120 -0.83 10.84 14.46
C ARG A 120 -1.26 10.05 13.24
N LEU A 121 -0.58 8.94 12.95
CA LEU A 121 -0.65 8.15 11.74
C LEU A 121 0.06 8.89 10.62
N ASP A 122 1.32 9.25 10.89
CA ASP A 122 2.29 9.81 9.95
C ASP A 122 3.54 8.95 10.06
N GLY A 123 4.47 9.05 9.12
CA GLY A 123 5.72 8.30 9.20
C GLY A 123 6.39 8.26 7.83
N MET A 124 6.97 7.12 7.46
CA MET A 124 7.82 6.97 6.27
C MET A 124 7.20 5.96 5.31
N GLY A 125 7.36 6.14 4.00
CA GLY A 125 6.97 5.17 3.00
C GLY A 125 7.41 5.61 1.60
N CYS A 126 7.13 4.79 0.60
CA CYS A 126 7.50 4.99 -0.79
C CYS A 126 6.82 3.93 -1.65
N LEU A 127 7.14 3.91 -2.95
CA LEU A 127 6.81 2.78 -3.80
C LEU A 127 8.03 1.86 -3.92
N GLU A 128 7.80 0.69 -4.49
CA GLU A 128 8.77 -0.26 -5.05
C GLU A 128 8.07 -1.04 -6.17
N PHE A 129 8.77 -1.88 -6.95
CA PHE A 129 8.14 -2.87 -7.82
C PHE A 129 7.66 -4.07 -6.98
N ASP A 130 6.80 -4.94 -7.53
CA ASP A 130 6.55 -6.30 -7.01
C ASP A 130 6.74 -7.27 -8.16
N GLU A 131 7.93 -7.86 -8.30
CA GLU A 131 8.22 -8.73 -9.41
C GLU A 131 7.31 -9.96 -9.38
N GLU A 132 7.02 -10.51 -8.20
CA GLU A 132 6.20 -11.71 -8.11
C GLU A 132 4.76 -11.41 -8.44
N ARG A 133 4.19 -10.35 -7.87
CA ARG A 133 2.83 -9.98 -8.20
C ARG A 133 2.74 -9.51 -9.66
N ALA A 134 3.77 -8.87 -10.22
CA ALA A 134 3.78 -8.55 -11.64
C ALA A 134 3.68 -9.82 -12.46
N GLN A 135 4.45 -10.86 -12.12
CA GLN A 135 4.32 -12.14 -12.79
C GLN A 135 2.93 -12.74 -12.57
N GLN A 136 2.35 -12.62 -11.37
CA GLN A 136 1.04 -13.23 -11.14
C GLN A 136 -0.06 -12.47 -11.87
N GLU A 137 0.03 -11.15 -11.99
CA GLU A 137 -0.96 -10.37 -12.70
C GLU A 137 -0.82 -10.59 -14.20
N ASP A 138 0.40 -10.72 -14.71
CA ASP A 138 0.68 -11.03 -16.11
C ASP A 138 0.05 -12.38 -16.46
N ALA A 139 0.27 -13.39 -15.61
CA ALA A 139 -0.34 -14.71 -15.71
C ALA A 139 -1.87 -14.57 -15.73
N LEU A 140 -2.43 -13.88 -14.72
CA LEU A 140 -3.85 -13.68 -14.57
C LEU A 140 -4.47 -12.88 -15.70
N ALA A 141 -3.69 -12.01 -16.36
CA ALA A 141 -4.05 -11.26 -17.54
C ALA A 141 -4.04 -12.17 -18.78
N GLN A 142 -4.77 -13.29 -18.69
CA GLN A 142 -5.01 -14.22 -19.76
C GLN A 142 -3.68 -14.62 -20.41
N GLN A 143 -2.78 -15.17 -19.59
CA GLN A 143 -1.55 -15.80 -20.04
C GLN A 143 -1.56 -17.16 -19.37
#